data_7QIL
#
_entry.id   7QIL
#
_entity_poly.entity_id   1
_entity_poly.type   'polypeptide(L)'
_entity_poly.pdbx_seq_one_letter_code
;SGGALSYDTEILTTEYGLLPIGDIVESETECTVYSVDSDGSTYTQGVAEWHDRGEQEVFEYCLEDGSTIRATKDHKFMTT
DGEMLPIDEIFESELDLMRVDSSGDTKIATREYTGSEDVYDIGVESDHNFALSDGFIASN
;
_entity_poly.pdbx_strand_id   A
#
# COMPACT_ATOMS: atom_id res chain seq x y z
N SER A 1 3.98 1.04 16.31
CA SER A 1 3.07 2.19 16.16
C SER A 1 2.16 1.98 14.95
N GLY A 2 0.95 2.54 14.97
CA GLY A 2 -0.09 2.31 13.95
C GLY A 2 0.15 3.04 12.64
N GLY A 3 0.75 2.37 11.66
CA GLY A 3 0.81 2.86 10.28
C GLY A 3 -0.50 2.57 9.54
N ALA A 4 -0.92 3.51 8.70
CA ALA A 4 -2.15 3.44 7.93
C ALA A 4 -2.05 4.27 6.63
N LEU A 5 -2.95 3.98 5.69
CA LEU A 5 -3.06 4.59 4.37
C LEU A 5 -4.12 5.72 4.39
N SER A 6 -4.01 6.72 3.53
CA SER A 6 -5.04 7.79 3.40
C SER A 6 -6.38 7.26 2.91
N TYR A 7 -7.50 7.86 3.32
CA TYR A 7 -8.85 7.54 2.80
C TYR A 7 -9.03 7.73 1.28
N ASP A 8 -8.23 8.61 0.65
CA ASP A 8 -8.19 8.79 -0.81
C ASP A 8 -7.43 7.67 -1.56
N THR A 9 -6.67 6.85 -0.83
CA THR A 9 -5.94 5.70 -1.40
C THR A 9 -6.81 4.64 -2.08
N GLU A 10 -6.33 4.10 -3.20
CA GLU A 10 -7.11 3.25 -4.11
C GLU A 10 -6.38 1.90 -4.27
N ILE A 11 -7.12 0.79 -4.19
CA ILE A 11 -6.63 -0.59 -4.26
C ILE A 11 -6.45 -1.02 -5.72
N LEU A 12 -5.58 -2.02 -5.99
CA LEU A 12 -5.51 -2.73 -7.28
C LEU A 12 -6.31 -4.05 -7.20
N THR A 13 -7.43 -4.15 -7.93
CA THR A 13 -8.44 -5.21 -7.71
C THR A 13 -9.06 -5.75 -9.01
N THR A 14 -9.55 -7.00 -8.94
CA THR A 14 -10.28 -7.69 -10.02
C THR A 14 -11.73 -7.23 -10.25
N GLU A 15 -12.37 -6.60 -9.26
CA GLU A 15 -13.78 -6.17 -9.37
C GLU A 15 -13.99 -4.98 -10.32
N TYR A 16 -13.04 -4.04 -10.35
CA TYR A 16 -13.10 -2.80 -11.14
C TYR A 16 -11.77 -2.27 -11.72
N GLY A 17 -10.65 -2.94 -11.41
CA GLY A 17 -9.33 -2.32 -11.44
C GLY A 17 -9.08 -1.43 -10.21
N LEU A 18 -10.01 -0.50 -9.94
CA LEU A 18 -9.94 0.53 -8.91
C LEU A 18 -11.09 0.39 -7.88
N LEU A 19 -10.77 0.42 -6.58
CA LEU A 19 -11.72 0.64 -5.47
C LEU A 19 -11.03 1.46 -4.37
N PRO A 20 -11.69 2.42 -3.70
CA PRO A 20 -11.06 3.20 -2.63
C PRO A 20 -10.96 2.40 -1.33
N ILE A 21 -9.87 2.56 -0.57
CA ILE A 21 -9.65 1.85 0.70
C ILE A 21 -10.74 2.15 1.74
N GLY A 22 -11.34 3.35 1.65
CA GLY A 22 -12.50 3.76 2.44
C GLY A 22 -13.67 2.80 2.30
N ASP A 23 -14.04 2.42 1.06
CA ASP A 23 -15.10 1.43 0.81
C ASP A 23 -14.89 0.06 1.45
N ILE A 24 -13.64 -0.40 1.51
CA ILE A 24 -13.30 -1.70 2.09
C ILE A 24 -13.54 -1.75 3.60
N VAL A 25 -13.16 -0.67 4.31
CA VAL A 25 -13.40 -0.57 5.76
C VAL A 25 -14.82 -0.12 6.11
N GLU A 26 -15.33 0.95 5.49
CA GLU A 26 -16.63 1.53 5.84
C GLU A 26 -17.82 0.78 5.24
N SER A 27 -17.58 -0.16 4.32
CA SER A 27 -18.61 -1.04 3.73
C SER A 27 -18.18 -2.53 3.68
N GLU A 28 -17.12 -2.87 4.42
CA GLU A 28 -16.82 -4.20 4.99
C GLU A 28 -16.74 -5.39 4.00
N THR A 29 -16.45 -5.11 2.73
CA THR A 29 -16.34 -6.09 1.65
C THR A 29 -15.10 -7.01 1.71
N GLU A 30 -15.02 -7.98 0.80
CA GLU A 30 -13.95 -8.97 0.69
C GLU A 30 -13.45 -9.14 -0.76
N CYS A 31 -13.53 -8.09 -1.58
CA CYS A 31 -13.10 -8.07 -2.99
C CYS A 31 -11.63 -8.50 -3.17
N THR A 32 -11.34 -9.32 -4.17
CA THR A 32 -10.00 -9.84 -4.46
C THR A 32 -9.08 -8.68 -4.86
N VAL A 33 -7.99 -8.53 -4.10
CA VAL A 33 -6.87 -7.60 -4.30
C VAL A 33 -5.60 -8.42 -4.55
N TYR A 34 -4.67 -7.85 -5.30
CA TYR A 34 -3.37 -8.45 -5.54
C TYR A 34 -2.41 -8.55 -4.34
N SER A 35 -1.71 -9.67 -4.21
CA SER A 35 -0.72 -9.95 -3.16
C SER A 35 0.36 -10.93 -3.65
N VAL A 36 1.41 -11.16 -2.85
CA VAL A 36 2.48 -12.14 -3.15
C VAL A 36 2.46 -13.40 -2.27
N ASP A 37 2.74 -14.57 -2.86
CA ASP A 37 2.97 -15.83 -2.14
C ASP A 37 4.36 -15.90 -1.49
N SER A 38 4.57 -16.84 -0.57
CA SER A 38 5.90 -17.11 0.01
C SER A 38 6.95 -17.47 -1.06
N ASP A 39 6.58 -18.14 -2.15
CA ASP A 39 7.46 -18.35 -3.31
C ASP A 39 7.66 -17.17 -4.27
N GLY A 40 7.16 -15.98 -3.91
CA GLY A 40 7.35 -14.74 -4.67
C GLY A 40 6.60 -14.72 -6.00
N SER A 41 5.40 -15.30 -6.01
CA SER A 41 4.47 -15.32 -7.14
C SER A 41 3.27 -14.44 -6.88
N THR A 42 2.86 -13.63 -7.87
CA THR A 42 1.70 -12.73 -7.78
C THR A 42 0.33 -13.41 -7.92
N TYR A 43 -0.50 -13.23 -6.90
CA TYR A 43 -1.82 -13.84 -6.68
C TYR A 43 -2.88 -12.87 -6.16
N THR A 44 -4.09 -13.34 -5.86
CA THR A 44 -5.17 -12.54 -5.25
C THR A 44 -5.76 -13.07 -3.94
N GLN A 45 -6.23 -12.15 -3.11
CA GLN A 45 -6.79 -12.36 -1.78
C GLN A 45 -8.02 -11.49 -1.61
N GLY A 46 -9.14 -12.09 -1.24
CA GLY A 46 -10.29 -11.37 -0.72
C GLY A 46 -10.07 -10.92 0.72
N VAL A 47 -10.33 -9.65 1.00
CA VAL A 47 -10.01 -8.97 2.28
C VAL A 47 -10.67 -9.60 3.51
N ALA A 48 -9.88 -9.84 4.57
CA ALA A 48 -10.32 -10.45 5.84
C ALA A 48 -10.03 -9.62 7.10
N GLU A 49 -9.38 -8.45 6.95
CA GLU A 49 -9.01 -7.57 8.06
C GLU A 49 -9.26 -6.11 7.65
N TRP A 50 -9.94 -5.34 8.51
CA TRP A 50 -10.26 -3.93 8.28
C TRP A 50 -10.29 -3.08 9.57
N HIS A 51 -9.60 -1.93 9.55
CA HIS A 51 -9.34 -1.11 10.76
C HIS A 51 -9.18 0.39 10.45
N ASP A 52 -9.59 1.23 11.41
CA ASP A 52 -9.55 2.70 11.36
C ASP A 52 -8.67 3.32 12.46
N ARG A 53 -7.56 3.95 12.08
CA ARG A 53 -6.60 4.58 13.00
C ARG A 53 -6.90 6.07 13.29
N GLY A 54 -8.00 6.59 12.73
CA GLY A 54 -8.55 7.88 13.10
C GLY A 54 -8.05 8.96 12.15
N GLU A 55 -7.30 9.92 12.69
CA GLU A 55 -6.69 11.01 11.96
C GLU A 55 -5.18 11.06 12.24
N GLN A 56 -4.37 10.91 11.19
CA GLN A 56 -2.90 11.00 11.28
C GLN A 56 -2.33 11.96 10.23
N GLU A 57 -1.25 12.64 10.58
CA GLU A 57 -0.48 13.49 9.66
C GLU A 57 0.19 12.64 8.57
N VAL A 58 -0.33 12.76 7.35
CA VAL A 58 0.05 11.91 6.21
C VAL A 58 1.23 12.44 5.39
N PHE A 59 2.05 11.52 4.88
CA PHE A 59 3.19 11.80 4.00
C PHE A 59 2.97 11.44 2.53
N GLU A 60 3.37 12.34 1.63
CA GLU A 60 3.34 12.18 0.19
C GLU A 60 4.69 11.73 -0.37
N TYR A 61 4.70 10.55 -1.00
CA TYR A 61 5.85 9.99 -1.70
C TYR A 61 5.62 10.04 -3.21
N CYS A 62 6.39 10.86 -3.93
CA CYS A 62 6.22 11.07 -5.37
C CYS A 62 7.08 10.08 -6.16
N LEU A 63 6.56 9.58 -7.28
CA LEU A 63 7.27 8.71 -8.22
C LEU A 63 7.87 9.50 -9.40
N GLU A 64 8.78 8.88 -10.16
CA GLU A 64 9.33 9.51 -11.37
C GLU A 64 8.21 9.71 -12.42
N ASP A 65 7.22 8.83 -12.40
CA ASP A 65 6.00 8.85 -13.21
C ASP A 65 5.11 10.08 -12.89
N GLY A 66 5.41 10.84 -11.83
CA GLY A 66 4.64 11.99 -11.33
C GLY A 66 3.50 11.64 -10.36
N SER A 67 3.13 10.35 -10.29
CA SER A 67 2.15 9.79 -9.35
C SER A 67 2.56 9.95 -7.87
N THR A 68 1.60 9.81 -6.94
CA THR A 68 1.83 10.00 -5.49
C THR A 68 1.21 8.97 -4.55
N ILE A 69 2.02 8.38 -3.67
CA ILE A 69 1.59 7.52 -2.56
C ILE A 69 1.32 8.39 -1.32
N ARG A 70 0.26 8.10 -0.57
CA ARG A 70 -0.12 8.83 0.66
C ARG A 70 -0.38 7.91 1.86
N ALA A 71 0.57 7.91 2.80
CA ALA A 71 0.62 6.97 3.94
C ALA A 71 1.40 7.56 5.15
N THR A 72 1.44 6.84 6.27
CA THR A 72 2.44 7.08 7.34
C THR A 72 3.69 6.21 7.21
N LYS A 73 4.84 6.66 7.75
CA LYS A 73 6.07 5.86 7.76
C LYS A 73 6.06 4.67 8.73
N ASP A 74 5.01 4.50 9.54
CA ASP A 74 4.95 3.53 10.63
C ASP A 74 4.74 2.05 10.27
N HIS A 75 4.34 1.71 9.04
CA HIS A 75 4.13 0.31 8.64
C HIS A 75 5.10 -0.16 7.54
N LYS A 76 5.56 -1.41 7.65
CA LYS A 76 6.60 -1.97 6.77
C LYS A 76 6.06 -2.65 5.51
N PHE A 77 6.52 -2.13 4.37
CA PHE A 77 6.38 -2.63 3.00
C PHE A 77 7.39 -3.76 2.72
N MET A 78 7.57 -4.23 1.48
CA MET A 78 8.72 -5.10 1.14
C MET A 78 9.26 -4.94 -0.28
N THR A 79 10.57 -5.12 -0.41
CA THR A 79 11.33 -5.03 -1.67
C THR A 79 11.26 -6.31 -2.52
N THR A 80 11.80 -6.25 -3.73
CA THR A 80 12.00 -7.41 -4.62
C THR A 80 12.85 -8.53 -4.02
N ASP A 81 13.70 -8.23 -3.01
CA ASP A 81 14.46 -9.24 -2.26
C ASP A 81 13.64 -10.08 -1.26
N GLY A 82 12.37 -9.70 -1.00
CA GLY A 82 11.57 -10.31 0.05
C GLY A 82 11.99 -9.84 1.44
N GLU A 83 12.56 -8.65 1.53
CA GLU A 83 12.98 -7.99 2.77
C GLU A 83 11.94 -6.91 3.16
N MET A 84 11.44 -6.96 4.40
CA MET A 84 10.37 -6.08 4.89
C MET A 84 10.92 -4.77 5.48
N LEU A 85 10.52 -3.61 4.94
CA LEU A 85 11.01 -2.29 5.34
C LEU A 85 9.97 -1.17 5.14
N PRO A 86 9.99 -0.11 5.97
CA PRO A 86 9.08 1.03 5.81
C PRO A 86 9.31 1.78 4.50
N ILE A 87 8.23 2.38 3.98
CA ILE A 87 8.20 3.17 2.74
C ILE A 87 9.22 4.30 2.75
N ASP A 88 9.46 4.85 3.95
CA ASP A 88 10.36 5.96 4.21
C ASP A 88 11.82 5.53 4.01
N GLU A 89 12.17 4.30 4.39
CA GLU A 89 13.50 3.70 4.18
C GLU A 89 13.71 3.26 2.73
N ILE A 90 12.70 2.63 2.11
CA ILE A 90 12.71 2.30 0.68
C ILE A 90 12.95 3.56 -0.16
N PHE A 91 12.38 4.71 0.23
CA PHE A 91 12.75 6.00 -0.37
C PHE A 91 14.22 6.44 -0.24
N GLU A 92 14.75 6.58 0.98
CA GLU A 92 16.06 7.20 1.21
C GLU A 92 17.26 6.23 1.11
N SER A 93 17.01 4.91 1.09
CA SER A 93 17.95 3.86 0.66
C SER A 93 17.75 3.46 -0.82
N GLU A 94 16.73 4.03 -1.47
CA GLU A 94 16.43 3.93 -2.91
C GLU A 94 16.12 2.51 -3.41
N LEU A 95 15.58 1.66 -2.52
CA LEU A 95 15.37 0.23 -2.74
C LEU A 95 14.29 -0.07 -3.79
N ASP A 96 14.43 -1.19 -4.51
CA ASP A 96 13.40 -1.66 -5.44
C ASP A 96 12.17 -2.29 -4.79
N LEU A 97 10.98 -1.73 -5.03
CA LEU A 97 9.73 -2.41 -4.71
C LEU A 97 9.44 -3.65 -5.58
N MET A 98 8.94 -4.70 -4.92
CA MET A 98 8.29 -5.89 -5.48
C MET A 98 7.40 -5.67 -6.73
N ARG A 99 7.51 -6.54 -7.73
CA ARG A 99 6.70 -6.52 -8.97
C ARG A 99 5.22 -6.88 -8.73
N VAL A 100 4.33 -6.43 -9.62
CA VAL A 100 2.89 -6.70 -9.59
C VAL A 100 2.25 -6.75 -10.99
N ASP A 101 0.98 -7.15 -11.09
CA ASP A 101 0.21 -7.26 -12.35
C ASP A 101 -0.26 -5.85 -12.82
N SER A 102 0.63 -4.85 -12.74
CA SER A 102 0.49 -3.47 -13.23
C SER A 102 1.87 -2.82 -13.43
N SER A 103 2.01 -1.90 -14.40
CA SER A 103 3.23 -1.10 -14.60
C SER A 103 3.38 -0.01 -13.54
N GLY A 104 4.52 0.02 -12.86
CA GLY A 104 4.81 0.99 -11.82
C GLY A 104 6.30 1.12 -11.52
N ASP A 105 6.69 2.24 -10.91
CA ASP A 105 8.02 2.48 -10.39
C ASP A 105 8.39 1.59 -9.20
N THR A 106 9.64 1.17 -9.18
CA THR A 106 10.32 0.55 -8.04
C THR A 106 10.98 1.53 -7.07
N LYS A 107 11.56 2.64 -7.57
CA LYS A 107 12.18 3.71 -6.76
C LYS A 107 11.24 4.93 -6.60
N ILE A 108 11.17 5.47 -5.38
CA ILE A 108 10.48 6.74 -5.05
C ILE A 108 11.40 7.94 -5.36
N ALA A 109 10.84 8.98 -5.98
CA ALA A 109 11.56 10.18 -6.42
C ALA A 109 11.69 11.27 -5.33
N THR A 110 10.63 11.48 -4.54
CA THR A 110 10.47 12.60 -3.58
C THR A 110 9.68 12.30 -2.31
N ARG A 111 9.92 13.03 -1.20
CA ARG A 111 9.16 12.97 0.07
C ARG A 111 8.68 14.35 0.55
N GLU A 112 7.45 14.43 1.05
CA GLU A 112 6.79 15.68 1.51
C GLU A 112 5.70 15.39 2.57
N TYR A 113 5.43 16.30 3.53
CA TYR A 113 4.19 16.28 4.34
C TYR A 113 3.03 17.14 3.83
N THR A 114 1.78 16.75 4.10
CA THR A 114 0.59 17.30 3.42
C THR A 114 -0.63 17.68 4.27
N GLY A 115 -0.62 17.35 5.57
CA GLY A 115 -1.69 17.62 6.53
C GLY A 115 -2.41 16.36 7.04
N SER A 116 -3.04 16.46 8.21
CA SER A 116 -3.82 15.38 8.82
C SER A 116 -5.20 15.19 8.20
N GLU A 117 -5.62 13.93 8.02
CA GLU A 117 -6.92 13.52 7.47
C GLU A 117 -7.28 12.08 7.89
N ASP A 118 -8.45 11.57 7.47
CA ASP A 118 -8.91 10.20 7.70
C ASP A 118 -7.95 9.12 7.15
N VAL A 119 -7.59 8.16 8.00
CA VAL A 119 -6.66 7.06 7.68
C VAL A 119 -7.27 5.69 7.99
N TYR A 120 -6.86 4.71 7.18
CA TYR A 120 -7.42 3.36 7.09
C TYR A 120 -6.38 2.26 6.82
N ASP A 121 -6.62 1.01 7.22
CA ASP A 121 -5.74 -0.12 6.86
C ASP A 121 -6.49 -1.45 6.76
N ILE A 122 -6.01 -2.30 5.85
CA ILE A 122 -6.61 -3.58 5.47
C ILE A 122 -5.57 -4.69 5.26
N GLY A 123 -5.98 -5.94 5.48
CA GLY A 123 -5.11 -7.13 5.36
C GLY A 123 -5.84 -8.47 5.26
N VAL A 124 -5.07 -9.55 5.41
CA VAL A 124 -5.51 -10.95 5.37
C VAL A 124 -4.56 -11.78 6.23
N GLU A 125 -5.06 -12.88 6.80
CA GLU A 125 -4.39 -13.64 7.86
C GLU A 125 -3.20 -14.50 7.40
N SER A 126 -3.15 -14.93 6.13
CA SER A 126 -2.02 -15.71 5.56
C SER A 126 -0.82 -14.81 5.24
N ASP A 127 -0.84 -14.14 4.09
CA ASP A 127 0.26 -13.34 3.51
C ASP A 127 0.33 -11.86 3.92
N HIS A 128 -0.77 -11.31 4.42
CA HIS A 128 -0.90 -9.96 4.98
C HIS A 128 -0.16 -8.86 4.17
N ASN A 129 -0.34 -8.82 2.85
CA ASN A 129 0.12 -7.73 1.98
C ASN A 129 -0.90 -7.43 0.87
N PHE A 130 -1.03 -6.15 0.48
CA PHE A 130 -1.99 -5.67 -0.54
C PHE A 130 -1.43 -4.67 -1.56
N ALA A 131 -1.76 -4.84 -2.84
CA ALA A 131 -1.39 -3.90 -3.90
C ALA A 131 -2.33 -2.69 -4.00
N LEU A 132 -1.75 -1.50 -4.18
CA LEU A 132 -2.44 -0.23 -4.34
C LEU A 132 -2.31 0.31 -5.78
N SER A 133 -3.32 1.01 -6.26
CA SER A 133 -3.34 1.77 -7.51
C SER A 133 -2.67 3.14 -7.30
N ASP A 134 -1.63 3.45 -8.08
CA ASP A 134 -0.65 4.51 -7.80
C ASP A 134 0.04 4.41 -6.41
N GLY A 135 0.35 3.20 -5.97
CA GLY A 135 0.93 2.98 -4.66
C GLY A 135 1.73 1.68 -4.51
N PHE A 136 2.55 1.63 -3.48
CA PHE A 136 3.42 0.50 -3.17
C PHE A 136 2.70 -0.72 -2.55
N ILE A 137 3.28 -1.94 -2.59
CA ILE A 137 2.64 -3.13 -1.98
C ILE A 137 2.67 -2.98 -0.46
N ALA A 138 1.53 -2.61 0.12
CA ALA A 138 1.37 -2.37 1.54
C ALA A 138 1.45 -3.66 2.36
N SER A 139 1.99 -3.55 3.57
CA SER A 139 2.14 -4.63 4.55
C SER A 139 2.20 -4.01 5.96
N ASN A 140 1.99 -4.82 7.00
CA ASN A 140 1.79 -4.35 8.38
C ASN A 140 2.51 -5.22 9.41
N SER A 1 -0.43 6.38 16.32
CA SER A 1 0.13 5.05 16.65
C SER A 1 -0.28 4.06 15.58
N GLY A 2 0.66 3.23 15.13
CA GLY A 2 0.45 2.23 14.08
C GLY A 2 0.24 2.84 12.70
N GLY A 3 1.10 2.52 11.75
CA GLY A 3 1.06 3.08 10.41
C GLY A 3 -0.24 2.70 9.70
N ALA A 4 -0.79 3.62 8.93
CA ALA A 4 -2.01 3.46 8.18
C ALA A 4 -1.93 4.17 6.80
N LEU A 5 -3.01 4.19 6.05
CA LEU A 5 -3.13 4.79 4.72
C LEU A 5 -4.31 5.77 4.65
N SER A 6 -4.27 6.77 3.78
CA SER A 6 -5.39 7.72 3.58
C SER A 6 -6.67 7.03 3.08
N TYR A 7 -7.88 7.53 3.41
CA TYR A 7 -9.17 7.04 2.88
C TYR A 7 -9.09 6.92 1.35
N ASP A 8 -8.52 7.94 0.69
CA ASP A 8 -8.39 8.07 -0.76
C ASP A 8 -7.21 7.31 -1.42
N THR A 9 -6.47 6.53 -0.61
CA THR A 9 -5.54 5.50 -1.12
C THR A 9 -6.23 4.39 -1.89
N GLU A 10 -5.93 4.24 -3.18
CA GLU A 10 -6.77 3.45 -4.07
C GLU A 10 -6.21 2.02 -4.22
N ILE A 11 -6.95 1.01 -3.77
CA ILE A 11 -6.57 -0.41 -3.81
C ILE A 11 -6.43 -0.90 -5.26
N LEU A 12 -5.39 -1.71 -5.52
CA LEU A 12 -5.25 -2.47 -6.77
C LEU A 12 -6.03 -3.80 -6.66
N THR A 13 -7.09 -3.95 -7.45
CA THR A 13 -8.06 -5.04 -7.32
C THR A 13 -8.66 -5.41 -8.67
N THR A 14 -8.85 -6.71 -8.91
CA THR A 14 -9.52 -7.23 -10.11
C THR A 14 -11.04 -7.01 -10.20
N GLU A 15 -11.68 -6.51 -9.13
CA GLU A 15 -13.11 -6.18 -9.15
C GLU A 15 -13.40 -4.93 -10.01
N TYR A 16 -12.54 -3.90 -9.91
CA TYR A 16 -12.69 -2.57 -10.55
C TYR A 16 -11.45 -1.93 -11.19
N GLY A 17 -10.26 -2.45 -10.89
CA GLY A 17 -8.99 -1.72 -11.00
C GLY A 17 -8.76 -0.70 -9.87
N LEU A 18 -9.81 0.07 -9.51
CA LEU A 18 -9.74 1.23 -8.61
C LEU A 18 -10.87 1.23 -7.54
N LEU A 19 -10.53 1.08 -6.25
CA LEU A 19 -11.44 1.30 -5.10
C LEU A 19 -10.71 1.97 -3.92
N PRO A 20 -11.25 3.03 -3.28
CA PRO A 20 -10.60 3.70 -2.15
C PRO A 20 -10.65 2.86 -0.86
N ILE A 21 -9.52 2.71 -0.17
CA ILE A 21 -9.35 1.84 1.03
C ILE A 21 -10.33 2.20 2.16
N GLY A 22 -10.72 3.46 2.29
CA GLY A 22 -11.71 3.91 3.27
C GLY A 22 -13.07 3.25 3.09
N ASP A 23 -13.60 3.23 1.86
CA ASP A 23 -14.90 2.62 1.56
C ASP A 23 -14.83 1.08 1.64
N ILE A 24 -13.64 0.49 1.51
CA ILE A 24 -13.40 -0.95 1.76
C ILE A 24 -13.55 -1.27 3.25
N VAL A 25 -12.90 -0.50 4.12
CA VAL A 25 -12.93 -0.72 5.58
C VAL A 25 -14.27 -0.31 6.18
N GLU A 26 -14.87 0.82 5.79
CA GLU A 26 -16.15 1.25 6.35
C GLU A 26 -17.31 0.35 5.91
N SER A 27 -17.25 -0.30 4.74
CA SER A 27 -18.18 -1.37 4.34
C SER A 27 -17.75 -2.78 4.80
N GLU A 28 -16.53 -2.93 5.32
CA GLU A 28 -15.91 -4.19 5.78
C GLU A 28 -15.95 -5.29 4.68
N THR A 29 -15.68 -4.90 3.44
CA THR A 29 -15.85 -5.75 2.24
C THR A 29 -14.63 -6.58 1.81
N GLU A 30 -14.89 -7.82 1.40
CA GLU A 30 -13.92 -8.86 1.02
C GLU A 30 -13.53 -8.87 -0.47
N CYS A 31 -13.49 -7.70 -1.10
CA CYS A 31 -13.10 -7.56 -2.51
C CYS A 31 -11.70 -8.13 -2.81
N THR A 32 -11.55 -8.82 -3.95
CA THR A 32 -10.28 -9.37 -4.42
C THR A 32 -9.14 -8.39 -4.76
N VAL A 33 -8.31 -8.08 -3.77
CA VAL A 33 -7.06 -7.32 -3.86
C VAL A 33 -5.91 -8.13 -4.46
N TYR A 34 -4.87 -7.47 -4.98
CA TYR A 34 -3.58 -8.11 -5.28
C TYR A 34 -2.64 -8.34 -4.07
N SER A 35 -1.81 -9.39 -4.10
CA SER A 35 -0.88 -9.79 -3.02
C SER A 35 0.34 -10.58 -3.53
N VAL A 36 1.27 -10.97 -2.64
CA VAL A 36 2.48 -11.77 -2.98
C VAL A 36 2.74 -13.01 -2.11
N ASP A 37 3.35 -14.03 -2.70
CA ASP A 37 3.89 -15.24 -2.06
C ASP A 37 5.38 -15.14 -1.65
N SER A 38 5.90 -16.13 -0.92
CA SER A 38 7.33 -16.28 -0.57
C SER A 38 8.27 -16.27 -1.79
N ASP A 39 7.84 -16.75 -2.96
CA ASP A 39 8.60 -16.67 -4.22
C ASP A 39 8.64 -15.25 -4.85
N GLY A 40 7.98 -14.27 -4.23
CA GLY A 40 7.71 -12.97 -4.86
C GLY A 40 6.77 -13.07 -6.06
N SER A 41 5.94 -14.12 -6.10
CA SER A 41 4.98 -14.41 -7.16
C SER A 41 3.65 -13.73 -6.83
N THR A 42 3.09 -13.00 -7.78
CA THR A 42 1.87 -12.18 -7.58
C THR A 42 0.55 -12.97 -7.62
N TYR A 43 -0.38 -12.64 -6.73
CA TYR A 43 -1.64 -13.31 -6.48
C TYR A 43 -2.81 -12.36 -6.23
N THR A 44 -4.02 -12.89 -5.99
CA THR A 44 -5.23 -12.10 -5.74
C THR A 44 -6.01 -12.78 -4.61
N GLN A 45 -6.50 -12.00 -3.63
CA GLN A 45 -7.15 -12.45 -2.40
C GLN A 45 -8.26 -11.51 -1.96
N GLY A 46 -9.39 -12.05 -1.53
CA GLY A 46 -10.45 -11.29 -0.88
C GLY A 46 -10.14 -10.96 0.59
N VAL A 47 -10.24 -9.68 0.94
CA VAL A 47 -10.00 -9.13 2.29
C VAL A 47 -10.70 -9.90 3.42
N ALA A 48 -10.02 -10.06 4.56
CA ALA A 48 -10.53 -10.76 5.74
C ALA A 48 -10.37 -9.97 7.06
N GLU A 49 -9.81 -8.77 6.99
CA GLU A 49 -9.42 -7.95 8.15
C GLU A 49 -9.51 -6.45 7.81
N TRP A 50 -10.12 -5.63 8.68
CA TRP A 50 -10.41 -4.21 8.42
C TRP A 50 -10.31 -3.34 9.69
N HIS A 51 -9.67 -2.15 9.60
CA HIS A 51 -9.46 -1.24 10.72
C HIS A 51 -9.31 0.24 10.30
N ASP A 52 -9.84 1.16 11.12
CA ASP A 52 -9.65 2.62 11.04
C ASP A 52 -8.86 3.20 12.23
N ARG A 53 -7.92 4.12 11.96
CA ARG A 53 -6.88 4.58 12.90
C ARG A 53 -6.98 6.09 13.27
N GLY A 54 -8.18 6.68 13.22
CA GLY A 54 -8.41 8.04 13.71
C GLY A 54 -7.93 9.11 12.72
N GLU A 55 -6.99 9.95 13.15
CA GLU A 55 -6.31 10.94 12.29
C GLU A 55 -4.79 10.78 12.39
N GLN A 56 -4.11 10.62 11.25
CA GLN A 56 -2.64 10.63 11.17
C GLN A 56 -2.16 11.42 9.94
N GLU A 57 -0.92 11.89 9.99
CA GLU A 57 -0.28 12.69 8.95
C GLU A 57 0.07 11.85 7.70
N VAL A 58 -0.26 12.36 6.51
CA VAL A 58 -0.07 11.67 5.22
C VAL A 58 0.98 12.39 4.36
N PHE A 59 1.90 11.59 3.83
CA PHE A 59 2.94 11.94 2.87
C PHE A 59 2.64 11.47 1.44
N GLU A 60 3.21 12.14 0.44
CA GLU A 60 3.16 11.74 -0.97
C GLU A 60 4.56 11.39 -1.50
N TYR A 61 4.76 10.09 -1.77
CA TYR A 61 6.02 9.52 -2.27
C TYR A 61 6.06 9.46 -3.80
N CYS A 62 6.99 10.18 -4.43
CA CYS A 62 7.15 10.18 -5.88
C CYS A 62 8.12 9.08 -6.32
N LEU A 63 7.89 8.51 -7.51
CA LEU A 63 8.74 7.50 -8.12
C LEU A 63 9.66 8.08 -9.19
N GLU A 64 10.74 7.36 -9.52
CA GLU A 64 11.63 7.79 -10.61
C GLU A 64 10.99 7.78 -12.00
N ASP A 65 9.78 7.24 -12.15
CA ASP A 65 9.09 7.11 -13.42
C ASP A 65 8.00 8.20 -13.60
N GLY A 66 7.76 9.03 -12.57
CA GLY A 66 6.76 10.10 -12.54
C GLY A 66 5.42 9.73 -11.87
N SER A 67 5.31 8.53 -11.27
CA SER A 67 4.14 8.08 -10.50
C SER A 67 4.15 8.59 -9.04
N THR A 68 3.03 8.42 -8.31
CA THR A 68 2.89 8.77 -6.89
C THR A 68 2.17 7.76 -5.99
N ILE A 69 2.70 7.54 -4.78
CA ILE A 69 2.08 6.80 -3.66
C ILE A 69 1.60 7.82 -2.60
N ARG A 70 0.48 7.57 -1.90
CA ARG A 70 0.07 8.30 -0.68
C ARG A 70 -0.01 7.37 0.54
N ALA A 71 0.59 7.75 1.68
CA ALA A 71 0.62 6.94 2.91
C ALA A 71 1.06 7.71 4.17
N THR A 72 0.83 7.14 5.35
CA THR A 72 1.63 7.48 6.55
C THR A 72 3.04 6.88 6.51
N LYS A 73 4.05 7.59 7.04
CA LYS A 73 5.46 7.16 6.98
C LYS A 73 5.80 6.00 7.93
N ASP A 74 4.89 5.70 8.86
CA ASP A 74 4.99 4.62 9.85
C ASP A 74 4.70 3.20 9.36
N HIS A 75 4.03 3.03 8.21
CA HIS A 75 3.49 1.74 7.78
C HIS A 75 4.53 0.85 7.08
N LYS A 76 4.38 -0.47 7.21
CA LYS A 76 5.38 -1.44 6.73
C LYS A 76 5.07 -1.93 5.31
N PHE A 77 6.10 -1.95 4.48
CA PHE A 77 6.09 -2.35 3.07
C PHE A 77 7.09 -3.48 2.77
N MET A 78 7.21 -3.97 1.52
CA MET A 78 8.33 -4.84 1.14
C MET A 78 8.79 -4.69 -0.31
N THR A 79 10.07 -4.97 -0.52
CA THR A 79 10.73 -4.98 -1.83
C THR A 79 10.47 -6.20 -2.69
N THR A 80 10.74 -6.05 -4.00
CA THR A 80 10.74 -7.15 -4.96
C THR A 80 11.81 -8.24 -4.75
N ASP A 81 12.72 -8.07 -3.78
CA ASP A 81 13.62 -9.15 -3.30
C ASP A 81 13.07 -9.94 -2.10
N GLY A 82 12.07 -9.39 -1.39
CA GLY A 82 11.54 -9.93 -0.15
C GLY A 82 12.16 -9.33 1.12
N GLU A 83 12.69 -8.10 1.06
CA GLU A 83 13.08 -7.32 2.24
C GLU A 83 11.86 -6.51 2.75
N MET A 84 11.37 -6.79 3.96
CA MET A 84 10.34 -5.99 4.62
C MET A 84 10.92 -4.70 5.21
N LEU A 85 10.40 -3.52 4.86
CA LEU A 85 10.84 -2.21 5.37
C LEU A 85 9.71 -1.17 5.38
N PRO A 86 9.71 -0.19 6.31
CA PRO A 86 8.82 0.96 6.23
C PRO A 86 9.10 1.83 5.00
N ILE A 87 8.05 2.50 4.52
CA ILE A 87 8.08 3.35 3.31
C ILE A 87 9.14 4.47 3.40
N ASP A 88 9.34 5.01 4.61
CA ASP A 88 10.37 5.99 4.92
C ASP A 88 11.82 5.53 4.64
N GLU A 89 12.11 4.26 4.93
CA GLU A 89 13.44 3.70 4.72
C GLU A 89 13.65 3.27 3.28
N ILE A 90 12.62 2.73 2.61
CA ILE A 90 12.66 2.47 1.16
C ILE A 90 12.95 3.76 0.39
N PHE A 91 12.36 4.89 0.81
CA PHE A 91 12.76 6.22 0.38
C PHE A 91 14.26 6.57 0.49
N GLU A 92 14.76 6.71 1.72
CA GLU A 92 16.10 7.28 1.97
C GLU A 92 17.25 6.29 1.67
N SER A 93 17.03 4.98 1.86
CA SER A 93 18.01 3.93 1.50
C SER A 93 17.99 3.58 0.00
N GLU A 94 17.03 4.13 -0.76
CA GLU A 94 16.88 4.06 -2.22
C GLU A 94 16.46 2.68 -2.77
N LEU A 95 15.64 1.94 -2.04
CA LEU A 95 15.19 0.60 -2.43
C LEU A 95 14.09 0.64 -3.51
N ASP A 96 13.94 -0.46 -4.25
CA ASP A 96 12.84 -0.68 -5.19
C ASP A 96 11.75 -1.51 -4.50
N LEU A 97 10.48 -1.11 -4.61
CA LEU A 97 9.34 -1.90 -4.11
C LEU A 97 9.01 -3.12 -5.01
N MET A 98 7.97 -3.86 -4.64
CA MET A 98 7.40 -5.01 -5.35
C MET A 98 7.13 -4.75 -6.86
N ARG A 99 7.51 -5.69 -7.73
CA ARG A 99 7.23 -5.67 -9.18
C ARG A 99 7.25 -7.07 -9.81
N VAL A 100 6.59 -7.20 -10.97
CA VAL A 100 6.66 -8.42 -11.79
C VAL A 100 8.06 -8.69 -12.33
N ASP A 101 8.33 -9.97 -12.60
CA ASP A 101 9.67 -10.49 -12.89
C ASP A 101 10.39 -9.90 -14.12
N SER A 102 9.61 -9.35 -15.08
CA SER A 102 10.13 -8.75 -16.30
C SER A 102 10.63 -7.31 -16.13
N SER A 103 9.90 -6.45 -15.41
CA SER A 103 9.90 -5.01 -15.73
C SER A 103 9.34 -4.13 -14.60
N GLY A 104 9.89 -2.91 -14.46
CA GLY A 104 9.41 -1.85 -13.58
C GLY A 104 10.55 -1.04 -12.94
N ASP A 105 10.39 0.28 -12.85
CA ASP A 105 11.34 1.16 -12.16
C ASP A 105 11.30 1.07 -10.63
N THR A 106 10.16 1.36 -10.01
CA THR A 106 9.80 0.97 -8.63
C THR A 106 10.55 1.59 -7.45
N LYS A 107 11.63 2.32 -7.74
CA LYS A 107 12.44 3.11 -6.83
C LYS A 107 11.71 4.37 -6.37
N ILE A 108 11.53 4.54 -5.07
CA ILE A 108 11.01 5.79 -4.49
C ILE A 108 12.07 6.89 -4.57
N ALA A 109 11.69 8.04 -5.13
CA ALA A 109 12.61 9.10 -5.52
C ALA A 109 12.71 10.26 -4.50
N THR A 110 11.56 10.76 -4.04
CA THR A 110 11.43 11.93 -3.16
C THR A 110 10.09 11.81 -2.40
N ARG A 111 9.90 12.63 -1.36
CA ARG A 111 8.61 12.75 -0.65
C ARG A 111 8.33 14.15 -0.12
N GLU A 112 7.06 14.50 0.01
CA GLU A 112 6.56 15.75 0.60
C GLU A 112 5.32 15.46 1.48
N TYR A 113 5.09 16.23 2.56
CA TYR A 113 3.83 16.15 3.32
C TYR A 113 2.61 16.72 2.60
N THR A 114 1.42 16.13 2.80
CA THR A 114 0.20 16.56 2.10
C THR A 114 -1.01 16.95 2.96
N GLY A 115 -1.06 16.49 4.22
CA GLY A 115 -2.11 16.86 5.19
C GLY A 115 -2.26 15.83 6.33
N SER A 116 -3.42 15.81 6.98
CA SER A 116 -3.88 14.75 7.89
C SER A 116 -5.40 14.60 7.84
N GLU A 117 -5.89 13.35 7.88
CA GLU A 117 -7.27 12.98 7.52
C GLU A 117 -7.66 11.60 8.10
N ASP A 118 -8.86 11.08 7.77
CA ASP A 118 -9.27 9.71 8.12
C ASP A 118 -8.36 8.63 7.49
N VAL A 119 -7.92 7.65 8.29
CA VAL A 119 -6.83 6.72 7.93
C VAL A 119 -7.15 5.26 8.30
N TYR A 120 -6.58 4.33 7.53
CA TYR A 120 -7.08 2.96 7.32
C TYR A 120 -6.02 1.84 7.18
N ASP A 121 -6.39 0.59 7.51
CA ASP A 121 -5.52 -0.59 7.36
C ASP A 121 -6.26 -1.95 7.19
N ILE A 122 -5.80 -2.83 6.29
CA ILE A 122 -6.45 -4.11 5.93
C ILE A 122 -5.53 -5.34 5.98
N GLY A 123 -6.08 -6.53 5.73
CA GLY A 123 -5.34 -7.79 5.84
C GLY A 123 -6.07 -8.99 5.25
N VAL A 124 -5.33 -10.08 5.09
CA VAL A 124 -5.78 -11.34 4.48
C VAL A 124 -5.08 -12.49 5.19
N GLU A 125 -5.83 -13.55 5.50
CA GLU A 125 -5.40 -14.59 6.45
C GLU A 125 -4.28 -15.50 5.93
N SER A 126 -4.09 -15.63 4.62
CA SER A 126 -3.00 -16.40 4.02
C SER A 126 -1.62 -15.78 4.26
N ASP A 127 -1.43 -14.52 3.87
CA ASP A 127 -0.10 -13.88 3.73
C ASP A 127 0.03 -12.47 4.35
N HIS A 128 -1.10 -11.81 4.65
CA HIS A 128 -1.22 -10.46 5.23
C HIS A 128 -0.37 -9.35 4.54
N ASN A 129 -0.41 -9.30 3.21
CA ASN A 129 -0.03 -8.12 2.43
C ASN A 129 -1.15 -7.74 1.44
N PHE A 130 -1.29 -6.45 1.11
CA PHE A 130 -2.34 -5.93 0.21
C PHE A 130 -1.79 -4.86 -0.75
N ALA A 131 -2.18 -4.93 -2.03
CA ALA A 131 -1.69 -4.03 -3.08
C ALA A 131 -2.50 -2.73 -3.25
N LEU A 132 -1.80 -1.64 -3.51
CA LEU A 132 -2.30 -0.32 -3.86
C LEU A 132 -2.01 0.02 -5.32
N SER A 133 -2.75 0.98 -5.87
CA SER A 133 -2.67 1.43 -7.27
C SER A 133 -1.28 1.93 -7.64
N ASP A 134 -0.95 1.76 -8.92
CA ASP A 134 0.43 1.81 -9.44
C ASP A 134 1.36 0.66 -9.00
N GLY A 135 0.82 -0.29 -8.23
CA GLY A 135 1.43 -1.59 -7.90
C GLY A 135 2.31 -1.57 -6.65
N PHE A 136 1.85 -0.97 -5.54
CA PHE A 136 2.63 -0.79 -4.30
C PHE A 136 2.05 -1.53 -3.07
N ILE A 137 2.82 -2.40 -2.41
CA ILE A 137 2.26 -3.42 -1.49
C ILE A 137 2.52 -3.09 -0.02
N ALA A 138 1.43 -2.75 0.68
CA ALA A 138 1.35 -2.53 2.12
C ALA A 138 1.18 -3.87 2.89
N SER A 139 1.47 -3.89 4.20
CA SER A 139 1.62 -5.15 4.97
C SER A 139 1.58 -4.93 6.49
N ASN A 140 1.66 -6.01 7.29
CA ASN A 140 1.69 -5.92 8.77
C ASN A 140 3.02 -5.42 9.36
N SER A 1 -2.17 5.49 16.45
CA SER A 1 -0.76 5.04 16.57
C SER A 1 -0.40 4.09 15.43
N GLY A 2 0.90 3.87 15.21
CA GLY A 2 1.41 3.02 14.12
C GLY A 2 1.24 3.66 12.72
N GLY A 3 1.28 2.86 11.65
CA GLY A 3 1.30 3.36 10.27
C GLY A 3 0.10 2.93 9.43
N ALA A 4 -0.39 3.84 8.58
CA ALA A 4 -1.65 3.71 7.84
C ALA A 4 -1.62 4.46 6.48
N LEU A 5 -2.73 4.38 5.73
CA LEU A 5 -2.89 4.92 4.37
C LEU A 5 -4.09 5.86 4.29
N SER A 6 -4.07 6.81 3.34
CA SER A 6 -5.13 7.83 3.17
C SER A 6 -6.50 7.22 2.86
N TYR A 7 -7.59 7.84 3.32
CA TYR A 7 -8.98 7.43 3.08
C TYR A 7 -9.39 7.10 1.65
N ASP A 8 -8.85 7.86 0.69
CA ASP A 8 -9.12 7.71 -0.73
C ASP A 8 -8.14 6.79 -1.48
N THR A 9 -7.11 6.25 -0.81
CA THR A 9 -6.12 5.33 -1.45
C THR A 9 -6.72 4.12 -2.19
N GLU A 10 -6.48 4.02 -3.50
CA GLU A 10 -7.09 3.00 -4.35
C GLU A 10 -6.30 1.67 -4.31
N ILE A 11 -7.00 0.54 -4.14
CA ILE A 11 -6.39 -0.80 -4.17
C ILE A 11 -6.42 -1.39 -5.59
N LEU A 12 -5.41 -2.16 -5.97
CA LEU A 12 -5.47 -2.99 -7.19
C LEU A 12 -6.41 -4.20 -6.97
N THR A 13 -7.46 -4.31 -7.78
CA THR A 13 -8.53 -5.31 -7.60
C THR A 13 -9.28 -5.61 -8.91
N THR A 14 -9.78 -6.85 -9.05
CA THR A 14 -10.57 -7.29 -10.21
C THR A 14 -12.06 -6.95 -10.10
N GLU A 15 -12.60 -6.66 -8.90
CA GLU A 15 -14.03 -6.39 -8.69
C GLU A 15 -14.50 -5.19 -9.54
N TYR A 16 -13.84 -4.04 -9.38
CA TYR A 16 -14.08 -2.79 -10.11
C TYR A 16 -12.88 -2.05 -10.71
N GLY A 17 -11.65 -2.55 -10.53
CA GLY A 17 -10.41 -1.88 -10.93
C GLY A 17 -10.04 -0.69 -10.03
N LEU A 18 -11.01 0.18 -9.75
CA LEU A 18 -10.90 1.35 -8.88
C LEU A 18 -11.76 1.14 -7.63
N LEU A 19 -11.16 0.95 -6.45
CA LEU A 19 -11.86 0.94 -5.15
C LEU A 19 -10.97 1.56 -4.04
N PRO A 20 -11.42 2.59 -3.31
CA PRO A 20 -10.64 3.24 -2.25
C PRO A 20 -10.73 2.52 -0.90
N ILE A 21 -9.64 2.54 -0.14
CA ILE A 21 -9.43 1.78 1.10
C ILE A 21 -10.46 2.16 2.20
N GLY A 22 -10.83 3.44 2.30
CA GLY A 22 -11.83 3.92 3.26
C GLY A 22 -13.25 3.47 2.93
N ASP A 23 -13.55 3.16 1.67
CA ASP A 23 -14.86 2.59 1.29
C ASP A 23 -14.83 1.08 1.55
N ILE A 24 -13.71 0.37 1.31
CA ILE A 24 -13.53 -1.06 1.61
C ILE A 24 -13.73 -1.36 3.10
N VAL A 25 -13.01 -0.62 3.97
CA VAL A 25 -13.02 -0.85 5.43
C VAL A 25 -14.40 -0.55 6.02
N GLU A 26 -15.09 0.50 5.58
CA GLU A 26 -16.45 0.82 6.03
C GLU A 26 -17.55 -0.06 5.38
N SER A 27 -17.26 -0.71 4.25
CA SER A 27 -18.15 -1.66 3.57
C SER A 27 -18.12 -3.07 4.17
N GLU A 28 -17.01 -3.46 4.82
CA GLU A 28 -16.80 -4.80 5.40
C GLU A 28 -16.74 -5.92 4.33
N THR A 29 -16.22 -5.57 3.14
CA THR A 29 -16.20 -6.41 1.92
C THR A 29 -14.96 -7.30 1.75
N GLU A 30 -15.12 -8.43 1.05
CA GLU A 30 -14.07 -9.41 0.73
C GLU A 30 -13.57 -9.36 -0.74
N CYS A 31 -13.69 -8.20 -1.39
CA CYS A 31 -13.27 -8.01 -2.79
C CYS A 31 -11.86 -8.54 -3.09
N THR A 32 -11.69 -9.26 -4.19
CA THR A 32 -10.39 -9.76 -4.65
C THR A 32 -9.33 -8.71 -4.97
N VAL A 33 -8.44 -8.46 -4.02
CA VAL A 33 -7.28 -7.56 -4.13
C VAL A 33 -6.05 -8.33 -4.63
N TYR A 34 -5.07 -7.63 -5.19
CA TYR A 34 -3.73 -8.19 -5.42
C TYR A 34 -2.80 -8.27 -4.19
N SER A 35 -1.99 -9.30 -4.10
CA SER A 35 -1.02 -9.59 -3.01
C SER A 35 0.11 -10.49 -3.51
N VAL A 36 1.09 -10.83 -2.67
CA VAL A 36 2.13 -11.84 -2.99
C VAL A 36 2.18 -13.06 -2.06
N ASP A 37 2.66 -14.18 -2.60
CA ASP A 37 3.02 -15.41 -1.88
C ASP A 37 4.45 -15.29 -1.29
N SER A 38 4.93 -16.31 -0.57
CA SER A 38 6.26 -16.35 0.06
C SER A 38 7.45 -16.32 -0.92
N ASP A 39 7.26 -16.67 -2.20
CA ASP A 39 8.22 -16.38 -3.28
C ASP A 39 8.21 -14.95 -3.84
N GLY A 40 7.24 -14.10 -3.48
CA GLY A 40 7.05 -12.76 -4.03
C GLY A 40 6.29 -12.70 -5.37
N SER A 41 5.81 -13.84 -5.87
CA SER A 41 4.88 -13.93 -7.01
C SER A 41 3.52 -13.32 -6.69
N THR A 42 2.99 -12.48 -7.59
CA THR A 42 1.68 -11.81 -7.44
C THR A 42 0.42 -12.64 -7.70
N TYR A 43 -0.55 -12.60 -6.79
CA TYR A 43 -1.81 -13.35 -6.82
C TYR A 43 -3.01 -12.57 -6.27
N THR A 44 -4.21 -12.88 -6.77
CA THR A 44 -5.48 -12.27 -6.32
C THR A 44 -6.06 -13.02 -5.10
N GLN A 45 -6.49 -12.29 -4.06
CA GLN A 45 -7.04 -12.81 -2.80
C GLN A 45 -8.11 -11.87 -2.23
N GLY A 46 -9.24 -12.38 -1.72
CA GLY A 46 -10.29 -11.59 -1.11
C GLY A 46 -10.03 -11.19 0.36
N VAL A 47 -10.28 -9.92 0.66
CA VAL A 47 -10.09 -9.29 1.99
C VAL A 47 -10.76 -10.04 3.16
N ALA A 48 -10.05 -10.13 4.29
CA ALA A 48 -10.57 -10.70 5.55
C ALA A 48 -10.46 -9.75 6.76
N GLU A 49 -9.56 -8.76 6.70
CA GLU A 49 -9.25 -7.86 7.82
C GLU A 49 -9.34 -6.39 7.41
N TRP A 50 -9.93 -5.57 8.29
CA TRP A 50 -10.16 -4.15 8.08
C TRP A 50 -9.85 -3.39 9.39
N HIS A 51 -9.20 -2.22 9.27
CA HIS A 51 -8.66 -1.48 10.42
C HIS A 51 -8.52 0.03 10.14
N ASP A 52 -8.57 0.83 11.20
CA ASP A 52 -8.59 2.30 11.24
C ASP A 52 -7.52 2.92 12.15
N ARG A 53 -6.98 4.08 11.76
CA ARG A 53 -6.00 4.86 12.56
C ARG A 53 -6.45 6.28 12.94
N GLY A 54 -7.66 6.65 12.54
CA GLY A 54 -8.39 7.84 12.96
C GLY A 54 -7.97 9.13 12.25
N GLU A 55 -6.81 9.67 12.64
CA GLU A 55 -6.25 10.90 12.08
C GLU A 55 -4.74 10.96 12.36
N GLN A 56 -3.92 10.87 11.31
CA GLN A 56 -2.45 10.84 11.35
C GLN A 56 -1.86 11.54 10.12
N GLU A 57 -0.65 12.09 10.22
CA GLU A 57 0.01 12.84 9.13
C GLU A 57 0.39 11.99 7.92
N VAL A 58 -0.11 12.33 6.73
CA VAL A 58 0.22 11.66 5.46
C VAL A 58 1.38 12.33 4.70
N PHE A 59 2.17 11.52 4.00
CA PHE A 59 3.22 11.89 3.04
C PHE A 59 2.95 11.48 1.58
N GLU A 60 3.38 12.28 0.61
CA GLU A 60 3.28 12.01 -0.84
C GLU A 60 4.66 11.69 -1.45
N TYR A 61 4.89 10.42 -1.80
CA TYR A 61 6.14 9.89 -2.40
C TYR A 61 6.03 9.81 -3.93
N CYS A 62 6.96 10.42 -4.68
CA CYS A 62 6.93 10.41 -6.15
C CYS A 62 7.83 9.30 -6.72
N LEU A 63 7.42 8.73 -7.87
CA LEU A 63 8.23 7.79 -8.65
C LEU A 63 8.87 8.43 -9.90
N GLU A 64 9.76 7.71 -10.57
CA GLU A 64 10.29 8.13 -11.88
C GLU A 64 9.21 8.25 -12.96
N ASP A 65 8.15 7.46 -12.84
CA ASP A 65 7.01 7.38 -13.75
C ASP A 65 5.96 8.52 -13.68
N GLY A 66 6.15 9.43 -12.71
CA GLY A 66 5.23 10.54 -12.41
C GLY A 66 4.07 10.17 -11.47
N SER A 67 3.92 8.88 -11.18
CA SER A 67 3.02 8.33 -10.15
C SER A 67 3.34 8.82 -8.73
N THR A 68 2.34 8.75 -7.84
CA THR A 68 2.40 9.25 -6.46
C THR A 68 1.75 8.38 -5.38
N ILE A 69 2.54 7.95 -4.39
CA ILE A 69 2.12 7.13 -3.25
C ILE A 69 1.77 8.02 -2.04
N ARG A 70 0.62 7.79 -1.42
CA ARG A 70 0.11 8.58 -0.28
C ARG A 70 -0.07 7.73 1.00
N ALA A 71 0.83 7.90 1.97
CA ALA A 71 0.90 7.06 3.17
C ALA A 71 1.55 7.76 4.37
N THR A 72 1.26 7.31 5.60
CA THR A 72 2.08 7.67 6.77
C THR A 72 3.43 6.95 6.84
N LYS A 73 4.49 7.64 7.28
CA LYS A 73 5.87 7.13 7.20
C LYS A 73 6.13 5.90 8.07
N ASP A 74 5.24 5.64 9.04
CA ASP A 74 5.26 4.48 9.94
C ASP A 74 4.78 3.14 9.36
N HIS A 75 4.17 3.09 8.17
CA HIS A 75 3.57 1.86 7.66
C HIS A 75 4.62 0.92 7.03
N LYS A 76 4.48 -0.38 7.27
CA LYS A 76 5.43 -1.41 6.84
C LYS A 76 5.18 -1.86 5.40
N PHE A 77 6.28 -2.03 4.66
CA PHE A 77 6.34 -2.42 3.26
C PHE A 77 7.31 -3.59 3.01
N MET A 78 7.48 -4.05 1.77
CA MET A 78 8.58 -4.96 1.41
C MET A 78 9.07 -4.80 -0.03
N THR A 79 10.36 -5.08 -0.22
CA THR A 79 11.09 -4.87 -1.49
C THR A 79 11.08 -6.09 -2.42
N THR A 80 11.52 -5.89 -3.66
CA THR A 80 11.75 -6.99 -4.62
C THR A 80 12.86 -7.98 -4.24
N ASP A 81 13.66 -7.64 -3.22
CA ASP A 81 14.59 -8.56 -2.53
C ASP A 81 13.99 -9.38 -1.36
N GLY A 82 12.73 -9.15 -0.98
CA GLY A 82 12.04 -9.89 0.08
C GLY A 82 12.38 -9.38 1.48
N GLU A 83 12.85 -8.14 1.58
CA GLU A 83 13.21 -7.48 2.84
C GLU A 83 12.06 -6.62 3.37
N MET A 84 11.77 -6.71 4.67
CA MET A 84 10.63 -6.05 5.32
C MET A 84 11.08 -4.73 5.98
N LEU A 85 10.54 -3.59 5.53
CA LEU A 85 10.92 -2.25 6.00
C LEU A 85 9.78 -1.22 5.93
N PRO A 86 9.73 -0.20 6.82
CA PRO A 86 8.83 0.94 6.67
C PRO A 86 9.19 1.81 5.46
N ILE A 87 8.19 2.53 4.93
CA ILE A 87 8.34 3.39 3.74
C ILE A 87 9.41 4.48 3.94
N ASP A 88 9.59 4.94 5.19
CA ASP A 88 10.61 5.91 5.59
C ASP A 88 12.03 5.37 5.36
N GLU A 89 12.30 4.14 5.79
CA GLU A 89 13.59 3.43 5.60
C GLU A 89 13.87 3.10 4.12
N ILE A 90 12.84 2.71 3.38
CA ILE A 90 12.92 2.48 1.92
C ILE A 90 13.26 3.78 1.19
N PHE A 91 12.66 4.90 1.60
CA PHE A 91 12.99 6.24 1.10
C PHE A 91 14.41 6.74 1.38
N GLU A 92 14.83 6.72 2.65
CA GLU A 92 16.13 7.25 3.08
C GLU A 92 17.31 6.28 2.85
N SER A 93 17.07 5.15 2.16
CA SER A 93 18.11 4.29 1.58
C SER A 93 17.87 3.93 0.10
N GLU A 94 16.88 4.55 -0.56
CA GLU A 94 16.66 4.53 -2.02
C GLU A 94 16.32 3.12 -2.57
N LEU A 95 15.43 2.38 -1.90
CA LEU A 95 15.16 0.97 -2.20
C LEU A 95 14.11 0.72 -3.30
N ASP A 96 14.18 -0.47 -3.91
CA ASP A 96 13.29 -0.96 -4.98
C ASP A 96 12.12 -1.80 -4.43
N LEU A 97 10.87 -1.35 -4.61
CA LEU A 97 9.69 -2.11 -4.20
C LEU A 97 9.45 -3.38 -5.02
N MET A 98 8.61 -4.26 -4.47
CA MET A 98 8.12 -5.49 -5.09
C MET A 98 7.35 -5.24 -6.41
N ARG A 99 7.62 -6.06 -7.44
CA ARG A 99 7.35 -5.72 -8.85
C ARG A 99 5.95 -6.13 -9.35
N VAL A 100 4.94 -5.30 -9.05
CA VAL A 100 3.57 -5.43 -9.59
C VAL A 100 3.48 -5.12 -11.10
N ASP A 101 2.70 -5.92 -11.84
CA ASP A 101 2.52 -5.81 -13.30
C ASP A 101 2.02 -4.44 -13.83
N SER A 102 1.27 -3.70 -13.00
CA SER A 102 0.75 -2.37 -13.32
C SER A 102 1.80 -1.25 -13.47
N SER A 103 3.08 -1.53 -13.24
CA SER A 103 4.14 -0.52 -13.17
C SER A 103 5.49 -1.04 -13.65
N GLY A 104 6.14 -0.31 -14.56
CA GLY A 104 7.56 -0.52 -14.92
C GLY A 104 8.55 0.07 -13.90
N ASP A 105 8.06 0.88 -12.97
CA ASP A 105 8.74 1.44 -11.82
C ASP A 105 8.73 0.53 -10.58
N THR A 106 9.73 0.74 -9.72
CA THR A 106 9.89 0.19 -8.35
C THR A 106 10.63 1.12 -7.39
N LYS A 107 11.52 1.99 -7.85
CA LYS A 107 12.39 2.84 -7.00
C LYS A 107 11.76 4.23 -6.78
N ILE A 108 11.60 4.63 -5.51
CA ILE A 108 11.08 5.96 -5.14
C ILE A 108 12.10 7.06 -5.52
N ALA A 109 11.59 8.17 -6.05
CA ALA A 109 12.39 9.32 -6.47
C ALA A 109 12.58 10.33 -5.32
N THR A 110 11.48 10.85 -4.76
CA THR A 110 11.43 11.96 -3.78
C THR A 110 10.18 11.86 -2.90
N ARG A 111 10.03 12.76 -1.90
CA ARG A 111 8.80 12.89 -1.10
C ARG A 111 8.47 14.34 -0.72
N GLU A 112 7.22 14.54 -0.31
CA GLU A 112 6.65 15.80 0.18
C GLU A 112 5.69 15.49 1.34
N TYR A 113 5.71 16.26 2.45
CA TYR A 113 4.72 16.04 3.51
C TYR A 113 3.42 16.74 3.08
N THR A 114 2.28 16.07 3.30
CA THR A 114 0.95 16.53 2.88
C THR A 114 -0.07 16.83 3.98
N GLY A 115 0.10 16.24 5.17
CA GLY A 115 -0.71 16.55 6.36
C GLY A 115 -1.81 15.54 6.68
N SER A 116 -2.43 15.67 7.86
CA SER A 116 -3.39 14.71 8.41
C SER A 116 -4.81 14.76 7.84
N GLU A 117 -5.47 13.60 7.85
CA GLU A 117 -6.85 13.30 7.44
C GLU A 117 -7.23 11.87 7.91
N ASP A 118 -8.41 11.34 7.55
CA ASP A 118 -8.79 9.94 7.79
C ASP A 118 -7.83 8.88 7.20
N VAL A 119 -7.52 7.81 7.96
CA VAL A 119 -6.49 6.82 7.60
C VAL A 119 -6.83 5.38 8.04
N TYR A 120 -6.31 4.40 7.28
CA TYR A 120 -6.74 2.98 7.28
C TYR A 120 -5.66 1.92 6.99
N ASP A 121 -5.94 0.65 7.27
CA ASP A 121 -5.16 -0.50 6.76
C ASP A 121 -5.95 -1.83 6.61
N ILE A 122 -5.59 -2.75 5.69
CA ILE A 122 -6.30 -4.02 5.41
C ILE A 122 -5.43 -5.30 5.43
N GLY A 123 -6.05 -6.48 5.28
CA GLY A 123 -5.35 -7.77 5.37
C GLY A 123 -6.14 -9.01 4.92
N VAL A 124 -5.42 -10.14 4.81
CA VAL A 124 -5.90 -11.46 4.35
C VAL A 124 -5.15 -12.56 5.09
N GLU A 125 -5.84 -13.62 5.51
CA GLU A 125 -5.29 -14.64 6.44
C GLU A 125 -4.14 -15.49 5.86
N SER A 126 -4.07 -15.68 4.54
CA SER A 126 -3.03 -16.50 3.90
C SER A 126 -1.67 -15.80 3.75
N ASP A 127 -1.61 -14.46 3.77
CA ASP A 127 -0.40 -13.66 3.44
C ASP A 127 -0.28 -12.25 4.08
N HIS A 128 -1.40 -11.59 4.37
CA HIS A 128 -1.52 -10.27 5.03
C HIS A 128 -0.69 -9.12 4.42
N ASN A 129 -0.68 -9.04 3.07
CA ASN A 129 -0.23 -7.87 2.32
C ASN A 129 -1.27 -7.49 1.25
N PHE A 130 -1.30 -6.23 0.80
CA PHE A 130 -2.22 -5.73 -0.22
C PHE A 130 -1.58 -4.71 -1.19
N ALA A 131 -1.79 -4.85 -2.50
CA ALA A 131 -1.18 -4.00 -3.52
C ALA A 131 -2.00 -2.73 -3.81
N LEU A 132 -1.36 -1.56 -3.71
CA LEU A 132 -1.97 -0.26 -3.99
C LEU A 132 -1.82 0.20 -5.45
N SER A 133 -2.82 0.90 -5.96
CA SER A 133 -2.80 1.69 -7.20
C SER A 133 -2.02 3.00 -7.00
N ASP A 134 -1.24 3.40 -8.02
CA ASP A 134 -0.23 4.47 -7.91
C ASP A 134 0.74 4.28 -6.73
N GLY A 135 1.13 3.04 -6.50
CA GLY A 135 1.81 2.65 -5.27
C GLY A 135 2.25 1.19 -5.25
N PHE A 136 2.51 0.66 -4.06
CA PHE A 136 3.13 -0.66 -3.87
C PHE A 136 2.49 -1.52 -2.78
N ILE A 137 3.16 -2.60 -2.35
CA ILE A 137 2.59 -3.66 -1.53
C ILE A 137 2.68 -3.32 -0.04
N ALA A 138 1.58 -2.79 0.48
CA ALA A 138 1.36 -2.48 1.90
C ALA A 138 1.15 -3.76 2.75
N SER A 139 1.46 -3.70 4.04
CA SER A 139 1.55 -4.90 4.91
C SER A 139 1.61 -4.58 6.41
N ASN A 140 1.35 -5.58 7.26
CA ASN A 140 1.52 -5.44 8.72
C ASN A 140 2.98 -5.26 9.15
N SER A 1 -2.13 -2.38 16.82
CA SER A 1 -1.39 -1.09 16.69
C SER A 1 -0.56 -1.06 15.41
N GLY A 2 -0.34 0.13 14.85
CA GLY A 2 0.38 0.32 13.59
C GLY A 2 0.12 1.68 12.93
N GLY A 3 0.59 1.81 11.69
CA GLY A 3 0.32 2.94 10.79
C GLY A 3 -1.00 2.78 10.00
N ALA A 4 -1.18 3.58 8.95
CA ALA A 4 -2.35 3.48 8.05
C ALA A 4 -2.16 4.20 6.69
N LEU A 5 -3.10 3.95 5.76
CA LEU A 5 -3.16 4.46 4.39
C LEU A 5 -4.26 5.55 4.29
N SER A 6 -4.10 6.55 3.40
CA SER A 6 -5.10 7.65 3.23
C SER A 6 -6.41 7.18 2.61
N TYR A 7 -7.54 7.77 3.02
CA TYR A 7 -8.91 7.33 2.72
C TYR A 7 -9.13 7.13 1.22
N ASP A 8 -8.58 8.03 0.38
CA ASP A 8 -8.72 7.95 -1.09
C ASP A 8 -7.69 7.09 -1.85
N THR A 9 -6.83 6.36 -1.13
CA THR A 9 -5.95 5.33 -1.71
C THR A 9 -6.78 4.21 -2.35
N GLU A 10 -6.66 4.05 -3.67
CA GLU A 10 -7.42 3.07 -4.44
C GLU A 10 -6.73 1.70 -4.42
N ILE A 11 -7.50 0.62 -4.30
CA ILE A 11 -6.97 -0.75 -4.28
C ILE A 11 -6.64 -1.24 -5.71
N LEU A 12 -5.54 -1.96 -5.88
CA LEU A 12 -5.21 -2.63 -7.15
C LEU A 12 -6.07 -3.90 -7.29
N THR A 13 -7.19 -3.82 -8.03
CA THR A 13 -8.25 -4.85 -8.05
C THR A 13 -8.81 -5.16 -9.44
N THR A 14 -9.07 -6.45 -9.63
CA THR A 14 -9.70 -7.08 -10.81
C THR A 14 -11.22 -6.90 -10.94
N GLU A 15 -11.89 -6.40 -9.88
CA GLU A 15 -13.34 -6.20 -9.89
C GLU A 15 -13.72 -4.87 -10.57
N TYR A 16 -13.75 -3.77 -9.82
CA TYR A 16 -14.08 -2.42 -10.33
C TYR A 16 -12.88 -1.52 -10.75
N GLY A 17 -11.68 -1.82 -10.25
CA GLY A 17 -10.52 -0.93 -10.21
C GLY A 17 -10.67 0.21 -9.20
N LEU A 18 -11.72 1.02 -9.35
CA LEU A 18 -11.96 2.24 -8.58
C LEU A 18 -12.64 1.93 -7.24
N LEU A 19 -11.88 1.38 -6.30
CA LEU A 19 -12.32 1.16 -4.91
C LEU A 19 -11.37 1.87 -3.94
N PRO A 20 -11.77 3.01 -3.33
CA PRO A 20 -11.00 3.65 -2.27
C PRO A 20 -11.01 2.78 -1.01
N ILE A 21 -9.89 2.77 -0.28
CA ILE A 21 -9.70 2.01 0.96
C ILE A 21 -10.74 2.38 2.05
N GLY A 22 -11.25 3.61 2.02
CA GLY A 22 -12.37 4.08 2.85
C GLY A 22 -13.76 3.50 2.51
N ASP A 23 -13.92 2.71 1.44
CA ASP A 23 -15.12 1.86 1.24
C ASP A 23 -14.84 0.47 1.84
N ILE A 24 -13.60 -0.04 1.76
CA ILE A 24 -13.25 -1.42 2.09
C ILE A 24 -13.52 -1.75 3.56
N VAL A 25 -12.99 -0.94 4.48
CA VAL A 25 -13.15 -1.14 5.94
C VAL A 25 -14.57 -0.83 6.42
N GLU A 26 -15.25 0.12 5.77
CA GLU A 26 -16.60 0.57 6.17
C GLU A 26 -17.70 -0.42 5.70
N SER A 27 -17.61 -0.91 4.47
CA SER A 27 -18.50 -1.96 3.90
C SER A 27 -18.09 -3.38 4.32
N GLU A 28 -16.87 -3.56 4.84
CA GLU A 28 -16.20 -4.86 5.09
C GLU A 28 -16.20 -5.78 3.86
N THR A 29 -15.98 -5.19 2.69
CA THR A 29 -16.06 -5.86 1.39
C THR A 29 -14.91 -6.81 1.09
N GLU A 30 -15.21 -8.04 0.67
CA GLU A 30 -14.23 -9.11 0.45
C GLU A 30 -13.60 -9.09 -0.96
N CYS A 31 -13.48 -7.91 -1.59
CA CYS A 31 -12.98 -7.77 -2.96
C CYS A 31 -11.48 -8.12 -3.07
N THR A 32 -11.13 -8.84 -4.14
CA THR A 32 -9.77 -9.32 -4.44
C THR A 32 -8.85 -8.14 -4.77
N VAL A 33 -7.80 -7.98 -3.96
CA VAL A 33 -6.55 -7.27 -4.29
C VAL A 33 -5.53 -8.24 -4.90
N TYR A 34 -4.37 -7.73 -5.32
CA TYR A 34 -3.19 -8.53 -5.68
C TYR A 34 -2.16 -8.74 -4.56
N SER A 35 -1.65 -9.96 -4.40
CA SER A 35 -0.66 -10.32 -3.38
C SER A 35 0.42 -11.26 -3.92
N VAL A 36 1.65 -11.16 -3.40
CA VAL A 36 2.66 -12.21 -3.58
C VAL A 36 2.48 -13.35 -2.58
N ASP A 37 2.72 -14.57 -3.04
CA ASP A 37 2.78 -15.83 -2.27
C ASP A 37 4.17 -15.93 -1.58
N SER A 38 4.42 -16.97 -0.77
CA SER A 38 5.69 -17.12 -0.03
C SER A 38 6.95 -17.24 -0.92
N ASP A 39 6.82 -17.64 -2.18
CA ASP A 39 7.90 -17.65 -3.18
C ASP A 39 7.99 -16.34 -4.00
N GLY A 40 7.19 -15.32 -3.70
CA GLY A 40 7.13 -14.06 -4.44
C GLY A 40 6.27 -14.09 -5.70
N SER A 41 5.66 -15.24 -6.05
CA SER A 41 4.77 -15.35 -7.21
C SER A 41 3.38 -14.76 -6.93
N THR A 42 2.86 -13.95 -7.86
CA THR A 42 1.60 -13.21 -7.70
C THR A 42 0.30 -14.03 -7.74
N TYR A 43 -0.76 -13.63 -7.04
CA TYR A 43 -2.14 -14.14 -7.17
C TYR A 43 -3.10 -13.10 -6.52
N THR A 44 -4.41 -13.37 -6.51
CA THR A 44 -5.42 -12.45 -5.94
C THR A 44 -5.94 -12.95 -4.58
N GLN A 45 -6.25 -11.99 -3.70
CA GLN A 45 -6.67 -12.21 -2.31
C GLN A 45 -7.75 -11.22 -1.91
N GLY A 46 -8.90 -11.67 -1.42
CA GLY A 46 -9.86 -10.79 -0.76
C GLY A 46 -9.56 -10.61 0.72
N VAL A 47 -10.09 -9.54 1.32
CA VAL A 47 -9.82 -9.10 2.70
C VAL A 47 -9.96 -10.16 3.80
N ALA A 48 -9.10 -10.10 4.83
CA ALA A 48 -9.27 -10.85 6.08
C ALA A 48 -8.79 -10.11 7.36
N GLU A 49 -8.50 -8.81 7.28
CA GLU A 49 -8.23 -7.93 8.42
C GLU A 49 -8.58 -6.48 8.04
N TRP A 50 -9.17 -5.71 8.95
CA TRP A 50 -9.64 -4.34 8.67
C TRP A 50 -9.68 -3.45 9.93
N HIS A 51 -9.24 -2.19 9.80
CA HIS A 51 -9.04 -1.27 10.94
C HIS A 51 -9.07 0.22 10.53
N ASP A 52 -9.57 1.08 11.40
CA ASP A 52 -9.56 2.55 11.31
C ASP A 52 -8.57 3.15 12.32
N ARG A 53 -7.47 3.77 11.83
CA ARG A 53 -6.41 4.32 12.69
C ARG A 53 -6.71 5.72 13.24
N GLY A 54 -7.66 6.47 12.66
CA GLY A 54 -8.10 7.79 13.09
C GLY A 54 -7.84 8.86 12.03
N GLU A 55 -7.31 10.00 12.46
CA GLU A 55 -6.78 11.07 11.58
C GLU A 55 -5.31 11.33 11.91
N GLN A 56 -4.46 11.35 10.88
CA GLN A 56 -3.00 11.49 11.00
C GLN A 56 -2.43 12.31 9.84
N GLU A 57 -1.29 12.98 10.06
CA GLU A 57 -0.47 13.53 8.99
C GLU A 57 0.05 12.44 8.04
N VAL A 58 -0.43 12.46 6.80
CA VAL A 58 0.11 11.69 5.70
C VAL A 58 1.17 12.50 4.94
N PHE A 59 2.08 11.79 4.28
CA PHE A 59 3.07 12.33 3.36
C PHE A 59 2.73 11.98 1.91
N GLU A 60 3.08 12.86 0.98
CA GLU A 60 2.86 12.71 -0.46
C GLU A 60 4.16 12.35 -1.19
N TYR A 61 4.26 11.08 -1.59
CA TYR A 61 5.42 10.50 -2.27
C TYR A 61 5.10 10.40 -3.77
N CYS A 62 5.80 11.17 -4.61
CA CYS A 62 5.56 11.13 -6.05
C CYS A 62 6.40 10.06 -6.76
N LEU A 63 5.89 9.55 -7.88
CA LEU A 63 6.58 8.68 -8.82
C LEU A 63 6.96 9.45 -10.08
N GLU A 64 7.89 8.88 -10.86
CA GLU A 64 8.39 9.54 -12.07
C GLU A 64 7.31 9.80 -13.12
N ASP A 65 6.28 8.94 -13.16
CA ASP A 65 5.23 8.90 -14.18
C ASP A 65 4.11 9.94 -13.85
N GLY A 66 4.36 10.86 -12.92
CA GLY A 66 3.45 11.94 -12.50
C GLY A 66 2.51 11.59 -11.34
N SER A 67 2.38 10.31 -10.99
CA SER A 67 1.52 9.77 -9.93
C SER A 67 1.99 10.07 -8.51
N THR A 68 1.09 9.94 -7.52
CA THR A 68 1.34 10.12 -6.08
C THR A 68 0.82 9.02 -5.15
N ILE A 69 1.67 8.50 -4.26
CA ILE A 69 1.30 7.69 -3.09
C ILE A 69 1.06 8.63 -1.90
N ARG A 70 -0.03 8.47 -1.14
CA ARG A 70 -0.36 9.30 0.02
C ARG A 70 -0.61 8.43 1.24
N ALA A 71 0.38 8.34 2.13
CA ALA A 71 0.44 7.40 3.26
C ALA A 71 1.24 8.00 4.44
N THR A 72 1.23 7.39 5.62
CA THR A 72 2.15 7.76 6.72
C THR A 72 3.62 7.41 6.40
N LYS A 73 4.55 7.72 7.32
CA LYS A 73 5.94 7.19 7.29
C LYS A 73 6.23 6.05 8.29
N ASP A 74 5.24 5.65 9.10
CA ASP A 74 5.38 4.65 10.17
C ASP A 74 5.04 3.19 9.82
N HIS A 75 4.36 2.98 8.70
CA HIS A 75 3.81 1.68 8.30
C HIS A 75 4.87 0.86 7.54
N LYS A 76 4.86 -0.45 7.74
CA LYS A 76 5.82 -1.36 7.10
C LYS A 76 5.46 -1.63 5.64
N PHE A 77 6.50 -1.74 4.83
CA PHE A 77 6.50 -2.16 3.43
C PHE A 77 7.49 -3.31 3.19
N MET A 78 7.67 -3.80 1.96
CA MET A 78 8.67 -4.85 1.72
C MET A 78 9.25 -4.84 0.32
N THR A 79 10.47 -5.36 0.22
CA THR A 79 11.18 -5.59 -1.02
C THR A 79 10.82 -6.89 -1.75
N THR A 80 11.08 -6.96 -3.05
CA THR A 80 10.83 -8.16 -3.86
C THR A 80 11.73 -9.36 -3.48
N ASP A 81 12.89 -9.12 -2.83
CA ASP A 81 13.69 -10.11 -2.10
C ASP A 81 13.09 -10.68 -0.81
N GLY A 82 12.13 -9.97 -0.18
CA GLY A 82 11.45 -10.42 1.04
C GLY A 82 11.97 -9.81 2.35
N GLU A 83 12.68 -8.69 2.29
CA GLU A 83 13.04 -7.87 3.45
C GLU A 83 11.88 -6.92 3.80
N MET A 84 11.46 -6.89 5.07
CA MET A 84 10.45 -5.94 5.58
C MET A 84 11.14 -4.64 6.02
N LEU A 85 10.65 -3.47 5.57
CA LEU A 85 11.14 -2.15 6.00
C LEU A 85 10.05 -1.07 5.90
N PRO A 86 10.04 -0.05 6.78
CA PRO A 86 9.16 1.10 6.64
C PRO A 86 9.53 1.95 5.42
N ILE A 87 8.54 2.64 4.85
CA ILE A 87 8.67 3.37 3.58
C ILE A 87 9.78 4.43 3.61
N ASP A 88 9.98 5.06 4.76
CA ASP A 88 11.05 6.03 5.05
C ASP A 88 12.47 5.49 4.82
N GLU A 89 12.66 4.21 5.10
CA GLU A 89 13.90 3.47 4.95
C GLU A 89 14.10 2.89 3.54
N ILE A 90 13.00 2.52 2.86
CA ILE A 90 13.02 2.06 1.47
C ILE A 90 13.33 3.21 0.50
N PHE A 91 12.82 4.42 0.75
CA PHE A 91 13.08 5.58 -0.11
C PHE A 91 14.52 6.08 -0.21
N GLU A 92 15.15 6.42 0.92
CA GLU A 92 16.48 7.04 0.95
C GLU A 92 17.62 6.06 0.60
N SER A 93 17.45 4.77 0.92
CA SER A 93 18.39 3.70 0.51
C SER A 93 17.98 3.01 -0.81
N GLU A 94 16.94 3.50 -1.48
CA GLU A 94 16.54 3.12 -2.85
C GLU A 94 16.18 1.62 -3.03
N LEU A 95 15.74 0.95 -1.95
CA LEU A 95 15.45 -0.50 -1.93
C LEU A 95 14.40 -0.91 -2.96
N ASP A 96 14.56 -2.11 -3.52
CA ASP A 96 13.69 -2.64 -4.60
C ASP A 96 12.31 -3.14 -4.16
N LEU A 97 11.29 -2.31 -4.25
CA LEU A 97 9.93 -2.77 -3.98
C LEU A 97 9.42 -3.83 -4.98
N MET A 98 8.39 -4.59 -4.57
CA MET A 98 7.53 -5.41 -5.43
C MET A 98 7.10 -4.62 -6.69
N ARG A 99 6.99 -5.28 -7.85
CA ARG A 99 6.59 -4.62 -9.11
C ARG A 99 5.09 -4.37 -9.18
N VAL A 100 4.66 -3.11 -9.22
CA VAL A 100 3.25 -2.72 -9.41
C VAL A 100 2.79 -2.67 -10.87
N ASP A 101 1.52 -2.99 -11.13
CA ASP A 101 0.91 -2.92 -12.46
C ASP A 101 0.56 -1.51 -12.97
N SER A 102 0.23 -0.59 -12.05
CA SER A 102 -0.05 0.83 -12.32
C SER A 102 1.19 1.64 -12.74
N SER A 103 1.00 2.93 -13.04
CA SER A 103 2.04 3.96 -12.96
C SER A 103 2.85 3.83 -11.66
N GLY A 104 4.15 3.57 -11.77
CA GLY A 104 5.01 3.23 -10.64
C GLY A 104 6.35 2.65 -11.05
N ASP A 105 7.23 2.51 -10.06
CA ASP A 105 8.60 2.02 -10.19
C ASP A 105 8.97 1.35 -8.85
N THR A 106 10.16 0.76 -8.77
CA THR A 106 10.76 0.28 -7.51
C THR A 106 11.28 1.38 -6.58
N LYS A 107 11.31 2.63 -7.07
CA LYS A 107 11.72 3.85 -6.34
C LYS A 107 10.60 4.90 -6.31
N ILE A 108 10.43 5.55 -5.17
CA ILE A 108 9.79 6.87 -5.07
C ILE A 108 10.76 7.94 -5.60
N ALA A 109 10.24 9.00 -6.24
CA ALA A 109 11.03 10.10 -6.78
C ALA A 109 11.29 11.21 -5.74
N THR A 110 10.30 11.57 -4.93
CA THR A 110 10.32 12.72 -4.00
C THR A 110 9.42 12.45 -2.79
N ARG A 111 9.65 13.18 -1.68
CA ARG A 111 8.79 13.20 -0.47
C ARG A 111 8.43 14.64 -0.08
N GLU A 112 7.18 14.85 0.31
CA GLU A 112 6.56 16.13 0.67
C GLU A 112 5.44 15.90 1.71
N TYR A 113 5.05 16.94 2.44
CA TYR A 113 3.90 16.92 3.37
C TYR A 113 2.61 17.58 2.90
N THR A 114 1.47 17.23 3.52
CA THR A 114 0.11 17.61 3.07
C THR A 114 -0.95 17.91 4.13
N GLY A 115 -0.64 17.72 5.42
CA GLY A 115 -1.57 17.88 6.54
C GLY A 115 -2.24 16.56 6.96
N SER A 116 -3.07 16.65 8.01
CA SER A 116 -3.82 15.51 8.52
C SER A 116 -5.00 15.09 7.63
N GLU A 117 -5.22 13.78 7.52
CA GLU A 117 -6.35 13.15 6.83
C GLU A 117 -6.87 11.94 7.62
N ASP A 118 -8.12 11.55 7.36
CA ASP A 118 -8.64 10.23 7.73
C ASP A 118 -7.88 9.06 7.10
N VAL A 119 -7.62 8.02 7.88
CA VAL A 119 -6.77 6.90 7.46
C VAL A 119 -7.38 5.55 7.82
N TYR A 120 -7.07 4.55 6.99
CA TYR A 120 -7.56 3.17 7.00
C TYR A 120 -6.50 2.08 6.81
N ASP A 121 -6.74 0.87 7.31
CA ASP A 121 -5.74 -0.19 7.44
C ASP A 121 -6.27 -1.62 7.22
N ILE A 122 -5.59 -2.44 6.41
CA ILE A 122 -6.11 -3.74 5.93
C ILE A 122 -5.05 -4.83 5.76
N GLY A 123 -5.49 -6.10 5.80
CA GLY A 123 -4.61 -7.27 5.73
C GLY A 123 -5.34 -8.55 5.34
N VAL A 124 -4.58 -9.64 5.23
CA VAL A 124 -5.05 -10.95 4.78
C VAL A 124 -4.40 -12.14 5.48
N GLU A 125 -5.19 -13.16 5.82
CA GLU A 125 -4.78 -14.28 6.69
C GLU A 125 -3.68 -15.18 6.07
N SER A 126 -3.71 -15.43 4.76
CA SER A 126 -2.71 -16.26 4.07
C SER A 126 -1.36 -15.55 3.86
N ASP A 127 -1.38 -14.35 3.27
CA ASP A 127 -0.18 -13.68 2.73
C ASP A 127 0.06 -12.21 3.11
N HIS A 128 -0.91 -11.59 3.77
CA HIS A 128 -0.89 -10.26 4.38
C HIS A 128 -0.17 -9.15 3.57
N ASN A 129 -0.50 -9.00 2.28
CA ASN A 129 -0.08 -7.83 1.50
C ASN A 129 -1.13 -7.28 0.52
N PHE A 130 -1.71 -6.11 0.81
CA PHE A 130 -2.44 -5.30 -0.17
C PHE A 130 -1.57 -4.53 -1.19
N ALA A 131 -1.75 -4.81 -2.49
CA ALA A 131 -1.31 -3.91 -3.56
C ALA A 131 -2.27 -2.71 -3.76
N LEU A 132 -1.71 -1.54 -4.01
CA LEU A 132 -2.43 -0.26 -4.09
C LEU A 132 -2.23 0.39 -5.47
N SER A 133 -3.31 0.90 -6.06
CA SER A 133 -3.33 1.57 -7.36
C SER A 133 -2.56 2.89 -7.31
N ASP A 134 -1.71 3.13 -8.32
CA ASP A 134 -0.71 4.20 -8.27
C ASP A 134 0.14 4.23 -6.99
N GLY A 135 0.53 3.05 -6.50
CA GLY A 135 0.98 2.89 -5.13
C GLY A 135 1.92 1.72 -4.88
N PHE A 136 2.34 1.61 -3.62
CA PHE A 136 3.23 0.59 -3.09
C PHE A 136 2.53 -0.58 -2.39
N ILE A 137 3.14 -1.77 -2.36
CA ILE A 137 2.56 -2.97 -1.74
C ILE A 137 2.73 -2.92 -0.21
N ALA A 138 1.63 -2.68 0.50
CA ALA A 138 1.60 -2.55 1.95
C ALA A 138 1.86 -3.89 2.68
N SER A 139 2.43 -3.85 3.89
CA SER A 139 2.88 -5.05 4.60
C SER A 139 2.68 -4.99 6.13
N ASN A 140 2.75 -6.16 6.77
CA ASN A 140 2.93 -6.45 8.20
C ASN A 140 2.16 -5.54 9.18
N SER A 1 3.48 6.27 16.61
CA SER A 1 2.07 6.11 16.20
C SER A 1 1.93 4.92 15.25
N GLY A 2 0.77 4.26 15.24
CA GLY A 2 0.48 3.19 14.28
C GLY A 2 0.40 3.69 12.84
N GLY A 3 0.94 2.93 11.87
CA GLY A 3 1.03 3.34 10.49
C GLY A 3 -0.23 2.96 9.69
N ALA A 4 -0.67 3.86 8.82
CA ALA A 4 -1.79 3.66 7.90
C ALA A 4 -1.62 4.42 6.56
N LEU A 5 -2.52 4.18 5.61
CA LEU A 5 -2.54 4.75 4.24
C LEU A 5 -3.66 5.79 4.09
N SER A 6 -3.55 6.72 3.13
CA SER A 6 -4.58 7.77 2.94
C SER A 6 -5.94 7.20 2.50
N TYR A 7 -7.02 7.84 2.96
CA TYR A 7 -8.41 7.62 2.52
C TYR A 7 -8.67 7.63 1.01
N ASP A 8 -7.90 8.43 0.23
CA ASP A 8 -8.03 8.48 -1.23
C ASP A 8 -7.22 7.43 -2.01
N THR A 9 -6.60 6.49 -1.29
CA THR A 9 -5.83 5.37 -1.86
C THR A 9 -6.67 4.23 -2.42
N GLU A 10 -6.62 4.04 -3.74
CA GLU A 10 -7.35 2.99 -4.46
C GLU A 10 -6.59 1.65 -4.41
N ILE A 11 -7.33 0.57 -4.18
CA ILE A 11 -6.80 -0.79 -4.05
C ILE A 11 -6.51 -1.40 -5.43
N LEU A 12 -5.52 -2.30 -5.54
CA LEU A 12 -5.37 -3.14 -6.73
C LEU A 12 -6.30 -4.37 -6.63
N THR A 13 -7.41 -4.38 -7.37
CA THR A 13 -8.52 -5.34 -7.19
C THR A 13 -9.18 -5.72 -8.51
N THR A 14 -9.39 -7.02 -8.67
CA THR A 14 -10.09 -7.60 -9.83
C THR A 14 -11.61 -7.54 -9.83
N GLU A 15 -12.23 -6.92 -8.81
CA GLU A 15 -13.68 -6.66 -8.81
C GLU A 15 -14.05 -5.58 -9.86
N TYR A 16 -13.27 -4.49 -9.90
CA TYR A 16 -13.52 -3.27 -10.68
C TYR A 16 -12.26 -2.40 -10.89
N GLY A 17 -11.38 -2.39 -9.88
CA GLY A 17 -10.15 -1.61 -9.78
C GLY A 17 -10.33 -0.34 -8.94
N LEU A 18 -11.38 0.43 -9.22
CA LEU A 18 -11.55 1.80 -8.72
C LEU A 18 -12.25 1.85 -7.35
N LEU A 19 -11.66 1.17 -6.35
CA LEU A 19 -12.21 1.04 -5.00
C LEU A 19 -11.23 1.64 -3.96
N PRO A 20 -11.56 2.75 -3.29
CA PRO A 20 -10.71 3.35 -2.26
C PRO A 20 -10.73 2.54 -0.96
N ILE A 21 -9.57 2.49 -0.28
CA ILE A 21 -9.33 1.68 0.92
C ILE A 21 -10.34 1.99 2.06
N GLY A 22 -10.77 3.24 2.18
CA GLY A 22 -11.77 3.67 3.17
C GLY A 22 -13.19 3.18 2.87
N ASP A 23 -13.53 2.82 1.63
CA ASP A 23 -14.84 2.20 1.31
C ASP A 23 -14.84 0.73 1.74
N ILE A 24 -13.73 0.02 1.52
CA ILE A 24 -13.55 -1.40 1.86
C ILE A 24 -13.66 -1.64 3.37
N VAL A 25 -12.89 -0.89 4.18
CA VAL A 25 -12.85 -1.06 5.65
C VAL A 25 -14.22 -0.76 6.25
N GLU A 26 -14.85 0.35 5.88
CA GLU A 26 -16.18 0.76 6.39
C GLU A 26 -17.31 -0.17 5.91
N SER A 27 -17.12 -0.90 4.82
CA SER A 27 -18.06 -1.91 4.32
C SER A 27 -17.99 -3.27 5.03
N GLU A 28 -16.86 -3.60 5.68
CA GLU A 28 -16.53 -4.94 6.20
C GLU A 28 -16.58 -6.06 5.12
N THR A 29 -16.26 -5.68 3.87
CA THR A 29 -16.36 -6.51 2.65
C THR A 29 -15.19 -7.47 2.39
N GLU A 30 -15.28 -8.28 1.33
CA GLU A 30 -14.31 -9.31 0.93
C GLU A 30 -14.01 -9.33 -0.58
N CYS A 31 -13.93 -8.16 -1.21
CA CYS A 31 -13.51 -8.00 -2.62
C CYS A 31 -12.08 -8.56 -2.83
N THR A 32 -11.84 -9.25 -3.96
CA THR A 32 -10.55 -9.87 -4.28
C THR A 32 -9.51 -8.77 -4.52
N VAL A 33 -8.55 -8.65 -3.61
CA VAL A 33 -7.28 -7.93 -3.76
C VAL A 33 -6.23 -8.77 -4.47
N TYR A 34 -5.24 -8.10 -5.04
CA TYR A 34 -3.96 -8.69 -5.41
C TYR A 34 -2.93 -8.78 -4.28
N SER A 35 -2.16 -9.88 -4.22
CA SER A 35 -1.08 -10.09 -3.23
C SER A 35 0.02 -10.99 -3.80
N VAL A 36 1.14 -11.13 -3.07
CA VAL A 36 2.24 -12.04 -3.45
C VAL A 36 2.44 -13.21 -2.49
N ASP A 37 3.00 -14.31 -2.99
CA ASP A 37 3.44 -15.45 -2.18
C ASP A 37 4.89 -15.22 -1.70
N SER A 38 5.47 -16.23 -1.05
CA SER A 38 6.82 -16.18 -0.48
C SER A 38 7.97 -15.92 -1.48
N ASP A 39 7.80 -16.15 -2.79
CA ASP A 39 8.74 -15.73 -3.84
C ASP A 39 8.64 -14.25 -4.27
N GLY A 40 7.44 -13.68 -4.13
CA GLY A 40 7.00 -12.48 -4.81
C GLY A 40 6.17 -12.75 -6.09
N SER A 41 5.74 -14.00 -6.30
CA SER A 41 4.81 -14.37 -7.38
C SER A 41 3.36 -14.00 -7.03
N THR A 42 2.62 -13.45 -7.99
CA THR A 42 1.28 -12.85 -7.78
C THR A 42 0.08 -13.79 -7.69
N TYR A 43 -0.87 -13.45 -6.80
CA TYR A 43 -2.12 -14.16 -6.48
C TYR A 43 -3.29 -13.21 -6.13
N THR A 44 -4.50 -13.74 -5.91
CA THR A 44 -5.69 -12.96 -5.51
C THR A 44 -6.28 -13.59 -4.25
N GLN A 45 -6.93 -12.76 -3.41
CA GLN A 45 -7.70 -13.19 -2.24
C GLN A 45 -8.69 -12.09 -1.83
N GLY A 46 -9.90 -12.42 -1.37
CA GLY A 46 -10.81 -11.46 -0.76
C GLY A 46 -10.26 -10.93 0.57
N VAL A 47 -10.37 -9.61 0.77
CA VAL A 47 -9.96 -8.93 2.03
C VAL A 47 -10.59 -9.59 3.26
N ALA A 48 -9.82 -9.73 4.34
CA ALA A 48 -10.24 -10.39 5.59
C ALA A 48 -9.89 -9.58 6.86
N GLU A 49 -8.84 -8.76 6.83
CA GLU A 49 -8.38 -7.90 7.93
C GLU A 49 -8.66 -6.42 7.60
N TRP A 50 -9.01 -5.61 8.61
CA TRP A 50 -9.41 -4.20 8.43
C TRP A 50 -9.26 -3.32 9.68
N HIS A 51 -8.83 -2.07 9.47
CA HIS A 51 -8.59 -1.06 10.51
C HIS A 51 -8.64 0.37 9.91
N ASP A 52 -8.95 1.37 10.74
CA ASP A 52 -8.82 2.78 10.40
C ASP A 52 -8.22 3.48 11.63
N ARG A 53 -7.19 4.30 11.43
CA ARG A 53 -6.43 4.90 12.56
C ARG A 53 -6.93 6.29 12.97
N GLY A 54 -7.98 6.80 12.35
CA GLY A 54 -8.44 8.18 12.57
C GLY A 54 -7.79 9.13 11.57
N GLU A 55 -7.31 10.29 12.02
CA GLU A 55 -6.63 11.31 11.22
C GLU A 55 -5.14 11.48 11.62
N GLN A 56 -4.23 11.38 10.64
CA GLN A 56 -2.76 11.41 10.81
C GLN A 56 -2.03 12.14 9.68
N GLU A 57 -0.78 12.56 9.93
CA GLU A 57 0.10 13.26 8.96
C GLU A 57 0.44 12.39 7.73
N VAL A 58 0.05 12.82 6.53
CA VAL A 58 0.38 12.18 5.26
C VAL A 58 1.66 12.71 4.60
N PHE A 59 2.54 11.79 4.22
CA PHE A 59 3.56 11.97 3.20
C PHE A 59 3.17 11.50 1.80
N GLU A 60 3.40 12.32 0.78
CA GLU A 60 3.27 11.93 -0.62
C GLU A 60 4.61 11.46 -1.17
N TYR A 61 4.76 10.14 -1.36
CA TYR A 61 5.91 9.53 -2.02
C TYR A 61 5.73 9.51 -3.54
N CYS A 62 6.68 10.07 -4.29
CA CYS A 62 6.60 10.21 -5.73
C CYS A 62 7.61 9.31 -6.47
N LEU A 63 7.15 8.70 -7.55
CA LEU A 63 7.96 7.90 -8.48
C LEU A 63 8.43 8.77 -9.65
N GLU A 64 9.52 8.40 -10.33
CA GLU A 64 10.09 9.21 -11.41
C GLU A 64 9.12 9.46 -12.57
N ASP A 65 8.21 8.51 -12.77
CA ASP A 65 7.19 8.48 -13.81
C ASP A 65 5.99 9.42 -13.66
N GLY A 66 5.79 10.00 -12.46
CA GLY A 66 4.60 10.77 -12.09
C GLY A 66 3.52 9.97 -11.34
N SER A 67 3.79 8.70 -11.04
CA SER A 67 3.04 7.85 -10.11
C SER A 67 3.28 8.20 -8.63
N THR A 68 2.40 7.75 -7.73
CA THR A 68 2.32 8.17 -6.31
C THR A 68 2.00 7.10 -5.28
N ILE A 69 2.44 7.31 -4.03
CA ILE A 69 2.10 6.54 -2.83
C ILE A 69 1.82 7.53 -1.68
N ARG A 70 0.57 7.69 -1.25
CA ARG A 70 0.18 8.65 -0.19
C ARG A 70 -0.07 7.92 1.14
N ALA A 71 0.86 8.06 2.09
CA ALA A 71 0.89 7.24 3.30
C ALA A 71 1.46 7.98 4.51
N THR A 72 1.14 7.48 5.71
CA THR A 72 1.97 7.76 6.89
C THR A 72 3.34 7.06 6.79
N LYS A 73 4.41 7.71 7.27
CA LYS A 73 5.79 7.20 7.16
C LYS A 73 6.04 5.93 8.01
N ASP A 74 5.23 5.71 9.04
CA ASP A 74 5.28 4.55 9.94
C ASP A 74 4.65 3.24 9.44
N HIS A 75 4.00 3.21 8.27
CA HIS A 75 3.30 2.02 7.78
C HIS A 75 4.25 1.05 7.08
N LYS A 76 3.97 -0.26 7.20
CA LYS A 76 4.91 -1.32 6.85
C LYS A 76 4.70 -1.87 5.44
N PHE A 77 5.82 -2.18 4.78
CA PHE A 77 5.93 -2.55 3.37
C PHE A 77 6.92 -3.71 3.14
N MET A 78 7.13 -4.14 1.89
CA MET A 78 8.34 -4.87 1.52
C MET A 78 8.83 -4.57 0.09
N THR A 79 10.14 -4.74 -0.11
CA THR A 79 10.82 -4.47 -1.38
C THR A 79 10.69 -5.62 -2.38
N THR A 80 10.98 -5.35 -3.66
CA THR A 80 11.10 -6.39 -4.71
C THR A 80 12.21 -7.41 -4.39
N ASP A 81 13.19 -6.97 -3.62
CA ASP A 81 14.29 -7.75 -3.02
C ASP A 81 13.88 -8.62 -1.81
N GLY A 82 12.68 -8.40 -1.23
CA GLY A 82 12.13 -9.22 -0.15
C GLY A 82 12.51 -8.74 1.25
N GLU A 83 12.90 -7.47 1.39
CA GLU A 83 13.24 -6.85 2.67
C GLU A 83 11.97 -6.25 3.32
N MET A 84 11.67 -6.64 4.56
CA MET A 84 10.49 -6.19 5.31
C MET A 84 10.79 -4.89 6.07
N LEU A 85 10.22 -3.75 5.65
CA LEU A 85 10.54 -2.42 6.21
C LEU A 85 9.39 -1.39 6.10
N PRO A 86 9.38 -0.34 6.95
CA PRO A 86 8.51 0.83 6.77
C PRO A 86 8.93 1.68 5.55
N ILE A 87 7.96 2.42 4.99
CA ILE A 87 8.18 3.30 3.84
C ILE A 87 9.26 4.37 4.12
N ASP A 88 9.38 4.81 5.37
CA ASP A 88 10.40 5.76 5.81
C ASP A 88 11.84 5.26 5.60
N GLU A 89 12.08 3.97 5.88
CA GLU A 89 13.40 3.34 5.77
C GLU A 89 13.70 2.94 4.32
N ILE A 90 12.69 2.41 3.60
CA ILE A 90 12.75 2.17 2.15
C ILE A 90 13.13 3.46 1.40
N PHE A 91 12.56 4.60 1.78
CA PHE A 91 12.92 5.89 1.21
C PHE A 91 14.36 6.36 1.44
N GLU A 92 14.84 6.36 2.70
CA GLU A 92 16.19 6.85 3.02
C GLU A 92 17.30 5.86 2.62
N SER A 93 17.01 4.56 2.62
CA SER A 93 17.89 3.50 2.12
C SER A 93 17.81 3.33 0.60
N GLU A 94 16.92 4.06 -0.08
CA GLU A 94 16.75 4.14 -1.55
C GLU A 94 16.40 2.76 -2.14
N LEU A 95 15.48 2.06 -1.49
CA LEU A 95 15.09 0.70 -1.85
C LEU A 95 14.00 0.65 -2.92
N ASP A 96 14.02 -0.40 -3.75
CA ASP A 96 13.01 -0.68 -4.75
C ASP A 96 11.75 -1.38 -4.19
N LEU A 97 10.58 -0.77 -4.33
CA LEU A 97 9.33 -1.38 -3.86
C LEU A 97 8.97 -2.63 -4.70
N MET A 98 8.28 -3.60 -4.09
CA MET A 98 7.72 -4.75 -4.80
C MET A 98 6.70 -4.32 -5.88
N ARG A 99 6.60 -5.05 -6.99
CA ARG A 99 5.65 -4.76 -8.08
C ARG A 99 4.89 -5.96 -8.66
N VAL A 100 3.82 -5.65 -9.38
CA VAL A 100 3.10 -6.52 -10.34
C VAL A 100 3.61 -6.30 -11.77
N ASP A 101 3.18 -7.09 -12.76
CA ASP A 101 3.61 -6.91 -14.17
C ASP A 101 3.32 -5.54 -14.78
N SER A 102 2.18 -4.95 -14.40
CA SER A 102 1.74 -3.60 -14.80
C SER A 102 2.53 -2.45 -14.12
N SER A 103 3.58 -2.76 -13.35
CA SER A 103 4.43 -1.76 -12.67
C SER A 103 5.91 -2.18 -12.69
N GLY A 104 6.80 -1.22 -12.45
CA GLY A 104 8.25 -1.37 -12.66
C GLY A 104 9.10 -0.13 -12.36
N ASP A 105 8.50 1.05 -12.17
CA ASP A 105 9.18 2.29 -11.75
C ASP A 105 9.51 2.33 -10.24
N THR A 106 10.10 1.24 -9.74
CA THR A 106 10.11 0.80 -8.33
C THR A 106 10.98 1.66 -7.41
N LYS A 107 11.93 2.46 -7.92
CA LYS A 107 12.82 3.29 -7.10
C LYS A 107 12.15 4.64 -6.79
N ILE A 108 11.70 4.84 -5.56
CA ILE A 108 11.01 6.07 -5.12
C ILE A 108 11.93 7.30 -5.27
N ALA A 109 11.46 8.32 -5.99
CA ALA A 109 12.23 9.49 -6.37
C ALA A 109 12.19 10.62 -5.32
N THR A 110 11.04 10.82 -4.67
CA THR A 110 10.76 11.99 -3.81
C THR A 110 9.78 11.71 -2.66
N ARG A 111 9.80 12.51 -1.57
CA ARG A 111 8.68 12.59 -0.62
C ARG A 111 8.38 14.02 -0.18
N GLU A 112 7.15 14.28 0.25
CA GLU A 112 6.70 15.59 0.75
C GLU A 112 5.59 15.43 1.80
N TYR A 113 5.73 16.01 3.00
CA TYR A 113 4.59 16.22 3.90
C TYR A 113 3.59 17.25 3.43
N THR A 114 2.29 16.94 3.58
CA THR A 114 1.26 17.82 3.02
C THR A 114 -0.02 18.08 3.81
N GLY A 115 -0.07 17.63 5.06
CA GLY A 115 -1.20 17.80 5.97
C GLY A 115 -1.59 16.53 6.71
N SER A 116 -2.59 16.62 7.60
CA SER A 116 -3.24 15.43 8.19
C SER A 116 -4.54 15.04 7.47
N GLU A 117 -4.74 13.73 7.28
CA GLU A 117 -5.87 13.11 6.56
C GLU A 117 -6.47 11.93 7.32
N ASP A 118 -7.72 11.56 7.03
CA ASP A 118 -8.24 10.23 7.41
C ASP A 118 -7.44 9.06 6.80
N VAL A 119 -7.12 8.06 7.62
CA VAL A 119 -6.18 6.98 7.26
C VAL A 119 -6.70 5.59 7.64
N TYR A 120 -6.29 4.59 6.84
CA TYR A 120 -6.86 3.25 6.70
C TYR A 120 -5.87 2.08 6.46
N ASP A 121 -6.26 0.83 6.77
CA ASP A 121 -5.37 -0.35 6.78
C ASP A 121 -6.10 -1.72 6.61
N ILE A 122 -5.56 -2.70 5.84
CA ILE A 122 -6.21 -4.00 5.50
C ILE A 122 -5.29 -5.25 5.56
N GLY A 123 -5.70 -6.41 5.02
CA GLY A 123 -4.90 -7.65 4.99
C GLY A 123 -5.71 -8.89 4.59
N VAL A 124 -5.02 -10.02 4.35
CA VAL A 124 -5.60 -11.29 3.89
C VAL A 124 -4.87 -12.53 4.42
N GLU A 125 -5.61 -13.64 4.58
CA GLU A 125 -5.22 -14.82 5.36
C GLU A 125 -4.05 -15.65 4.76
N SER A 126 -3.82 -15.63 3.45
CA SER A 126 -2.74 -16.40 2.79
C SER A 126 -1.33 -15.88 3.14
N ASP A 127 -1.16 -14.55 3.14
CA ASP A 127 0.15 -13.88 3.13
C ASP A 127 0.23 -12.49 3.80
N HIS A 128 -0.92 -11.92 4.15
CA HIS A 128 -1.10 -10.67 4.89
C HIS A 128 -0.45 -9.40 4.28
N ASN A 129 -0.13 -9.42 2.98
CA ASN A 129 0.22 -8.26 2.18
C ASN A 129 -0.94 -7.90 1.24
N PHE A 130 -1.07 -6.62 0.88
CA PHE A 130 -2.13 -6.11 0.00
C PHE A 130 -1.60 -5.10 -1.03
N ALA A 131 -1.99 -5.25 -2.30
CA ALA A 131 -1.55 -4.37 -3.39
C ALA A 131 -2.45 -3.12 -3.57
N LEU A 132 -1.81 -2.02 -3.97
CA LEU A 132 -2.43 -0.71 -4.20
C LEU A 132 -2.28 -0.26 -5.66
N SER A 133 -3.14 0.66 -6.08
CA SER A 133 -3.01 1.42 -7.34
C SER A 133 -1.65 2.12 -7.47
N ASP A 134 -1.24 2.34 -8.72
CA ASP A 134 0.16 2.53 -9.15
C ASP A 134 1.11 1.31 -9.02
N GLY A 135 0.60 0.23 -8.42
CA GLY A 135 1.13 -1.14 -8.49
C GLY A 135 2.06 -1.57 -7.35
N PHE A 136 1.87 -1.07 -6.12
CA PHE A 136 2.80 -1.22 -4.98
C PHE A 136 2.20 -1.90 -3.73
N ILE A 137 2.99 -2.59 -2.90
CA ILE A 137 2.50 -3.56 -1.89
C ILE A 137 2.84 -3.20 -0.43
N ALA A 138 1.81 -2.84 0.31
CA ALA A 138 1.82 -2.68 1.78
C ALA A 138 1.56 -4.01 2.51
N SER A 139 1.85 -4.09 3.82
CA SER A 139 1.70 -5.35 4.58
C SER A 139 1.50 -5.21 6.09
N ASN A 140 0.83 -6.21 6.66
CA ASN A 140 0.87 -6.54 8.09
C ASN A 140 2.30 -6.93 8.50
N SER A 1 3.16 6.27 16.18
CA SER A 1 1.78 5.80 15.99
C SER A 1 1.75 4.43 15.32
N GLY A 2 0.65 3.69 15.46
CA GLY A 2 0.31 2.58 14.56
C GLY A 2 -0.05 3.09 13.15
N GLY A 3 0.39 2.38 12.10
CA GLY A 3 0.35 2.87 10.73
C GLY A 3 -0.95 2.57 10.00
N ALA A 4 -1.20 3.37 8.96
CA ALA A 4 -2.31 3.26 8.04
C ALA A 4 -2.00 3.92 6.68
N LEU A 5 -2.85 3.69 5.68
CA LEU A 5 -2.84 4.33 4.35
C LEU A 5 -3.79 5.54 4.33
N SER A 6 -3.65 6.45 3.36
CA SER A 6 -4.59 7.57 3.21
C SER A 6 -6.01 7.10 2.84
N TYR A 7 -7.04 7.80 3.32
CA TYR A 7 -8.44 7.65 2.90
C TYR A 7 -8.74 7.71 1.39
N ASP A 8 -7.89 8.40 0.61
CA ASP A 8 -8.07 8.53 -0.84
C ASP A 8 -7.51 7.32 -1.62
N THR A 9 -6.76 6.43 -0.94
CA THR A 9 -6.04 5.30 -1.55
C THR A 9 -6.89 4.27 -2.28
N GLU A 10 -6.46 3.83 -3.46
CA GLU A 10 -7.22 2.94 -4.35
C GLU A 10 -6.52 1.58 -4.51
N ILE A 11 -7.29 0.50 -4.32
CA ILE A 11 -6.82 -0.89 -4.33
C ILE A 11 -6.74 -1.42 -5.79
N LEU A 12 -5.76 -2.26 -6.09
CA LEU A 12 -5.72 -3.03 -7.33
C LEU A 12 -6.57 -4.32 -7.21
N THR A 13 -7.67 -4.40 -7.97
CA THR A 13 -8.65 -5.50 -7.84
C THR A 13 -9.12 -6.02 -9.19
N THR A 14 -9.44 -7.32 -9.24
CA THR A 14 -10.12 -7.98 -10.37
C THR A 14 -11.64 -7.74 -10.44
N GLU A 15 -12.27 -7.30 -9.34
CA GLU A 15 -13.73 -7.16 -9.25
C GLU A 15 -14.29 -5.95 -10.02
N TYR A 16 -13.59 -4.81 -9.98
CA TYR A 16 -13.96 -3.55 -10.67
C TYR A 16 -12.79 -2.82 -11.35
N GLY A 17 -11.56 -3.30 -11.18
CA GLY A 17 -10.32 -2.55 -11.43
C GLY A 17 -10.00 -1.58 -10.28
N LEU A 18 -10.93 -0.69 -9.92
CA LEU A 18 -10.75 0.41 -8.96
C LEU A 18 -11.72 0.30 -7.77
N LEU A 19 -11.22 0.51 -6.55
CA LEU A 19 -12.03 0.71 -5.34
C LEU A 19 -11.20 1.52 -4.31
N PRO A 20 -11.75 2.58 -3.69
CA PRO A 20 -11.05 3.31 -2.63
C PRO A 20 -11.11 2.54 -1.30
N ILE A 21 -10.03 2.59 -0.52
CA ILE A 21 -9.86 1.89 0.76
C ILE A 21 -10.91 2.35 1.79
N GLY A 22 -11.35 3.62 1.70
CA GLY A 22 -12.45 4.19 2.48
C GLY A 22 -13.83 3.62 2.14
N ASP A 23 -14.05 3.08 0.93
CA ASP A 23 -15.22 2.24 0.65
C ASP A 23 -15.15 0.84 1.27
N ILE A 24 -13.96 0.21 1.25
CA ILE A 24 -13.77 -1.18 1.73
C ILE A 24 -14.09 -1.33 3.22
N VAL A 25 -13.45 -0.52 4.07
CA VAL A 25 -13.56 -0.64 5.54
C VAL A 25 -14.94 -0.22 6.04
N GLU A 26 -15.51 0.85 5.50
CA GLU A 26 -16.85 1.32 5.88
C GLU A 26 -17.97 0.35 5.48
N SER A 27 -17.80 -0.34 4.35
CA SER A 27 -18.72 -1.38 3.86
C SER A 27 -18.39 -2.78 4.43
N GLU A 28 -17.26 -2.94 5.13
CA GLU A 28 -16.67 -4.20 5.64
C GLU A 28 -16.64 -5.36 4.61
N THR A 29 -16.43 -5.01 3.33
CA THR A 29 -16.43 -5.93 2.18
C THR A 29 -15.10 -6.65 1.94
N GLU A 30 -15.17 -7.74 1.18
CA GLU A 30 -14.15 -8.79 1.01
C GLU A 30 -13.59 -8.89 -0.41
N CYS A 31 -13.59 -7.79 -1.16
CA CYS A 31 -13.23 -7.79 -2.58
C CYS A 31 -11.79 -8.25 -2.84
N THR A 32 -11.62 -9.17 -3.79
CA THR A 32 -10.35 -9.80 -4.16
C THR A 32 -9.33 -8.78 -4.69
N VAL A 33 -8.27 -8.57 -3.90
CA VAL A 33 -7.07 -7.77 -4.21
C VAL A 33 -5.90 -8.72 -4.46
N TYR A 34 -4.92 -8.26 -5.24
CA TYR A 34 -3.72 -9.04 -5.55
C TYR A 34 -2.65 -9.02 -4.42
N SER A 35 -2.01 -10.17 -4.16
CA SER A 35 -0.84 -10.32 -3.27
C SER A 35 0.26 -11.16 -3.93
N VAL A 36 1.44 -11.22 -3.31
CA VAL A 36 2.67 -11.73 -3.95
C VAL A 36 3.66 -12.40 -2.99
N ASP A 37 4.48 -13.32 -3.51
CA ASP A 37 5.57 -14.00 -2.76
C ASP A 37 6.96 -13.39 -3.03
N SER A 38 8.02 -13.99 -2.47
CA SER A 38 9.39 -13.50 -2.56
C SER A 38 9.94 -13.47 -4.00
N ASP A 39 9.56 -14.44 -4.84
CA ASP A 39 9.90 -14.52 -6.27
C ASP A 39 9.03 -13.67 -7.23
N GLY A 40 8.03 -12.96 -6.70
CA GLY A 40 7.19 -12.06 -7.47
C GLY A 40 6.00 -12.73 -8.15
N SER A 41 5.57 -13.90 -7.68
CA SER A 41 4.44 -14.65 -8.24
C SER A 41 3.14 -14.10 -7.66
N THR A 42 2.16 -13.76 -8.51
CA THR A 42 0.87 -13.20 -8.09
C THR A 42 -0.21 -14.20 -7.68
N TYR A 43 -0.97 -13.87 -6.64
CA TYR A 43 -2.13 -14.62 -6.12
C TYR A 43 -3.23 -13.58 -5.81
N THR A 44 -4.47 -14.04 -5.62
CA THR A 44 -5.62 -13.20 -5.28
C THR A 44 -6.27 -13.49 -3.91
N GLN A 45 -6.64 -12.44 -3.16
CA GLN A 45 -7.04 -12.48 -1.75
C GLN A 45 -8.22 -11.54 -1.49
N GLY A 46 -9.35 -12.11 -1.11
CA GLY A 46 -10.48 -11.35 -0.60
C GLY A 46 -10.27 -10.94 0.85
N VAL A 47 -10.45 -9.64 1.13
CA VAL A 47 -10.16 -8.98 2.42
C VAL A 47 -10.79 -9.69 3.63
N ALA A 48 -9.99 -9.82 4.71
CA ALA A 48 -10.38 -10.47 5.97
C ALA A 48 -9.99 -9.68 7.24
N GLU A 49 -9.36 -8.52 7.11
CA GLU A 49 -9.07 -7.56 8.18
C GLU A 49 -9.38 -6.14 7.69
N TRP A 50 -9.97 -5.32 8.56
CA TRP A 50 -10.36 -3.94 8.29
C TRP A 50 -10.04 -3.07 9.52
N HIS A 51 -9.58 -1.85 9.33
CA HIS A 51 -9.24 -0.91 10.39
C HIS A 51 -9.36 0.56 9.93
N ASP A 52 -9.69 1.43 10.90
CA ASP A 52 -9.86 2.88 10.75
C ASP A 52 -9.13 3.62 11.87
N ARG A 53 -7.96 4.18 11.54
CA ARG A 53 -6.94 4.63 12.50
C ARG A 53 -7.13 6.08 12.96
N GLY A 54 -7.99 6.86 12.31
CA GLY A 54 -8.32 8.23 12.67
C GLY A 54 -7.65 9.26 11.78
N GLU A 55 -7.09 10.31 12.38
CA GLU A 55 -6.36 11.39 11.72
C GLU A 55 -4.86 11.27 12.02
N GLN A 56 -4.00 11.12 11.01
CA GLN A 56 -2.55 10.90 11.19
C GLN A 56 -1.71 11.56 10.08
N GLU A 57 -0.43 11.85 10.36
CA GLU A 57 0.49 12.50 9.42
C GLU A 57 0.74 11.68 8.16
N VAL A 58 0.24 12.14 7.02
CA VAL A 58 0.54 11.55 5.71
C VAL A 58 1.88 12.00 5.13
N PHE A 59 2.58 11.10 4.45
CA PHE A 59 3.72 11.38 3.60
C PHE A 59 3.45 11.08 2.13
N GLU A 60 3.77 12.02 1.23
CA GLU A 60 3.57 11.89 -0.21
C GLU A 60 4.87 11.50 -0.91
N TYR A 61 5.09 10.21 -1.12
CA TYR A 61 6.26 9.66 -1.81
C TYR A 61 6.03 9.74 -3.32
N CYS A 62 6.94 10.38 -4.05
CA CYS A 62 6.90 10.44 -5.51
C CYS A 62 7.86 9.40 -6.10
N LEU A 63 7.47 8.77 -7.21
CA LEU A 63 8.25 7.74 -7.89
C LEU A 63 9.07 8.27 -9.07
N GLU A 64 10.05 7.45 -9.46
CA GLU A 64 10.79 7.53 -10.72
C GLU A 64 9.88 7.57 -11.96
N ASP A 65 8.64 7.06 -11.84
CA ASP A 65 7.61 7.16 -12.87
C ASP A 65 7.00 8.55 -13.14
N GLY A 66 6.99 9.44 -12.14
CA GLY A 66 6.03 10.54 -12.06
C GLY A 66 4.65 10.04 -11.60
N SER A 67 4.57 9.58 -10.35
CA SER A 67 3.40 8.98 -9.68
C SER A 67 3.51 9.12 -8.16
N THR A 68 2.41 9.02 -7.39
CA THR A 68 2.36 9.23 -5.93
C THR A 68 1.87 8.07 -5.04
N ILE A 69 2.51 7.90 -3.88
CA ILE A 69 2.07 7.07 -2.75
C ILE A 69 1.76 7.98 -1.55
N ARG A 70 0.64 7.75 -0.84
CA ARG A 70 0.15 8.59 0.27
C ARG A 70 -0.21 7.72 1.47
N ALA A 71 0.69 7.66 2.45
CA ALA A 71 0.56 6.78 3.63
C ALA A 71 1.19 7.40 4.87
N THR A 72 0.89 6.86 6.05
CA THR A 72 1.76 7.04 7.23
C THR A 72 3.16 6.50 6.95
N LYS A 73 4.17 6.99 7.67
CA LYS A 73 5.54 6.44 7.61
C LYS A 73 5.73 5.18 8.47
N ASP A 74 4.66 4.69 9.11
CA ASP A 74 4.70 3.81 10.28
C ASP A 74 4.56 2.29 10.10
N HIS A 75 4.08 1.79 8.95
CA HIS A 75 3.89 0.34 8.71
C HIS A 75 4.78 -0.21 7.58
N LYS A 76 5.01 -1.53 7.58
CA LYS A 76 5.93 -2.21 6.65
C LYS A 76 5.43 -2.27 5.20
N PHE A 77 6.35 -2.04 4.28
CA PHE A 77 6.33 -2.48 2.89
C PHE A 77 7.43 -3.56 2.68
N MET A 78 7.70 -3.99 1.44
CA MET A 78 8.92 -4.76 1.14
C MET A 78 9.42 -4.54 -0.28
N THR A 79 10.73 -4.68 -0.46
CA THR A 79 11.42 -4.50 -1.75
C THR A 79 11.31 -5.73 -2.65
N THR A 80 11.58 -5.57 -3.95
CA THR A 80 11.71 -6.70 -4.91
C THR A 80 12.88 -7.60 -4.50
N ASP A 81 13.87 -7.08 -3.78
CA ASP A 81 14.95 -7.83 -3.12
C ASP A 81 14.53 -8.66 -1.88
N GLY A 82 13.28 -8.54 -1.42
CA GLY A 82 12.71 -9.38 -0.36
C GLY A 82 13.06 -8.92 1.06
N GLU A 83 13.42 -7.65 1.22
CA GLU A 83 13.68 -7.02 2.51
C GLU A 83 12.41 -6.30 3.00
N MET A 84 11.88 -6.71 4.16
CA MET A 84 10.69 -6.08 4.77
C MET A 84 11.07 -4.82 5.53
N LEU A 85 10.58 -3.66 5.08
CA LEU A 85 10.94 -2.35 5.60
C LEU A 85 9.78 -1.35 5.41
N PRO A 86 9.56 -0.42 6.36
CA PRO A 86 8.56 0.62 6.19
C PRO A 86 8.89 1.56 5.03
N ILE A 87 7.87 2.26 4.54
CA ILE A 87 7.97 3.20 3.41
C ILE A 87 9.02 4.31 3.67
N ASP A 88 9.23 4.67 4.93
CA ASP A 88 10.32 5.54 5.37
C ASP A 88 11.71 5.01 5.03
N GLU A 89 11.94 3.71 5.25
CA GLU A 89 13.22 3.05 5.07
C GLU A 89 13.52 2.63 3.63
N ILE A 90 12.48 2.40 2.83
CA ILE A 90 12.56 2.37 1.36
C ILE A 90 12.92 3.77 0.82
N PHE A 91 12.40 4.86 1.42
CA PHE A 91 12.85 6.22 1.10
C PHE A 91 14.30 6.57 1.48
N GLU A 92 14.68 6.32 2.74
CA GLU A 92 16.00 6.67 3.29
C GLU A 92 17.17 5.91 2.63
N SER A 93 17.01 4.60 2.41
CA SER A 93 17.96 3.77 1.65
C SER A 93 17.71 3.75 0.14
N GLU A 94 16.71 4.49 -0.34
CA GLU A 94 16.46 4.75 -1.77
C GLU A 94 16.15 3.47 -2.59
N LEU A 95 15.40 2.56 -1.97
CA LEU A 95 15.17 1.19 -2.43
C LEU A 95 14.13 1.10 -3.55
N ASP A 96 14.25 0.04 -4.38
CA ASP A 96 13.17 -0.41 -5.25
C ASP A 96 12.08 -1.20 -4.51
N LEU A 97 10.84 -0.73 -4.58
CA LEU A 97 9.70 -1.48 -4.07
C LEU A 97 9.51 -2.80 -4.86
N MET A 98 8.85 -3.77 -4.27
CA MET A 98 8.28 -4.90 -5.00
C MET A 98 7.27 -4.42 -6.06
N ARG A 99 7.11 -5.17 -7.17
CA ARG A 99 6.08 -4.91 -8.19
C ARG A 99 5.20 -6.13 -8.47
N VAL A 100 3.99 -5.87 -8.96
CA VAL A 100 3.00 -6.87 -9.42
C VAL A 100 3.14 -7.23 -10.90
N ASP A 101 2.25 -8.05 -11.44
CA ASP A 101 2.13 -8.36 -12.88
C ASP A 101 1.60 -7.21 -13.77
N SER A 102 2.05 -5.98 -13.49
CA SER A 102 1.76 -4.73 -14.20
C SER A 102 2.97 -3.79 -14.07
N SER A 103 3.43 -3.17 -15.16
CA SER A 103 4.70 -2.43 -15.19
C SER A 103 4.63 -1.08 -14.45
N GLY A 104 5.78 -0.64 -13.94
CA GLY A 104 6.00 0.66 -13.29
C GLY A 104 7.39 0.73 -12.65
N ASP A 105 8.01 1.91 -12.64
CA ASP A 105 9.33 2.17 -12.06
C ASP A 105 9.28 2.20 -10.53
N THR A 106 9.99 1.27 -9.91
CA THR A 106 9.81 0.82 -8.51
C THR A 106 10.57 1.68 -7.50
N LYS A 107 11.56 2.47 -7.92
CA LYS A 107 12.35 3.33 -7.00
C LYS A 107 11.55 4.55 -6.53
N ILE A 108 11.52 4.79 -5.21
CA ILE A 108 11.05 6.05 -4.63
C ILE A 108 12.05 7.16 -4.93
N ALA A 109 11.58 8.24 -5.56
CA ALA A 109 12.41 9.36 -5.98
C ALA A 109 12.61 10.41 -4.87
N THR A 110 11.52 10.83 -4.21
CA THR A 110 11.49 11.88 -3.18
C THR A 110 10.25 11.66 -2.30
N ARG A 111 10.12 12.43 -1.20
CA ARG A 111 8.85 12.58 -0.49
C ARG A 111 8.59 14.02 -0.07
N GLU A 112 7.34 14.33 0.22
CA GLU A 112 6.89 15.58 0.85
C GLU A 112 6.02 15.23 2.06
N TYR A 113 6.30 15.84 3.22
CA TYR A 113 5.36 15.78 4.34
C TYR A 113 4.41 16.98 4.18
N THR A 114 3.13 16.79 4.50
CA THR A 114 2.04 17.68 4.05
C THR A 114 0.90 17.95 5.04
N GLY A 115 0.84 17.21 6.16
CA GLY A 115 -0.14 17.41 7.23
C GLY A 115 -0.97 16.16 7.56
N SER A 116 -1.63 16.21 8.72
CA SER A 116 -2.51 15.14 9.19
C SER A 116 -3.87 15.14 8.50
N GLU A 117 -4.35 13.94 8.15
CA GLU A 117 -5.62 13.71 7.45
C GLU A 117 -6.20 12.33 7.80
N ASP A 118 -7.43 12.05 7.35
CA ASP A 118 -8.09 10.75 7.53
C ASP A 118 -7.35 9.55 6.89
N VAL A 119 -7.24 8.46 7.65
CA VAL A 119 -6.48 7.24 7.29
C VAL A 119 -7.24 5.95 7.58
N TYR A 120 -6.92 4.91 6.81
CA TYR A 120 -7.58 3.58 6.75
C TYR A 120 -6.63 2.40 6.49
N ASP A 121 -7.03 1.16 6.83
CA ASP A 121 -6.17 -0.02 6.69
C ASP A 121 -6.90 -1.37 6.43
N ILE A 122 -6.37 -2.23 5.54
CA ILE A 122 -6.89 -3.58 5.25
C ILE A 122 -5.81 -4.68 5.18
N GLY A 123 -6.21 -5.94 5.42
CA GLY A 123 -5.33 -7.11 5.43
C GLY A 123 -6.04 -8.47 5.34
N VAL A 124 -5.29 -9.54 5.60
CA VAL A 124 -5.69 -10.95 5.48
C VAL A 124 -4.82 -11.79 6.44
N GLU A 125 -5.30 -12.97 6.85
CA GLU A 125 -4.67 -13.78 7.90
C GLU A 125 -3.46 -14.62 7.45
N SER A 126 -3.35 -14.94 6.15
CA SER A 126 -2.28 -15.77 5.59
C SER A 126 -0.98 -15.02 5.28
N ASP A 127 -1.05 -14.06 4.36
CA ASP A 127 0.08 -13.30 3.79
C ASP A 127 0.21 -11.84 4.23
N HIS A 128 -0.93 -11.19 4.43
CA HIS A 128 -1.07 -9.78 4.80
C HIS A 128 -0.19 -8.84 3.97
N ASN A 129 -0.30 -8.94 2.65
CA ASN A 129 0.21 -7.93 1.73
C ASN A 129 -0.83 -7.62 0.63
N PHE A 130 -1.00 -6.34 0.28
CA PHE A 130 -1.98 -5.83 -0.69
C PHE A 130 -1.43 -4.87 -1.73
N ALA A 131 -1.77 -5.05 -3.01
CA ALA A 131 -1.39 -4.14 -4.09
C ALA A 131 -2.29 -2.89 -4.16
N LEU A 132 -1.66 -1.70 -4.17
CA LEU A 132 -2.31 -0.39 -4.30
C LEU A 132 -1.98 0.28 -5.65
N SER A 133 -2.86 1.14 -6.15
CA SER A 133 -2.61 1.93 -7.36
C SER A 133 -1.66 3.11 -7.10
N ASP A 134 -0.97 3.58 -8.16
CA ASP A 134 0.03 4.67 -8.15
C ASP A 134 1.33 4.48 -7.36
N GLY A 135 1.37 3.40 -6.59
CA GLY A 135 2.56 2.82 -5.98
C GLY A 135 2.56 1.31 -6.17
N PHE A 136 2.94 0.55 -5.13
CA PHE A 136 2.96 -0.93 -5.16
C PHE A 136 2.43 -1.67 -3.91
N ILE A 137 3.21 -2.55 -3.26
CA ILE A 137 2.69 -3.53 -2.27
C ILE A 137 2.86 -3.10 -0.81
N ALA A 138 1.74 -2.74 -0.19
CA ALA A 138 1.61 -2.50 1.25
C ALA A 138 1.50 -3.79 2.07
N SER A 139 1.81 -3.74 3.38
CA SER A 139 1.73 -4.90 4.29
C SER A 139 1.59 -4.47 5.76
N ASN A 140 1.50 -5.44 6.68
CA ASN A 140 1.76 -5.29 8.12
C ASN A 140 2.94 -6.16 8.57
N SER A 1 -0.86 7.43 15.89
CA SER A 1 -0.21 6.17 16.30
C SER A 1 -0.60 5.04 15.38
N GLY A 2 0.37 4.26 14.90
CA GLY A 2 0.18 3.17 13.94
C GLY A 2 0.15 3.66 12.49
N GLY A 3 0.84 2.97 11.58
CA GLY A 3 0.97 3.39 10.20
C GLY A 3 -0.29 3.13 9.40
N ALA A 4 -0.65 4.04 8.51
CA ALA A 4 -1.85 3.90 7.68
C ALA A 4 -1.71 4.62 6.32
N LEU A 5 -2.65 4.31 5.41
CA LEU A 5 -2.73 4.87 4.05
C LEU A 5 -3.84 5.93 4.00
N SER A 6 -3.77 6.90 3.07
CA SER A 6 -4.87 7.88 2.91
C SER A 6 -6.20 7.21 2.58
N TYR A 7 -7.32 7.73 3.10
CA TYR A 7 -8.69 7.35 2.76
C TYR A 7 -9.01 7.24 1.27
N ASP A 8 -8.43 8.14 0.48
CA ASP A 8 -8.58 8.19 -0.97
C ASP A 8 -7.83 7.14 -1.79
N THR A 9 -6.92 6.40 -1.13
CA THR A 9 -6.12 5.33 -1.74
C THR A 9 -6.91 4.15 -2.27
N GLU A 10 -6.57 3.67 -3.47
CA GLU A 10 -7.37 2.68 -4.21
C GLU A 10 -6.63 1.33 -4.27
N ILE A 11 -7.36 0.22 -4.09
CA ILE A 11 -6.86 -1.16 -4.14
C ILE A 11 -7.16 -1.79 -5.50
N LEU A 12 -6.22 -2.57 -6.04
CA LEU A 12 -6.42 -3.40 -7.24
C LEU A 12 -7.17 -4.69 -6.89
N THR A 13 -8.25 -5.02 -7.61
CA THR A 13 -9.12 -6.17 -7.31
C THR A 13 -9.80 -6.67 -8.58
N THR A 14 -9.94 -7.98 -8.74
CA THR A 14 -10.68 -8.57 -9.88
C THR A 14 -12.19 -8.32 -9.84
N GLU A 15 -12.77 -8.05 -8.66
CA GLU A 15 -14.23 -7.89 -8.50
C GLU A 15 -14.77 -6.63 -9.20
N TYR A 16 -13.99 -5.53 -9.18
CA TYR A 16 -14.32 -4.22 -9.79
C TYR A 16 -13.29 -3.63 -10.76
N GLY A 17 -12.07 -4.19 -10.76
CA GLY A 17 -10.84 -3.51 -11.14
C GLY A 17 -10.27 -2.70 -9.96
N LEU A 18 -11.06 -1.78 -9.42
CA LEU A 18 -10.67 -0.82 -8.39
C LEU A 18 -11.72 -0.73 -7.26
N LEU A 19 -11.28 -0.52 -6.02
CA LEU A 19 -12.11 -0.08 -4.88
C LEU A 19 -11.29 0.81 -3.92
N PRO A 20 -11.87 1.86 -3.30
CA PRO A 20 -11.14 2.72 -2.36
C PRO A 20 -11.06 2.08 -0.95
N ILE A 21 -9.90 2.25 -0.28
CA ILE A 21 -9.54 1.56 0.96
C ILE A 21 -10.51 1.86 2.11
N GLY A 22 -10.97 3.12 2.23
CA GLY A 22 -11.94 3.53 3.26
C GLY A 22 -13.27 2.79 3.17
N ASP A 23 -13.79 2.62 1.95
CA ASP A 23 -15.08 1.96 1.72
C ASP A 23 -14.99 0.44 1.94
N ILE A 24 -13.84 -0.18 1.69
CA ILE A 24 -13.62 -1.60 2.01
C ILE A 24 -13.75 -1.86 3.50
N VAL A 25 -13.14 -0.98 4.31
CA VAL A 25 -13.11 -1.10 5.78
C VAL A 25 -14.50 -0.81 6.38
N GLU A 26 -15.14 0.31 6.01
CA GLU A 26 -16.44 0.70 6.60
C GLU A 26 -17.63 -0.17 6.13
N SER A 27 -17.50 -0.87 5.00
CA SER A 27 -18.43 -1.94 4.57
C SER A 27 -17.99 -3.37 4.96
N GLU A 28 -16.81 -3.52 5.58
CA GLU A 28 -16.18 -4.78 6.03
C GLU A 28 -16.16 -5.90 4.98
N THR A 29 -15.87 -5.55 3.72
CA THR A 29 -15.91 -6.48 2.56
C THR A 29 -14.66 -7.34 2.33
N GLU A 30 -14.89 -8.62 2.04
CA GLU A 30 -13.88 -9.64 1.76
C GLU A 30 -13.53 -9.79 0.26
N CYS A 31 -13.65 -8.71 -0.52
CA CYS A 31 -13.41 -8.74 -1.97
C CYS A 31 -12.02 -9.27 -2.36
N THR A 32 -11.94 -10.05 -3.44
CA THR A 32 -10.67 -10.52 -4.02
C THR A 32 -9.69 -9.44 -4.52
N VAL A 33 -8.83 -8.96 -3.63
CA VAL A 33 -7.73 -8.03 -3.90
C VAL A 33 -6.56 -8.77 -4.54
N TYR A 34 -5.70 -8.05 -5.25
CA TYR A 34 -4.36 -8.51 -5.64
C TYR A 34 -3.30 -8.51 -4.54
N SER A 35 -2.39 -9.48 -4.60
CA SER A 35 -1.31 -9.74 -3.63
C SER A 35 -0.09 -10.34 -4.33
N VAL A 36 0.88 -10.85 -3.55
CA VAL A 36 1.97 -11.69 -4.06
C VAL A 36 2.10 -13.01 -3.28
N ASP A 37 2.89 -13.95 -3.81
CA ASP A 37 3.43 -15.09 -3.06
C ASP A 37 4.75 -14.67 -2.36
N SER A 38 5.42 -15.65 -1.74
CA SER A 38 6.66 -15.45 -0.98
C SER A 38 7.91 -15.13 -1.84
N ASP A 39 7.83 -15.21 -3.18
CA ASP A 39 8.86 -14.76 -4.13
C ASP A 39 8.58 -13.37 -4.76
N GLY A 40 7.39 -12.81 -4.51
CA GLY A 40 6.92 -11.57 -5.12
C GLY A 40 6.18 -11.74 -6.45
N SER A 41 5.80 -12.97 -6.83
CA SER A 41 4.95 -13.23 -8.00
C SER A 41 3.48 -12.96 -7.67
N THR A 42 2.73 -12.34 -8.59
CA THR A 42 1.36 -11.86 -8.34
C THR A 42 0.27 -12.91 -8.08
N TYR A 43 -0.58 -12.67 -7.09
CA TYR A 43 -1.70 -13.50 -6.62
C TYR A 43 -3.01 -12.71 -6.38
N THR A 44 -4.10 -13.38 -5.99
CA THR A 44 -5.38 -12.75 -5.64
C THR A 44 -5.92 -13.46 -4.39
N GLN A 45 -6.57 -12.72 -3.47
CA GLN A 45 -7.12 -13.25 -2.22
C GLN A 45 -8.23 -12.33 -1.68
N GLY A 46 -9.28 -12.89 -1.07
CA GLY A 46 -10.29 -12.10 -0.37
C GLY A 46 -9.79 -11.56 0.97
N VAL A 47 -10.02 -10.26 1.21
CA VAL A 47 -9.68 -9.57 2.46
C VAL A 47 -10.22 -10.25 3.73
N ALA A 48 -9.45 -10.21 4.82
CA ALA A 48 -9.83 -10.78 6.12
C ALA A 48 -9.63 -9.83 7.33
N GLU A 49 -9.00 -8.66 7.14
CA GLU A 49 -8.76 -7.68 8.19
C GLU A 49 -8.99 -6.26 7.67
N TRP A 50 -9.58 -5.40 8.52
CA TRP A 50 -9.97 -4.03 8.20
C TRP A 50 -9.93 -3.06 9.40
N HIS A 51 -9.38 -1.85 9.25
CA HIS A 51 -9.03 -0.93 10.34
C HIS A 51 -8.94 0.54 9.89
N ASP A 52 -9.11 1.49 10.83
CA ASP A 52 -8.94 2.94 10.59
C ASP A 52 -7.98 3.49 11.66
N ARG A 53 -7.39 4.66 11.36
CA ARG A 53 -6.44 5.34 12.26
C ARG A 53 -6.76 6.81 12.54
N GLY A 54 -7.96 7.26 12.17
CA GLY A 54 -8.50 8.57 12.52
C GLY A 54 -7.90 9.68 11.67
N GLU A 55 -7.02 10.50 12.26
CA GLU A 55 -6.35 11.63 11.61
C GLU A 55 -4.85 11.64 11.96
N GLN A 56 -4.00 11.57 10.93
CA GLN A 56 -2.53 11.51 11.04
C GLN A 56 -1.86 12.29 9.90
N GLU A 57 -0.58 12.67 10.07
CA GLU A 57 0.18 13.37 9.04
C GLU A 57 0.61 12.43 7.90
N VAL A 58 -0.02 12.59 6.73
CA VAL A 58 0.30 11.84 5.51
C VAL A 58 1.50 12.41 4.73
N PHE A 59 2.46 11.55 4.41
CA PHE A 59 3.49 11.81 3.40
C PHE A 59 3.08 11.50 1.97
N GLU A 60 3.56 12.28 1.00
CA GLU A 60 3.59 11.87 -0.40
C GLU A 60 5.01 11.48 -0.83
N TYR A 61 5.15 10.29 -1.41
CA TYR A 61 6.36 9.79 -2.05
C TYR A 61 6.15 9.77 -3.57
N CYS A 62 7.03 10.42 -4.32
CA CYS A 62 6.90 10.61 -5.76
C CYS A 62 7.84 9.68 -6.54
N LEU A 63 7.41 9.27 -7.74
CA LEU A 63 8.15 8.44 -8.70
C LEU A 63 8.54 9.24 -9.94
N GLU A 64 9.63 8.83 -10.60
CA GLU A 64 10.16 9.54 -11.78
C GLU A 64 9.17 9.55 -12.96
N ASP A 65 8.42 8.45 -13.12
CA ASP A 65 7.31 8.31 -14.06
C ASP A 65 6.07 9.22 -13.84
N GLY A 66 6.05 9.99 -12.74
CA GLY A 66 4.98 10.89 -12.33
C GLY A 66 3.95 10.29 -11.36
N SER A 67 4.00 8.98 -11.10
CA SER A 67 3.18 8.30 -10.10
C SER A 67 3.45 8.79 -8.66
N THR A 68 2.49 8.58 -7.76
CA THR A 68 2.59 8.95 -6.32
C THR A 68 2.10 7.88 -5.34
N ILE A 69 2.61 7.92 -4.10
CA ILE A 69 2.24 7.06 -2.95
C ILE A 69 1.87 7.96 -1.75
N ARG A 70 0.66 7.85 -1.17
CA ARG A 70 0.16 8.75 -0.11
C ARG A 70 -0.09 8.00 1.22
N ALA A 71 0.92 7.96 2.09
CA ALA A 71 0.96 7.14 3.30
C ALA A 71 1.63 7.82 4.50
N THR A 72 1.29 7.44 5.74
CA THR A 72 2.13 7.77 6.91
C THR A 72 3.47 7.03 6.93
N LYS A 73 4.55 7.66 7.41
CA LYS A 73 5.90 7.06 7.35
C LYS A 73 6.06 5.83 8.26
N ASP A 74 5.13 5.63 9.19
CA ASP A 74 5.03 4.45 10.06
C ASP A 74 4.61 3.12 9.38
N HIS A 75 4.04 3.15 8.17
CA HIS A 75 3.38 1.97 7.58
C HIS A 75 4.38 1.04 6.87
N LYS A 76 4.16 -0.27 6.99
CA LYS A 76 5.01 -1.33 6.47
C LYS A 76 4.64 -1.80 5.06
N PHE A 77 5.67 -2.14 4.34
CA PHE A 77 5.74 -2.51 2.93
C PHE A 77 6.72 -3.68 2.70
N MET A 78 7.01 -4.08 1.47
CA MET A 78 8.16 -4.97 1.20
C MET A 78 8.82 -4.72 -0.16
N THR A 79 10.11 -5.04 -0.23
CA THR A 79 10.94 -4.88 -1.44
C THR A 79 10.92 -6.07 -2.39
N THR A 80 11.40 -5.86 -3.62
CA THR A 80 11.59 -6.92 -4.63
C THR A 80 12.50 -8.06 -4.16
N ASP A 81 13.32 -7.84 -3.12
CA ASP A 81 14.17 -8.87 -2.51
C ASP A 81 13.36 -9.84 -1.61
N GLY A 82 12.10 -9.51 -1.26
CA GLY A 82 11.30 -10.23 -0.26
C GLY A 82 11.57 -9.77 1.18
N GLU A 83 12.06 -8.53 1.36
CA GLU A 83 12.39 -7.93 2.65
C GLU A 83 11.22 -7.07 3.17
N MET A 84 10.73 -7.37 4.38
CA MET A 84 9.59 -6.68 5.00
C MET A 84 10.05 -5.42 5.77
N LEU A 85 9.70 -4.21 5.29
CA LEU A 85 10.24 -2.93 5.80
C LEU A 85 9.28 -1.73 5.63
N PRO A 86 9.40 -0.68 6.48
CA PRO A 86 8.61 0.55 6.35
C PRO A 86 9.00 1.41 5.15
N ILE A 87 8.04 2.22 4.69
CA ILE A 87 8.22 3.16 3.58
C ILE A 87 9.35 4.17 3.85
N ASP A 88 9.57 4.52 5.12
CA ASP A 88 10.63 5.43 5.54
C ASP A 88 12.03 4.83 5.28
N GLU A 89 12.25 3.54 5.59
CA GLU A 89 13.51 2.82 5.30
C GLU A 89 13.67 2.55 3.79
N ILE A 90 12.59 2.18 3.09
CA ILE A 90 12.62 1.98 1.64
C ILE A 90 13.00 3.30 0.92
N PHE A 91 12.60 4.45 1.48
CA PHE A 91 13.13 5.76 1.10
C PHE A 91 14.60 6.06 1.47
N GLU A 92 14.98 6.02 2.74
CA GLU A 92 16.33 6.45 3.18
C GLU A 92 17.46 5.46 2.83
N SER A 93 17.16 4.16 2.70
CA SER A 93 18.08 3.14 2.16
C SER A 93 17.98 2.91 0.65
N GLU A 94 17.09 3.64 -0.02
CA GLU A 94 16.99 3.68 -1.49
C GLU A 94 16.65 2.30 -2.08
N LEU A 95 15.76 1.57 -1.40
CA LEU A 95 15.39 0.21 -1.74
C LEU A 95 14.37 0.14 -2.89
N ASP A 96 14.37 -0.97 -3.62
CA ASP A 96 13.38 -1.21 -4.69
C ASP A 96 12.09 -1.83 -4.14
N LEU A 97 10.99 -1.07 -4.03
CA LEU A 97 9.70 -1.62 -3.61
C LEU A 97 9.19 -2.65 -4.62
N MET A 98 8.60 -3.73 -4.12
CA MET A 98 7.85 -4.67 -4.95
C MET A 98 6.74 -3.97 -5.74
N ARG A 99 6.43 -4.44 -6.96
CA ARG A 99 5.40 -3.81 -7.81
C ARG A 99 4.62 -4.77 -8.70
N VAL A 100 3.39 -4.39 -9.02
CA VAL A 100 2.56 -4.93 -10.10
C VAL A 100 2.44 -3.94 -11.26
N ASP A 101 2.16 -4.48 -12.46
CA ASP A 101 2.23 -3.87 -13.79
C ASP A 101 1.68 -2.45 -14.07
N SER A 102 0.90 -1.86 -13.17
CA SER A 102 0.47 -0.45 -13.22
C SER A 102 1.65 0.54 -13.29
N SER A 103 1.40 1.78 -13.70
CA SER A 103 2.46 2.78 -13.94
C SER A 103 3.11 3.29 -12.65
N GLY A 104 4.45 3.35 -12.61
CA GLY A 104 5.25 3.76 -11.46
C GLY A 104 6.73 3.42 -11.63
N ASP A 105 7.47 3.36 -10.52
CA ASP A 105 8.86 2.90 -10.43
C ASP A 105 9.07 2.33 -9.03
N THR A 106 9.98 1.36 -8.87
CA THR A 106 10.23 0.68 -7.59
C THR A 106 11.09 1.51 -6.64
N LYS A 107 12.00 2.34 -7.16
CA LYS A 107 12.76 3.32 -6.36
C LYS A 107 12.00 4.64 -6.25
N ILE A 108 11.86 5.19 -5.05
CA ILE A 108 11.25 6.51 -4.82
C ILE A 108 12.22 7.63 -5.26
N ALA A 109 11.69 8.67 -5.90
CA ALA A 109 12.45 9.83 -6.37
C ALA A 109 12.68 10.87 -5.26
N THR A 110 11.62 11.31 -4.57
CA THR A 110 11.61 12.39 -3.57
C THR A 110 10.35 12.23 -2.72
N ARG A 111 10.31 12.85 -1.52
CA ARG A 111 9.13 12.81 -0.63
C ARG A 111 8.98 14.05 0.26
N GLU A 112 7.74 14.36 0.65
CA GLU A 112 7.40 15.47 1.56
C GLU A 112 6.10 15.16 2.34
N TYR A 113 5.84 15.88 3.44
CA TYR A 113 4.50 15.92 4.04
C TYR A 113 3.48 16.74 3.24
N THR A 114 2.22 16.28 3.17
CA THR A 114 1.13 16.99 2.47
C THR A 114 0.10 17.65 3.39
N GLY A 115 -0.26 16.99 4.50
CA GLY A 115 -1.18 17.51 5.52
C GLY A 115 -2.19 16.46 5.99
N SER A 116 -2.63 16.56 7.25
CA SER A 116 -3.48 15.55 7.91
C SER A 116 -4.86 15.37 7.26
N GLU A 117 -5.32 14.11 7.21
CA GLU A 117 -6.65 13.69 6.71
C GLU A 117 -7.00 12.28 7.24
N ASP A 118 -8.15 11.72 6.82
CA ASP A 118 -8.57 10.34 7.14
C ASP A 118 -7.67 9.22 6.60
N VAL A 119 -7.45 8.18 7.41
CA VAL A 119 -6.42 7.17 7.15
C VAL A 119 -6.87 5.75 7.58
N TYR A 120 -6.48 4.76 6.78
CA TYR A 120 -7.03 3.39 6.74
C TYR A 120 -6.04 2.24 6.53
N ASP A 121 -6.45 1.00 6.90
CA ASP A 121 -5.59 -0.19 6.94
C ASP A 121 -6.31 -1.56 6.73
N ILE A 122 -5.72 -2.52 5.98
CA ILE A 122 -6.31 -3.84 5.62
C ILE A 122 -5.34 -5.03 5.73
N GLY A 123 -5.78 -6.27 5.52
CA GLY A 123 -4.92 -7.46 5.69
C GLY A 123 -5.58 -8.80 5.40
N VAL A 124 -4.77 -9.86 5.48
CA VAL A 124 -5.13 -11.22 5.00
C VAL A 124 -4.46 -12.36 5.79
N GLU A 125 -5.11 -13.52 5.92
CA GLU A 125 -4.57 -14.63 6.70
C GLU A 125 -3.38 -15.33 6.02
N SER A 126 -3.58 -15.81 4.79
CA SER A 126 -2.54 -16.48 4.00
C SER A 126 -1.69 -15.49 3.20
N ASP A 127 -2.32 -14.49 2.57
CA ASP A 127 -1.64 -13.58 1.65
C ASP A 127 -0.98 -12.34 2.27
N HIS A 128 -1.45 -11.94 3.45
CA HIS A 128 -0.94 -10.91 4.39
C HIS A 128 -0.63 -9.49 3.87
N ASN A 129 -0.81 -9.24 2.57
CA ASN A 129 -0.50 -8.00 1.90
C ASN A 129 -1.54 -7.66 0.81
N PHE A 130 -1.62 -6.39 0.43
CA PHE A 130 -2.62 -5.87 -0.50
C PHE A 130 -2.01 -4.87 -1.52
N ALA A 131 -2.29 -5.02 -2.81
CA ALA A 131 -1.72 -4.19 -3.88
C ALA A 131 -2.55 -2.92 -4.17
N LEU A 132 -1.90 -1.77 -4.16
CA LEU A 132 -2.48 -0.43 -4.32
C LEU A 132 -2.33 0.13 -5.76
N SER A 133 -3.09 1.20 -6.02
CA SER A 133 -2.98 2.08 -7.18
C SER A 133 -1.53 2.54 -7.42
N ASP A 134 -1.15 2.65 -8.69
CA ASP A 134 0.24 2.84 -9.12
C ASP A 134 1.23 1.69 -8.76
N GLY A 135 0.68 0.57 -8.28
CA GLY A 135 1.28 -0.76 -8.26
C GLY A 135 1.94 -1.25 -6.97
N PHE A 136 1.84 -0.53 -5.85
CA PHE A 136 2.64 -0.74 -4.63
C PHE A 136 2.02 -1.70 -3.58
N ILE A 137 2.82 -2.49 -2.84
CA ILE A 137 2.30 -3.55 -1.94
C ILE A 137 2.51 -3.23 -0.46
N ALA A 138 1.41 -2.87 0.19
CA ALA A 138 1.33 -2.61 1.63
C ALA A 138 0.94 -3.88 2.44
N SER A 139 1.23 -3.91 3.75
CA SER A 139 1.38 -5.16 4.51
C SER A 139 0.88 -5.10 5.97
N ASN A 140 0.19 -6.14 6.44
CA ASN A 140 -0.56 -6.16 7.70
C ASN A 140 0.25 -6.41 8.98
N SER A 1 2.75 10.88 14.21
CA SER A 1 1.49 10.13 14.02
C SER A 1 1.48 9.38 12.69
N GLY A 2 1.54 8.05 12.70
CA GLY A 2 1.62 7.21 11.48
C GLY A 2 1.54 5.69 11.71
N GLY A 3 1.23 4.96 10.63
CA GLY A 3 1.22 3.48 10.56
C GLY A 3 0.10 2.87 9.70
N ALA A 4 -0.95 3.62 9.37
CA ALA A 4 -2.01 3.28 8.41
C ALA A 4 -1.84 4.12 7.11
N LEU A 5 -2.82 4.06 6.21
CA LEU A 5 -2.83 4.77 4.91
C LEU A 5 -3.99 5.78 4.85
N SER A 6 -3.92 6.75 3.94
CA SER A 6 -4.99 7.75 3.75
C SER A 6 -6.35 7.10 3.46
N TYR A 7 -7.44 7.67 4.00
CA TYR A 7 -8.82 7.30 3.66
C TYR A 7 -9.16 7.20 2.17
N ASP A 8 -8.55 8.07 1.38
CA ASP A 8 -8.71 8.13 -0.08
C ASP A 8 -7.83 7.15 -0.89
N THR A 9 -6.87 6.49 -0.24
CA THR A 9 -5.95 5.53 -0.89
C THR A 9 -6.65 4.43 -1.70
N GLU A 10 -6.27 4.26 -2.96
CA GLU A 10 -7.02 3.43 -3.91
C GLU A 10 -6.28 2.09 -4.12
N ILE A 11 -7.03 0.99 -4.01
CA ILE A 11 -6.57 -0.41 -4.02
C ILE A 11 -6.57 -0.97 -5.45
N LEU A 12 -5.58 -1.82 -5.77
CA LEU A 12 -5.56 -2.59 -7.03
C LEU A 12 -6.41 -3.86 -6.87
N THR A 13 -7.53 -3.94 -7.60
CA THR A 13 -8.50 -5.03 -7.48
C THR A 13 -9.23 -5.21 -8.80
N THR A 14 -9.42 -6.48 -9.20
CA THR A 14 -10.08 -6.83 -10.47
C THR A 14 -11.58 -6.51 -10.58
N GLU A 15 -12.24 -6.14 -9.48
CA GLU A 15 -13.67 -5.81 -9.45
C GLU A 15 -14.00 -4.57 -10.32
N TYR A 16 -13.11 -3.57 -10.32
CA TYR A 16 -13.16 -2.35 -11.13
C TYR A 16 -11.83 -1.78 -11.68
N GLY A 17 -10.71 -2.36 -11.25
CA GLY A 17 -9.37 -1.75 -11.30
C GLY A 17 -9.10 -0.82 -10.10
N LEU A 18 -10.13 -0.11 -9.62
CA LEU A 18 -10.05 0.90 -8.56
C LEU A 18 -11.19 0.71 -7.51
N LEU A 19 -10.83 0.65 -6.23
CA LEU A 19 -11.74 0.85 -5.08
C LEU A 19 -10.97 1.52 -3.92
N PRO A 20 -11.54 2.45 -3.13
CA PRO A 20 -10.81 3.17 -2.07
C PRO A 20 -10.87 2.44 -0.72
N ILE A 21 -9.77 2.52 0.04
CA ILE A 21 -9.55 1.80 1.30
C ILE A 21 -10.60 2.19 2.36
N GLY A 22 -11.02 3.46 2.41
CA GLY A 22 -12.05 3.96 3.33
C GLY A 22 -13.48 3.52 3.03
N ASP A 23 -13.80 3.17 1.78
CA ASP A 23 -15.08 2.52 1.45
C ASP A 23 -15.03 1.02 1.80
N ILE A 24 -13.90 0.37 1.51
CA ILE A 24 -13.66 -1.06 1.75
C ILE A 24 -13.83 -1.43 3.23
N VAL A 25 -13.17 -0.70 4.14
CA VAL A 25 -13.22 -0.99 5.58
C VAL A 25 -14.60 -0.66 6.17
N GLU A 26 -15.19 0.51 5.87
CA GLU A 26 -16.53 0.85 6.38
C GLU A 26 -17.63 -0.11 5.90
N SER A 27 -17.44 -0.71 4.73
CA SER A 27 -18.34 -1.74 4.17
C SER A 27 -18.06 -3.14 4.72
N GLU A 28 -16.97 -3.34 5.47
CA GLU A 28 -16.37 -4.63 5.88
C GLU A 28 -16.33 -5.69 4.75
N THR A 29 -16.02 -5.26 3.52
CA THR A 29 -16.10 -6.08 2.29
C THR A 29 -15.04 -7.18 2.11
N GLU A 30 -15.21 -8.01 1.07
CA GLU A 30 -14.33 -9.15 0.73
C GLU A 30 -13.87 -9.18 -0.73
N CYS A 31 -13.86 -8.03 -1.41
CA CYS A 31 -13.47 -7.94 -2.83
C CYS A 31 -12.02 -8.41 -3.07
N THR A 32 -11.78 -9.07 -4.20
CA THR A 32 -10.47 -9.62 -4.61
C THR A 32 -9.36 -8.60 -4.85
N VAL A 33 -8.46 -8.48 -3.88
CA VAL A 33 -7.21 -7.71 -3.97
C VAL A 33 -6.05 -8.59 -4.42
N TYR A 34 -4.96 -7.97 -4.84
CA TYR A 34 -3.67 -8.62 -5.13
C TYR A 34 -2.69 -8.64 -3.95
N SER A 35 -1.91 -9.71 -3.80
CA SER A 35 -0.84 -9.86 -2.78
C SER A 35 0.29 -10.78 -3.27
N VAL A 36 1.42 -10.87 -2.55
CA VAL A 36 2.51 -11.82 -2.85
C VAL A 36 2.67 -12.98 -1.87
N ASP A 37 3.05 -14.14 -2.43
CA ASP A 37 3.48 -15.35 -1.74
C ASP A 37 4.93 -15.18 -1.24
N SER A 38 5.46 -16.12 -0.44
CA SER A 38 6.80 -15.99 0.17
C SER A 38 7.93 -15.90 -0.85
N ASP A 39 7.72 -16.42 -2.07
CA ASP A 39 8.62 -16.28 -3.22
C ASP A 39 8.51 -14.93 -3.98
N GLY A 40 7.58 -14.05 -3.59
CA GLY A 40 7.31 -12.74 -4.19
C GLY A 40 6.43 -12.76 -5.45
N SER A 41 5.93 -13.94 -5.83
CA SER A 41 4.98 -14.11 -6.94
C SER A 41 3.57 -13.65 -6.57
N THR A 42 2.87 -12.99 -7.51
CA THR A 42 1.53 -12.40 -7.30
C THR A 42 0.34 -13.36 -7.31
N TYR A 43 -0.57 -13.22 -6.35
CA TYR A 43 -1.84 -13.94 -6.18
C TYR A 43 -3.05 -13.05 -5.87
N THR A 44 -4.29 -13.53 -6.05
CA THR A 44 -5.52 -12.79 -5.73
C THR A 44 -6.21 -13.42 -4.51
N GLN A 45 -6.73 -12.58 -3.61
CA GLN A 45 -7.45 -12.94 -2.40
C GLN A 45 -8.53 -11.90 -2.08
N GLY A 46 -9.71 -12.37 -1.68
CA GLY A 46 -10.72 -11.50 -1.10
C GLY A 46 -10.35 -11.09 0.33
N VAL A 47 -10.43 -9.78 0.60
CA VAL A 47 -10.08 -9.15 1.90
C VAL A 47 -10.75 -9.86 3.09
N ALA A 48 -9.98 -10.13 4.14
CA ALA A 48 -10.44 -10.81 5.37
C ALA A 48 -10.05 -10.06 6.66
N GLU A 49 -9.38 -8.92 6.54
CA GLU A 49 -8.99 -8.06 7.66
C GLU A 49 -9.16 -6.57 7.29
N TRP A 50 -9.66 -5.78 8.23
CA TRP A 50 -10.08 -4.39 8.05
C TRP A 50 -10.09 -3.59 9.37
N HIS A 51 -9.54 -2.38 9.37
CA HIS A 51 -9.43 -1.57 10.60
C HIS A 51 -9.22 -0.07 10.29
N ASP A 52 -9.80 0.82 11.11
CA ASP A 52 -9.55 2.27 11.12
C ASP A 52 -8.45 2.59 12.13
N ARG A 53 -7.72 3.68 11.92
CA ARG A 53 -6.56 4.04 12.75
C ARG A 53 -6.54 5.49 13.24
N GLY A 54 -7.66 6.20 13.06
CA GLY A 54 -7.85 7.56 13.53
C GLY A 54 -7.45 8.56 12.45
N GLU A 55 -6.49 9.43 12.78
CA GLU A 55 -5.95 10.50 11.93
C GLU A 55 -4.43 10.57 12.09
N GLN A 56 -3.71 10.63 10.98
CA GLN A 56 -2.24 10.54 10.94
C GLN A 56 -1.66 11.44 9.83
N GLU A 57 -0.38 11.80 9.93
CA GLU A 57 0.28 12.65 8.94
C GLU A 57 0.69 11.87 7.68
N VAL A 58 0.17 12.30 6.52
CA VAL A 58 0.42 11.68 5.21
C VAL A 58 1.46 12.45 4.38
N PHE A 59 2.33 11.72 3.70
CA PHE A 59 3.27 12.24 2.69
C PHE A 59 2.88 11.75 1.28
N GLU A 60 3.22 12.51 0.25
CA GLU A 60 3.08 12.16 -1.17
C GLU A 60 4.46 11.84 -1.78
N TYR A 61 4.73 10.54 -1.98
CA TYR A 61 5.99 10.00 -2.51
C TYR A 61 6.00 9.92 -4.04
N CYS A 62 6.95 10.59 -4.69
CA CYS A 62 6.96 10.78 -6.13
C CYS A 62 7.93 9.82 -6.86
N LEU A 63 7.48 9.29 -8.00
CA LEU A 63 8.26 8.43 -8.89
C LEU A 63 8.71 9.15 -10.17
N GLU A 64 9.79 8.67 -10.79
CA GLU A 64 10.34 9.16 -12.06
C GLU A 64 9.33 9.06 -13.21
N ASP A 65 8.53 7.99 -13.23
CA ASP A 65 7.39 7.80 -14.14
C ASP A 65 6.33 8.92 -14.19
N GLY A 66 6.25 9.72 -13.12
CA GLY A 66 5.16 10.67 -12.88
C GLY A 66 3.96 10.07 -12.13
N SER A 67 4.14 8.88 -11.54
CA SER A 67 3.27 8.32 -10.50
C SER A 67 3.56 8.94 -9.11
N THR A 68 2.59 8.82 -8.20
CA THR A 68 2.65 9.19 -6.77
C THR A 68 1.98 8.19 -5.82
N ILE A 69 2.61 7.92 -4.68
CA ILE A 69 2.11 7.11 -3.55
C ILE A 69 1.67 8.04 -2.40
N ARG A 70 0.51 7.84 -1.78
CA ARG A 70 0.07 8.61 -0.58
C ARG A 70 0.02 7.74 0.68
N ALA A 71 0.95 7.95 1.61
CA ALA A 71 1.09 7.13 2.81
C ALA A 71 1.76 7.83 4.00
N THR A 72 1.51 7.30 5.20
CA THR A 72 2.29 7.61 6.41
C THR A 72 3.67 6.93 6.41
N LYS A 73 4.69 7.57 7.00
CA LYS A 73 6.08 7.08 6.97
C LYS A 73 6.30 5.81 7.79
N ASP A 74 5.43 5.59 8.78
CA ASP A 74 5.44 4.47 9.74
C ASP A 74 4.72 3.17 9.33
N HIS A 75 4.10 3.16 8.15
CA HIS A 75 3.47 1.96 7.61
C HIS A 75 4.53 1.01 7.04
N LYS A 76 4.38 -0.30 7.27
CA LYS A 76 5.39 -1.29 6.85
C LYS A 76 5.07 -1.84 5.46
N PHE A 77 6.03 -1.65 4.56
CA PHE A 77 6.07 -2.14 3.20
C PHE A 77 7.01 -3.36 3.06
N MET A 78 7.28 -3.87 1.86
CA MET A 78 8.44 -4.74 1.66
C MET A 78 9.09 -4.58 0.28
N THR A 79 10.38 -4.83 0.24
CA THR A 79 11.18 -4.85 -0.98
C THR A 79 11.02 -6.14 -1.79
N THR A 80 11.41 -6.05 -3.06
CA THR A 80 11.55 -7.19 -3.99
C THR A 80 12.60 -8.24 -3.56
N ASP A 81 13.32 -8.01 -2.47
CA ASP A 81 14.16 -9.02 -1.80
C ASP A 81 13.43 -9.99 -0.85
N GLY A 82 12.24 -9.61 -0.36
CA GLY A 82 11.57 -10.29 0.76
C GLY A 82 11.95 -9.71 2.13
N GLU A 83 12.27 -8.41 2.19
CA GLU A 83 12.59 -7.70 3.42
C GLU A 83 11.50 -6.67 3.74
N MET A 84 10.85 -6.81 4.91
CA MET A 84 9.78 -5.93 5.35
C MET A 84 10.35 -4.69 6.04
N LEU A 85 9.98 -3.50 5.55
CA LEU A 85 10.57 -2.21 5.93
C LEU A 85 9.60 -1.04 5.76
N PRO A 86 9.70 0.01 6.59
CA PRO A 86 8.90 1.21 6.42
C PRO A 86 9.29 2.00 5.16
N ILE A 87 8.31 2.74 4.61
CA ILE A 87 8.48 3.54 3.39
C ILE A 87 9.61 4.58 3.53
N ASP A 88 9.83 5.10 4.74
CA ASP A 88 10.96 5.98 5.09
C ASP A 88 12.35 5.40 4.78
N GLU A 89 12.56 4.13 5.12
CA GLU A 89 13.84 3.43 4.91
C GLU A 89 14.03 3.05 3.43
N ILE A 90 12.98 2.53 2.76
CA ILE A 90 12.99 2.27 1.32
C ILE A 90 13.33 3.56 0.54
N PHE A 91 12.76 4.70 0.94
CA PHE A 91 13.04 6.01 0.34
C PHE A 91 14.47 6.54 0.45
N GLU A 92 15.03 6.54 1.67
CA GLU A 92 16.38 7.09 1.94
C GLU A 92 17.52 6.10 1.64
N SER A 93 17.28 4.79 1.81
CA SER A 93 18.23 3.72 1.40
C SER A 93 18.12 3.39 -0.10
N GLU A 94 17.12 3.94 -0.77
CA GLU A 94 16.85 3.82 -2.21
C GLU A 94 16.61 2.37 -2.66
N LEU A 95 15.91 1.59 -1.82
CA LEU A 95 15.63 0.18 -2.07
C LEU A 95 14.60 -0.02 -3.20
N ASP A 96 14.60 -1.22 -3.79
CA ASP A 96 13.55 -1.63 -4.73
C ASP A 96 12.30 -2.21 -4.09
N LEU A 97 11.16 -1.52 -4.24
CA LEU A 97 9.87 -2.11 -3.94
C LEU A 97 9.54 -3.28 -4.91
N MET A 98 8.54 -4.09 -4.54
CA MET A 98 8.04 -5.25 -5.28
C MET A 98 7.82 -4.97 -6.79
N ARG A 99 8.18 -5.92 -7.68
CA ARG A 99 8.28 -5.69 -9.14
C ARG A 99 7.00 -5.14 -9.77
N VAL A 100 7.07 -3.93 -10.35
CA VAL A 100 5.89 -3.21 -10.87
C VAL A 100 5.40 -3.68 -12.24
N ASP A 101 4.20 -4.24 -12.29
CA ASP A 101 3.47 -4.54 -13.53
C ASP A 101 2.74 -3.34 -14.16
N SER A 102 2.20 -2.47 -13.31
CA SER A 102 1.64 -1.15 -13.65
C SER A 102 2.72 -0.12 -14.02
N SER A 103 2.29 1.06 -14.49
CA SER A 103 3.15 2.22 -14.75
C SER A 103 3.64 2.85 -13.44
N GLY A 104 4.91 2.66 -13.11
CA GLY A 104 5.53 3.11 -11.85
C GLY A 104 7.01 2.69 -11.76
N ASP A 105 7.65 3.04 -10.64
CA ASP A 105 9.07 2.77 -10.35
C ASP A 105 9.32 2.17 -8.96
N THR A 106 10.23 1.20 -8.88
CA THR A 106 10.56 0.47 -7.63
C THR A 106 11.40 1.32 -6.68
N LYS A 107 12.26 2.22 -7.18
CA LYS A 107 12.96 3.25 -6.39
C LYS A 107 12.15 4.55 -6.35
N ILE A 108 11.90 5.10 -5.16
CA ILE A 108 11.24 6.40 -4.96
C ILE A 108 12.23 7.57 -5.17
N ALA A 109 11.80 8.61 -5.89
CA ALA A 109 12.66 9.71 -6.32
C ALA A 109 12.71 10.89 -5.31
N THR A 110 11.54 11.33 -4.82
CA THR A 110 11.37 12.50 -3.93
C THR A 110 10.08 12.34 -3.12
N ARG A 111 9.82 13.24 -2.15
CA ARG A 111 8.50 13.35 -1.49
C ARG A 111 8.13 14.79 -1.13
N GLU A 112 6.84 15.02 -0.91
CA GLU A 112 6.32 16.22 -0.23
C GLU A 112 5.33 15.86 0.89
N TYR A 113 5.20 16.74 1.87
CA TYR A 113 4.14 16.68 2.87
C TYR A 113 2.78 17.24 2.43
N THR A 114 1.68 16.59 2.84
CA THR A 114 0.32 16.89 2.38
C THR A 114 -0.75 17.14 3.46
N GLY A 115 -0.40 16.98 4.74
CA GLY A 115 -1.31 17.16 5.88
C GLY A 115 -1.72 15.86 6.58
N SER A 116 -2.60 15.97 7.58
CA SER A 116 -3.23 14.82 8.26
C SER A 116 -4.72 14.69 7.97
N GLU A 117 -5.20 13.45 7.91
CA GLU A 117 -6.60 13.08 7.60
C GLU A 117 -6.94 11.69 8.16
N ASP A 118 -8.21 11.29 8.08
CA ASP A 118 -8.64 9.92 8.37
C ASP A 118 -7.78 8.83 7.72
N VAL A 119 -7.48 7.77 8.49
CA VAL A 119 -6.62 6.66 8.04
C VAL A 119 -7.20 5.28 8.35
N TYR A 120 -6.77 4.31 7.53
CA TYR A 120 -7.25 2.93 7.42
C TYR A 120 -6.18 1.88 7.03
N ASP A 121 -6.36 0.60 7.38
CA ASP A 121 -5.54 -0.52 6.87
C ASP A 121 -6.31 -1.86 6.67
N ILE A 122 -5.85 -2.75 5.76
CA ILE A 122 -6.51 -4.03 5.40
C ILE A 122 -5.58 -5.26 5.38
N GLY A 123 -6.09 -6.44 5.02
CA GLY A 123 -5.30 -7.68 4.95
C GLY A 123 -6.09 -8.93 4.51
N VAL A 124 -5.37 -10.04 4.35
CA VAL A 124 -5.86 -11.33 3.79
C VAL A 124 -5.14 -12.49 4.48
N GLU A 125 -5.85 -13.60 4.74
CA GLU A 125 -5.39 -14.65 5.66
C GLU A 125 -4.27 -15.57 5.13
N SER A 126 -4.09 -15.65 3.80
CA SER A 126 -3.05 -16.46 3.14
C SER A 126 -1.63 -15.95 3.38
N ASP A 127 -1.45 -14.63 3.29
CA ASP A 127 -0.16 -13.95 3.13
C ASP A 127 -0.05 -12.49 3.61
N HIS A 128 -1.19 -11.85 3.88
CA HIS A 128 -1.36 -10.62 4.67
C HIS A 128 -0.51 -9.39 4.26
N ASN A 129 -0.39 -9.20 2.94
CA ASN A 129 -0.08 -7.90 2.33
C ASN A 129 -1.18 -7.52 1.33
N PHE A 130 -1.28 -6.23 0.94
CA PHE A 130 -2.27 -5.74 -0.03
C PHE A 130 -1.68 -4.75 -1.06
N ALA A 131 -1.93 -4.97 -2.35
CA ALA A 131 -1.50 -4.07 -3.42
C ALA A 131 -2.39 -2.82 -3.54
N LEU A 132 -1.80 -1.64 -3.33
CA LEU A 132 -2.38 -0.36 -3.74
C LEU A 132 -2.27 -0.17 -5.25
N SER A 133 -3.16 0.65 -5.82
CA SER A 133 -3.12 1.11 -7.22
C SER A 133 -1.77 1.76 -7.53
N ASP A 134 -1.34 1.72 -8.79
CA ASP A 134 0.06 1.91 -9.22
C ASP A 134 1.08 0.83 -8.83
N GLY A 135 0.62 -0.22 -8.14
CA GLY A 135 1.39 -1.44 -7.83
C GLY A 135 2.17 -1.42 -6.52
N PHE A 136 1.66 -0.75 -5.47
CA PHE A 136 2.38 -0.53 -4.21
C PHE A 136 1.97 -1.40 -3.01
N ILE A 137 2.79 -2.38 -2.60
CA ILE A 137 2.38 -3.44 -1.64
C ILE A 137 2.57 -3.03 -0.17
N ALA A 138 1.48 -2.57 0.43
CA ALA A 138 1.28 -2.32 1.86
C ALA A 138 1.14 -3.65 2.66
N SER A 139 1.38 -3.65 3.98
CA SER A 139 1.39 -4.91 4.76
C SER A 139 1.16 -4.76 6.26
N ASN A 140 0.87 -5.89 6.93
CA ASN A 140 0.99 -6.06 8.39
C ASN A 140 2.45 -6.20 8.80
N SER A 1 4.34 11.03 13.33
CA SER A 1 4.10 9.59 13.56
C SER A 1 2.92 9.11 12.73
N GLY A 2 2.75 7.79 12.59
CA GLY A 2 1.74 7.21 11.72
C GLY A 2 1.48 5.73 11.94
N GLY A 3 1.03 5.06 10.87
CA GLY A 3 0.86 3.60 10.79
C GLY A 3 -0.27 3.12 9.86
N ALA A 4 -0.62 3.87 8.80
CA ALA A 4 -1.77 3.61 7.93
C ALA A 4 -1.68 4.33 6.56
N LEU A 5 -2.67 4.13 5.69
CA LEU A 5 -2.79 4.74 4.35
C LEU A 5 -3.96 5.72 4.30
N SER A 6 -3.91 6.72 3.41
CA SER A 6 -4.97 7.73 3.21
C SER A 6 -6.30 7.08 2.79
N TYR A 7 -7.46 7.63 3.20
CA TYR A 7 -8.80 7.10 2.91
C TYR A 7 -8.94 6.85 1.40
N ASP A 8 -8.45 7.76 0.56
CA ASP A 8 -8.61 7.77 -0.91
C ASP A 8 -7.79 6.70 -1.66
N THR A 9 -6.85 6.05 -0.98
CA THR A 9 -5.93 5.08 -1.58
C THR A 9 -6.58 3.86 -2.23
N GLU A 10 -6.59 3.79 -3.56
CA GLU A 10 -7.28 2.76 -4.34
C GLU A 10 -6.48 1.45 -4.34
N ILE A 11 -7.15 0.34 -4.00
CA ILE A 11 -6.54 -1.00 -4.03
C ILE A 11 -6.56 -1.57 -5.46
N LEU A 12 -5.57 -2.42 -5.78
CA LEU A 12 -5.63 -3.27 -6.97
C LEU A 12 -6.66 -4.40 -6.74
N THR A 13 -7.77 -4.44 -7.50
CA THR A 13 -8.89 -5.40 -7.28
C THR A 13 -9.67 -5.68 -8.58
N THR A 14 -10.19 -6.90 -8.72
CA THR A 14 -10.94 -7.38 -9.89
C THR A 14 -12.46 -7.13 -9.78
N GLU A 15 -13.02 -6.90 -8.59
CA GLU A 15 -14.49 -6.81 -8.44
C GLU A 15 -15.06 -5.53 -9.08
N TYR A 16 -14.45 -4.38 -8.80
CA TYR A 16 -14.84 -3.06 -9.34
C TYR A 16 -13.76 -2.21 -10.03
N GLY A 17 -12.48 -2.57 -9.89
CA GLY A 17 -11.32 -1.77 -10.31
C GLY A 17 -11.08 -0.50 -9.47
N LEU A 18 -12.14 0.22 -9.07
CA LEU A 18 -12.06 1.48 -8.34
C LEU A 18 -12.65 1.31 -6.94
N LEU A 19 -11.82 1.02 -5.93
CA LEU A 19 -12.23 0.93 -4.52
C LEU A 19 -11.20 1.59 -3.59
N PRO A 20 -11.51 2.73 -2.95
CA PRO A 20 -10.64 3.37 -1.95
C PRO A 20 -10.64 2.62 -0.61
N ILE A 21 -9.47 2.54 0.02
CA ILE A 21 -9.20 1.72 1.21
C ILE A 21 -10.12 2.04 2.40
N GLY A 22 -10.55 3.30 2.56
CA GLY A 22 -11.48 3.68 3.62
C GLY A 22 -12.86 3.04 3.47
N ASP A 23 -13.37 2.89 2.24
CA ASP A 23 -14.70 2.31 2.01
C ASP A 23 -14.64 0.77 2.14
N ILE A 24 -13.49 0.14 1.81
CA ILE A 24 -13.26 -1.30 2.03
C ILE A 24 -13.49 -1.68 3.49
N VAL A 25 -12.94 -0.86 4.40
CA VAL A 25 -13.07 -1.01 5.86
C VAL A 25 -14.46 -0.58 6.33
N GLU A 26 -14.97 0.59 5.91
CA GLU A 26 -16.25 1.12 6.42
C GLU A 26 -17.51 0.34 6.00
N SER A 27 -17.46 -0.44 4.90
CA SER A 27 -18.50 -1.45 4.56
C SER A 27 -18.02 -2.90 4.78
N GLU A 28 -16.84 -3.11 5.38
CA GLU A 28 -16.24 -4.40 5.77
C GLU A 28 -16.34 -5.49 4.68
N THR A 29 -15.95 -5.16 3.44
CA THR A 29 -16.08 -6.02 2.24
C THR A 29 -15.01 -7.10 2.04
N GLU A 30 -15.40 -8.23 1.46
CA GLU A 30 -14.56 -9.40 1.16
C GLU A 30 -13.99 -9.42 -0.29
N CYS A 31 -14.00 -8.29 -0.98
CA CYS A 31 -13.61 -8.18 -2.40
C CYS A 31 -12.19 -8.70 -2.69
N THR A 32 -12.00 -9.36 -3.84
CA THR A 32 -10.70 -9.92 -4.26
C THR A 32 -9.78 -8.75 -4.60
N VAL A 33 -8.91 -8.43 -3.64
CA VAL A 33 -7.72 -7.58 -3.78
C VAL A 33 -6.57 -8.41 -4.35
N TYR A 34 -5.52 -7.77 -4.85
CA TYR A 34 -4.25 -8.43 -5.16
C TYR A 34 -3.23 -8.53 -4.02
N SER A 35 -2.47 -9.63 -3.98
CA SER A 35 -1.28 -9.85 -3.16
C SER A 35 -0.21 -10.59 -3.98
N VAL A 36 0.98 -10.76 -3.43
CA VAL A 36 2.15 -11.32 -4.13
C VAL A 36 2.92 -12.37 -3.33
N ASP A 37 3.49 -13.36 -4.02
CA ASP A 37 4.19 -14.52 -3.41
C ASP A 37 5.71 -14.23 -3.32
N SER A 38 6.50 -15.18 -2.78
CA SER A 38 7.96 -15.04 -2.67
C SER A 38 8.72 -15.02 -4.01
N ASP A 39 8.08 -15.40 -5.13
CA ASP A 39 8.63 -15.24 -6.49
C ASP A 39 8.32 -13.91 -7.19
N GLY A 40 7.55 -13.03 -6.54
CA GLY A 40 7.08 -11.75 -7.10
C GLY A 40 5.96 -11.90 -8.13
N SER A 41 5.21 -12.99 -8.05
CA SER A 41 4.05 -13.29 -8.90
C SER A 41 2.77 -12.85 -8.21
N THR A 42 1.92 -12.10 -8.92
CA THR A 42 0.68 -11.52 -8.38
C THR A 42 -0.57 -12.41 -8.47
N TYR A 43 -1.39 -12.47 -7.41
CA TYR A 43 -2.61 -13.28 -7.33
C TYR A 43 -3.72 -12.56 -6.57
N THR A 44 -4.99 -12.79 -6.93
CA THR A 44 -6.16 -12.20 -6.25
C THR A 44 -6.55 -13.05 -5.03
N GLN A 45 -7.10 -12.38 -4.00
CA GLN A 45 -7.63 -12.97 -2.76
C GLN A 45 -8.62 -12.02 -2.08
N GLY A 46 -9.73 -12.53 -1.55
CA GLY A 46 -10.71 -11.73 -0.82
C GLY A 46 -10.20 -11.22 0.53
N VAL A 47 -10.49 -9.96 0.84
CA VAL A 47 -10.13 -9.33 2.13
C VAL A 47 -10.63 -10.08 3.37
N ALA A 48 -9.83 -10.07 4.43
CA ALA A 48 -10.13 -10.75 5.69
C ALA A 48 -9.74 -9.94 6.95
N GLU A 49 -9.41 -8.66 6.81
CA GLU A 49 -8.92 -7.82 7.90
C GLU A 49 -9.23 -6.34 7.60
N TRP A 50 -9.73 -5.60 8.59
CA TRP A 50 -10.26 -4.24 8.37
C TRP A 50 -10.01 -3.33 9.60
N HIS A 51 -9.32 -2.18 9.43
CA HIS A 51 -8.85 -1.36 10.54
C HIS A 51 -8.70 0.15 10.22
N ASP A 52 -8.85 0.99 11.25
CA ASP A 52 -8.96 2.46 11.24
C ASP A 52 -8.02 3.19 12.20
N ARG A 53 -7.38 4.29 11.77
CA ARG A 53 -6.34 5.02 12.50
C ARG A 53 -6.64 6.48 12.89
N GLY A 54 -7.89 6.91 12.75
CA GLY A 54 -8.40 8.19 13.28
C GLY A 54 -8.06 9.39 12.38
N GLU A 55 -6.92 10.02 12.63
CA GLU A 55 -6.37 11.10 11.79
C GLU A 55 -4.84 11.16 11.94
N GLN A 56 -4.10 11.10 10.83
CA GLN A 56 -2.63 11.08 10.83
C GLN A 56 -2.03 11.83 9.62
N GLU A 57 -0.82 12.35 9.77
CA GLU A 57 -0.08 13.08 8.74
C GLU A 57 0.44 12.18 7.61
N VAL A 58 0.09 12.52 6.36
CA VAL A 58 0.37 11.76 5.13
C VAL A 58 1.41 12.40 4.21
N PHE A 59 2.37 11.60 3.75
CA PHE A 59 3.32 11.90 2.69
C PHE A 59 2.86 11.48 1.29
N GLU A 60 3.26 12.22 0.25
CA GLU A 60 3.04 11.90 -1.16
C GLU A 60 4.37 11.70 -1.92
N TYR A 61 4.77 10.44 -2.05
CA TYR A 61 6.00 9.99 -2.70
C TYR A 61 5.85 9.97 -4.23
N CYS A 62 6.83 10.48 -4.97
CA CYS A 62 6.83 10.55 -6.42
C CYS A 62 7.78 9.50 -7.04
N LEU A 63 7.41 8.93 -8.19
CA LEU A 63 8.21 7.95 -8.95
C LEU A 63 8.90 8.55 -10.19
N GLU A 64 9.72 7.73 -10.84
CA GLU A 64 10.38 8.04 -12.11
C GLU A 64 9.36 8.40 -13.20
N ASP A 65 8.17 7.77 -13.20
CA ASP A 65 7.09 8.02 -14.17
C ASP A 65 6.33 9.34 -13.87
N GLY A 66 6.73 10.10 -12.84
CA GLY A 66 5.97 11.25 -12.31
C GLY A 66 4.70 10.85 -11.53
N SER A 67 4.47 9.55 -11.35
CA SER A 67 3.34 8.95 -10.61
C SER A 67 3.48 9.12 -9.10
N THR A 68 2.40 8.90 -8.33
CA THR A 68 2.33 9.17 -6.88
C THR A 68 1.85 8.05 -5.96
N ILE A 69 2.42 7.97 -4.75
CA ILE A 69 2.02 7.07 -3.65
C ILE A 69 1.70 7.89 -2.39
N ARG A 70 0.64 7.56 -1.64
CA ARG A 70 0.23 8.29 -0.42
C ARG A 70 0.17 7.43 0.84
N ALA A 71 1.00 7.75 1.84
CA ALA A 71 1.05 7.00 3.11
C ALA A 71 1.64 7.80 4.29
N THR A 72 1.36 7.35 5.53
CA THR A 72 2.16 7.75 6.71
C THR A 72 3.53 7.06 6.72
N LYS A 73 4.63 7.76 7.02
CA LYS A 73 5.98 7.19 6.87
C LYS A 73 6.30 6.01 7.82
N ASP A 74 5.57 5.87 8.93
CA ASP A 74 5.61 4.72 9.84
C ASP A 74 5.14 3.35 9.29
N HIS A 75 4.39 3.30 8.18
CA HIS A 75 3.75 2.05 7.76
C HIS A 75 4.78 1.04 7.20
N LYS A 76 4.56 -0.25 7.47
CA LYS A 76 5.49 -1.34 7.11
C LYS A 76 5.29 -1.88 5.69
N PHE A 77 6.41 -2.25 5.08
CA PHE A 77 6.55 -2.66 3.68
C PHE A 77 7.59 -3.78 3.50
N MET A 78 7.80 -4.29 2.27
CA MET A 78 8.92 -5.20 2.00
C MET A 78 9.51 -5.05 0.60
N THR A 79 10.80 -5.34 0.49
CA THR A 79 11.62 -5.17 -0.72
C THR A 79 11.60 -6.36 -1.66
N THR A 80 12.22 -6.21 -2.83
CA THR A 80 12.46 -7.31 -3.80
C THR A 80 13.29 -8.49 -3.27
N ASP A 81 14.05 -8.30 -2.20
CA ASP A 81 14.78 -9.38 -1.50
C ASP A 81 13.89 -10.17 -0.51
N GLY A 82 12.74 -9.63 -0.12
CA GLY A 82 11.94 -10.16 0.99
C GLY A 82 12.44 -9.67 2.36
N GLU A 83 13.05 -8.47 2.41
CA GLU A 83 13.37 -7.77 3.65
C GLU A 83 12.20 -6.85 4.04
N MET A 84 11.64 -7.01 5.25
CA MET A 84 10.58 -6.14 5.76
C MET A 84 11.15 -4.85 6.39
N LEU A 85 10.65 -3.68 5.99
CA LEU A 85 11.06 -2.37 6.50
C LEU A 85 9.93 -1.32 6.37
N PRO A 86 9.91 -0.27 7.23
CA PRO A 86 9.03 0.88 7.03
C PRO A 86 9.46 1.74 5.83
N ILE A 87 8.50 2.43 5.21
CA ILE A 87 8.76 3.31 4.06
C ILE A 87 9.71 4.47 4.43
N ASP A 88 9.66 4.93 5.69
CA ASP A 88 10.63 5.86 6.30
C ASP A 88 12.12 5.52 6.19
N GLU A 89 12.45 4.24 6.12
CA GLU A 89 13.81 3.72 5.90
C GLU A 89 14.07 3.52 4.40
N ILE A 90 13.12 2.89 3.70
CA ILE A 90 13.24 2.53 2.27
C ILE A 90 13.42 3.78 1.39
N PHE A 91 12.80 4.91 1.74
CA PHE A 91 13.01 6.17 1.01
C PHE A 91 14.43 6.76 1.11
N GLU A 92 14.96 6.92 2.32
CA GLU A 92 16.28 7.53 2.54
C GLU A 92 17.45 6.58 2.22
N SER A 93 17.23 5.27 2.34
CA SER A 93 18.24 4.22 2.06
C SER A 93 18.13 3.65 0.64
N GLU A 94 17.22 4.20 -0.18
CA GLU A 94 17.12 4.01 -1.64
C GLU A 94 16.77 2.57 -2.07
N LEU A 95 16.18 1.79 -1.16
CA LEU A 95 15.88 0.36 -1.34
C LEU A 95 14.78 0.13 -2.38
N ASP A 96 14.90 -0.96 -3.15
CA ASP A 96 13.84 -1.42 -4.05
C ASP A 96 12.62 -2.03 -3.37
N LEU A 97 11.47 -1.36 -3.44
CA LEU A 97 10.19 -1.96 -3.05
C LEU A 97 9.85 -3.13 -3.98
N MET A 98 9.10 -4.11 -3.48
CA MET A 98 8.41 -5.11 -4.32
C MET A 98 7.61 -4.42 -5.44
N ARG A 99 7.85 -4.82 -6.69
CA ARG A 99 7.65 -3.96 -7.89
C ARG A 99 6.18 -3.63 -8.19
N VAL A 100 5.94 -2.38 -8.62
CA VAL A 100 4.62 -1.81 -9.00
C VAL A 100 4.01 -2.53 -10.22
N ASP A 101 2.68 -2.47 -10.41
CA ASP A 101 1.97 -3.10 -11.53
C ASP A 101 1.75 -2.23 -12.79
N SER A 102 1.51 -0.93 -12.61
CA SER A 102 1.26 0.05 -13.69
C SER A 102 2.53 0.70 -14.28
N SER A 103 3.69 0.57 -13.64
CA SER A 103 4.98 1.10 -14.12
C SER A 103 6.16 0.23 -13.63
N GLY A 104 7.34 0.40 -14.23
CA GLY A 104 8.55 -0.37 -13.91
C GLY A 104 9.27 0.13 -12.65
N ASP A 105 8.52 0.40 -11.58
CA ASP A 105 8.97 1.16 -10.41
C ASP A 105 9.18 0.34 -9.12
N THR A 106 10.28 0.67 -8.45
CA THR A 106 10.74 0.09 -7.18
C THR A 106 11.48 1.13 -6.33
N LYS A 107 12.29 2.00 -6.96
CA LYS A 107 13.01 3.11 -6.32
C LYS A 107 12.18 4.39 -6.38
N ILE A 108 11.91 5.00 -5.24
CA ILE A 108 11.20 6.29 -5.16
C ILE A 108 12.14 7.43 -5.59
N ALA A 109 11.60 8.43 -6.28
CA ALA A 109 12.34 9.59 -6.71
C ALA A 109 12.49 10.63 -5.58
N THR A 110 11.36 11.13 -5.08
CA THR A 110 11.24 12.27 -4.14
C THR A 110 9.96 12.14 -3.30
N ARG A 111 9.74 13.03 -2.32
CA ARG A 111 8.43 13.16 -1.63
C ARG A 111 8.15 14.58 -1.12
N GLU A 112 6.86 14.88 -0.99
CA GLU A 112 6.32 16.06 -0.28
C GLU A 112 5.29 15.60 0.78
N TYR A 113 4.88 16.47 1.70
CA TYR A 113 3.66 16.28 2.49
C TYR A 113 2.38 16.85 1.90
N THR A 114 1.22 16.23 2.19
CA THR A 114 -0.11 16.74 1.80
C THR A 114 -0.85 17.35 3.00
N GLY A 115 -0.84 16.71 4.16
CA GLY A 115 -1.54 17.16 5.38
C GLY A 115 -1.93 15.99 6.29
N SER A 116 -2.77 16.22 7.30
CA SER A 116 -3.42 15.13 8.05
C SER A 116 -4.76 14.74 7.43
N GLU A 117 -5.10 13.46 7.49
CA GLU A 117 -6.30 12.86 6.88
C GLU A 117 -6.82 11.67 7.69
N ASP A 118 -8.07 11.25 7.45
CA ASP A 118 -8.52 9.90 7.79
C ASP A 118 -7.79 8.77 7.05
N VAL A 119 -7.59 7.66 7.76
CA VAL A 119 -6.51 6.71 7.45
C VAL A 119 -6.88 5.30 7.92
N TYR A 120 -6.44 4.30 7.15
CA TYR A 120 -6.91 2.92 7.18
C TYR A 120 -5.83 1.83 6.94
N ASP A 121 -6.06 0.59 7.37
CA ASP A 121 -5.22 -0.55 6.99
C ASP A 121 -5.98 -1.91 6.87
N ILE A 122 -5.57 -2.78 5.94
CA ILE A 122 -6.24 -4.06 5.61
C ILE A 122 -5.31 -5.29 5.52
N GLY A 123 -5.81 -6.44 5.08
CA GLY A 123 -5.08 -7.71 5.01
C GLY A 123 -5.95 -8.91 4.59
N VAL A 124 -5.32 -10.05 4.32
CA VAL A 124 -5.93 -11.30 3.85
C VAL A 124 -5.36 -12.55 4.53
N GLU A 125 -6.18 -13.55 4.86
CA GLU A 125 -5.76 -14.73 5.65
C GLU A 125 -4.62 -15.54 5.02
N SER A 126 -4.54 -15.63 3.68
CA SER A 126 -3.48 -16.37 2.97
C SER A 126 -2.09 -15.75 3.15
N ASP A 127 -1.96 -14.45 2.86
CA ASP A 127 -0.66 -13.77 2.72
C ASP A 127 -0.46 -12.46 3.49
N HIS A 128 -1.56 -11.81 3.92
CA HIS A 128 -1.57 -10.60 4.74
C HIS A 128 -0.72 -9.42 4.21
N ASN A 129 -0.60 -9.33 2.88
CA ASN A 129 -0.18 -8.14 2.14
C ASN A 129 -1.27 -7.72 1.15
N PHE A 130 -1.36 -6.44 0.79
CA PHE A 130 -2.32 -5.92 -0.19
C PHE A 130 -1.65 -4.92 -1.16
N ALA A 131 -1.83 -5.10 -2.46
CA ALA A 131 -1.26 -4.26 -3.51
C ALA A 131 -2.15 -3.05 -3.85
N LEU A 132 -1.56 -1.85 -3.89
CA LEU A 132 -2.27 -0.62 -4.26
C LEU A 132 -2.18 -0.29 -5.76
N SER A 133 -3.20 0.37 -6.31
CA SER A 133 -3.10 1.01 -7.63
C SER A 133 -2.00 2.09 -7.63
N ASP A 134 -1.22 2.15 -8.71
CA ASP A 134 -0.03 3.02 -8.88
C ASP A 134 1.19 2.86 -7.97
N GLY A 135 1.13 1.97 -6.98
CA GLY A 135 2.13 1.94 -5.92
C GLY A 135 2.36 0.62 -5.20
N PHE A 136 2.85 0.74 -3.97
CA PHE A 136 3.46 -0.33 -3.18
C PHE A 136 2.58 -1.43 -2.57
N ILE A 137 3.23 -2.52 -2.12
CA ILE A 137 2.60 -3.64 -1.42
C ILE A 137 2.65 -3.42 0.09
N ALA A 138 1.55 -2.93 0.65
CA ALA A 138 1.37 -2.73 2.08
C ALA A 138 1.13 -4.07 2.81
N SER A 139 1.51 -4.17 4.10
CA SER A 139 1.32 -5.39 4.89
C SER A 139 1.19 -5.11 6.40
N ASN A 140 0.66 -6.09 7.15
CA ASN A 140 0.41 -6.08 8.59
C ASN A 140 0.95 -7.35 9.25
N SER A 1 2.15 2.85 15.01
CA SER A 1 2.78 1.56 15.33
C SER A 1 2.77 0.60 14.15
N GLY A 2 1.65 0.44 13.42
CA GLY A 2 1.54 -0.53 12.32
C GLY A 2 1.00 0.01 11.00
N GLY A 3 1.06 1.30 10.76
CA GLY A 3 0.72 1.91 9.49
C GLY A 3 -0.78 2.15 9.31
N ALA A 4 -1.10 3.26 8.64
CA ALA A 4 -2.37 3.43 7.95
C ALA A 4 -2.16 4.12 6.59
N LEU A 5 -3.16 4.04 5.71
CA LEU A 5 -3.18 4.53 4.34
C LEU A 5 -4.19 5.68 4.21
N SER A 6 -3.96 6.62 3.30
CA SER A 6 -4.84 7.80 3.11
C SER A 6 -6.27 7.40 2.69
N TYR A 7 -7.29 8.13 3.14
CA TYR A 7 -8.67 7.98 2.64
C TYR A 7 -8.88 8.14 1.13
N ASP A 8 -8.04 8.92 0.46
CA ASP A 8 -8.01 9.04 -1.00
C ASP A 8 -7.40 7.84 -1.77
N THR A 9 -6.66 6.99 -1.06
CA THR A 9 -6.02 5.77 -1.61
C THR A 9 -6.97 4.79 -2.31
N GLU A 10 -6.56 4.21 -3.42
CA GLU A 10 -7.38 3.29 -4.22
C GLU A 10 -6.70 1.93 -4.37
N ILE A 11 -7.45 0.84 -4.20
CA ILE A 11 -6.95 -0.53 -4.27
C ILE A 11 -6.75 -0.97 -5.73
N LEU A 12 -5.73 -1.78 -5.98
CA LEU A 12 -5.55 -2.49 -7.25
C LEU A 12 -6.22 -3.88 -7.16
N THR A 13 -7.38 -4.06 -7.78
CA THR A 13 -8.30 -5.18 -7.46
C THR A 13 -9.06 -5.73 -8.67
N THR A 14 -9.21 -7.05 -8.73
CA THR A 14 -10.08 -7.74 -9.72
C THR A 14 -11.59 -7.60 -9.49
N GLU A 15 -12.02 -6.94 -8.41
CA GLU A 15 -13.44 -6.72 -8.09
C GLU A 15 -14.14 -5.71 -9.02
N TYR A 16 -13.42 -4.67 -9.45
CA TYR A 16 -13.89 -3.62 -10.37
C TYR A 16 -12.72 -2.94 -11.13
N GLY A 17 -11.45 -3.19 -10.76
CA GLY A 17 -10.30 -2.36 -11.12
C GLY A 17 -10.06 -1.19 -10.16
N LEU A 18 -11.12 -0.49 -9.73
CA LEU A 18 -11.08 0.74 -8.93
C LEU A 18 -11.98 0.64 -7.68
N LEU A 19 -11.41 0.79 -6.47
CA LEU A 19 -12.18 0.97 -5.21
C LEU A 19 -11.37 1.81 -4.20
N PRO A 20 -11.94 2.85 -3.57
CA PRO A 20 -11.23 3.62 -2.54
C PRO A 20 -11.19 2.89 -1.20
N ILE A 21 -10.06 2.99 -0.48
CA ILE A 21 -9.77 2.16 0.70
C ILE A 21 -10.75 2.38 1.87
N GLY A 22 -11.28 3.59 2.03
CA GLY A 22 -12.26 3.90 3.08
C GLY A 22 -13.56 3.11 2.90
N ASP A 23 -14.07 3.08 1.67
CA ASP A 23 -15.26 2.31 1.30
C ASP A 23 -15.13 0.80 1.53
N ILE A 24 -13.92 0.23 1.43
CA ILE A 24 -13.64 -1.17 1.79
C ILE A 24 -13.93 -1.43 3.27
N VAL A 25 -13.36 -0.62 4.16
CA VAL A 25 -13.44 -0.80 5.62
C VAL A 25 -14.83 -0.39 6.16
N GLU A 26 -15.45 0.66 5.60
CA GLU A 26 -16.80 1.10 5.99
C GLU A 26 -17.92 0.15 5.49
N SER A 27 -17.84 -0.29 4.23
CA SER A 27 -18.89 -1.12 3.60
C SER A 27 -18.68 -2.64 3.79
N GLU A 28 -17.46 -3.08 4.13
CA GLU A 28 -17.05 -4.48 4.28
C GLU A 28 -17.22 -5.31 3.00
N THR A 29 -16.54 -4.90 1.92
CA THR A 29 -16.43 -5.70 0.68
C THR A 29 -15.26 -6.70 0.70
N GLU A 30 -15.50 -7.93 0.27
CA GLU A 30 -14.55 -9.05 0.30
C GLU A 30 -13.54 -9.06 -0.88
N CYS A 31 -13.16 -7.88 -1.38
CA CYS A 31 -12.49 -7.69 -2.67
C CYS A 31 -11.09 -8.32 -2.77
N THR A 32 -10.86 -9.08 -3.85
CA THR A 32 -9.58 -9.65 -4.28
C THR A 32 -8.63 -8.49 -4.60
N VAL A 33 -7.65 -8.26 -3.74
CA VAL A 33 -6.39 -7.56 -4.05
C VAL A 33 -5.37 -8.48 -4.71
N TYR A 34 -4.30 -7.90 -5.25
CA TYR A 34 -3.07 -8.60 -5.59
C TYR A 34 -2.10 -8.70 -4.40
N SER A 35 -1.65 -9.90 -4.08
CA SER A 35 -0.73 -10.17 -2.97
C SER A 35 0.37 -11.15 -3.38
N VAL A 36 1.61 -10.85 -3.03
CA VAL A 36 2.71 -11.83 -3.05
C VAL A 36 2.55 -12.94 -2.02
N ASP A 37 2.98 -14.15 -2.33
CA ASP A 37 3.06 -15.31 -1.44
C ASP A 37 4.37 -15.34 -0.65
N SER A 38 4.44 -16.17 0.39
CA SER A 38 5.64 -16.44 1.21
C SER A 38 6.84 -16.97 0.41
N ASP A 39 6.63 -17.54 -0.79
CA ASP A 39 7.70 -17.89 -1.76
C ASP A 39 8.24 -16.75 -2.64
N GLY A 40 7.55 -15.60 -2.67
CA GLY A 40 7.80 -14.50 -3.60
C GLY A 40 7.18 -14.73 -5.00
N SER A 41 5.88 -14.95 -5.04
CA SER A 41 5.09 -15.11 -6.28
C SER A 41 3.70 -14.49 -6.12
N THR A 42 3.20 -13.76 -7.12
CA THR A 42 1.91 -13.04 -7.06
C THR A 42 0.66 -13.91 -7.21
N TYR A 43 -0.36 -13.64 -6.37
CA TYR A 43 -1.68 -14.27 -6.33
C TYR A 43 -2.80 -13.27 -6.04
N THR A 44 -4.08 -13.61 -6.26
CA THR A 44 -5.21 -12.75 -5.85
C THR A 44 -5.76 -13.27 -4.51
N GLN A 45 -6.10 -12.37 -3.58
CA GLN A 45 -6.61 -12.66 -2.23
C GLN A 45 -7.62 -11.60 -1.78
N GLY A 46 -8.75 -12.01 -1.21
CA GLY A 46 -9.70 -11.12 -0.55
C GLY A 46 -9.36 -10.86 0.92
N VAL A 47 -9.88 -9.76 1.45
CA VAL A 47 -9.62 -9.23 2.81
C VAL A 47 -9.88 -10.18 3.99
N ALA A 48 -9.03 -10.10 5.02
CA ALA A 48 -9.22 -10.77 6.32
C ALA A 48 -8.80 -9.91 7.55
N GLU A 49 -8.49 -8.63 7.36
CA GLU A 49 -8.25 -7.62 8.41
C GLU A 49 -8.69 -6.26 7.89
N TRP A 50 -9.33 -5.44 8.73
CA TRP A 50 -9.83 -4.12 8.38
C TRP A 50 -10.00 -3.20 9.59
N HIS A 51 -9.57 -1.94 9.48
CA HIS A 51 -9.50 -0.98 10.57
C HIS A 51 -9.44 0.48 10.07
N ASP A 52 -9.76 1.46 10.93
CA ASP A 52 -9.48 2.89 10.69
C ASP A 52 -8.67 3.46 11.87
N ARG A 53 -8.11 4.67 11.71
CA ARG A 53 -7.35 5.36 12.78
C ARG A 53 -7.65 6.85 13.02
N GLY A 54 -8.85 7.32 12.64
CA GLY A 54 -9.35 8.65 13.02
C GLY A 54 -8.76 9.74 12.13
N GLU A 55 -7.88 10.57 12.69
CA GLU A 55 -7.03 11.52 11.96
C GLU A 55 -5.55 11.26 12.27
N GLN A 56 -4.70 11.13 11.25
CA GLN A 56 -3.24 10.96 11.40
C GLN A 56 -2.47 11.73 10.33
N GLU A 57 -1.19 12.02 10.59
CA GLU A 57 -0.28 12.70 9.66
C GLU A 57 0.03 11.81 8.44
N VAL A 58 0.07 12.38 7.23
CA VAL A 58 0.31 11.67 5.97
C VAL A 58 1.44 12.23 5.11
N PHE A 59 2.20 11.32 4.51
CA PHE A 59 3.33 11.58 3.63
C PHE A 59 3.09 11.20 2.17
N GLU A 60 3.55 12.02 1.23
CA GLU A 60 3.54 11.74 -0.21
C GLU A 60 4.93 11.32 -0.72
N TYR A 61 5.00 10.17 -1.39
CA TYR A 61 6.20 9.59 -1.98
C TYR A 61 6.07 9.61 -3.51
N CYS A 62 6.99 10.26 -4.22
CA CYS A 62 6.93 10.44 -5.67
C CYS A 62 7.74 9.37 -6.41
N LEU A 63 7.19 8.88 -7.52
CA LEU A 63 7.86 8.08 -8.54
C LEU A 63 8.09 8.92 -9.80
N GLU A 64 9.17 8.67 -10.55
CA GLU A 64 9.47 9.53 -11.71
C GLU A 64 8.45 9.44 -12.85
N ASP A 65 7.70 8.33 -12.89
CA ASP A 65 6.80 7.95 -13.96
C ASP A 65 5.40 8.63 -13.80
N GLY A 66 5.32 9.76 -13.09
CA GLY A 66 4.10 10.55 -12.86
C GLY A 66 3.12 9.91 -11.87
N SER A 67 3.63 9.27 -10.82
CA SER A 67 2.84 8.52 -9.83
C SER A 67 3.22 8.90 -8.39
N THR A 68 2.27 8.82 -7.46
CA THR A 68 2.41 9.20 -6.05
C THR A 68 1.79 8.25 -5.03
N ILE A 69 2.56 7.82 -4.04
CA ILE A 69 2.12 6.98 -2.90
C ILE A 69 1.74 7.88 -1.72
N ARG A 70 0.63 7.59 -1.02
CA ARG A 70 0.19 8.37 0.17
C ARG A 70 -0.15 7.53 1.40
N ALA A 71 0.69 7.61 2.43
CA ALA A 71 0.64 6.75 3.62
C ALA A 71 1.26 7.41 4.86
N THR A 72 1.02 6.83 6.05
CA THR A 72 1.87 7.07 7.23
C THR A 72 3.29 6.48 7.04
N LYS A 73 4.33 7.18 7.52
CA LYS A 73 5.74 6.73 7.38
C LYS A 73 6.10 5.55 8.30
N ASP A 74 5.21 5.25 9.23
CA ASP A 74 5.18 4.09 10.13
C ASP A 74 4.78 2.75 9.47
N HIS A 75 4.25 2.77 8.23
CA HIS A 75 3.70 1.61 7.56
C HIS A 75 4.81 0.73 6.95
N LYS A 76 4.68 -0.58 7.17
CA LYS A 76 5.59 -1.61 6.65
C LYS A 76 5.24 -1.95 5.19
N PHE A 77 6.28 -2.25 4.42
CA PHE A 77 6.28 -2.55 2.99
C PHE A 77 7.29 -3.67 2.63
N MET A 78 7.40 -4.10 1.37
CA MET A 78 8.49 -5.00 0.96
C MET A 78 8.95 -4.83 -0.50
N THR A 79 10.24 -5.08 -0.72
CA THR A 79 10.93 -4.88 -1.99
C THR A 79 10.81 -6.04 -2.97
N THR A 80 11.21 -5.79 -4.22
CA THR A 80 11.37 -6.82 -5.28
C THR A 80 12.42 -7.89 -4.99
N ASP A 81 13.22 -7.73 -3.93
CA ASP A 81 14.07 -8.76 -3.30
C ASP A 81 13.46 -9.58 -2.13
N GLY A 82 12.29 -9.18 -1.61
CA GLY A 82 11.64 -9.85 -0.48
C GLY A 82 12.13 -9.35 0.88
N GLU A 83 12.67 -8.13 0.94
CA GLU A 83 13.10 -7.49 2.18
C GLU A 83 11.95 -6.72 2.84
N MET A 84 11.66 -7.01 4.12
CA MET A 84 10.60 -6.34 4.89
C MET A 84 11.11 -5.03 5.52
N LEU A 85 10.62 -3.88 5.04
CA LEU A 85 11.05 -2.54 5.48
C LEU A 85 9.93 -1.49 5.40
N PRO A 86 9.96 -0.45 6.25
CA PRO A 86 9.00 0.65 6.18
C PRO A 86 9.22 1.55 4.96
N ILE A 87 8.15 2.22 4.54
CA ILE A 87 8.13 3.11 3.36
C ILE A 87 9.18 4.24 3.47
N ASP A 88 9.45 4.71 4.68
CA ASP A 88 10.52 5.67 4.98
C ASP A 88 11.94 5.21 4.63
N GLU A 89 12.28 3.97 4.97
CA GLU A 89 13.62 3.41 4.74
C GLU A 89 13.79 2.98 3.26
N ILE A 90 12.74 2.41 2.63
CA ILE A 90 12.68 2.24 1.18
C ILE A 90 12.87 3.58 0.45
N PHE A 91 12.31 4.67 0.97
CA PHE A 91 12.62 6.02 0.49
C PHE A 91 14.08 6.46 0.57
N GLU A 92 14.63 6.60 1.78
CA GLU A 92 15.94 7.23 1.96
C GLU A 92 17.11 6.32 1.54
N SER A 93 16.95 4.99 1.66
CA SER A 93 17.86 3.98 1.12
C SER A 93 17.66 3.76 -0.38
N GLU A 94 16.57 4.28 -0.95
CA GLU A 94 16.23 4.28 -2.37
C GLU A 94 16.05 2.85 -2.95
N LEU A 95 15.32 2.00 -2.22
CA LEU A 95 15.09 0.61 -2.61
C LEU A 95 14.02 0.45 -3.70
N ASP A 96 14.12 -0.62 -4.49
CA ASP A 96 13.09 -1.04 -5.44
C ASP A 96 11.89 -1.76 -4.80
N LEU A 97 10.69 -1.18 -4.86
CA LEU A 97 9.47 -1.88 -4.42
C LEU A 97 9.12 -3.08 -5.32
N MET A 98 8.34 -3.99 -4.73
CA MET A 98 7.84 -5.20 -5.37
C MET A 98 6.94 -4.94 -6.59
N ARG A 99 7.03 -5.80 -7.61
CA ARG A 99 6.25 -5.72 -8.84
C ARG A 99 4.75 -6.00 -8.64
N VAL A 100 3.93 -5.34 -9.45
CA VAL A 100 2.49 -5.56 -9.66
C VAL A 100 2.04 -4.88 -10.98
N ASP A 101 0.75 -4.79 -11.29
CA ASP A 101 0.21 -3.94 -12.38
C ASP A 101 0.34 -2.42 -12.11
N SER A 102 1.56 -1.95 -11.93
CA SER A 102 1.97 -0.58 -11.57
C SER A 102 3.25 -0.20 -12.36
N SER A 103 3.85 0.95 -12.06
CA SER A 103 5.01 1.50 -12.77
C SER A 103 6.21 0.52 -12.82
N GLY A 104 6.98 0.55 -13.90
CA GLY A 104 8.28 -0.12 -13.98
C GLY A 104 9.38 0.55 -13.14
N ASP A 105 9.19 1.82 -12.74
CA ASP A 105 10.13 2.61 -11.94
C ASP A 105 9.91 2.52 -10.43
N THR A 106 10.14 1.32 -9.91
CA THR A 106 9.86 0.82 -8.54
C THR A 106 10.65 1.56 -7.44
N LYS A 107 11.71 2.29 -7.77
CA LYS A 107 12.52 3.11 -6.85
C LYS A 107 11.78 4.40 -6.46
N ILE A 108 11.62 4.69 -5.17
CA ILE A 108 11.06 5.99 -4.74
C ILE A 108 12.05 7.13 -5.03
N ALA A 109 11.58 8.16 -5.74
CA ALA A 109 12.38 9.30 -6.17
C ALA A 109 12.39 10.45 -5.15
N THR A 110 11.27 10.69 -4.46
CA THR A 110 11.07 11.88 -3.61
C THR A 110 10.11 11.68 -2.44
N ARG A 111 10.20 12.46 -1.36
CA ARG A 111 9.32 12.37 -0.17
C ARG A 111 8.97 13.73 0.41
N GLU A 112 7.75 13.91 0.90
CA GLU A 112 7.35 15.05 1.73
C GLU A 112 6.16 14.74 2.64
N TYR A 113 6.01 15.50 3.73
CA TYR A 113 4.72 15.67 4.40
C TYR A 113 3.67 16.44 3.62
N THR A 114 2.38 16.13 3.81
CA THR A 114 1.31 16.98 3.25
C THR A 114 0.07 17.33 4.08
N GLY A 115 -0.06 16.80 5.29
CA GLY A 115 -1.12 17.19 6.22
C GLY A 115 -1.45 16.11 7.25
N SER A 116 -2.56 16.29 7.96
CA SER A 116 -3.29 15.20 8.63
C SER A 116 -4.70 15.07 8.08
N GLU A 117 -5.21 13.84 7.99
CA GLU A 117 -6.54 13.53 7.42
C GLU A 117 -7.04 12.14 7.85
N ASP A 118 -8.20 11.73 7.33
CA ASP A 118 -8.73 10.37 7.43
C ASP A 118 -7.79 9.26 6.93
N VAL A 119 -7.63 8.20 7.74
CA VAL A 119 -6.75 7.05 7.42
C VAL A 119 -7.37 5.69 7.74
N TYR A 120 -6.98 4.69 6.94
CA TYR A 120 -7.53 3.34 6.87
C TYR A 120 -6.49 2.21 6.80
N ASP A 121 -6.84 0.98 7.19
CA ASP A 121 -5.87 -0.10 7.36
C ASP A 121 -6.39 -1.53 7.13
N ILE A 122 -5.67 -2.37 6.36
CA ILE A 122 -6.14 -3.68 5.87
C ILE A 122 -5.05 -4.76 5.79
N GLY A 123 -5.43 -6.04 5.86
CA GLY A 123 -4.51 -7.19 5.86
C GLY A 123 -5.17 -8.54 5.50
N VAL A 124 -4.36 -9.61 5.54
CA VAL A 124 -4.79 -10.98 5.16
C VAL A 124 -4.13 -12.15 5.92
N GLU A 125 -4.87 -13.22 6.18
CA GLU A 125 -4.54 -14.28 7.15
C GLU A 125 -3.35 -15.21 6.80
N SER A 126 -3.08 -15.46 5.52
CA SER A 126 -1.89 -16.17 5.02
C SER A 126 -0.89 -15.18 4.43
N ASP A 127 -1.40 -14.20 3.68
CA ASP A 127 -0.62 -13.47 2.69
C ASP A 127 -0.37 -11.98 2.99
N HIS A 128 -1.05 -11.42 4.00
CA HIS A 128 -0.71 -10.21 4.78
C HIS A 128 -0.46 -8.86 4.09
N ASN A 129 -0.56 -8.74 2.76
CA ASN A 129 -0.17 -7.52 2.04
C ASN A 129 -1.09 -7.09 0.87
N PHE A 130 -1.55 -5.83 0.88
CA PHE A 130 -2.34 -5.17 -0.17
C PHE A 130 -1.54 -4.40 -1.24
N ALA A 131 -1.80 -4.64 -2.53
CA ALA A 131 -1.38 -3.76 -3.63
C ALA A 131 -2.33 -2.56 -3.82
N LEU A 132 -1.74 -1.38 -4.04
CA LEU A 132 -2.44 -0.09 -4.23
C LEU A 132 -2.30 0.42 -5.68
N SER A 133 -3.20 1.31 -6.11
CA SER A 133 -3.32 1.80 -7.49
C SER A 133 -2.16 2.68 -7.94
N ASP A 134 -1.62 3.48 -7.02
CA ASP A 134 -0.45 4.32 -7.17
C ASP A 134 0.61 4.12 -6.08
N GLY A 135 1.84 3.85 -6.51
CA GLY A 135 2.80 3.13 -5.69
C GLY A 135 2.63 1.61 -5.80
N PHE A 136 2.75 0.93 -4.65
CA PHE A 136 3.10 -0.49 -4.58
C PHE A 136 2.42 -1.30 -3.45
N ILE A 137 3.15 -2.15 -2.70
CA ILE A 137 2.58 -3.21 -1.85
C ILE A 137 2.81 -2.98 -0.36
N ALA A 138 1.74 -2.55 0.31
CA ALA A 138 1.66 -2.29 1.75
C ALA A 138 1.44 -3.60 2.56
N SER A 139 1.98 -3.71 3.77
CA SER A 139 1.92 -4.94 4.59
C SER A 139 1.46 -4.73 6.04
N ASN A 140 0.89 -5.79 6.63
CA ASN A 140 0.28 -5.78 7.98
C ASN A 140 1.29 -5.61 9.13
N SER A 1 0.56 5.79 18.06
CA SER A 1 -0.31 5.05 17.13
C SER A 1 0.47 4.20 16.14
N GLY A 2 -0.11 3.09 15.67
CA GLY A 2 0.37 2.37 14.48
C GLY A 2 0.25 3.19 13.19
N GLY A 3 0.96 2.77 12.14
CA GLY A 3 0.94 3.39 10.82
C GLY A 3 -0.30 2.99 10.02
N ALA A 4 -0.67 3.83 9.06
CA ALA A 4 -1.87 3.66 8.25
C ALA A 4 -1.72 4.32 6.86
N LEU A 5 -2.58 3.92 5.92
CA LEU A 5 -2.66 4.44 4.56
C LEU A 5 -3.64 5.63 4.48
N SER A 6 -3.49 6.49 3.47
CA SER A 6 -4.43 7.59 3.21
C SER A 6 -5.83 7.07 2.90
N TYR A 7 -6.88 7.71 3.45
CA TYR A 7 -8.29 7.36 3.26
C TYR A 7 -8.78 7.11 1.83
N ASP A 8 -8.29 7.91 0.90
CA ASP A 8 -8.55 7.78 -0.52
C ASP A 8 -7.58 6.88 -1.33
N THR A 9 -6.62 6.21 -0.67
CA THR A 9 -5.67 5.29 -1.33
C THR A 9 -6.37 4.21 -2.13
N GLU A 10 -6.04 4.04 -3.41
CA GLU A 10 -6.77 3.13 -4.30
C GLU A 10 -6.12 1.74 -4.30
N ILE A 11 -6.90 0.69 -4.09
CA ILE A 11 -6.47 -0.72 -4.12
C ILE A 11 -6.42 -1.24 -5.57
N LEU A 12 -5.38 -2.01 -5.91
CA LEU A 12 -5.31 -2.74 -7.18
C LEU A 12 -6.18 -3.99 -7.11
N THR A 13 -7.41 -3.92 -7.61
CA THR A 13 -8.45 -4.95 -7.41
C THR A 13 -9.04 -5.48 -8.71
N THR A 14 -9.43 -6.75 -8.72
CA THR A 14 -10.11 -7.37 -9.87
C THR A 14 -11.48 -6.75 -10.15
N GLU A 15 -12.16 -6.20 -9.14
CA GLU A 15 -13.56 -5.74 -9.22
C GLU A 15 -13.77 -4.59 -10.23
N TYR A 16 -12.78 -3.69 -10.31
CA TYR A 16 -12.76 -2.50 -11.16
C TYR A 16 -11.40 -2.11 -11.78
N GLY A 17 -10.31 -2.72 -11.32
CA GLY A 17 -8.95 -2.17 -11.39
C GLY A 17 -8.64 -1.16 -10.29
N LEU A 18 -9.66 -0.41 -9.83
CA LEU A 18 -9.55 0.72 -8.90
C LEU A 18 -10.71 0.69 -7.86
N LEU A 19 -10.43 0.62 -6.56
CA LEU A 19 -11.39 0.93 -5.45
C LEU A 19 -10.67 1.61 -4.27
N PRO A 20 -11.18 2.71 -3.68
CA PRO A 20 -10.49 3.41 -2.59
C PRO A 20 -10.67 2.72 -1.22
N ILE A 21 -9.60 2.69 -0.41
CA ILE A 21 -9.48 1.93 0.84
C ILE A 21 -10.55 2.30 1.89
N GLY A 22 -10.96 3.57 1.97
CA GLY A 22 -12.04 4.02 2.84
C GLY A 22 -13.39 3.37 2.49
N ASP A 23 -13.73 3.32 1.20
CA ASP A 23 -14.98 2.73 0.72
C ASP A 23 -14.99 1.20 0.94
N ILE A 24 -13.80 0.55 0.98
CA ILE A 24 -13.64 -0.86 1.38
C ILE A 24 -13.91 -1.06 2.88
N VAL A 25 -13.20 -0.31 3.74
CA VAL A 25 -13.29 -0.48 5.22
C VAL A 25 -14.69 -0.12 5.74
N GLU A 26 -15.32 0.94 5.22
CA GLU A 26 -16.72 1.28 5.56
C GLU A 26 -17.75 0.27 5.02
N SER A 27 -17.42 -0.52 3.99
CA SER A 27 -18.30 -1.55 3.42
C SER A 27 -18.09 -2.95 4.02
N GLU A 28 -16.92 -3.23 4.62
CA GLU A 28 -16.51 -4.55 5.14
C GLU A 28 -16.60 -5.67 4.07
N THR A 29 -16.24 -5.31 2.83
CA THR A 29 -16.29 -6.17 1.64
C THR A 29 -15.14 -7.18 1.51
N GLU A 30 -15.21 -8.05 0.50
CA GLU A 30 -14.35 -9.24 0.31
C GLU A 30 -13.69 -9.33 -1.07
N CYS A 31 -13.64 -8.20 -1.79
CA CYS A 31 -13.15 -8.12 -3.17
C CYS A 31 -11.65 -8.46 -3.29
N THR A 32 -11.28 -9.21 -4.33
CA THR A 32 -9.90 -9.68 -4.57
C THR A 32 -8.98 -8.51 -4.94
N VAL A 33 -7.83 -8.46 -4.26
CA VAL A 33 -6.68 -7.59 -4.50
C VAL A 33 -5.50 -8.48 -4.89
N TYR A 34 -4.55 -7.92 -5.64
CA TYR A 34 -3.32 -8.61 -6.06
C TYR A 34 -2.28 -8.73 -4.95
N SER A 35 -1.55 -9.85 -4.87
CA SER A 35 -0.61 -10.15 -3.76
C SER A 35 0.61 -10.94 -4.22
N VAL A 36 1.60 -11.12 -3.33
CA VAL A 36 2.75 -12.00 -3.52
C VAL A 36 2.75 -13.26 -2.63
N ASP A 37 3.29 -14.36 -3.14
CA ASP A 37 3.55 -15.60 -2.39
C ASP A 37 4.96 -15.58 -1.77
N SER A 38 5.23 -16.49 -0.83
CA SER A 38 6.56 -16.66 -0.22
C SER A 38 7.67 -17.04 -1.22
N ASP A 39 7.31 -17.60 -2.39
CA ASP A 39 8.27 -17.93 -3.46
C ASP A 39 8.50 -16.71 -4.40
N GLY A 40 7.86 -15.57 -4.15
CA GLY A 40 8.04 -14.32 -4.92
C GLY A 40 7.34 -14.32 -6.28
N SER A 41 6.11 -14.84 -6.33
CA SER A 41 5.24 -14.90 -7.51
C SER A 41 3.90 -14.19 -7.23
N THR A 42 3.27 -13.59 -8.26
CA THR A 42 1.99 -12.86 -8.15
C THR A 42 0.71 -13.70 -8.09
N TYR A 43 -0.21 -13.35 -7.18
CA TYR A 43 -1.46 -14.05 -6.83
C TYR A 43 -2.65 -13.08 -6.55
N THR A 44 -3.74 -13.53 -5.95
CA THR A 44 -4.88 -12.71 -5.50
C THR A 44 -5.39 -13.14 -4.12
N GLN A 45 -6.02 -12.22 -3.39
CA GLN A 45 -6.67 -12.42 -2.09
C GLN A 45 -7.82 -11.46 -1.89
N GLY A 46 -8.99 -11.94 -1.46
CA GLY A 46 -10.07 -11.11 -0.96
C GLY A 46 -9.92 -10.74 0.52
N VAL A 47 -10.24 -9.49 0.85
CA VAL A 47 -10.02 -8.88 2.18
C VAL A 47 -10.62 -9.63 3.37
N ALA A 48 -9.87 -9.68 4.49
CA ALA A 48 -10.28 -10.33 5.75
C ALA A 48 -10.01 -9.51 7.04
N GLU A 49 -9.21 -8.43 6.98
CA GLU A 49 -9.00 -7.48 8.08
C GLU A 49 -9.28 -6.05 7.59
N TRP A 50 -9.94 -5.25 8.43
CA TRP A 50 -10.23 -3.83 8.19
C TRP A 50 -10.06 -3.00 9.47
N HIS A 51 -9.31 -1.91 9.38
CA HIS A 51 -8.75 -1.17 10.51
C HIS A 51 -8.73 0.34 10.20
N ASP A 52 -8.86 1.16 11.23
CA ASP A 52 -8.76 2.62 11.18
C ASP A 52 -7.77 3.15 12.23
N ARG A 53 -7.26 4.38 12.06
CA ARG A 53 -6.39 5.02 13.07
C ARG A 53 -6.62 6.53 13.26
N GLY A 54 -7.84 7.01 13.03
CA GLY A 54 -8.25 8.33 13.47
C GLY A 54 -7.73 9.40 12.52
N GLU A 55 -6.93 10.35 13.03
CA GLU A 55 -6.36 11.44 12.26
C GLU A 55 -4.84 11.55 12.47
N GLN A 56 -4.08 11.40 11.39
CA GLN A 56 -2.62 11.36 11.41
C GLN A 56 -1.98 12.20 10.29
N GLU A 57 -0.73 12.60 10.53
CA GLU A 57 0.12 13.33 9.58
C GLU A 57 0.45 12.47 8.36
N VAL A 58 -0.04 12.88 7.19
CA VAL A 58 0.18 12.16 5.92
C VAL A 58 1.40 12.76 5.20
N PHE A 59 2.31 11.89 4.79
CA PHE A 59 3.31 12.14 3.75
C PHE A 59 2.83 11.80 2.33
N GLU A 60 3.31 12.54 1.33
CA GLU A 60 3.25 12.17 -0.08
C GLU A 60 4.64 11.73 -0.59
N TYR A 61 4.67 10.68 -1.39
CA TYR A 61 5.87 10.16 -2.05
C TYR A 61 5.60 10.02 -3.55
N CYS A 62 6.37 10.71 -4.39
CA CYS A 62 6.26 10.62 -5.85
C CYS A 62 7.28 9.62 -6.40
N LEU A 63 6.85 8.75 -7.32
CA LEU A 63 7.71 7.78 -7.99
C LEU A 63 8.40 8.38 -9.22
N GLU A 64 9.37 7.66 -9.80
CA GLU A 64 10.11 8.12 -10.98
C GLU A 64 9.15 8.37 -12.16
N ASP A 65 8.19 7.47 -12.35
CA ASP A 65 7.19 7.51 -13.40
C ASP A 65 5.98 8.41 -13.04
N GLY A 66 6.07 9.23 -11.99
CA GLY A 66 5.05 10.24 -11.63
C GLY A 66 3.78 9.72 -10.93
N SER A 67 3.70 8.43 -10.63
CA SER A 67 2.73 7.85 -9.69
C SER A 67 2.91 8.40 -8.26
N THR A 68 1.89 8.32 -7.41
CA THR A 68 1.94 8.78 -6.00
C THR A 68 1.61 7.72 -4.95
N ILE A 69 2.32 7.74 -3.82
CA ILE A 69 1.97 7.09 -2.55
C ILE A 69 1.57 8.16 -1.54
N ARG A 70 0.49 7.94 -0.77
CA ARG A 70 0.09 8.80 0.35
C ARG A 70 -0.25 7.96 1.58
N ALA A 71 0.47 8.16 2.68
CA ALA A 71 0.38 7.32 3.89
C ALA A 71 1.01 8.03 5.11
N THR A 72 0.92 7.42 6.30
CA THR A 72 1.90 7.69 7.38
C THR A 72 3.25 6.98 7.17
N LYS A 73 4.36 7.63 7.55
CA LYS A 73 5.73 7.12 7.30
C LYS A 73 6.14 5.88 8.12
N ASP A 74 5.22 5.31 8.89
CA ASP A 74 5.43 4.16 9.79
C ASP A 74 4.81 2.82 9.37
N HIS A 75 3.96 2.78 8.34
CA HIS A 75 3.36 1.52 7.90
C HIS A 75 4.42 0.65 7.20
N LYS A 76 4.33 -0.68 7.38
CA LYS A 76 5.36 -1.62 6.93
C LYS A 76 5.09 -2.17 5.53
N PHE A 77 6.17 -2.41 4.81
CA PHE A 77 6.23 -2.81 3.40
C PHE A 77 7.26 -3.94 3.17
N MET A 78 7.47 -4.39 1.92
CA MET A 78 8.64 -5.20 1.57
C MET A 78 9.13 -4.97 0.14
N THR A 79 10.44 -5.10 -0.07
CA THR A 79 11.06 -5.12 -1.41
C THR A 79 10.84 -6.41 -2.19
N THR A 80 11.10 -6.36 -3.50
CA THR A 80 11.10 -7.57 -4.35
C THR A 80 12.16 -8.60 -3.93
N ASP A 81 13.23 -8.21 -3.21
CA ASP A 81 14.18 -9.16 -2.60
C ASP A 81 13.57 -9.99 -1.44
N GLY A 82 12.54 -9.45 -0.78
CA GLY A 82 12.02 -9.96 0.49
C GLY A 82 12.57 -9.24 1.73
N GLU A 83 13.06 -8.01 1.59
CA GLU A 83 13.48 -7.19 2.74
C GLU A 83 12.29 -6.46 3.36
N MET A 84 12.04 -6.71 4.65
CA MET A 84 10.93 -6.16 5.43
C MET A 84 11.29 -4.79 6.03
N LEU A 85 10.60 -3.73 5.61
CA LEU A 85 10.90 -2.34 6.02
C LEU A 85 9.69 -1.38 5.95
N PRO A 86 9.69 -0.29 6.74
CA PRO A 86 8.75 0.81 6.59
C PRO A 86 9.02 1.64 5.34
N ILE A 87 7.98 2.31 4.86
CA ILE A 87 8.03 3.13 3.64
C ILE A 87 9.10 4.23 3.70
N ASP A 88 9.34 4.80 4.89
CA ASP A 88 10.42 5.76 5.14
C ASP A 88 11.81 5.27 4.73
N GLU A 89 12.12 4.01 5.06
CA GLU A 89 13.42 3.42 4.78
C GLU A 89 13.55 3.02 3.29
N ILE A 90 12.46 2.57 2.67
CA ILE A 90 12.41 2.29 1.23
C ILE A 90 12.55 3.58 0.40
N PHE A 91 12.02 4.70 0.91
CA PHE A 91 12.37 6.05 0.47
C PHE A 91 13.85 6.45 0.52
N GLU A 92 14.43 6.50 1.72
CA GLU A 92 15.78 7.04 1.92
C GLU A 92 16.91 6.09 1.50
N SER A 93 16.70 4.77 1.58
CA SER A 93 17.62 3.75 1.06
C SER A 93 17.42 3.50 -0.46
N GLU A 94 16.35 4.07 -1.03
CA GLU A 94 16.03 4.10 -2.46
C GLU A 94 15.70 2.71 -3.05
N LEU A 95 15.13 1.82 -2.23
CA LEU A 95 14.90 0.40 -2.53
C LEU A 95 13.85 0.15 -3.63
N ASP A 96 13.86 -1.05 -4.20
CA ASP A 96 12.96 -1.50 -5.27
C ASP A 96 11.84 -2.47 -4.82
N LEU A 97 10.59 -2.20 -5.22
CA LEU A 97 9.43 -3.00 -4.81
C LEU A 97 9.04 -4.12 -5.80
N MET A 98 8.06 -4.93 -5.38
CA MET A 98 7.44 -6.03 -6.13
C MET A 98 7.03 -5.64 -7.56
N ARG A 99 7.16 -6.57 -8.52
CA ARG A 99 6.64 -6.41 -9.89
C ARG A 99 5.12 -6.60 -9.93
N VAL A 100 4.38 -5.73 -10.62
CA VAL A 100 2.91 -5.80 -10.73
C VAL A 100 2.32 -5.12 -11.97
N ASP A 101 1.03 -5.32 -12.25
CA ASP A 101 0.23 -4.60 -13.27
C ASP A 101 0.05 -3.09 -12.94
N SER A 102 1.15 -2.34 -13.04
CA SER A 102 1.27 -0.90 -12.70
C SER A 102 2.42 -0.18 -13.43
N SER A 103 2.62 1.10 -13.08
CA SER A 103 3.64 2.04 -13.55
C SER A 103 5.12 1.62 -13.40
N GLY A 104 6.06 2.48 -13.85
CA GLY A 104 7.51 2.35 -13.60
C GLY A 104 7.90 2.76 -12.18
N ASP A 105 7.29 2.11 -11.19
CA ASP A 105 7.16 2.59 -9.81
C ASP A 105 8.24 2.22 -8.78
N THR A 106 9.17 1.31 -9.10
CA THR A 106 10.15 0.75 -8.15
C THR A 106 11.28 1.66 -7.66
N LYS A 107 11.04 2.96 -7.66
CA LYS A 107 11.92 4.01 -7.16
C LYS A 107 11.10 5.20 -6.65
N ILE A 108 11.08 5.40 -5.33
CA ILE A 108 10.55 6.63 -4.74
C ILE A 108 11.52 7.76 -5.08
N ALA A 109 11.09 8.66 -5.96
CA ALA A 109 11.94 9.70 -6.51
C ALA A 109 12.07 10.89 -5.53
N THR A 110 10.96 11.32 -4.92
CA THR A 110 10.90 12.49 -4.03
C THR A 110 9.79 12.32 -2.99
N ARG A 111 9.85 13.15 -1.94
CA ARG A 111 8.94 13.18 -0.77
C ARG A 111 8.49 14.61 -0.45
N GLU A 112 7.27 14.76 0.06
CA GLU A 112 6.70 16.03 0.53
C GLU A 112 5.64 15.81 1.64
N TYR A 113 5.53 16.72 2.61
CA TYR A 113 4.41 16.76 3.57
C TYR A 113 3.18 17.58 3.14
N THR A 114 1.97 17.23 3.61
CA THR A 114 0.70 17.70 2.99
C THR A 114 -0.50 18.02 3.88
N GLY A 115 -0.47 17.66 5.18
CA GLY A 115 -1.54 17.89 6.16
C GLY A 115 -1.74 16.75 7.17
N SER A 116 -2.87 16.77 7.89
CA SER A 116 -3.40 15.61 8.66
C SER A 116 -4.84 15.28 8.24
N GLU A 117 -5.18 13.98 8.17
CA GLU A 117 -6.43 13.47 7.56
C GLU A 117 -6.92 12.17 8.22
N ASP A 118 -8.14 11.72 7.90
CA ASP A 118 -8.56 10.31 8.06
C ASP A 118 -7.56 9.30 7.47
N VAL A 119 -7.32 8.20 8.19
CA VAL A 119 -6.39 7.12 7.81
C VAL A 119 -6.95 5.72 8.10
N TYR A 120 -6.52 4.75 7.29
CA TYR A 120 -7.08 3.39 7.16
C TYR A 120 -6.08 2.24 6.90
N ASP A 121 -6.48 1.00 7.18
CA ASP A 121 -5.63 -0.21 7.04
C ASP A 121 -6.38 -1.51 6.69
N ILE A 122 -5.90 -2.32 5.73
CA ILE A 122 -6.50 -3.60 5.33
C ILE A 122 -5.51 -4.74 5.14
N GLY A 123 -5.95 -5.98 5.40
CA GLY A 123 -5.10 -7.18 5.34
C GLY A 123 -5.82 -8.52 5.16
N VAL A 124 -5.03 -9.60 5.21
CA VAL A 124 -5.48 -11.01 5.17
C VAL A 124 -4.58 -11.86 6.07
N GLU A 125 -5.22 -12.74 6.85
CA GLU A 125 -4.60 -13.59 7.87
C GLU A 125 -3.63 -14.66 7.33
N SER A 126 -3.83 -15.15 6.09
CA SER A 126 -2.95 -16.15 5.46
C SER A 126 -1.70 -15.55 4.80
N ASP A 127 -1.84 -14.45 4.05
CA ASP A 127 -0.76 -13.88 3.20
C ASP A 127 -0.14 -12.55 3.64
N HIS A 128 -0.93 -11.72 4.34
CA HIS A 128 -0.56 -10.46 4.97
C HIS A 128 0.22 -9.45 4.09
N ASN A 129 -0.14 -9.36 2.79
CA ASN A 129 0.29 -8.29 1.88
C ASN A 129 -0.80 -7.98 0.83
N PHE A 130 -0.90 -6.70 0.43
CA PHE A 130 -1.83 -6.15 -0.57
C PHE A 130 -1.21 -5.16 -1.55
N ALA A 131 -1.44 -5.32 -2.85
CA ALA A 131 -1.06 -4.31 -3.85
C ALA A 131 -2.04 -3.11 -3.86
N LEU A 132 -1.52 -1.94 -3.54
CA LEU A 132 -2.18 -0.66 -3.79
C LEU A 132 -1.89 -0.22 -5.24
N SER A 133 -2.92 0.32 -5.90
CA SER A 133 -2.78 0.97 -7.21
C SER A 133 -1.90 2.22 -7.06
N ASP A 134 -1.25 2.65 -8.15
CA ASP A 134 -0.02 3.46 -8.09
C ASP A 134 1.24 2.75 -7.51
N GLY A 135 1.20 1.42 -7.41
CA GLY A 135 2.40 0.56 -7.49
C GLY A 135 2.98 -0.04 -6.21
N PHE A 136 2.37 0.17 -5.03
CA PHE A 136 2.95 -0.21 -3.72
C PHE A 136 2.30 -1.36 -2.94
N ILE A 137 3.08 -2.39 -2.58
CA ILE A 137 2.59 -3.56 -1.83
C ILE A 137 2.70 -3.35 -0.32
N ALA A 138 1.59 -2.93 0.29
CA ALA A 138 1.44 -2.82 1.73
C ALA A 138 1.45 -4.21 2.42
N SER A 139 1.76 -4.26 3.72
CA SER A 139 1.91 -5.52 4.45
C SER A 139 1.53 -5.40 5.93
N ASN A 140 1.03 -6.49 6.52
CA ASN A 140 0.36 -6.48 7.84
C ASN A 140 1.20 -7.09 8.95
N SER A 1 -0.05 6.49 13.37
CA SER A 1 -0.26 5.45 14.39
C SER A 1 -1.23 4.39 13.87
N GLY A 2 -0.94 3.11 14.11
CA GLY A 2 -1.90 2.01 13.87
C GLY A 2 -2.26 1.77 12.39
N GLY A 3 -1.29 1.87 11.49
CA GLY A 3 -1.46 1.56 10.05
C GLY A 3 -2.27 2.58 9.24
N ALA A 4 -2.47 3.79 9.78
CA ALA A 4 -3.35 4.85 9.28
C ALA A 4 -3.01 5.40 7.87
N LEU A 5 -3.52 4.74 6.83
CA LEU A 5 -3.56 5.22 5.44
C LEU A 5 -4.70 6.23 5.25
N SER A 6 -4.54 7.20 4.35
CA SER A 6 -5.62 8.13 3.95
C SER A 6 -6.69 7.42 3.11
N TYR A 7 -7.95 7.88 3.20
CA TYR A 7 -9.04 7.45 2.30
C TYR A 7 -8.72 7.37 0.80
N ASP A 8 -7.92 8.32 0.33
CA ASP A 8 -7.39 8.39 -1.05
C ASP A 8 -6.51 7.22 -1.51
N THR A 9 -6.13 6.30 -0.61
CA THR A 9 -5.44 5.05 -0.95
C THR A 9 -6.27 4.07 -1.78
N GLU A 10 -6.10 4.13 -3.11
CA GLU A 10 -6.70 3.17 -4.06
C GLU A 10 -5.97 1.80 -4.00
N ILE A 11 -6.73 0.73 -3.73
CA ILE A 11 -6.28 -0.65 -3.55
C ILE A 11 -6.72 -1.50 -4.76
N LEU A 12 -5.91 -2.50 -5.15
CA LEU A 12 -6.26 -3.41 -6.23
C LEU A 12 -7.19 -4.56 -5.79
N THR A 13 -8.36 -4.64 -6.43
CA THR A 13 -9.42 -5.63 -6.18
C THR A 13 -9.71 -6.59 -7.35
N THR A 14 -10.50 -7.64 -7.11
CA THR A 14 -10.95 -8.58 -8.15
C THR A 14 -12.34 -8.36 -8.74
N GLU A 15 -13.31 -7.92 -7.92
CA GLU A 15 -14.72 -7.69 -8.33
C GLU A 15 -14.99 -6.26 -8.83
N TYR A 16 -14.20 -5.27 -8.40
CA TYR A 16 -14.18 -3.88 -8.91
C TYR A 16 -12.91 -3.37 -9.60
N GLY A 17 -11.82 -4.13 -9.55
CA GLY A 17 -10.50 -3.76 -10.07
C GLY A 17 -9.76 -2.75 -9.19
N LEU A 18 -10.44 -1.65 -8.84
CA LEU A 18 -9.97 -0.54 -8.00
C LEU A 18 -11.03 -0.18 -6.95
N LEU A 19 -10.64 0.07 -5.70
CA LEU A 19 -11.47 0.73 -4.67
C LEU A 19 -10.60 1.63 -3.76
N PRO A 20 -11.10 2.79 -3.29
CA PRO A 20 -10.48 3.53 -2.19
C PRO A 20 -10.64 2.74 -0.87
N ILE A 21 -9.61 2.76 -0.02
CA ILE A 21 -9.53 1.93 1.20
C ILE A 21 -10.78 2.02 2.10
N GLY A 22 -11.36 3.21 2.28
CA GLY A 22 -12.56 3.41 3.10
C GLY A 22 -13.76 2.60 2.63
N ASP A 23 -13.94 2.43 1.32
CA ASP A 23 -15.01 1.59 0.75
C ASP A 23 -14.88 0.08 1.01
N ILE A 24 -13.67 -0.41 1.30
CA ILE A 24 -13.40 -1.78 1.77
C ILE A 24 -13.78 -1.90 3.25
N VAL A 25 -13.36 -0.94 4.10
CA VAL A 25 -13.76 -0.88 5.52
C VAL A 25 -15.28 -0.74 5.72
N GLU A 26 -15.96 -0.10 4.77
CA GLU A 26 -17.43 -0.04 4.70
C GLU A 26 -18.12 -1.29 4.11
N SER A 27 -17.39 -2.15 3.39
CA SER A 27 -17.93 -3.40 2.83
C SER A 27 -18.10 -4.51 3.87
N GLU A 28 -17.26 -4.51 4.92
CA GLU A 28 -17.44 -5.32 6.15
C GLU A 28 -17.53 -6.84 5.97
N THR A 29 -16.93 -7.35 4.89
CA THR A 29 -16.87 -8.76 4.50
C THR A 29 -15.57 -9.15 3.78
N GLU A 30 -15.37 -10.43 3.50
CA GLU A 30 -14.19 -10.99 2.83
C GLU A 30 -14.09 -10.64 1.33
N CYS A 31 -14.06 -9.35 0.98
CA CYS A 31 -13.74 -8.89 -0.37
C CYS A 31 -12.31 -9.29 -0.78
N THR A 32 -12.17 -9.84 -1.98
CA THR A 32 -10.89 -10.35 -2.53
C THR A 32 -9.99 -9.28 -3.15
N VAL A 33 -8.72 -9.25 -2.76
CA VAL A 33 -7.70 -8.27 -3.17
C VAL A 33 -6.45 -8.94 -3.73
N TYR A 34 -5.60 -8.17 -4.42
CA TYR A 34 -4.29 -8.62 -4.90
C TYR A 34 -3.16 -8.71 -3.85
N SER A 35 -2.37 -9.78 -3.88
CA SER A 35 -1.26 -10.09 -2.96
C SER A 35 -0.07 -10.74 -3.70
N VAL A 36 1.06 -10.96 -3.02
CA VAL A 36 2.28 -11.52 -3.61
C VAL A 36 3.12 -12.40 -2.69
N ASP A 37 3.73 -13.45 -3.25
CA ASP A 37 4.79 -14.26 -2.63
C ASP A 37 6.21 -13.71 -2.86
N SER A 38 7.11 -13.88 -1.88
CA SER A 38 8.56 -13.60 -1.98
C SER A 38 9.24 -14.07 -3.29
N ASP A 39 8.74 -15.13 -3.93
CA ASP A 39 9.17 -15.58 -5.27
C ASP A 39 8.96 -14.59 -6.43
N GLY A 40 8.05 -13.63 -6.26
CA GLY A 40 7.44 -12.82 -7.33
C GLY A 40 6.08 -13.39 -7.80
N SER A 41 5.69 -14.58 -7.34
CA SER A 41 4.39 -15.21 -7.65
C SER A 41 3.21 -14.35 -7.16
N THR A 42 2.46 -13.75 -8.09
CA THR A 42 1.25 -12.96 -7.79
C THR A 42 0.01 -13.76 -7.41
N TYR A 43 -0.87 -13.22 -6.56
CA TYR A 43 -2.07 -13.86 -6.04
C TYR A 43 -3.32 -12.98 -5.91
N THR A 44 -4.50 -13.60 -5.78
CA THR A 44 -5.69 -13.00 -5.15
C THR A 44 -6.16 -13.73 -3.89
N GLN A 45 -6.52 -13.00 -2.84
CA GLN A 45 -6.91 -13.58 -1.54
C GLN A 45 -7.86 -12.63 -0.77
N GLY A 46 -8.70 -13.18 0.13
CA GLY A 46 -9.71 -12.43 0.88
C GLY A 46 -9.15 -11.52 1.97
N VAL A 47 -9.65 -10.28 2.05
CA VAL A 47 -9.48 -9.40 3.21
C VAL A 47 -10.06 -9.99 4.51
N ALA A 48 -9.49 -9.65 5.67
CA ALA A 48 -9.95 -10.10 6.99
C ALA A 48 -9.81 -9.04 8.09
N GLU A 49 -8.79 -8.20 8.03
CA GLU A 49 -8.62 -7.04 8.91
C GLU A 49 -9.15 -5.77 8.21
N TRP A 50 -9.98 -4.98 8.90
CA TRP A 50 -10.42 -3.65 8.47
C TRP A 50 -10.85 -2.75 9.64
N HIS A 51 -10.46 -1.46 9.63
CA HIS A 51 -10.81 -0.48 10.66
C HIS A 51 -10.65 0.98 10.20
N ASP A 52 -11.41 1.92 10.79
CA ASP A 52 -11.04 3.34 10.79
C ASP A 52 -9.99 3.69 11.86
N ARG A 53 -9.17 4.71 11.63
CA ARG A 53 -8.15 5.20 12.61
C ARG A 53 -8.33 6.67 13.01
N GLY A 54 -9.42 7.32 12.61
CA GLY A 54 -9.76 8.70 12.98
C GLY A 54 -9.18 9.75 12.03
N GLU A 55 -8.55 10.79 12.59
CA GLU A 55 -7.87 11.87 11.87
C GLU A 55 -6.35 11.91 12.17
N GLN A 56 -5.50 11.67 11.16
CA GLN A 56 -4.03 11.57 11.30
C GLN A 56 -3.26 12.03 10.04
N GLU A 57 -2.03 12.52 10.21
CA GLU A 57 -1.10 12.88 9.13
C GLU A 57 -0.56 11.66 8.35
N VAL A 58 -0.48 11.79 7.01
CA VAL A 58 -0.05 10.72 6.08
C VAL A 58 0.97 11.20 5.04
N PHE A 59 2.06 10.46 4.84
CA PHE A 59 3.02 10.66 3.75
C PHE A 59 2.61 10.28 2.33
N GLU A 60 3.06 11.07 1.36
CA GLU A 60 3.09 10.78 -0.07
C GLU A 60 4.54 10.72 -0.57
N TYR A 61 4.86 9.78 -1.46
CA TYR A 61 6.21 9.49 -1.98
C TYR A 61 6.33 9.60 -3.49
N CYS A 62 7.19 10.51 -3.99
CA CYS A 62 7.29 10.88 -5.40
C CYS A 62 8.32 10.02 -6.14
N LEU A 63 7.95 9.47 -7.30
CA LEU A 63 8.83 8.78 -8.24
C LEU A 63 9.59 9.79 -9.12
N GLU A 64 10.73 9.37 -9.69
CA GLU A 64 11.51 10.20 -10.63
C GLU A 64 10.77 10.54 -11.94
N ASP A 65 9.75 9.75 -12.30
CA ASP A 65 8.82 9.97 -13.41
C ASP A 65 7.59 10.84 -13.07
N GLY A 66 7.53 11.38 -11.85
CA GLY A 66 6.53 12.36 -11.42
C GLY A 66 5.19 11.80 -10.93
N SER A 67 4.97 10.48 -10.92
CA SER A 67 3.86 9.89 -10.14
C SER A 67 4.18 9.93 -8.63
N THR A 68 3.15 9.93 -7.78
CA THR A 68 3.28 10.04 -6.32
C THR A 68 2.28 9.17 -5.58
N ILE A 69 2.76 8.37 -4.61
CA ILE A 69 1.99 7.33 -3.90
C ILE A 69 1.91 7.62 -2.39
N ARG A 70 0.69 7.66 -1.85
CA ARG A 70 0.40 7.68 -0.41
C ARG A 70 0.73 6.35 0.29
N ALA A 71 1.34 6.42 1.47
CA ALA A 71 1.86 5.28 2.26
C ALA A 71 2.07 5.65 3.75
N THR A 72 2.48 4.69 4.60
CA THR A 72 2.76 4.92 6.04
C THR A 72 4.07 4.35 6.62
N LYS A 73 4.54 4.95 7.71
CA LYS A 73 5.62 4.44 8.58
C LYS A 73 5.25 3.20 9.40
N ASP A 74 3.96 2.95 9.63
CA ASP A 74 3.44 1.97 10.61
C ASP A 74 3.37 0.51 10.13
N HIS A 75 3.66 0.26 8.86
CA HIS A 75 3.71 -1.04 8.20
C HIS A 75 4.97 -1.19 7.34
N LYS A 76 5.32 -2.41 6.92
CA LYS A 76 6.42 -2.62 5.95
C LYS A 76 5.93 -2.74 4.50
N PHE A 77 6.80 -2.32 3.59
CA PHE A 77 6.73 -2.59 2.16
C PHE A 77 7.65 -3.73 1.72
N MET A 78 7.27 -4.48 0.67
CA MET A 78 8.14 -5.52 0.12
C MET A 78 9.21 -4.95 -0.81
N THR A 79 10.46 -5.41 -0.68
CA THR A 79 11.51 -5.26 -1.69
C THR A 79 11.31 -6.14 -2.93
N THR A 80 11.89 -5.76 -4.07
CA THR A 80 11.90 -6.58 -5.32
C THR A 80 12.55 -7.97 -5.22
N ASP A 81 13.15 -8.29 -4.08
CA ASP A 81 13.73 -9.61 -3.75
C ASP A 81 12.96 -10.31 -2.59
N GLY A 82 11.90 -9.69 -2.06
CA GLY A 82 10.93 -10.31 -1.14
C GLY A 82 11.09 -9.98 0.35
N GLU A 83 12.05 -9.16 0.76
CA GLU A 83 12.25 -8.72 2.15
C GLU A 83 11.25 -7.62 2.58
N MET A 84 10.98 -7.47 3.87
CA MET A 84 10.09 -6.43 4.44
C MET A 84 10.87 -5.28 5.10
N LEU A 85 10.66 -4.03 4.64
CA LEU A 85 11.32 -2.82 5.17
C LEU A 85 10.35 -1.61 5.26
N PRO A 86 10.60 -0.62 6.16
CA PRO A 86 9.88 0.66 6.17
C PRO A 86 10.21 1.52 4.93
N ILE A 87 9.21 2.19 4.36
CA ILE A 87 9.37 2.99 3.13
C ILE A 87 10.38 4.14 3.26
N ASP A 88 10.50 4.75 4.44
CA ASP A 88 11.54 5.75 4.75
C ASP A 88 12.99 5.26 4.71
N GLU A 89 13.22 3.98 5.00
CA GLU A 89 14.54 3.34 4.94
C GLU A 89 14.83 2.80 3.53
N ILE A 90 13.80 2.35 2.81
CA ILE A 90 13.86 2.01 1.37
C ILE A 90 14.29 3.23 0.55
N PHE A 91 13.63 4.38 0.74
CA PHE A 91 13.93 5.62 0.01
C PHE A 91 15.33 6.23 0.21
N GLU A 92 15.81 6.32 1.45
CA GLU A 92 17.18 6.81 1.71
C GLU A 92 18.27 5.83 1.21
N SER A 93 17.91 4.56 1.01
CA SER A 93 18.76 3.51 0.42
C SER A 93 18.67 3.43 -1.12
N GLU A 94 17.76 4.18 -1.75
CA GLU A 94 17.34 4.04 -3.16
C GLU A 94 16.95 2.59 -3.53
N LEU A 95 16.35 1.83 -2.62
CA LEU A 95 16.07 0.40 -2.78
C LEU A 95 14.78 0.16 -3.60
N ASP A 96 14.75 -0.90 -4.41
CA ASP A 96 13.60 -1.24 -5.26
C ASP A 96 12.48 -2.06 -4.57
N LEU A 97 11.23 -1.68 -4.81
CA LEU A 97 10.04 -2.29 -4.23
C LEU A 97 9.48 -3.43 -5.11
N MET A 98 8.74 -4.36 -4.50
CA MET A 98 8.01 -5.41 -5.23
C MET A 98 6.81 -4.81 -5.96
N ARG A 99 6.86 -4.84 -7.30
CA ARG A 99 5.75 -4.45 -8.19
C ARG A 99 4.61 -5.47 -8.12
N VAL A 100 3.39 -5.00 -8.38
CA VAL A 100 2.27 -5.85 -8.82
C VAL A 100 2.21 -5.94 -10.36
N ASP A 101 1.60 -7.01 -10.88
CA ASP A 101 1.62 -7.36 -12.31
C ASP A 101 1.13 -6.28 -13.30
N SER A 102 0.22 -5.40 -12.87
CA SER A 102 -0.30 -4.24 -13.62
C SER A 102 0.49 -2.94 -13.44
N SER A 103 1.74 -3.01 -12.96
CA SER A 103 2.63 -1.87 -12.61
C SER A 103 4.13 -2.15 -12.83
N GLY A 104 4.99 -1.12 -12.64
CA GLY A 104 6.40 -1.15 -13.05
C GLY A 104 7.41 -0.27 -12.28
N ASP A 105 7.00 0.85 -11.68
CA ASP A 105 7.90 1.87 -11.11
C ASP A 105 8.66 1.54 -9.80
N THR A 106 9.87 2.08 -9.61
CA THR A 106 10.71 1.85 -8.41
C THR A 106 11.39 3.04 -7.73
N LYS A 107 11.89 4.03 -8.49
CA LYS A 107 12.83 5.05 -7.99
C LYS A 107 12.13 6.24 -7.34
N ILE A 108 12.06 6.22 -6.01
CA ILE A 108 11.56 7.34 -5.19
C ILE A 108 12.65 8.44 -5.10
N ALA A 109 12.24 9.70 -5.13
CA ALA A 109 13.12 10.87 -5.15
C ALA A 109 12.74 11.99 -4.16
N THR A 110 11.55 11.97 -3.54
CA THR A 110 11.08 13.01 -2.61
C THR A 110 9.91 12.43 -1.79
N ARG A 111 9.68 12.95 -0.58
CA ARG A 111 8.50 12.67 0.25
C ARG A 111 7.81 13.96 0.72
N GLU A 112 6.49 13.91 0.91
CA GLU A 112 5.69 15.03 1.42
C GLU A 112 4.39 14.57 2.13
N TYR A 113 4.16 15.00 3.37
CA TYR A 113 2.85 14.77 4.04
C TYR A 113 1.67 15.58 3.51
N THR A 114 0.54 14.93 3.27
CA THR A 114 -0.66 15.50 2.61
C THR A 114 -1.55 16.42 3.46
N GLY A 115 -1.08 16.74 4.66
CA GLY A 115 -1.90 17.19 5.80
C GLY A 115 -2.45 16.01 6.61
N SER A 116 -3.33 16.32 7.58
CA SER A 116 -4.06 15.32 8.38
C SER A 116 -5.39 14.94 7.73
N GLU A 117 -5.62 13.65 7.49
CA GLU A 117 -6.69 13.10 6.64
C GLU A 117 -7.77 12.32 7.40
N ASP A 118 -8.85 11.94 6.72
CA ASP A 118 -9.64 10.77 7.13
C ASP A 118 -8.86 9.47 6.90
N VAL A 119 -8.54 8.73 7.97
CA VAL A 119 -7.61 7.59 7.91
C VAL A 119 -8.23 6.25 8.33
N TYR A 120 -7.67 5.19 7.74
CA TYR A 120 -8.14 3.79 7.73
C TYR A 120 -7.00 2.76 7.74
N ASP A 121 -7.30 1.48 8.00
CA ASP A 121 -6.35 0.36 7.97
C ASP A 121 -7.03 -0.95 7.52
N ILE A 122 -6.30 -1.84 6.82
CA ILE A 122 -6.80 -3.12 6.27
C ILE A 122 -5.71 -4.22 6.29
N GLY A 123 -6.10 -5.49 6.13
CA GLY A 123 -5.17 -6.62 6.03
C GLY A 123 -5.80 -7.94 5.53
N VAL A 124 -4.98 -8.77 4.88
CA VAL A 124 -5.37 -10.00 4.16
C VAL A 124 -5.26 -11.29 5.00
N GLU A 125 -6.16 -12.25 4.79
CA GLU A 125 -6.44 -13.35 5.73
C GLU A 125 -5.28 -14.32 6.06
N SER A 126 -4.33 -14.54 5.14
CA SER A 126 -3.13 -15.38 5.37
C SER A 126 -1.86 -14.86 4.68
N ASP A 127 -1.97 -14.21 3.51
CA ASP A 127 -0.87 -13.45 2.91
C ASP A 127 -0.43 -12.22 3.71
N HIS A 128 -1.39 -11.53 4.35
CA HIS A 128 -1.26 -10.28 5.12
C HIS A 128 -0.74 -9.05 4.34
N ASN A 129 -0.03 -9.24 3.22
CA ASN A 129 0.37 -8.20 2.27
C ASN A 129 -0.72 -7.90 1.21
N PHE A 130 -0.69 -6.68 0.66
CA PHE A 130 -1.67 -6.19 -0.34
C PHE A 130 -1.13 -5.19 -1.37
N ALA A 131 -1.59 -5.28 -2.63
CA ALA A 131 -1.16 -4.41 -3.72
C ALA A 131 -1.91 -3.05 -3.74
N LEU A 132 -1.14 -1.95 -3.74
CA LEU A 132 -1.66 -0.60 -3.98
C LEU A 132 -1.75 -0.27 -5.49
N SER A 133 -2.59 0.69 -5.84
CA SER A 133 -2.63 1.29 -7.18
C SER A 133 -1.37 2.11 -7.51
N ASP A 134 -0.96 2.11 -8.79
CA ASP A 134 0.21 2.77 -9.39
C ASP A 134 1.64 2.27 -9.09
N GLY A 135 1.81 1.16 -8.36
CA GLY A 135 3.13 0.60 -8.05
C GLY A 135 3.18 -0.78 -7.37
N PHE A 136 3.09 -0.79 -6.05
CA PHE A 136 3.75 -1.78 -5.18
C PHE A 136 2.99 -2.33 -3.96
N ILE A 137 3.52 -3.40 -3.34
CA ILE A 137 2.88 -4.14 -2.23
C ILE A 137 3.22 -3.57 -0.84
N ALA A 138 2.17 -3.28 -0.04
CA ALA A 138 2.20 -2.93 1.39
C ALA A 138 1.84 -4.14 2.28
N SER A 139 1.90 -4.01 3.62
CA SER A 139 1.56 -5.12 4.54
C SER A 139 1.14 -4.65 5.96
N ASN A 140 1.80 -5.14 7.02
CA ASN A 140 1.61 -4.77 8.43
C ASN A 140 2.94 -4.47 9.15
N SER A 1 1.06 9.22 14.95
CA SER A 1 1.95 8.09 15.28
C SER A 1 1.22 6.77 15.15
N GLY A 2 1.29 6.15 13.97
CA GLY A 2 0.71 4.82 13.68
C GLY A 2 0.63 4.54 12.17
N GLY A 3 0.81 3.28 11.75
CA GLY A 3 0.78 2.89 10.36
C GLY A 3 -0.64 2.82 9.85
N ALA A 4 -0.93 3.63 8.84
CA ALA A 4 -2.16 3.58 8.06
C ALA A 4 -1.90 4.16 6.65
N LEU A 5 -2.68 3.75 5.67
CA LEU A 5 -2.69 4.30 4.31
C LEU A 5 -3.66 5.51 4.26
N SER A 6 -3.55 6.37 3.25
CA SER A 6 -4.48 7.51 3.11
C SER A 6 -5.89 7.03 2.69
N TYR A 7 -6.94 7.72 3.11
CA TYR A 7 -8.32 7.53 2.63
C TYR A 7 -8.50 7.69 1.11
N ASP A 8 -7.61 8.46 0.48
CA ASP A 8 -7.48 8.57 -0.97
C ASP A 8 -6.90 7.35 -1.72
N THR A 9 -6.29 6.41 -0.99
CA THR A 9 -5.69 5.20 -1.57
C THR A 9 -6.67 4.25 -2.26
N GLU A 10 -6.44 3.95 -3.54
CA GLU A 10 -7.27 3.00 -4.29
C GLU A 10 -6.60 1.61 -4.29
N ILE A 11 -7.36 0.57 -3.96
CA ILE A 11 -6.90 -0.83 -3.99
C ILE A 11 -6.83 -1.30 -5.45
N LEU A 12 -5.82 -2.11 -5.80
CA LEU A 12 -5.73 -2.78 -7.09
C LEU A 12 -6.41 -4.16 -7.02
N THR A 13 -7.51 -4.37 -7.75
CA THR A 13 -8.39 -5.54 -7.56
C THR A 13 -8.91 -6.05 -8.89
N THR A 14 -8.95 -7.38 -9.04
CA THR A 14 -9.62 -8.02 -10.19
C THR A 14 -11.14 -7.84 -10.22
N GLU A 15 -11.77 -7.67 -9.05
CA GLU A 15 -13.23 -7.71 -8.91
C GLU A 15 -13.92 -6.53 -9.62
N TYR A 16 -13.37 -5.31 -9.47
CA TYR A 16 -13.82 -4.09 -10.15
C TYR A 16 -12.78 -3.21 -10.83
N GLY A 17 -11.48 -3.55 -10.74
CA GLY A 17 -10.37 -2.66 -11.08
C GLY A 17 -10.14 -1.56 -10.04
N LEU A 18 -11.20 -0.84 -9.68
CA LEU A 18 -11.20 0.30 -8.76
C LEU A 18 -12.03 0.01 -7.51
N LEU A 19 -11.43 0.12 -6.32
CA LEU A 19 -12.12 0.21 -5.02
C LEU A 19 -11.30 1.10 -4.07
N PRO A 20 -11.87 2.17 -3.49
CA PRO A 20 -11.15 3.01 -2.53
C PRO A 20 -11.09 2.34 -1.14
N ILE A 21 -9.97 2.50 -0.42
CA ILE A 21 -9.69 1.75 0.83
C ILE A 21 -10.71 2.02 1.94
N GLY A 22 -11.22 3.25 2.03
CA GLY A 22 -12.23 3.67 3.00
C GLY A 22 -13.60 3.02 2.79
N ASP A 23 -13.95 2.67 1.54
CA ASP A 23 -15.19 1.95 1.24
C ASP A 23 -15.16 0.51 1.77
N ILE A 24 -14.02 -0.16 1.61
CA ILE A 24 -13.80 -1.53 2.07
C ILE A 24 -13.86 -1.63 3.59
N VAL A 25 -13.16 -0.75 4.31
CA VAL A 25 -13.12 -0.77 5.79
C VAL A 25 -14.49 -0.42 6.39
N GLU A 26 -15.19 0.58 5.84
CA GLU A 26 -16.49 1.02 6.37
C GLU A 26 -17.65 0.06 6.04
N SER A 27 -17.48 -0.85 5.06
CA SER A 27 -18.40 -1.95 4.74
C SER A 27 -17.95 -3.32 5.30
N GLU A 28 -16.71 -3.43 5.80
CA GLU A 28 -16.09 -4.65 6.36
C GLU A 28 -16.03 -5.85 5.38
N THR A 29 -16.09 -5.57 4.07
CA THR A 29 -16.16 -6.55 2.96
C THR A 29 -14.87 -7.35 2.69
N GLU A 30 -14.90 -8.24 1.68
CA GLU A 30 -13.85 -9.20 1.33
C GLU A 30 -13.50 -9.24 -0.18
N CYS A 31 -13.48 -8.09 -0.85
CA CYS A 31 -13.20 -8.03 -2.30
C CYS A 31 -11.77 -8.46 -2.67
N THR A 32 -11.62 -9.15 -3.80
CA THR A 32 -10.38 -9.79 -4.29
C THR A 32 -9.26 -8.85 -4.78
N VAL A 33 -8.30 -8.49 -3.91
CA VAL A 33 -7.14 -7.61 -4.18
C VAL A 33 -5.91 -8.45 -4.57
N TYR A 34 -5.02 -7.88 -5.38
CA TYR A 34 -3.76 -8.53 -5.77
C TYR A 34 -2.68 -8.63 -4.66
N SER A 35 -1.88 -9.69 -4.67
CA SER A 35 -0.84 -9.98 -3.66
C SER A 35 0.37 -10.74 -4.23
N VAL A 36 1.42 -10.92 -3.42
CA VAL A 36 2.54 -11.84 -3.69
C VAL A 36 2.60 -13.04 -2.75
N ASP A 37 3.11 -14.17 -3.24
CA ASP A 37 3.48 -15.33 -2.42
C ASP A 37 4.97 -15.27 -1.99
N SER A 38 5.34 -16.09 -1.02
CA SER A 38 6.72 -16.34 -0.60
C SER A 38 7.63 -16.87 -1.73
N ASP A 39 7.06 -17.47 -2.78
CA ASP A 39 7.76 -17.82 -4.02
C ASP A 39 8.15 -16.61 -4.89
N GLY A 40 7.53 -15.44 -4.67
CA GLY A 40 7.69 -14.21 -5.46
C GLY A 40 6.82 -14.17 -6.73
N SER A 41 5.69 -14.84 -6.67
CA SER A 41 4.68 -14.99 -7.72
C SER A 41 3.39 -14.26 -7.34
N THR A 42 2.68 -13.70 -8.32
CA THR A 42 1.50 -12.83 -8.13
C THR A 42 0.14 -13.54 -8.03
N TYR A 43 -0.70 -13.15 -7.07
CA TYR A 43 -1.96 -13.80 -6.71
C TYR A 43 -3.15 -12.85 -6.46
N THR A 44 -4.35 -13.36 -6.21
CA THR A 44 -5.53 -12.58 -5.78
C THR A 44 -6.16 -13.08 -4.48
N GLN A 45 -6.65 -12.19 -3.61
CA GLN A 45 -7.02 -12.51 -2.23
C GLN A 45 -8.14 -11.58 -1.74
N GLY A 46 -9.25 -12.12 -1.23
CA GLY A 46 -10.28 -11.34 -0.58
C GLY A 46 -9.90 -10.88 0.82
N VAL A 47 -10.25 -9.64 1.17
CA VAL A 47 -9.93 -8.98 2.46
C VAL A 47 -10.47 -9.71 3.70
N ALA A 48 -9.64 -9.79 4.74
CA ALA A 48 -9.99 -10.40 6.03
C ALA A 48 -9.64 -9.56 7.28
N GLU A 49 -8.97 -8.42 7.14
CA GLU A 49 -8.70 -7.46 8.21
C GLU A 49 -8.91 -6.01 7.72
N TRP A 50 -9.39 -5.14 8.60
CA TRP A 50 -9.80 -3.77 8.31
C TRP A 50 -9.73 -2.86 9.55
N HIS A 51 -9.18 -1.65 9.41
CA HIS A 51 -8.97 -0.72 10.53
C HIS A 51 -8.98 0.77 10.12
N ASP A 52 -9.55 1.60 10.98
CA ASP A 52 -9.59 3.07 10.93
C ASP A 52 -8.78 3.75 12.06
N ARG A 53 -7.99 4.79 11.75
CA ARG A 53 -7.18 5.53 12.76
C ARG A 53 -7.45 7.04 12.85
N GLY A 54 -8.51 7.55 12.23
CA GLY A 54 -9.03 8.91 12.51
C GLY A 54 -8.44 9.97 11.59
N GLU A 55 -7.55 10.81 12.11
CA GLU A 55 -6.85 11.88 11.38
C GLU A 55 -5.37 11.98 11.81
N GLN A 56 -4.44 11.61 10.92
CA GLN A 56 -2.98 11.57 11.14
C GLN A 56 -2.24 12.29 10.01
N GLU A 57 -0.97 12.69 10.21
CA GLU A 57 -0.15 13.24 9.12
C GLU A 57 0.09 12.21 8.02
N VAL A 58 -0.08 12.61 6.76
CA VAL A 58 0.20 11.76 5.59
C VAL A 58 1.37 12.37 4.82
N PHE A 59 2.30 11.50 4.40
CA PHE A 59 3.39 11.80 3.49
C PHE A 59 3.09 11.56 2.00
N GLU A 60 3.47 12.50 1.15
CA GLU A 60 3.51 12.34 -0.31
C GLU A 60 4.91 12.04 -0.84
N TYR A 61 5.08 10.85 -1.41
CA TYR A 61 6.30 10.43 -2.09
C TYR A 61 6.04 10.50 -3.60
N CYS A 62 6.91 11.21 -4.31
CA CYS A 62 6.80 11.41 -5.76
C CYS A 62 7.63 10.38 -6.54
N LEU A 63 7.14 9.98 -7.71
CA LEU A 63 7.86 9.19 -8.70
C LEU A 63 8.36 10.05 -9.87
N GLU A 64 9.43 9.62 -10.53
CA GLU A 64 9.88 10.20 -11.79
C GLU A 64 8.85 9.99 -12.91
N ASP A 65 8.11 8.87 -12.83
CA ASP A 65 6.98 8.54 -13.70
C ASP A 65 5.71 9.36 -13.36
N GLY A 66 5.87 10.52 -12.69
CA GLY A 66 4.84 11.53 -12.41
C GLY A 66 3.84 11.22 -11.28
N SER A 67 3.65 9.95 -10.94
CA SER A 67 2.67 9.50 -9.94
C SER A 67 3.07 9.82 -8.50
N THR A 68 2.14 9.61 -7.56
CA THR A 68 2.29 9.95 -6.13
C THR A 68 1.75 8.90 -5.14
N ILE A 69 2.57 8.49 -4.18
CA ILE A 69 2.20 7.62 -3.06
C ILE A 69 1.72 8.52 -1.90
N ARG A 70 0.55 8.25 -1.30
CA ARG A 70 0.08 8.93 -0.07
C ARG A 70 -0.29 7.97 1.07
N ALA A 71 0.49 7.99 2.16
CA ALA A 71 0.30 7.19 3.37
C ALA A 71 1.02 7.77 4.60
N THR A 72 0.75 7.28 5.82
CA THR A 72 1.67 7.49 6.96
C THR A 72 3.01 6.76 6.79
N LYS A 73 4.12 7.32 7.30
CA LYS A 73 5.45 6.71 7.12
C LYS A 73 5.74 5.52 8.05
N ASP A 74 4.75 5.18 8.89
CA ASP A 74 4.81 4.13 9.91
C ASP A 74 4.16 2.79 9.57
N HIS A 75 3.55 2.67 8.40
CA HIS A 75 3.01 1.41 7.87
C HIS A 75 4.12 0.61 7.17
N LYS A 76 4.04 -0.72 7.27
CA LYS A 76 5.07 -1.67 6.80
C LYS A 76 4.83 -2.16 5.36
N PHE A 77 5.92 -2.51 4.68
CA PHE A 77 6.02 -2.78 3.24
C PHE A 77 7.03 -3.91 2.92
N MET A 78 7.28 -4.22 1.64
CA MET A 78 8.45 -5.03 1.25
C MET A 78 9.02 -4.63 -0.12
N THR A 79 10.31 -4.87 -0.30
CA THR A 79 11.02 -4.68 -1.58
C THR A 79 10.86 -5.84 -2.56
N THR A 80 11.22 -5.60 -3.82
CA THR A 80 11.31 -6.60 -4.91
C THR A 80 12.29 -7.76 -4.63
N ASP A 81 13.20 -7.61 -3.66
CA ASP A 81 14.07 -8.67 -3.15
C ASP A 81 13.48 -9.57 -2.04
N GLY A 82 12.25 -9.30 -1.57
CA GLY A 82 11.58 -10.09 -0.54
C GLY A 82 11.94 -9.67 0.90
N GLU A 83 12.47 -8.46 1.07
CA GLU A 83 12.92 -7.90 2.34
C GLU A 83 11.84 -7.01 2.99
N MET A 84 11.57 -7.22 4.28
CA MET A 84 10.46 -6.60 5.03
C MET A 84 10.90 -5.30 5.72
N LEU A 85 10.29 -4.16 5.37
CA LEU A 85 10.66 -2.82 5.88
C LEU A 85 9.52 -1.79 5.88
N PRO A 86 9.55 -0.78 6.77
CA PRO A 86 8.68 0.40 6.67
C PRO A 86 9.04 1.29 5.46
N ILE A 87 8.05 1.99 4.92
CA ILE A 87 8.21 2.94 3.80
C ILE A 87 9.25 4.04 4.09
N ASP A 88 9.36 4.46 5.36
CA ASP A 88 10.36 5.42 5.83
C ASP A 88 11.84 5.00 5.59
N GLU A 89 12.14 3.71 5.78
CA GLU A 89 13.48 3.15 5.55
C GLU A 89 13.71 2.78 4.07
N ILE A 90 12.70 2.27 3.37
CA ILE A 90 12.73 2.10 1.90
C ILE A 90 13.07 3.42 1.20
N PHE A 91 12.54 4.54 1.70
CA PHE A 91 12.92 5.89 1.23
C PHE A 91 14.39 6.30 1.42
N GLU A 92 14.87 6.35 2.67
CA GLU A 92 16.22 6.86 2.98
C GLU A 92 17.34 5.82 2.75
N SER A 93 17.00 4.55 2.52
CA SER A 93 17.92 3.51 2.01
C SER A 93 17.75 3.24 0.50
N GLU A 94 16.87 3.99 -0.18
CA GLU A 94 16.75 4.05 -1.64
C GLU A 94 16.41 2.67 -2.28
N LEU A 95 15.44 1.97 -1.70
CA LEU A 95 15.12 0.58 -2.05
C LEU A 95 14.04 0.40 -3.13
N ASP A 96 14.24 -0.58 -3.99
CA ASP A 96 13.27 -1.00 -5.02
C ASP A 96 12.00 -1.68 -4.51
N LEU A 97 10.85 -1.02 -4.62
CA LEU A 97 9.57 -1.62 -4.25
C LEU A 97 9.16 -2.76 -5.22
N MET A 98 8.37 -3.71 -4.73
CA MET A 98 7.87 -4.87 -5.47
C MET A 98 7.08 -4.50 -6.75
N ARG A 99 7.25 -5.30 -7.81
CA ARG A 99 6.64 -5.06 -9.14
C ARG A 99 5.12 -5.20 -9.19
N VAL A 100 4.48 -4.28 -9.90
CA VAL A 100 3.06 -4.28 -10.28
C VAL A 100 2.79 -3.34 -11.48
N ASP A 101 1.81 -3.66 -12.32
CA ASP A 101 1.43 -2.90 -13.53
C ASP A 101 1.17 -1.39 -13.34
N SER A 102 0.74 -0.99 -12.14
CA SER A 102 0.20 0.34 -11.85
C SER A 102 1.21 1.52 -11.94
N SER A 103 2.53 1.27 -12.06
CA SER A 103 3.56 2.32 -12.16
C SER A 103 4.82 1.89 -12.93
N GLY A 104 5.54 2.85 -13.52
CA GLY A 104 6.72 2.61 -14.38
C GLY A 104 8.10 2.53 -13.71
N ASP A 105 8.25 2.78 -12.41
CA ASP A 105 9.58 2.81 -11.75
C ASP A 105 9.53 2.41 -10.25
N THR A 106 10.37 1.47 -9.84
CA THR A 106 10.42 0.93 -8.45
C THR A 106 11.13 1.87 -7.46
N LYS A 107 11.86 2.89 -7.92
CA LYS A 107 12.57 3.86 -7.07
C LYS A 107 11.73 5.12 -6.83
N ILE A 108 11.60 5.54 -5.56
CA ILE A 108 10.99 6.82 -5.18
C ILE A 108 11.93 7.99 -5.51
N ALA A 109 11.39 9.07 -6.08
CA ALA A 109 12.15 10.27 -6.46
C ALA A 109 12.34 11.26 -5.28
N THR A 110 11.28 11.57 -4.53
CA THR A 110 11.26 12.56 -3.42
C THR A 110 10.18 12.29 -2.36
N ARG A 111 10.20 13.03 -1.23
CA ARG A 111 9.24 12.95 -0.11
C ARG A 111 8.90 14.32 0.50
N GLU A 112 7.63 14.55 0.84
CA GLU A 112 7.16 15.69 1.66
C GLU A 112 5.92 15.32 2.50
N TYR A 113 5.54 16.14 3.50
CA TYR A 113 4.24 16.04 4.17
C TYR A 113 3.08 16.87 3.57
N THR A 114 1.87 16.28 3.50
CA THR A 114 0.70 16.85 2.79
C THR A 114 -0.44 17.43 3.65
N GLY A 115 -0.28 17.36 4.98
CA GLY A 115 -1.29 17.73 5.97
C GLY A 115 -1.73 16.55 6.84
N SER A 116 -2.63 16.81 7.81
CA SER A 116 -3.31 15.74 8.57
C SER A 116 -4.65 15.37 7.92
N GLU A 117 -4.85 14.08 7.68
CA GLU A 117 -5.86 13.54 6.77
C GLU A 117 -6.49 12.24 7.30
N ASP A 118 -7.62 11.82 6.73
CA ASP A 118 -8.25 10.53 7.01
C ASP A 118 -7.37 9.33 6.60
N VAL A 119 -7.36 8.28 7.42
CA VAL A 119 -6.39 7.19 7.30
C VAL A 119 -7.00 5.83 7.67
N TYR A 120 -6.61 4.80 6.92
CA TYR A 120 -7.17 3.44 6.90
C TYR A 120 -6.14 2.34 6.58
N ASP A 121 -6.29 1.10 7.05
CA ASP A 121 -5.48 -0.04 6.57
C ASP A 121 -6.15 -1.43 6.60
N ILE A 122 -5.77 -2.29 5.65
CA ILE A 122 -6.37 -3.62 5.41
C ILE A 122 -5.33 -4.74 5.24
N GLY A 123 -5.68 -5.96 5.66
CA GLY A 123 -4.82 -7.15 5.68
C GLY A 123 -5.57 -8.48 5.53
N VAL A 124 -4.83 -9.59 5.72
CA VAL A 124 -5.27 -10.97 5.42
C VAL A 124 -4.41 -11.98 6.18
N GLU A 125 -5.05 -13.07 6.63
CA GLU A 125 -4.47 -14.08 7.53
C GLU A 125 -3.57 -15.12 6.82
N SER A 126 -3.59 -15.20 5.49
CA SER A 126 -2.69 -16.07 4.70
C SER A 126 -1.61 -15.31 3.93
N ASP A 127 -1.97 -14.27 3.17
CA ASP A 127 -1.03 -13.49 2.33
C ASP A 127 -0.33 -12.29 2.97
N HIS A 128 -0.97 -11.68 3.97
CA HIS A 128 -0.48 -10.52 4.73
C HIS A 128 0.18 -9.37 3.91
N ASN A 129 -0.22 -9.18 2.65
CA ASN A 129 0.17 -8.08 1.77
C ASN A 129 -0.94 -7.78 0.74
N PHE A 130 -1.06 -6.50 0.34
CA PHE A 130 -2.03 -5.98 -0.63
C PHE A 130 -1.46 -4.96 -1.61
N ALA A 131 -1.79 -5.09 -2.90
CA ALA A 131 -1.39 -4.15 -3.94
C ALA A 131 -2.32 -2.93 -4.03
N LEU A 132 -1.69 -1.75 -4.14
CA LEU A 132 -2.33 -0.44 -4.19
C LEU A 132 -2.03 0.25 -5.52
N SER A 133 -3.03 0.98 -6.00
CA SER A 133 -3.00 1.80 -7.21
C SER A 133 -1.94 2.90 -7.08
N ASP A 134 -1.33 3.26 -8.20
CA ASP A 134 -0.11 4.07 -8.31
C ASP A 134 1.21 3.41 -7.85
N GLY A 135 1.20 2.08 -7.65
CA GLY A 135 2.40 1.23 -7.81
C GLY A 135 3.01 0.54 -6.58
N PHE A 136 2.30 0.42 -5.45
CA PHE A 136 2.88 0.03 -4.16
C PHE A 136 2.24 -1.16 -3.41
N ILE A 137 3.02 -2.03 -2.76
CA ILE A 137 2.50 -3.22 -2.04
C ILE A 137 2.68 -3.10 -0.53
N ALA A 138 1.58 -2.77 0.13
CA ALA A 138 1.48 -2.61 1.59
C ALA A 138 1.38 -3.96 2.32
N SER A 139 1.85 -4.05 3.57
CA SER A 139 1.88 -5.31 4.32
C SER A 139 1.67 -5.14 5.84
N ASN A 140 1.27 -6.25 6.48
CA ASN A 140 1.06 -6.38 7.92
C ASN A 140 2.03 -7.46 8.46
N SER A 1 3.32 7.30 13.61
CA SER A 1 2.78 6.57 14.76
C SER A 1 2.09 5.28 14.34
N GLY A 2 0.79 5.29 14.02
CA GLY A 2 -0.05 4.09 13.89
C GLY A 2 0.13 3.22 12.64
N GLY A 3 0.97 3.57 11.66
CA GLY A 3 1.26 2.69 10.52
C GLY A 3 0.04 2.44 9.61
N ALA A 4 -0.71 3.50 9.30
CA ALA A 4 -1.92 3.46 8.47
C ALA A 4 -1.71 4.13 7.09
N LEU A 5 -2.69 3.93 6.21
CA LEU A 5 -2.77 4.44 4.83
C LEU A 5 -3.79 5.59 4.74
N SER A 6 -3.69 6.45 3.71
CA SER A 6 -4.60 7.60 3.50
C SER A 6 -6.02 7.16 3.11
N TYR A 7 -7.06 7.90 3.52
CA TYR A 7 -8.45 7.68 3.07
C TYR A 7 -8.70 7.76 1.55
N ASP A 8 -7.85 8.52 0.85
CA ASP A 8 -7.81 8.61 -0.62
C ASP A 8 -6.98 7.52 -1.35
N THR A 9 -6.37 6.61 -0.58
CA THR A 9 -5.68 5.42 -1.13
C THR A 9 -6.57 4.43 -1.87
N GLU A 10 -6.29 4.18 -3.13
CA GLU A 10 -6.95 3.16 -3.96
C GLU A 10 -6.21 1.83 -3.89
N ILE A 11 -6.98 0.74 -3.95
CA ILE A 11 -6.53 -0.65 -4.00
C ILE A 11 -6.57 -1.16 -5.44
N LEU A 12 -5.52 -1.87 -5.88
CA LEU A 12 -5.48 -2.56 -7.17
C LEU A 12 -6.22 -3.91 -7.06
N THR A 13 -7.32 -4.09 -7.80
CA THR A 13 -8.23 -5.24 -7.63
C THR A 13 -8.86 -5.68 -8.95
N THR A 14 -8.98 -7.00 -9.13
CA THR A 14 -9.72 -7.59 -10.25
C THR A 14 -11.25 -7.48 -10.18
N GLU A 15 -11.79 -7.05 -9.04
CA GLU A 15 -13.23 -6.80 -8.86
C GLU A 15 -13.71 -5.58 -9.67
N TYR A 16 -12.87 -4.55 -9.79
CA TYR A 16 -13.22 -3.22 -10.32
C TYR A 16 -12.10 -2.37 -10.97
N GLY A 17 -10.84 -2.83 -10.94
CA GLY A 17 -9.64 -2.04 -11.25
C GLY A 17 -9.26 -1.05 -10.14
N LEU A 18 -10.22 -0.23 -9.70
CA LEU A 18 -10.08 0.80 -8.66
C LEU A 18 -11.09 0.55 -7.52
N LEU A 19 -10.65 0.62 -6.26
CA LEU A 19 -11.51 0.73 -5.07
C LEU A 19 -10.80 1.52 -3.95
N PRO A 20 -11.41 2.55 -3.33
CA PRO A 20 -10.80 3.27 -2.22
C PRO A 20 -10.83 2.46 -0.91
N ILE A 21 -9.73 2.52 -0.16
CA ILE A 21 -9.51 1.76 1.09
C ILE A 21 -10.56 2.10 2.16
N GLY A 22 -11.02 3.36 2.21
CA GLY A 22 -12.05 3.81 3.14
C GLY A 22 -13.40 3.11 2.94
N ASP A 23 -13.82 2.93 1.67
CA ASP A 23 -15.06 2.21 1.36
C ASP A 23 -14.96 0.74 1.76
N ILE A 24 -13.80 0.12 1.55
CA ILE A 24 -13.57 -1.30 1.89
C ILE A 24 -13.76 -1.55 3.39
N VAL A 25 -13.17 -0.69 4.24
CA VAL A 25 -13.27 -0.79 5.71
C VAL A 25 -14.67 -0.42 6.21
N GLU A 26 -15.29 0.65 5.68
CA GLU A 26 -16.62 1.08 6.15
C GLU A 26 -17.73 0.08 5.77
N SER A 27 -17.52 -0.68 4.68
CA SER A 27 -18.45 -1.64 4.07
C SER A 27 -18.23 -3.11 4.46
N GLU A 28 -17.13 -3.46 5.13
CA GLU A 28 -16.67 -4.84 5.43
C GLU A 28 -16.65 -5.80 4.21
N THR A 29 -16.37 -5.26 3.02
CA THR A 29 -16.30 -5.99 1.76
C THR A 29 -15.15 -7.01 1.63
N GLU A 30 -15.32 -8.07 0.85
CA GLU A 30 -14.35 -9.17 0.71
C GLU A 30 -13.60 -9.10 -0.64
N CYS A 31 -13.34 -7.88 -1.14
CA CYS A 31 -12.82 -7.66 -2.49
C CYS A 31 -11.48 -8.32 -2.78
N THR A 32 -11.41 -9.06 -3.88
CA THR A 32 -10.19 -9.63 -4.45
C THR A 32 -9.09 -8.66 -4.92
N VAL A 33 -8.22 -8.22 -4.01
CA VAL A 33 -7.04 -7.35 -4.23
C VAL A 33 -5.85 -8.19 -4.67
N TYR A 34 -4.89 -7.59 -5.39
CA TYR A 34 -3.61 -8.20 -5.75
C TYR A 34 -2.56 -8.31 -4.61
N SER A 35 -1.72 -9.36 -4.62
CA SER A 35 -0.73 -9.67 -3.57
C SER A 35 0.52 -10.37 -4.13
N VAL A 36 1.53 -10.61 -3.29
CA VAL A 36 2.69 -11.47 -3.58
C VAL A 36 2.81 -12.74 -2.73
N ASP A 37 3.23 -13.85 -3.35
CA ASP A 37 3.45 -15.17 -2.75
C ASP A 37 4.77 -15.34 -1.97
N SER A 38 4.91 -16.43 -1.20
CA SER A 38 6.15 -16.84 -0.53
C SER A 38 7.35 -17.02 -1.47
N ASP A 39 7.15 -17.34 -2.75
CA ASP A 39 8.19 -17.35 -3.80
C ASP A 39 8.40 -16.06 -4.61
N GLY A 40 7.72 -14.97 -4.22
CA GLY A 40 7.84 -13.66 -4.88
C GLY A 40 7.23 -13.64 -6.28
N SER A 41 5.95 -14.01 -6.39
CA SER A 41 5.16 -14.03 -7.62
C SER A 41 3.73 -13.51 -7.35
N THR A 42 3.11 -12.81 -8.31
CA THR A 42 1.80 -12.16 -8.14
C THR A 42 0.58 -13.08 -8.00
N TYR A 43 -0.33 -12.72 -7.10
CA TYR A 43 -1.58 -13.41 -6.74
C TYR A 43 -2.76 -12.48 -6.42
N THR A 44 -3.93 -13.01 -6.05
CA THR A 44 -5.14 -12.24 -5.72
C THR A 44 -5.79 -12.85 -4.48
N GLN A 45 -6.35 -12.01 -3.60
CA GLN A 45 -6.84 -12.33 -2.26
C GLN A 45 -8.04 -11.45 -1.87
N GLY A 46 -9.12 -12.08 -1.42
CA GLY A 46 -10.29 -11.40 -0.87
C GLY A 46 -10.11 -11.04 0.61
N VAL A 47 -10.27 -9.75 0.94
CA VAL A 47 -10.03 -9.14 2.27
C VAL A 47 -10.67 -9.86 3.45
N ALA A 48 -9.92 -10.02 4.55
CA ALA A 48 -10.36 -10.63 5.81
C ALA A 48 -10.08 -9.79 7.07
N GLU A 49 -9.36 -8.67 6.96
CA GLU A 49 -9.04 -7.73 8.06
C GLU A 49 -9.32 -6.29 7.63
N TRP A 50 -9.96 -5.49 8.51
CA TRP A 50 -10.30 -4.09 8.27
C TRP A 50 -10.22 -3.21 9.52
N HIS A 51 -9.52 -2.07 9.44
CA HIS A 51 -9.12 -1.23 10.58
C HIS A 51 -9.00 0.26 10.19
N ASP A 52 -9.12 1.16 11.18
CA ASP A 52 -9.07 2.61 10.99
C ASP A 52 -8.37 3.29 12.18
N ARG A 53 -7.68 4.43 11.94
CA ARG A 53 -6.63 4.91 12.86
C ARG A 53 -6.54 6.43 13.05
N GLY A 54 -7.69 7.10 13.10
CA GLY A 54 -7.85 8.42 13.71
C GLY A 54 -7.41 9.59 12.83
N GLU A 55 -6.29 10.22 13.19
CA GLU A 55 -5.72 11.37 12.48
C GLU A 55 -4.18 11.36 12.61
N GLN A 56 -3.50 11.29 11.47
CA GLN A 56 -2.03 11.14 11.35
C GLN A 56 -1.51 11.90 10.12
N GLU A 57 -0.22 12.29 10.12
CA GLU A 57 0.41 12.99 9.00
C GLU A 57 0.57 12.07 7.78
N VAL A 58 -0.07 12.40 6.65
CA VAL A 58 0.01 11.63 5.40
C VAL A 58 0.99 12.31 4.45
N PHE A 59 1.91 11.49 3.93
CA PHE A 59 2.95 11.84 2.96
C PHE A 59 2.65 11.32 1.56
N GLU A 60 2.95 12.13 0.54
CA GLU A 60 2.86 11.72 -0.87
C GLU A 60 4.25 11.72 -1.53
N TYR A 61 4.74 10.51 -1.80
CA TYR A 61 6.01 10.25 -2.48
C TYR A 61 5.75 10.14 -3.99
N CYS A 62 6.44 10.94 -4.79
CA CYS A 62 6.33 10.91 -6.25
C CYS A 62 7.43 10.05 -6.85
N LEU A 63 7.13 9.32 -7.93
CA LEU A 63 8.09 8.48 -8.66
C LEU A 63 8.62 9.17 -9.91
N GLU A 64 9.78 8.72 -10.39
CA GLU A 64 10.39 9.23 -11.62
C GLU A 64 9.53 8.98 -12.87
N ASP A 65 8.76 7.89 -12.85
CA ASP A 65 7.74 7.54 -13.84
C ASP A 65 6.48 8.44 -13.87
N GLY A 66 6.29 9.30 -12.87
CA GLY A 66 5.09 10.15 -12.70
C GLY A 66 3.93 9.50 -11.93
N SER A 67 4.15 8.27 -11.44
CA SER A 67 3.35 7.53 -10.45
C SER A 67 3.47 8.12 -9.03
N THR A 68 2.60 7.70 -8.11
CA THR A 68 2.52 8.18 -6.71
C THR A 68 2.38 7.10 -5.63
N ILE A 69 2.86 7.37 -4.42
CA ILE A 69 2.60 6.60 -3.18
C ILE A 69 2.00 7.54 -2.14
N ARG A 70 0.96 7.14 -1.42
CA ARG A 70 0.36 7.94 -0.33
C ARG A 70 0.12 7.11 0.94
N ALA A 71 0.72 7.52 2.05
CA ALA A 71 0.69 6.77 3.32
C ALA A 71 1.08 7.62 4.53
N THR A 72 0.88 7.12 5.76
CA THR A 72 1.77 7.46 6.87
C THR A 72 3.14 6.78 6.72
N LYS A 73 4.24 7.50 6.98
CA LYS A 73 5.60 7.03 6.63
C LYS A 73 6.10 5.85 7.49
N ASP A 74 5.46 5.65 8.65
CA ASP A 74 5.57 4.47 9.50
C ASP A 74 4.94 3.16 8.99
N HIS A 75 4.08 3.18 7.95
CA HIS A 75 3.41 1.97 7.46
C HIS A 75 4.40 1.04 6.75
N LYS A 76 4.26 -0.27 6.97
CA LYS A 76 5.21 -1.28 6.47
C LYS A 76 4.93 -1.64 5.00
N PHE A 77 6.01 -1.65 4.23
CA PHE A 77 6.09 -2.04 2.83
C PHE A 77 7.04 -3.23 2.64
N MET A 78 7.31 -3.69 1.41
CA MET A 78 8.31 -4.74 1.19
C MET A 78 9.01 -4.67 -0.16
N THR A 79 10.23 -5.18 -0.17
CA THR A 79 11.11 -5.27 -1.33
C THR A 79 10.86 -6.45 -2.27
N THR A 80 11.33 -6.34 -3.52
CA THR A 80 11.29 -7.44 -4.49
C THR A 80 12.16 -8.65 -4.10
N ASP A 81 13.12 -8.47 -3.17
CA ASP A 81 13.87 -9.56 -2.51
C ASP A 81 13.08 -10.27 -1.38
N GLY A 82 12.05 -9.61 -0.83
CA GLY A 82 11.21 -10.16 0.24
C GLY A 82 11.61 -9.71 1.64
N GLU A 83 12.26 -8.55 1.76
CA GLU A 83 12.49 -7.87 3.04
C GLU A 83 11.34 -6.89 3.35
N MET A 84 10.72 -7.01 4.52
CA MET A 84 9.67 -6.07 4.99
C MET A 84 10.33 -4.82 5.62
N LEU A 85 9.94 -3.60 5.21
CA LEU A 85 10.50 -2.32 5.69
C LEU A 85 9.50 -1.17 5.57
N PRO A 86 9.49 -0.17 6.49
CA PRO A 86 8.66 1.02 6.36
C PRO A 86 9.11 1.93 5.20
N ILE A 87 8.16 2.65 4.59
CA ILE A 87 8.43 3.47 3.39
C ILE A 87 9.45 4.58 3.68
N ASP A 88 9.45 5.15 4.88
CA ASP A 88 10.49 6.06 5.38
C ASP A 88 11.94 5.57 5.19
N GLU A 89 12.18 4.27 5.42
CA GLU A 89 13.50 3.66 5.29
C GLU A 89 13.78 3.25 3.84
N ILE A 90 12.82 2.65 3.13
CA ILE A 90 12.95 2.29 1.70
C ILE A 90 13.33 3.51 0.84
N PHE A 91 12.81 4.68 1.19
CA PHE A 91 13.19 5.97 0.62
C PHE A 91 14.67 6.42 0.82
N GLU A 92 15.10 6.60 2.06
CA GLU A 92 16.43 7.14 2.38
C GLU A 92 17.57 6.11 2.25
N SER A 93 17.26 4.83 2.42
CA SER A 93 18.19 3.69 2.27
C SER A 93 18.18 3.08 0.85
N GLU A 94 17.25 3.54 0.01
CA GLU A 94 17.10 3.24 -1.42
C GLU A 94 16.94 1.74 -1.73
N LEU A 95 16.12 1.05 -0.94
CA LEU A 95 15.78 -0.35 -1.19
C LEU A 95 14.81 -0.47 -2.38
N ASP A 96 14.81 -1.59 -3.11
CA ASP A 96 13.93 -1.82 -4.27
C ASP A 96 12.59 -2.51 -4.00
N LEU A 97 11.49 -1.79 -4.17
CA LEU A 97 10.15 -2.34 -4.00
C LEU A 97 9.78 -3.36 -5.10
N MET A 98 8.72 -4.12 -4.84
CA MET A 98 8.05 -5.07 -5.73
C MET A 98 7.85 -4.55 -7.17
N ARG A 99 7.70 -5.45 -8.15
CA ARG A 99 7.15 -5.13 -9.49
C ARG A 99 5.92 -5.98 -9.86
N VAL A 100 4.90 -5.35 -10.45
CA VAL A 100 3.59 -5.94 -10.82
C VAL A 100 3.02 -5.35 -12.12
N ASP A 101 1.82 -5.79 -12.52
CA ASP A 101 0.98 -5.21 -13.58
C ASP A 101 0.49 -3.75 -13.37
N SER A 102 1.41 -2.80 -13.16
CA SER A 102 1.18 -1.34 -13.07
C SER A 102 2.49 -0.55 -13.26
N SER A 103 2.43 0.62 -13.92
CA SER A 103 3.58 1.50 -14.14
C SER A 103 4.24 2.03 -12.85
N GLY A 104 5.57 2.10 -12.82
CA GLY A 104 6.33 2.57 -11.66
C GLY A 104 7.85 2.57 -11.84
N ASP A 105 8.53 2.90 -10.76
CA ASP A 105 9.97 2.81 -10.60
C ASP A 105 10.24 2.40 -9.14
N THR A 106 11.39 1.79 -8.88
CA THR A 106 11.89 1.57 -7.51
C THR A 106 12.42 2.82 -6.82
N LYS A 107 13.02 3.76 -7.56
CA LYS A 107 13.53 5.01 -6.99
C LYS A 107 12.45 6.08 -6.92
N ILE A 108 12.16 6.51 -5.69
CA ILE A 108 11.35 7.70 -5.42
C ILE A 108 12.07 8.94 -5.97
N ALA A 109 11.31 9.84 -6.59
CA ALA A 109 11.81 11.10 -7.11
C ALA A 109 11.91 12.18 -6.01
N THR A 110 10.80 12.40 -5.28
CA THR A 110 10.62 13.40 -4.21
C THR A 110 9.48 13.01 -3.25
N ARG A 111 9.30 13.78 -2.16
CA ARG A 111 8.12 13.66 -1.26
C ARG A 111 7.70 14.97 -0.61
N GLU A 112 6.43 15.04 -0.21
CA GLU A 112 5.86 16.12 0.61
C GLU A 112 4.80 15.58 1.58
N TYR A 113 4.53 16.29 2.70
CA TYR A 113 3.29 16.08 3.46
C TYR A 113 2.07 16.77 2.85
N THR A 114 0.98 16.03 2.62
CA THR A 114 -0.28 16.54 2.05
C THR A 114 -1.38 16.89 3.07
N GLY A 115 -1.17 16.56 4.34
CA GLY A 115 -2.00 17.01 5.46
C GLY A 115 -1.98 16.07 6.66
N SER A 116 -3.01 16.19 7.50
CA SER A 116 -3.38 15.21 8.54
C SER A 116 -4.88 14.91 8.46
N GLU A 117 -5.26 13.65 8.34
CA GLU A 117 -6.56 13.21 7.77
C GLU A 117 -7.10 11.91 8.39
N ASP A 118 -8.32 11.50 7.99
CA ASP A 118 -8.81 10.12 8.12
C ASP A 118 -7.84 9.08 7.52
N VAL A 119 -7.58 7.98 8.24
CA VAL A 119 -6.58 6.95 7.87
C VAL A 119 -7.05 5.53 8.22
N TYR A 120 -6.54 4.55 7.46
CA TYR A 120 -7.09 3.20 7.30
C TYR A 120 -6.07 2.05 7.13
N ASP A 121 -6.46 0.80 7.43
CA ASP A 121 -5.65 -0.40 7.17
C ASP A 121 -6.47 -1.68 6.84
N ILE A 122 -5.96 -2.56 5.96
CA ILE A 122 -6.60 -3.82 5.53
C ILE A 122 -5.60 -4.96 5.32
N GLY A 123 -6.05 -6.21 5.46
CA GLY A 123 -5.21 -7.41 5.32
C GLY A 123 -5.96 -8.73 5.11
N VAL A 124 -5.20 -9.83 5.16
CA VAL A 124 -5.67 -11.22 5.13
C VAL A 124 -4.71 -12.04 5.99
N GLU A 125 -5.24 -13.08 6.64
CA GLU A 125 -4.47 -14.02 7.46
C GLU A 125 -3.75 -15.10 6.63
N SER A 126 -3.99 -15.15 5.32
CA SER A 126 -3.36 -16.06 4.35
C SER A 126 -2.00 -15.52 3.85
N ASP A 127 -2.00 -14.75 2.76
CA ASP A 127 -0.82 -14.20 2.08
C ASP A 127 -0.31 -12.83 2.56
N HIS A 128 -1.08 -12.19 3.45
CA HIS A 128 -0.70 -11.09 4.36
C HIS A 128 0.02 -9.85 3.77
N ASN A 129 -0.33 -9.46 2.54
CA ASN A 129 0.10 -8.21 1.88
C ASN A 129 -0.90 -7.78 0.79
N PHE A 130 -1.00 -6.48 0.49
CA PHE A 130 -1.96 -5.90 -0.48
C PHE A 130 -1.40 -4.85 -1.45
N ALA A 131 -1.71 -4.95 -2.74
CA ALA A 131 -1.31 -3.98 -3.75
C ALA A 131 -2.22 -2.74 -3.75
N LEU A 132 -1.65 -1.59 -3.41
CA LEU A 132 -2.25 -0.27 -3.61
C LEU A 132 -2.05 0.23 -5.06
N SER A 133 -2.75 1.30 -5.39
CA SER A 133 -2.66 2.05 -6.65
C SER A 133 -1.21 2.38 -7.03
N ASP A 134 -0.93 2.43 -8.33
CA ASP A 134 0.43 2.49 -8.90
C ASP A 134 1.36 1.29 -8.62
N GLY A 135 0.81 0.22 -8.05
CA GLY A 135 1.54 -1.01 -7.78
C GLY A 135 2.48 -0.90 -6.57
N PHE A 136 1.93 -0.50 -5.41
CA PHE A 136 2.67 -0.34 -4.14
C PHE A 136 2.17 -1.20 -2.98
N ILE A 137 2.98 -2.12 -2.43
CA ILE A 137 2.44 -3.22 -1.61
C ILE A 137 2.44 -2.89 -0.10
N ALA A 138 1.25 -2.61 0.42
CA ALA A 138 0.96 -2.50 1.84
C ALA A 138 1.13 -3.85 2.57
N SER A 139 1.43 -3.80 3.87
CA SER A 139 1.76 -4.99 4.67
C SER A 139 0.88 -5.13 5.92
N ASN A 140 0.47 -6.38 6.22
CA ASN A 140 -0.53 -6.70 7.25
C ASN A 140 -0.11 -6.23 8.65
N SER A 1 1.88 7.36 15.00
CA SER A 1 1.54 6.42 16.08
C SER A 1 1.48 4.97 15.59
N GLY A 2 0.79 4.68 14.49
CA GLY A 2 0.86 3.37 13.81
C GLY A 2 0.68 3.54 12.30
N GLY A 3 0.97 2.53 11.48
CA GLY A 3 0.95 2.66 10.03
C GLY A 3 -0.47 2.68 9.49
N ALA A 4 -0.75 3.59 8.55
CA ALA A 4 -2.04 3.60 7.85
C ALA A 4 -1.93 4.25 6.44
N LEU A 5 -3.07 4.34 5.76
CA LEU A 5 -3.20 4.74 4.36
C LEU A 5 -4.22 5.87 4.19
N SER A 6 -4.10 6.65 3.10
CA SER A 6 -4.99 7.79 2.79
C SER A 6 -6.40 7.33 2.45
N TYR A 7 -7.41 8.12 2.81
CA TYR A 7 -8.82 7.79 2.67
C TYR A 7 -9.22 7.43 1.22
N ASP A 8 -8.66 8.15 0.25
CA ASP A 8 -8.87 7.97 -1.19
C ASP A 8 -8.08 6.83 -1.88
N THR A 9 -7.15 6.17 -1.16
CA THR A 9 -6.27 5.14 -1.73
C THR A 9 -6.98 4.01 -2.47
N GLU A 10 -6.85 3.99 -3.80
CA GLU A 10 -7.50 3.02 -4.69
C GLU A 10 -6.72 1.70 -4.68
N ILE A 11 -7.38 0.64 -4.22
CA ILE A 11 -6.82 -0.71 -4.17
C ILE A 11 -6.63 -1.27 -5.59
N LEU A 12 -5.51 -1.95 -5.88
CA LEU A 12 -5.30 -2.63 -7.15
C LEU A 12 -6.12 -3.93 -7.20
N THR A 13 -7.25 -3.92 -7.91
CA THR A 13 -8.31 -4.94 -7.77
C THR A 13 -8.98 -5.36 -9.08
N THR A 14 -9.51 -6.58 -9.08
CA THR A 14 -10.38 -7.15 -10.12
C THR A 14 -11.88 -7.00 -9.88
N GLU A 15 -12.30 -6.50 -8.72
CA GLU A 15 -13.73 -6.45 -8.35
C GLU A 15 -14.51 -5.36 -9.11
N TYR A 16 -14.04 -4.10 -9.01
CA TYR A 16 -14.48 -2.93 -9.80
C TYR A 16 -13.40 -1.89 -10.19
N GLY A 17 -12.16 -2.12 -9.77
CA GLY A 17 -11.01 -1.24 -9.98
C GLY A 17 -11.00 -0.02 -9.05
N LEU A 18 -12.02 0.82 -9.15
CA LEU A 18 -12.14 2.09 -8.42
C LEU A 18 -12.67 1.83 -6.99
N LEU A 19 -11.80 1.34 -6.11
CA LEU A 19 -12.14 0.95 -4.74
C LEU A 19 -11.26 1.72 -3.75
N PRO A 20 -11.69 2.90 -3.26
CA PRO A 20 -10.98 3.67 -2.24
C PRO A 20 -11.09 2.99 -0.88
N ILE A 21 -9.96 2.81 -0.20
CA ILE A 21 -9.85 2.09 1.08
C ILE A 21 -10.81 2.61 2.17
N GLY A 22 -11.12 3.92 2.17
CA GLY A 22 -12.08 4.56 3.06
C GLY A 22 -13.55 4.07 2.90
N ASP A 23 -13.93 3.54 1.75
CA ASP A 23 -15.18 2.78 1.60
C ASP A 23 -15.05 1.34 2.12
N ILE A 24 -13.97 0.65 1.74
CA ILE A 24 -13.75 -0.79 1.96
C ILE A 24 -13.73 -1.20 3.43
N VAL A 25 -13.14 -0.37 4.31
CA VAL A 25 -13.09 -0.67 5.76
C VAL A 25 -14.47 -0.52 6.41
N GLU A 26 -15.16 0.61 6.22
CA GLU A 26 -16.50 0.81 6.79
C GLU A 26 -17.53 -0.14 6.15
N SER A 27 -17.32 -0.54 4.89
CA SER A 27 -18.10 -1.56 4.19
C SER A 27 -17.89 -2.98 4.74
N GLU A 28 -16.76 -3.25 5.40
CA GLU A 28 -16.28 -4.57 5.85
C GLU A 28 -16.31 -5.67 4.76
N THR A 29 -16.15 -5.26 3.49
CA THR A 29 -16.14 -6.10 2.28
C THR A 29 -14.82 -6.86 2.01
N GLU A 30 -14.81 -7.69 0.97
CA GLU A 30 -13.82 -8.75 0.69
C GLU A 30 -13.36 -8.82 -0.78
N CYS A 31 -13.23 -7.67 -1.46
CA CYS A 31 -12.75 -7.56 -2.85
C CYS A 31 -11.38 -8.23 -3.11
N THR A 32 -11.26 -8.95 -4.22
CA THR A 32 -10.02 -9.56 -4.73
C THR A 32 -9.04 -8.43 -5.09
N VAL A 33 -8.00 -8.27 -4.28
CA VAL A 33 -6.85 -7.38 -4.48
C VAL A 33 -5.63 -8.23 -4.84
N TYR A 34 -4.65 -7.65 -5.51
CA TYR A 34 -3.36 -8.31 -5.77
C TYR A 34 -2.39 -8.36 -4.57
N SER A 35 -1.79 -9.52 -4.29
CA SER A 35 -0.88 -9.77 -3.16
C SER A 35 0.19 -10.82 -3.47
N VAL A 36 1.39 -10.68 -2.88
CA VAL A 36 2.50 -11.64 -3.04
C VAL A 36 2.44 -12.86 -2.13
N ASP A 37 2.80 -14.03 -2.66
CA ASP A 37 2.78 -15.35 -2.01
C ASP A 37 4.05 -15.62 -1.18
N SER A 38 4.02 -16.67 -0.35
CA SER A 38 5.16 -17.20 0.41
C SER A 38 6.32 -17.71 -0.50
N ASP A 39 6.04 -18.00 -1.78
CA ASP A 39 7.00 -18.26 -2.85
C ASP A 39 7.46 -17.05 -3.70
N GLY A 40 7.09 -15.83 -3.29
CA GLY A 40 7.49 -14.57 -3.93
C GLY A 40 6.98 -14.41 -5.37
N SER A 41 5.66 -14.57 -5.52
CA SER A 41 4.90 -14.54 -6.77
C SER A 41 3.52 -13.92 -6.53
N THR A 42 3.03 -13.04 -7.41
CA THR A 42 1.74 -12.33 -7.23
C THR A 42 0.47 -13.08 -7.67
N TYR A 43 -0.61 -13.01 -6.89
CA TYR A 43 -1.95 -13.54 -7.19
C TYR A 43 -3.05 -12.58 -6.69
N THR A 44 -4.33 -12.90 -6.94
CA THR A 44 -5.48 -12.20 -6.33
C THR A 44 -5.85 -12.83 -4.98
N GLN A 45 -6.52 -12.04 -4.13
CA GLN A 45 -6.78 -12.33 -2.71
C GLN A 45 -7.93 -11.46 -2.18
N GLY A 46 -9.05 -12.02 -1.73
CA GLY A 46 -10.13 -11.29 -1.06
C GLY A 46 -9.81 -10.89 0.38
N VAL A 47 -10.09 -9.64 0.72
CA VAL A 47 -9.87 -9.02 2.05
C VAL A 47 -10.51 -9.79 3.21
N ALA A 48 -9.81 -9.90 4.34
CA ALA A 48 -10.25 -10.62 5.54
C ALA A 48 -9.97 -9.92 6.89
N GLU A 49 -9.40 -8.70 6.88
CA GLU A 49 -9.11 -7.87 8.05
C GLU A 49 -9.26 -6.38 7.70
N TRP A 50 -9.78 -5.56 8.62
CA TRP A 50 -10.01 -4.13 8.42
C TRP A 50 -9.83 -3.33 9.73
N HIS A 51 -9.41 -2.07 9.61
CA HIS A 51 -9.01 -1.21 10.75
C HIS A 51 -8.87 0.28 10.34
N ASP A 52 -8.78 1.17 11.32
CA ASP A 52 -8.49 2.61 11.15
C ASP A 52 -7.47 3.01 12.23
N ARG A 53 -6.71 4.09 11.99
CA ARG A 53 -5.64 4.59 12.90
C ARG A 53 -5.89 6.01 13.43
N GLY A 54 -7.12 6.49 13.37
CA GLY A 54 -7.50 7.82 13.88
C GLY A 54 -7.15 8.89 12.86
N GLU A 55 -6.34 9.87 13.28
CA GLU A 55 -5.87 11.00 12.47
C GLU A 55 -4.35 11.15 12.63
N GLN A 56 -3.65 11.12 11.50
CA GLN A 56 -2.20 11.22 11.37
C GLN A 56 -1.81 11.90 10.05
N GLU A 57 -0.59 12.40 9.95
CA GLU A 57 -0.01 12.89 8.69
C GLU A 57 0.10 11.78 7.64
N VAL A 58 -0.52 11.99 6.48
CA VAL A 58 -0.36 11.13 5.30
C VAL A 58 0.54 11.75 4.22
N PHE A 59 1.54 10.97 3.80
CA PHE A 59 2.57 11.34 2.83
C PHE A 59 2.39 10.77 1.43
N GLU A 60 2.85 11.52 0.42
CA GLU A 60 2.94 11.07 -0.96
C GLU A 60 4.39 10.95 -1.43
N TYR A 61 4.72 9.75 -1.92
CA TYR A 61 6.05 9.32 -2.33
C TYR A 61 6.05 9.13 -3.84
N CYS A 62 6.74 10.02 -4.56
CA CYS A 62 6.86 9.93 -6.02
C CYS A 62 8.00 8.99 -6.40
N LEU A 63 7.84 8.26 -7.51
CA LEU A 63 8.87 7.38 -8.05
C LEU A 63 9.73 8.07 -9.11
N GLU A 64 10.86 7.46 -9.45
CA GLU A 64 11.70 7.84 -10.61
C GLU A 64 10.90 7.83 -11.93
N ASP A 65 9.87 6.97 -11.97
CA ASP A 65 8.87 6.85 -13.02
C ASP A 65 7.81 7.96 -13.12
N GLY A 66 7.67 8.77 -12.06
CA GLY A 66 6.65 9.83 -11.91
C GLY A 66 5.35 9.40 -11.21
N SER A 67 5.08 8.09 -11.12
CA SER A 67 3.99 7.50 -10.34
C SER A 67 4.04 7.82 -8.84
N THR A 68 2.95 7.54 -8.10
CA THR A 68 2.80 7.95 -6.67
C THR A 68 2.20 6.94 -5.69
N ILE A 69 2.90 6.71 -4.57
CA ILE A 69 2.43 5.96 -3.38
C ILE A 69 1.85 6.96 -2.36
N ARG A 70 0.75 6.64 -1.67
CA ARG A 70 0.20 7.48 -0.57
C ARG A 70 -0.03 6.71 0.73
N ALA A 71 0.69 7.06 1.81
CA ALA A 71 0.73 6.33 3.09
C ALA A 71 1.32 7.14 4.26
N THR A 72 1.05 6.76 5.51
CA THR A 72 1.79 7.24 6.70
C THR A 72 3.17 6.59 6.87
N LYS A 73 4.17 7.32 7.41
CA LYS A 73 5.56 6.84 7.49
C LYS A 73 5.75 5.66 8.45
N ASP A 74 4.82 5.47 9.38
CA ASP A 74 4.74 4.30 10.25
C ASP A 74 4.35 2.97 9.58
N HIS A 75 3.92 2.97 8.31
CA HIS A 75 3.39 1.77 7.64
C HIS A 75 4.48 0.95 6.95
N LYS A 76 4.36 -0.38 7.07
CA LYS A 76 5.33 -1.36 6.55
C LYS A 76 5.08 -1.72 5.08
N PHE A 77 6.17 -1.94 4.36
CA PHE A 77 6.22 -2.26 2.93
C PHE A 77 7.24 -3.38 2.62
N MET A 78 7.38 -3.85 1.39
CA MET A 78 8.50 -4.74 1.05
C MET A 78 9.03 -4.62 -0.39
N THR A 79 10.29 -5.01 -0.55
CA THR A 79 11.04 -4.99 -1.82
C THR A 79 10.79 -6.18 -2.75
N THR A 80 11.11 -6.00 -4.04
CA THR A 80 11.09 -7.10 -5.03
C THR A 80 12.05 -8.24 -4.65
N ASP A 81 13.12 -7.96 -3.91
CA ASP A 81 14.04 -8.94 -3.34
C ASP A 81 13.52 -9.66 -2.08
N GLY A 82 12.30 -9.35 -1.62
CA GLY A 82 11.64 -10.01 -0.50
C GLY A 82 12.11 -9.51 0.87
N GLU A 83 12.48 -8.23 0.95
CA GLU A 83 12.92 -7.56 2.19
C GLU A 83 11.79 -6.68 2.76
N MET A 84 11.37 -6.93 4.00
CA MET A 84 10.30 -6.17 4.68
C MET A 84 10.85 -4.93 5.42
N LEU A 85 10.37 -3.74 5.05
CA LEU A 85 10.84 -2.44 5.56
C LEU A 85 9.74 -1.35 5.57
N PRO A 86 9.76 -0.40 6.51
CA PRO A 86 8.88 0.76 6.46
C PRO A 86 9.21 1.69 5.29
N ILE A 87 8.20 2.38 4.77
CA ILE A 87 8.33 3.29 3.62
C ILE A 87 9.39 4.38 3.85
N ASP A 88 9.54 4.80 5.11
CA ASP A 88 10.50 5.79 5.60
C ASP A 88 11.96 5.36 5.38
N GLU A 89 12.26 4.06 5.43
CA GLU A 89 13.62 3.52 5.18
C GLU A 89 13.79 3.10 3.72
N ILE A 90 12.74 2.60 3.05
CA ILE A 90 12.77 2.35 1.60
C ILE A 90 13.09 3.64 0.84
N PHE A 91 12.56 4.79 1.26
CA PHE A 91 12.95 6.09 0.71
C PHE A 91 14.42 6.51 0.92
N GLU A 92 14.86 6.55 2.19
CA GLU A 92 16.19 7.05 2.57
C GLU A 92 17.34 6.11 2.18
N SER A 93 17.12 4.80 2.19
CA SER A 93 18.08 3.76 1.78
C SER A 93 17.93 3.36 0.29
N GLU A 94 16.89 3.86 -0.39
CA GLU A 94 16.64 3.81 -1.85
C GLU A 94 16.31 2.40 -2.39
N LEU A 95 15.68 1.57 -1.56
CA LEU A 95 15.35 0.17 -1.88
C LEU A 95 14.33 0.05 -3.03
N ASP A 96 14.39 -1.06 -3.76
CA ASP A 96 13.53 -1.33 -4.92
C ASP A 96 12.19 -1.99 -4.52
N LEU A 97 11.12 -1.20 -4.41
CA LEU A 97 9.80 -1.74 -4.00
C LEU A 97 9.27 -2.85 -4.94
N MET A 98 8.56 -3.81 -4.36
CA MET A 98 7.95 -4.94 -5.08
C MET A 98 7.04 -4.51 -6.26
N ARG A 99 7.15 -5.21 -7.39
CA ARG A 99 6.68 -4.72 -8.69
C ARG A 99 5.27 -5.14 -9.07
N VAL A 100 4.48 -4.19 -9.57
CA VAL A 100 3.39 -4.45 -10.53
C VAL A 100 3.96 -4.81 -11.91
N ASP A 101 3.28 -5.69 -12.66
CA ASP A 101 3.75 -6.27 -13.93
C ASP A 101 4.44 -5.31 -14.93
N SER A 102 3.89 -4.11 -15.15
CA SER A 102 4.44 -3.09 -16.05
C SER A 102 5.63 -2.29 -15.50
N SER A 103 5.91 -2.33 -14.20
CA SER A 103 7.01 -1.59 -13.58
C SER A 103 8.39 -2.19 -13.90
N GLY A 104 9.38 -1.31 -14.01
CA GLY A 104 10.81 -1.61 -14.00
C GLY A 104 11.59 -0.51 -13.30
N ASP A 105 10.96 0.15 -12.31
CA ASP A 105 11.32 1.48 -11.80
C ASP A 105 11.65 1.53 -10.30
N THR A 106 10.61 1.47 -9.46
CA THR A 106 10.61 1.07 -8.02
C THR A 106 11.34 1.95 -6.99
N LYS A 107 12.28 2.76 -7.47
CA LYS A 107 13.04 3.78 -6.76
C LYS A 107 12.15 4.95 -6.33
N ILE A 108 11.90 5.11 -5.03
CA ILE A 108 11.24 6.31 -4.49
C ILE A 108 12.19 7.50 -4.63
N ALA A 109 11.73 8.51 -5.36
CA ALA A 109 12.50 9.66 -5.78
C ALA A 109 12.43 10.84 -4.78
N THR A 110 11.24 11.11 -4.22
CA THR A 110 10.91 12.29 -3.38
C THR A 110 9.70 12.02 -2.46
N ARG A 111 9.46 12.92 -1.51
CA ARG A 111 8.56 12.75 -0.35
C ARG A 111 7.94 14.08 0.12
N GLU A 112 6.61 14.16 0.19
CA GLU A 112 5.87 15.37 0.61
C GLU A 112 4.58 15.02 1.37
N TYR A 113 4.14 15.85 2.33
CA TYR A 113 2.84 15.67 2.98
C TYR A 113 1.64 16.13 2.15
N THR A 114 0.52 15.40 2.19
CA THR A 114 -0.74 15.79 1.51
C THR A 114 -1.87 16.22 2.46
N GLY A 115 -1.76 15.90 3.74
CA GLY A 115 -2.63 16.39 4.82
C GLY A 115 -2.61 15.50 6.07
N SER A 116 -3.38 15.87 7.09
CA SER A 116 -3.81 14.94 8.15
C SER A 116 -5.31 14.66 8.04
N GLU A 117 -5.72 13.39 8.05
CA GLU A 117 -7.10 12.97 7.79
C GLU A 117 -7.45 11.65 8.51
N ASP A 118 -8.70 11.18 8.40
CA ASP A 118 -9.11 9.85 8.83
C ASP A 118 -8.38 8.77 8.00
N VAL A 119 -7.48 8.02 8.64
CA VAL A 119 -6.53 7.11 7.97
C VAL A 119 -6.89 5.66 8.26
N TYR A 120 -6.71 4.81 7.24
CA TYR A 120 -7.26 3.45 7.16
C TYR A 120 -6.28 2.30 6.87
N ASP A 121 -6.63 1.05 7.22
CA ASP A 121 -5.80 -0.14 7.04
C ASP A 121 -6.55 -1.49 6.79
N ILE A 122 -6.08 -2.32 5.86
CA ILE A 122 -6.63 -3.65 5.53
C ILE A 122 -5.58 -4.76 5.42
N GLY A 123 -5.97 -6.00 5.72
CA GLY A 123 -5.11 -7.19 5.70
C GLY A 123 -5.84 -8.52 5.43
N VAL A 124 -5.10 -9.61 5.58
CA VAL A 124 -5.54 -11.00 5.34
C VAL A 124 -4.62 -11.94 6.12
N GLU A 125 -5.19 -13.03 6.62
CA GLU A 125 -4.49 -14.08 7.36
C GLU A 125 -3.53 -14.90 6.47
N SER A 126 -3.83 -15.08 5.18
CA SER A 126 -2.96 -15.81 4.23
C SER A 126 -1.70 -15.03 3.82
N ASP A 127 -1.85 -13.73 3.52
CA ASP A 127 -0.79 -12.90 2.89
C ASP A 127 -0.30 -11.66 3.65
N HIS A 128 -1.15 -11.06 4.49
CA HIS A 128 -0.99 -9.78 5.18
C HIS A 128 -0.47 -8.57 4.34
N ASN A 129 -0.44 -8.64 3.01
CA ASN A 129 0.05 -7.60 2.11
C ASN A 129 -0.95 -7.29 0.99
N PHE A 130 -1.04 -6.02 0.56
CA PHE A 130 -1.95 -5.54 -0.48
C PHE A 130 -1.37 -4.50 -1.45
N ALA A 131 -1.66 -4.61 -2.75
CA ALA A 131 -1.29 -3.63 -3.77
C ALA A 131 -2.25 -2.41 -3.79
N LEU A 132 -1.68 -1.20 -3.77
CA LEU A 132 -2.40 0.08 -3.61
C LEU A 132 -2.25 1.02 -4.84
N SER A 133 -2.12 2.33 -4.60
CA SER A 133 -1.99 3.38 -5.61
C SER A 133 -0.76 3.16 -6.51
N ASP A 134 -0.94 3.31 -7.82
CA ASP A 134 0.01 2.89 -8.86
C ASP A 134 0.51 1.43 -8.89
N GLY A 135 -0.01 0.59 -7.97
CA GLY A 135 0.22 -0.85 -7.89
C GLY A 135 1.20 -1.33 -6.81
N PHE A 136 1.74 -0.45 -5.96
CA PHE A 136 2.76 -0.76 -4.95
C PHE A 136 2.28 -1.43 -3.64
N ILE A 137 3.09 -2.29 -2.99
CA ILE A 137 2.60 -3.26 -1.97
C ILE A 137 2.89 -2.88 -0.52
N ALA A 138 1.81 -2.49 0.16
CA ALA A 138 1.69 -2.24 1.59
C ALA A 138 1.52 -3.52 2.44
N SER A 139 1.70 -3.44 3.76
CA SER A 139 1.70 -4.60 4.66
C SER A 139 1.16 -4.33 6.07
N ASN A 140 0.14 -5.09 6.47
CA ASN A 140 -0.76 -4.90 7.63
C ASN A 140 -0.05 -4.91 8.99
N SER A 1 5.04 2.10 14.49
CA SER A 1 3.89 1.32 14.03
C SER A 1 2.60 2.00 14.49
N GLY A 2 1.44 1.44 14.13
CA GLY A 2 0.14 2.11 14.26
C GLY A 2 -0.14 3.13 13.15
N GLY A 3 0.64 3.11 12.06
CA GLY A 3 0.41 3.90 10.86
C GLY A 3 -0.60 3.25 9.92
N ALA A 4 -0.94 3.96 8.85
CA ALA A 4 -1.93 3.58 7.86
C ALA A 4 -1.75 4.39 6.54
N LEU A 5 -2.47 3.98 5.50
CA LEU A 5 -2.54 4.64 4.19
C LEU A 5 -3.56 5.79 4.22
N SER A 6 -3.47 6.74 3.29
CA SER A 6 -4.51 7.78 3.14
C SER A 6 -5.87 7.16 2.80
N TYR A 7 -6.96 7.71 3.35
CA TYR A 7 -8.33 7.43 2.94
C TYR A 7 -8.64 7.58 1.44
N ASP A 8 -7.93 8.50 0.78
CA ASP A 8 -7.91 8.70 -0.67
C ASP A 8 -7.15 7.68 -1.53
N THR A 9 -6.46 6.73 -0.89
CA THR A 9 -5.82 5.60 -1.58
C THR A 9 -6.77 4.67 -2.32
N GLU A 10 -6.35 4.12 -3.45
CA GLU A 10 -7.12 3.18 -4.26
C GLU A 10 -6.45 1.80 -4.31
N ILE A 11 -7.22 0.75 -4.06
CA ILE A 11 -6.79 -0.65 -4.02
C ILE A 11 -6.64 -1.22 -5.43
N LEU A 12 -5.67 -2.12 -5.63
CA LEU A 12 -5.58 -2.97 -6.82
C LEU A 12 -6.39 -4.26 -6.60
N THR A 13 -7.43 -4.49 -7.40
CA THR A 13 -8.39 -5.60 -7.16
C THR A 13 -8.90 -6.17 -8.47
N THR A 14 -9.01 -7.51 -8.54
CA THR A 14 -9.60 -8.21 -9.71
C THR A 14 -11.13 -8.21 -9.79
N GLU A 15 -11.81 -7.56 -8.84
CA GLU A 15 -13.26 -7.31 -8.92
C GLU A 15 -13.61 -6.19 -9.93
N TYR A 16 -12.82 -5.11 -9.93
CA TYR A 16 -13.05 -3.87 -10.70
C TYR A 16 -11.82 -3.13 -11.29
N GLY A 17 -10.62 -3.64 -11.06
CA GLY A 17 -9.35 -2.90 -11.19
C GLY A 17 -9.12 -1.88 -10.06
N LEU A 18 -10.12 -1.04 -9.78
CA LEU A 18 -10.09 0.09 -8.85
C LEU A 18 -11.21 0.00 -7.80
N LEU A 19 -10.89 0.13 -6.51
CA LEU A 19 -11.84 0.41 -5.41
C LEU A 19 -11.14 1.23 -4.30
N PRO A 20 -11.79 2.25 -3.70
CA PRO A 20 -11.16 3.12 -2.70
C PRO A 20 -11.03 2.43 -1.32
N ILE A 21 -9.92 2.65 -0.62
CA ILE A 21 -9.59 1.89 0.62
C ILE A 21 -10.61 2.07 1.76
N GLY A 22 -11.21 3.26 1.88
CA GLY A 22 -12.23 3.54 2.90
C GLY A 22 -13.48 2.66 2.75
N ASP A 23 -14.01 2.58 1.53
CA ASP A 23 -15.21 1.81 1.18
C ASP A 23 -14.91 0.28 1.14
N ILE A 24 -13.67 -0.17 1.30
CA ILE A 24 -13.32 -1.58 1.59
C ILE A 24 -13.45 -1.89 3.08
N VAL A 25 -13.04 -0.95 3.94
CA VAL A 25 -13.01 -1.12 5.39
C VAL A 25 -14.36 -0.80 6.04
N GLU A 26 -15.03 0.30 5.68
CA GLU A 26 -16.18 0.84 6.43
C GLU A 26 -17.46 -0.04 6.39
N SER A 27 -17.50 -1.04 5.51
CA SER A 27 -18.52 -2.09 5.46
C SER A 27 -17.92 -3.51 5.41
N GLU A 28 -16.63 -3.66 5.77
CA GLU A 28 -15.84 -4.91 5.83
C GLU A 28 -16.00 -5.88 4.66
N THR A 29 -16.17 -5.35 3.45
CA THR A 29 -16.44 -6.12 2.23
C THR A 29 -15.30 -7.05 1.78
N GLU A 30 -15.63 -8.25 1.32
CA GLU A 30 -14.68 -9.33 0.98
C GLU A 30 -14.05 -9.22 -0.42
N CYS A 31 -13.85 -8.01 -0.96
CA CYS A 31 -13.34 -7.80 -2.33
C CYS A 31 -11.95 -8.43 -2.55
N THR A 32 -11.79 -9.12 -3.68
CA THR A 32 -10.52 -9.71 -4.13
C THR A 32 -9.35 -8.75 -4.44
N VAL A 33 -8.51 -8.48 -3.46
CA VAL A 33 -7.23 -7.76 -3.60
C VAL A 33 -6.13 -8.60 -4.22
N TYR A 34 -5.11 -7.93 -4.77
CA TYR A 34 -3.84 -8.55 -5.16
C TYR A 34 -2.79 -8.67 -4.02
N SER A 35 -1.98 -9.74 -4.03
CA SER A 35 -0.86 -9.98 -3.10
C SER A 35 0.34 -10.60 -3.82
N VAL A 36 1.52 -10.59 -3.19
CA VAL A 36 2.69 -11.40 -3.58
C VAL A 36 2.88 -12.69 -2.77
N ASP A 37 3.30 -13.76 -3.45
CA ASP A 37 3.62 -15.06 -2.86
C ASP A 37 5.12 -15.21 -2.50
N SER A 38 5.47 -16.23 -1.73
CA SER A 38 6.87 -16.57 -1.38
C SER A 38 7.71 -17.07 -2.57
N ASP A 39 7.09 -17.39 -3.71
CA ASP A 39 7.75 -17.54 -5.01
C ASP A 39 8.23 -16.20 -5.60
N GLY A 40 7.70 -15.08 -5.11
CA GLY A 40 7.83 -13.76 -5.71
C GLY A 40 7.02 -13.64 -7.00
N SER A 41 5.76 -14.08 -6.96
CA SER A 41 4.75 -14.05 -8.02
C SER A 41 3.42 -13.49 -7.51
N THR A 42 2.64 -12.82 -8.36
CA THR A 42 1.33 -12.21 -7.98
C THR A 42 0.13 -13.16 -7.90
N TYR A 43 -0.72 -12.97 -6.88
CA TYR A 43 -1.94 -13.74 -6.57
C TYR A 43 -3.14 -12.85 -6.14
N THR A 44 -4.34 -13.42 -5.95
CA THR A 44 -5.54 -12.63 -5.58
C THR A 44 -6.34 -13.35 -4.48
N GLN A 45 -6.84 -12.58 -3.49
CA GLN A 45 -7.59 -13.04 -2.30
C GLN A 45 -8.58 -11.97 -1.84
N GLY A 46 -9.74 -12.39 -1.35
CA GLY A 46 -10.72 -11.51 -0.72
C GLY A 46 -10.27 -11.04 0.67
N VAL A 47 -10.22 -9.71 0.87
CA VAL A 47 -9.74 -9.04 2.10
C VAL A 47 -10.43 -9.61 3.35
N ALA A 48 -9.65 -9.87 4.40
CA ALA A 48 -10.11 -10.55 5.64
C ALA A 48 -9.71 -9.82 6.94
N GLU A 49 -8.84 -8.83 6.87
CA GLU A 49 -8.41 -7.97 7.97
C GLU A 49 -8.56 -6.50 7.56
N TRP A 50 -8.97 -5.65 8.51
CA TRP A 50 -9.32 -4.24 8.26
C TRP A 50 -9.19 -3.38 9.52
N HIS A 51 -8.81 -2.11 9.36
CA HIS A 51 -8.54 -1.19 10.47
C HIS A 51 -8.55 0.30 10.02
N ASP A 52 -8.76 1.23 10.96
CA ASP A 52 -8.73 2.68 10.76
C ASP A 52 -7.96 3.32 11.95
N ARG A 53 -7.46 4.56 11.82
CA ARG A 53 -6.74 5.25 12.91
C ARG A 53 -7.09 6.74 13.16
N GLY A 54 -8.25 7.19 12.70
CA GLY A 54 -8.81 8.50 13.03
C GLY A 54 -8.36 9.61 12.09
N GLU A 55 -7.21 10.21 12.40
CA GLU A 55 -6.53 11.22 11.60
C GLU A 55 -5.04 11.31 11.99
N GLN A 56 -4.12 11.16 11.03
CA GLN A 56 -2.67 11.12 11.27
C GLN A 56 -1.89 11.96 10.25
N GLU A 57 -0.65 12.36 10.61
CA GLU A 57 0.23 13.16 9.74
C GLU A 57 0.67 12.38 8.49
N VAL A 58 0.39 12.94 7.30
CA VAL A 58 0.52 12.28 5.99
C VAL A 58 1.63 12.86 5.08
N PHE A 59 2.34 11.96 4.41
CA PHE A 59 3.33 12.24 3.37
C PHE A 59 2.85 11.98 1.94
N GLU A 60 3.38 12.70 0.95
CA GLU A 60 3.28 12.33 -0.47
C GLU A 60 4.66 12.04 -1.08
N TYR A 61 4.79 10.84 -1.65
CA TYR A 61 5.99 10.34 -2.33
C TYR A 61 5.77 10.29 -3.85
N CYS A 62 6.73 10.78 -4.64
CA CYS A 62 6.61 10.91 -6.10
C CYS A 62 7.56 9.97 -6.85
N LEU A 63 7.09 9.41 -7.96
CA LEU A 63 7.86 8.57 -8.90
C LEU A 63 8.26 9.36 -10.14
N GLU A 64 9.39 9.00 -10.77
CA GLU A 64 9.87 9.66 -12.00
C GLU A 64 8.81 9.62 -13.12
N ASP A 65 8.07 8.51 -13.18
CA ASP A 65 6.94 8.28 -14.09
C ASP A 65 5.76 9.27 -14.04
N GLY A 66 5.70 10.13 -13.02
CA GLY A 66 4.55 10.98 -12.72
C GLY A 66 3.46 10.28 -11.90
N SER A 67 3.77 9.09 -11.35
CA SER A 67 2.96 8.37 -10.36
C SER A 67 3.18 8.89 -8.93
N THR A 68 2.25 8.56 -8.02
CA THR A 68 2.23 9.07 -6.63
C THR A 68 1.76 8.10 -5.55
N ILE A 69 2.31 8.24 -4.34
CA ILE A 69 1.96 7.51 -3.11
C ILE A 69 1.55 8.50 -2.01
N ARG A 70 0.46 8.22 -1.28
CA ARG A 70 -0.01 9.03 -0.13
C ARG A 70 -0.30 8.18 1.11
N ALA A 71 0.51 8.33 2.15
CA ALA A 71 0.50 7.46 3.34
C ALA A 71 1.18 8.12 4.57
N THR A 72 1.00 7.52 5.74
CA THR A 72 1.94 7.71 6.86
C THR A 72 3.27 6.97 6.62
N LYS A 73 4.38 7.47 7.16
CA LYS A 73 5.64 6.68 7.30
C LYS A 73 5.67 5.80 8.56
N ASP A 74 4.64 5.91 9.40
CA ASP A 74 4.45 5.17 10.65
C ASP A 74 4.02 3.69 10.56
N HIS A 75 3.98 3.10 9.35
CA HIS A 75 3.77 1.66 9.15
C HIS A 75 4.70 1.03 8.10
N LYS A 76 4.89 -0.29 8.20
CA LYS A 76 5.76 -1.07 7.31
C LYS A 76 5.12 -1.42 5.96
N PHE A 77 5.97 -1.45 4.95
CA PHE A 77 5.81 -2.04 3.62
C PHE A 77 6.78 -3.24 3.47
N MET A 78 7.17 -3.65 2.26
CA MET A 78 8.32 -4.54 2.08
C MET A 78 9.01 -4.36 0.73
N THR A 79 10.32 -4.66 0.69
CA THR A 79 11.05 -4.82 -0.59
C THR A 79 10.75 -6.12 -1.30
N THR A 80 11.00 -6.14 -2.60
CA THR A 80 10.91 -7.31 -3.48
C THR A 80 11.76 -8.52 -3.05
N ASP A 81 12.78 -8.29 -2.22
CA ASP A 81 13.63 -9.28 -1.54
C ASP A 81 12.97 -10.03 -0.36
N GLY A 82 11.84 -9.50 0.17
CA GLY A 82 11.12 -10.04 1.32
C GLY A 82 11.52 -9.42 2.66
N GLU A 83 12.15 -8.24 2.65
CA GLU A 83 12.53 -7.47 3.83
C GLU A 83 11.40 -6.50 4.23
N MET A 84 10.86 -6.63 5.45
CA MET A 84 9.80 -5.76 5.95
C MET A 84 10.37 -4.42 6.44
N LEU A 85 10.01 -3.30 5.82
CA LEU A 85 10.55 -1.95 6.12
C LEU A 85 9.54 -0.83 5.81
N PRO A 86 9.58 0.32 6.50
CA PRO A 86 8.71 1.46 6.22
C PRO A 86 9.00 2.09 4.85
N ILE A 87 7.96 2.67 4.23
CA ILE A 87 8.02 3.31 2.90
C ILE A 87 9.08 4.41 2.83
N ASP A 88 9.30 5.09 3.95
CA ASP A 88 10.28 6.15 4.07
C ASP A 88 11.72 5.60 4.00
N GLU A 89 12.00 4.41 4.55
CA GLU A 89 13.29 3.74 4.44
C GLU A 89 13.50 3.21 3.02
N ILE A 90 12.45 2.64 2.40
CA ILE A 90 12.47 2.24 0.99
C ILE A 90 12.79 3.45 0.09
N PHE A 91 12.28 4.64 0.45
CA PHE A 91 12.74 5.92 -0.08
C PHE A 91 14.22 6.29 0.13
N GLU A 92 14.65 6.56 1.37
CA GLU A 92 15.98 7.15 1.62
C GLU A 92 17.15 6.14 1.47
N SER A 93 16.89 4.85 1.63
CA SER A 93 17.84 3.77 1.31
C SER A 93 17.74 3.26 -0.14
N GLU A 94 16.86 3.86 -0.97
CA GLU A 94 16.75 3.63 -2.41
C GLU A 94 16.41 2.18 -2.80
N LEU A 95 15.65 1.51 -1.94
CA LEU A 95 15.30 0.10 -2.08
C LEU A 95 14.23 -0.13 -3.16
N ASP A 96 14.14 -1.36 -3.64
CA ASP A 96 13.11 -1.80 -4.59
C ASP A 96 11.90 -2.49 -3.97
N LEU A 97 10.72 -1.89 -4.10
CA LEU A 97 9.48 -2.56 -3.78
C LEU A 97 9.08 -3.57 -4.89
N MET A 98 8.07 -4.41 -4.63
CA MET A 98 7.49 -5.37 -5.58
C MET A 98 7.15 -4.75 -6.95
N ARG A 99 7.43 -5.48 -8.04
CA ARG A 99 7.25 -5.07 -9.45
C ARG A 99 5.86 -5.37 -10.04
N VAL A 100 4.81 -5.12 -9.26
CA VAL A 100 3.41 -5.43 -9.61
C VAL A 100 2.85 -4.64 -10.82
N ASP A 101 1.78 -5.15 -11.45
CA ASP A 101 1.16 -4.58 -12.65
C ASP A 101 0.75 -3.09 -12.64
N SER A 102 0.41 -2.51 -11.49
CA SER A 102 0.13 -1.08 -11.34
C SER A 102 1.39 -0.19 -11.25
N SER A 103 2.59 -0.78 -11.07
CA SER A 103 3.85 -0.02 -10.93
C SER A 103 4.39 0.54 -12.25
N GLY A 104 4.85 1.79 -12.22
CA GLY A 104 5.75 2.39 -13.21
C GLY A 104 7.20 2.39 -12.74
N ASP A 105 7.43 2.54 -11.44
CA ASP A 105 8.70 2.50 -10.72
C ASP A 105 8.63 1.73 -9.39
N THR A 106 9.66 0.95 -9.10
CA THR A 106 9.83 0.21 -7.83
C THR A 106 10.68 1.03 -6.84
N LYS A 107 11.44 2.04 -7.32
CA LYS A 107 12.20 3.02 -6.51
C LYS A 107 11.56 4.42 -6.58
N ILE A 108 11.50 5.10 -5.44
CA ILE A 108 10.93 6.45 -5.30
C ILE A 108 11.92 7.56 -5.71
N ALA A 109 11.42 8.65 -6.31
CA ALA A 109 12.21 9.81 -6.72
C ALA A 109 12.20 10.97 -5.70
N THR A 110 11.05 11.28 -5.08
CA THR A 110 10.84 12.46 -4.20
C THR A 110 9.92 12.23 -2.99
N ARG A 111 10.07 13.02 -1.90
CA ARG A 111 9.24 13.00 -0.67
C ARG A 111 8.90 14.43 -0.20
N GLU A 112 7.66 14.64 0.27
CA GLU A 112 7.21 15.87 0.97
C GLU A 112 6.10 15.56 1.99
N TYR A 113 6.02 16.32 3.09
CA TYR A 113 4.89 16.22 4.03
C TYR A 113 3.75 17.18 3.67
N THR A 114 2.49 16.72 3.75
CA THR A 114 1.35 17.44 3.15
C THR A 114 0.14 17.78 4.04
N GLY A 115 0.12 17.32 5.30
CA GLY A 115 -0.92 17.67 6.27
C GLY A 115 -1.27 16.53 7.23
N SER A 116 -2.52 16.48 7.67
CA SER A 116 -3.17 15.29 8.26
C SER A 116 -4.51 15.01 7.58
N GLU A 117 -4.93 13.75 7.54
CA GLU A 117 -6.24 13.34 7.04
C GLU A 117 -6.64 11.96 7.56
N ASP A 118 -7.80 11.45 7.13
CA ASP A 118 -8.28 10.11 7.49
C ASP A 118 -7.38 8.99 6.97
N VAL A 119 -7.20 7.92 7.74
CA VAL A 119 -6.24 6.85 7.41
C VAL A 119 -6.78 5.44 7.67
N TYR A 120 -6.41 4.51 6.78
CA TYR A 120 -6.93 3.14 6.70
C TYR A 120 -5.92 2.03 6.41
N ASP A 121 -6.22 0.79 6.81
CA ASP A 121 -5.33 -0.37 6.66
C ASP A 121 -6.07 -1.73 6.51
N ILE A 122 -5.48 -2.71 5.82
CA ILE A 122 -6.09 -4.03 5.51
C ILE A 122 -5.11 -5.21 5.64
N GLY A 123 -5.54 -6.42 5.25
CA GLY A 123 -4.76 -7.66 5.31
C GLY A 123 -5.58 -8.87 4.86
N VAL A 124 -4.90 -10.00 4.63
CA VAL A 124 -5.49 -11.16 3.95
C VAL A 124 -5.01 -12.54 4.36
N GLU A 125 -5.91 -13.52 4.38
CA GLU A 125 -5.71 -14.84 5.01
C GLU A 125 -4.58 -15.72 4.44
N SER A 126 -4.15 -15.54 3.18
CA SER A 126 -3.06 -16.34 2.57
C SER A 126 -1.66 -15.76 2.80
N ASP A 127 -1.44 -14.47 2.49
CA ASP A 127 -0.11 -13.82 2.45
C ASP A 127 0.00 -12.63 3.43
N HIS A 128 -1.12 -12.08 3.87
CA HIS A 128 -1.25 -10.87 4.70
C HIS A 128 -0.63 -9.57 4.15
N ASN A 129 -0.32 -9.51 2.85
CA ASN A 129 0.07 -8.30 2.13
C ASN A 129 -1.02 -7.94 1.08
N PHE A 130 -1.16 -6.66 0.75
CA PHE A 130 -2.24 -6.14 -0.09
C PHE A 130 -1.70 -5.01 -1.00
N ALA A 131 -2.08 -5.02 -2.29
CA ALA A 131 -1.55 -4.11 -3.32
C ALA A 131 -2.48 -2.91 -3.65
N LEU A 132 -1.86 -1.83 -4.14
CA LEU A 132 -2.48 -0.52 -4.39
C LEU A 132 -2.28 -0.01 -5.84
N SER A 133 -3.05 1.01 -6.20
CA SER A 133 -2.84 1.87 -7.38
C SER A 133 -1.48 2.57 -7.30
N ASP A 134 -0.82 2.75 -8.44
CA ASP A 134 0.56 3.26 -8.58
C ASP A 134 1.72 2.35 -8.07
N GLY A 135 1.41 1.09 -7.74
CA GLY A 135 2.39 0.00 -7.61
C GLY A 135 2.68 -0.54 -6.21
N PHE A 136 2.12 0.06 -5.15
CA PHE A 136 2.60 -0.15 -3.78
C PHE A 136 1.93 -1.27 -2.95
N ILE A 137 2.71 -2.03 -2.16
CA ILE A 137 2.21 -3.17 -1.34
C ILE A 137 2.40 -2.88 0.15
N ALA A 138 1.30 -2.73 0.87
CA ALA A 138 1.26 -2.66 2.34
C ALA A 138 0.83 -4.02 2.95
N SER A 139 0.77 -4.12 4.29
CA SER A 139 0.82 -5.42 4.98
C SER A 139 0.25 -5.39 6.40
N ASN A 140 -0.01 -6.55 7.02
CA ASN A 140 -0.46 -6.66 8.42
C ASN A 140 0.71 -6.61 9.42
N SER A 1 -1.74 -1.28 17.42
CA SER A 1 -1.90 0.09 16.89
C SER A 1 -0.69 0.48 16.06
N GLY A 2 -0.91 1.05 14.86
CA GLY A 2 0.13 1.62 14.01
C GLY A 2 -0.05 1.32 12.52
N GLY A 3 0.24 2.31 11.67
CA GLY A 3 0.45 2.17 10.24
C GLY A 3 -0.82 2.20 9.42
N ALA A 4 -1.09 3.33 8.75
CA ALA A 4 -2.27 3.50 7.91
C ALA A 4 -2.02 4.29 6.60
N LEU A 5 -2.99 4.30 5.70
CA LEU A 5 -2.96 4.95 4.39
C LEU A 5 -4.15 5.91 4.24
N SER A 6 -4.09 6.88 3.32
CA SER A 6 -5.18 7.87 3.20
C SER A 6 -6.51 7.24 2.77
N TYR A 7 -7.63 7.66 3.37
CA TYR A 7 -9.00 7.22 3.05
C TYR A 7 -9.44 7.34 1.58
N ASP A 8 -8.84 8.30 0.87
CA ASP A 8 -9.01 8.56 -0.56
C ASP A 8 -8.19 7.63 -1.48
N THR A 9 -7.29 6.81 -0.91
CA THR A 9 -6.48 5.83 -1.65
C THR A 9 -7.26 4.68 -2.27
N GLU A 10 -7.08 4.43 -3.57
CA GLU A 10 -7.79 3.39 -4.33
C GLU A 10 -6.98 2.07 -4.38
N ILE A 11 -7.64 0.95 -4.13
CA ILE A 11 -7.09 -0.40 -4.07
C ILE A 11 -7.02 -1.04 -5.47
N LEU A 12 -5.96 -1.79 -5.77
CA LEU A 12 -5.86 -2.57 -7.01
C LEU A 12 -6.68 -3.87 -6.88
N THR A 13 -7.88 -3.88 -7.47
CA THR A 13 -8.86 -4.97 -7.32
C THR A 13 -9.50 -5.39 -8.64
N THR A 14 -9.93 -6.66 -8.70
CA THR A 14 -10.63 -7.25 -9.85
C THR A 14 -12.17 -7.28 -9.78
N GLU A 15 -12.74 -6.99 -8.60
CA GLU A 15 -14.20 -7.01 -8.38
C GLU A 15 -14.92 -5.79 -9.01
N TYR A 16 -14.28 -4.61 -8.94
CA TYR A 16 -14.72 -3.35 -9.57
C TYR A 16 -13.67 -2.51 -10.31
N GLY A 17 -12.38 -2.85 -10.22
CA GLY A 17 -11.27 -1.98 -10.62
C GLY A 17 -11.02 -0.81 -9.66
N LEU A 18 -12.07 -0.04 -9.35
CA LEU A 18 -12.01 1.16 -8.51
C LEU A 18 -12.70 0.91 -7.15
N LEU A 19 -11.96 0.89 -6.04
CA LEU A 19 -12.50 0.87 -4.67
C LEU A 19 -11.57 1.66 -3.72
N PRO A 20 -12.04 2.70 -3.01
CA PRO A 20 -11.25 3.40 -2.00
C PRO A 20 -11.13 2.60 -0.69
N ILE A 21 -9.97 2.68 -0.03
CA ILE A 21 -9.60 1.84 1.12
C ILE A 21 -10.58 1.94 2.30
N GLY A 22 -11.15 3.11 2.55
CA GLY A 22 -12.16 3.30 3.61
C GLY A 22 -13.46 2.51 3.36
N ASP A 23 -13.86 2.36 2.10
CA ASP A 23 -15.07 1.62 1.72
C ASP A 23 -14.88 0.11 1.84
N ILE A 24 -13.63 -0.37 1.88
CA ILE A 24 -13.33 -1.77 2.23
C ILE A 24 -13.56 -1.99 3.72
N VAL A 25 -12.97 -1.13 4.58
CA VAL A 25 -13.00 -1.28 6.04
C VAL A 25 -14.40 -1.06 6.63
N GLU A 26 -15.11 -0.01 6.19
CA GLU A 26 -16.49 0.24 6.65
C GLU A 26 -17.48 -0.86 6.22
N SER A 27 -17.14 -1.66 5.20
CA SER A 27 -17.94 -2.77 4.68
C SER A 27 -17.48 -4.17 5.12
N GLU A 28 -16.29 -4.28 5.72
CA GLU A 28 -15.55 -5.53 6.05
C GLU A 28 -15.55 -6.60 4.92
N THR A 29 -15.52 -6.13 3.66
CA THR A 29 -15.73 -6.92 2.43
C THR A 29 -14.52 -7.77 2.03
N GLU A 30 -14.78 -8.93 1.40
CA GLU A 30 -13.79 -9.89 0.90
C GLU A 30 -13.46 -9.71 -0.60
N CYS A 31 -13.44 -8.46 -1.08
CA CYS A 31 -13.09 -8.17 -2.47
C CYS A 31 -11.64 -8.58 -2.77
N THR A 32 -11.42 -9.29 -3.89
CA THR A 32 -10.10 -9.75 -4.34
C THR A 32 -9.21 -8.55 -4.70
N VAL A 33 -8.27 -8.25 -3.81
CA VAL A 33 -7.09 -7.40 -4.04
C VAL A 33 -5.97 -8.21 -4.67
N TYR A 34 -4.96 -7.55 -5.23
CA TYR A 34 -3.68 -8.18 -5.58
C TYR A 34 -2.71 -8.36 -4.40
N SER A 35 -2.10 -9.55 -4.24
CA SER A 35 -1.17 -9.89 -3.15
C SER A 35 -0.17 -10.96 -3.60
N VAL A 36 1.08 -10.88 -3.14
CA VAL A 36 2.12 -11.87 -3.48
C VAL A 36 2.08 -13.17 -2.68
N ASP A 37 2.54 -14.24 -3.34
CA ASP A 37 2.97 -15.53 -2.74
C ASP A 37 4.27 -15.45 -1.91
N SER A 38 4.60 -16.53 -1.18
CA SER A 38 5.86 -16.76 -0.47
C SER A 38 7.13 -16.41 -1.28
N ASP A 39 7.18 -16.69 -2.59
CA ASP A 39 8.30 -16.34 -3.49
C ASP A 39 8.19 -14.92 -4.10
N GLY A 40 7.18 -14.13 -3.72
CA GLY A 40 6.96 -12.77 -4.18
C GLY A 40 6.30 -12.65 -5.56
N SER A 41 5.81 -13.76 -6.13
CA SER A 41 5.02 -13.72 -7.37
C SER A 41 3.60 -13.20 -7.13
N THR A 42 3.08 -12.34 -8.01
CA THR A 42 1.79 -11.66 -7.87
C THR A 42 0.53 -12.49 -8.16
N TYR A 43 -0.44 -12.50 -7.24
CA TYR A 43 -1.71 -13.21 -7.32
C TYR A 43 -2.88 -12.38 -6.75
N THR A 44 -4.10 -12.93 -6.61
CA THR A 44 -5.26 -12.20 -6.06
C THR A 44 -5.74 -12.91 -4.78
N GLN A 45 -6.19 -12.12 -3.79
CA GLN A 45 -6.67 -12.57 -2.48
C GLN A 45 -7.83 -11.69 -2.03
N GLY A 46 -8.90 -12.31 -1.55
CA GLY A 46 -10.00 -11.61 -0.89
C GLY A 46 -9.57 -11.08 0.48
N VAL A 47 -9.83 -9.81 0.73
CA VAL A 47 -9.43 -9.10 1.97
C VAL A 47 -10.08 -9.72 3.21
N ALA A 48 -9.27 -10.02 4.23
CA ALA A 48 -9.66 -10.70 5.46
C ALA A 48 -9.11 -10.02 6.74
N GLU A 49 -8.65 -8.78 6.63
CA GLU A 49 -8.34 -7.88 7.75
C GLU A 49 -8.73 -6.44 7.40
N TRP A 50 -9.17 -5.69 8.40
CA TRP A 50 -9.66 -4.30 8.28
C TRP A 50 -9.36 -3.51 9.56
N HIS A 51 -8.80 -2.30 9.44
CA HIS A 51 -8.26 -1.54 10.57
C HIS A 51 -8.19 -0.01 10.31
N ASP A 52 -8.01 0.79 11.36
CA ASP A 52 -8.01 2.28 11.31
C ASP A 52 -6.91 2.97 12.12
N ARG A 53 -6.75 4.31 11.94
CA ARG A 53 -5.94 5.17 12.84
C ARG A 53 -6.38 6.65 12.95
N GLY A 54 -7.61 7.00 12.55
CA GLY A 54 -8.15 8.34 12.79
C GLY A 54 -7.69 9.30 11.69
N GLU A 55 -7.13 10.44 12.10
CA GLU A 55 -6.49 11.43 11.23
C GLU A 55 -4.98 11.46 11.54
N GLN A 56 -4.14 11.33 10.51
CA GLN A 56 -2.67 11.33 10.62
C GLN A 56 -2.02 12.19 9.54
N GLU A 57 -0.80 12.67 9.81
CA GLU A 57 0.05 13.32 8.82
C GLU A 57 0.45 12.34 7.71
N VAL A 58 -0.02 12.58 6.49
CA VAL A 58 0.31 11.78 5.29
C VAL A 58 1.51 12.32 4.50
N PHE A 59 2.30 11.42 3.94
CA PHE A 59 3.43 11.69 3.05
C PHE A 59 3.14 11.36 1.57
N GLU A 60 3.80 12.05 0.64
CA GLU A 60 3.77 11.74 -0.79
C GLU A 60 5.16 11.29 -1.30
N TYR A 61 5.23 10.06 -1.83
CA TYR A 61 6.42 9.42 -2.35
C TYR A 61 6.44 9.37 -3.89
N CYS A 62 7.35 10.10 -4.54
CA CYS A 62 7.35 10.25 -6.00
C CYS A 62 8.28 9.23 -6.68
N LEU A 63 7.87 8.76 -7.86
CA LEU A 63 8.66 7.92 -8.77
C LEU A 63 9.20 8.71 -9.98
N GLU A 64 10.08 8.07 -10.77
CA GLU A 64 10.70 8.63 -11.96
C GLU A 64 9.72 8.94 -13.09
N ASP A 65 8.62 8.21 -13.19
CA ASP A 65 7.60 8.37 -14.23
C ASP A 65 6.56 9.46 -13.84
N GLY A 66 6.81 10.22 -12.77
CA GLY A 66 5.92 11.25 -12.21
C GLY A 66 4.78 10.73 -11.32
N SER A 67 4.65 9.41 -11.20
CA SER A 67 3.67 8.70 -10.36
C SER A 67 3.93 8.90 -8.86
N THR A 68 2.92 8.71 -8.02
CA THR A 68 3.01 8.87 -6.55
C THR A 68 2.42 7.76 -5.69
N ILE A 69 2.93 7.61 -4.47
CA ILE A 69 2.41 6.77 -3.38
C ILE A 69 2.05 7.67 -2.19
N ARG A 70 0.84 7.58 -1.63
CA ARG A 70 0.39 8.36 -0.45
C ARG A 70 0.13 7.48 0.76
N ALA A 71 0.92 7.67 1.82
CA ALA A 71 0.91 6.83 3.01
C ALA A 71 1.43 7.54 4.25
N THR A 72 1.12 7.03 5.44
CA THR A 72 1.86 7.35 6.66
C THR A 72 3.20 6.62 6.68
N LYS A 73 4.30 7.28 7.10
CA LYS A 73 5.60 6.60 7.26
C LYS A 73 5.58 5.56 8.40
N ASP A 74 4.56 5.66 9.24
CA ASP A 74 4.16 4.72 10.27
C ASP A 74 3.74 3.31 9.77
N HIS A 75 3.41 3.14 8.49
CA HIS A 75 2.95 1.87 7.91
C HIS A 75 4.09 1.05 7.30
N LYS A 76 4.02 -0.28 7.45
CA LYS A 76 5.11 -1.19 7.08
C LYS A 76 4.87 -1.76 5.68
N PHE A 77 5.89 -1.67 4.83
CA PHE A 77 5.93 -2.20 3.47
C PHE A 77 6.94 -3.35 3.36
N MET A 78 7.15 -3.93 2.17
CA MET A 78 8.31 -4.81 1.95
C MET A 78 8.88 -4.67 0.54
N THR A 79 10.19 -4.90 0.43
CA THR A 79 10.88 -5.00 -0.86
C THR A 79 10.61 -6.31 -1.58
N THR A 80 10.87 -6.32 -2.90
CA THR A 80 10.79 -7.53 -3.73
C THR A 80 11.78 -8.63 -3.32
N ASP A 81 12.81 -8.31 -2.52
CA ASP A 81 13.66 -9.31 -1.85
C ASP A 81 13.00 -10.06 -0.69
N GLY A 82 11.91 -9.52 -0.11
CA GLY A 82 11.27 -10.06 1.10
C GLY A 82 11.83 -9.50 2.42
N GLU A 83 12.36 -8.27 2.39
CA GLU A 83 12.76 -7.48 3.56
C GLU A 83 11.63 -6.51 3.95
N MET A 84 11.16 -6.56 5.20
CA MET A 84 10.09 -5.70 5.71
C MET A 84 10.66 -4.33 6.13
N LEU A 85 10.11 -3.22 5.62
CA LEU A 85 10.54 -1.85 5.96
C LEU A 85 9.41 -0.81 5.82
N PRO A 86 9.36 0.24 6.67
CA PRO A 86 8.53 1.40 6.40
C PRO A 86 8.93 2.13 5.12
N ILE A 87 7.95 2.75 4.45
CA ILE A 87 8.09 3.42 3.15
C ILE A 87 9.14 4.55 3.15
N ASP A 88 9.34 5.20 4.30
CA ASP A 88 10.40 6.18 4.54
C ASP A 88 11.81 5.64 4.35
N GLU A 89 12.09 4.48 4.95
CA GLU A 89 13.36 3.77 4.83
C GLU A 89 13.58 3.25 3.40
N ILE A 90 12.53 2.75 2.74
CA ILE A 90 12.60 2.35 1.33
C ILE A 90 12.93 3.58 0.45
N PHE A 91 12.38 4.76 0.76
CA PHE A 91 12.83 6.03 0.19
C PHE A 91 14.29 6.42 0.42
N GLU A 92 14.69 6.68 1.66
CA GLU A 92 15.97 7.33 1.96
C GLU A 92 17.16 6.38 1.83
N SER A 93 16.97 5.08 2.10
CA SER A 93 17.97 4.04 1.83
C SER A 93 17.90 3.52 0.39
N GLU A 94 16.91 3.98 -0.39
CA GLU A 94 16.78 3.83 -1.85
C GLU A 94 16.59 2.35 -2.29
N LEU A 95 15.78 1.61 -1.53
CA LEU A 95 15.49 0.20 -1.80
C LEU A 95 14.48 0.03 -2.96
N ASP A 96 14.35 -1.20 -3.47
CA ASP A 96 13.42 -1.56 -4.54
C ASP A 96 12.09 -2.15 -4.03
N LEU A 97 11.02 -1.36 -4.11
CA LEU A 97 9.72 -1.77 -3.58
C LEU A 97 9.11 -2.96 -4.34
N MET A 98 8.39 -3.82 -3.63
CA MET A 98 7.58 -4.87 -4.26
C MET A 98 6.48 -4.23 -5.11
N ARG A 99 6.33 -4.70 -6.35
CA ARG A 99 5.59 -4.02 -7.44
C ARG A 99 5.00 -5.01 -8.44
N VAL A 100 3.82 -4.69 -8.99
CA VAL A 100 3.16 -5.44 -10.08
C VAL A 100 3.64 -5.07 -11.48
N ASP A 101 3.59 -6.01 -12.43
CA ASP A 101 4.15 -5.89 -13.80
C ASP A 101 3.89 -4.59 -14.60
N SER A 102 2.75 -3.93 -14.37
CA SER A 102 2.29 -2.73 -15.09
C SER A 102 3.00 -1.42 -14.73
N SER A 103 3.98 -1.41 -13.81
CA SER A 103 4.81 -0.22 -13.52
C SER A 103 6.27 -0.48 -13.91
N GLY A 104 6.97 0.55 -14.38
CA GLY A 104 8.36 0.45 -14.88
C GLY A 104 9.45 0.79 -13.85
N ASP A 105 9.12 0.76 -12.56
CA ASP A 105 9.81 1.45 -11.47
C ASP A 105 9.66 0.74 -10.10
N THR A 106 10.59 1.00 -9.19
CA THR A 106 10.68 0.31 -7.87
C THR A 106 11.37 1.20 -6.84
N LYS A 107 12.42 1.95 -7.23
CA LYS A 107 13.20 2.82 -6.36
C LYS A 107 12.51 4.19 -6.23
N ILE A 108 12.25 4.66 -5.02
CA ILE A 108 11.51 5.92 -4.80
C ILE A 108 12.45 7.14 -4.96
N ALA A 109 12.06 8.10 -5.80
CA ALA A 109 12.88 9.25 -6.15
C ALA A 109 12.81 10.39 -5.10
N THR A 110 11.62 10.59 -4.50
CA THR A 110 11.30 11.76 -3.66
C THR A 110 10.35 11.50 -2.47
N ARG A 111 10.48 12.29 -1.39
CA ARG A 111 9.57 12.36 -0.23
C ARG A 111 9.16 13.81 0.03
N GLU A 112 7.90 14.04 0.41
CA GLU A 112 7.41 15.31 0.96
C GLU A 112 6.19 15.06 1.87
N TYR A 113 5.87 16.01 2.75
CA TYR A 113 4.63 16.05 3.55
C TYR A 113 3.53 16.99 3.03
N THR A 114 2.25 16.62 3.20
CA THR A 114 1.11 17.18 2.46
C THR A 114 -0.13 17.59 3.26
N GLY A 115 -0.09 17.43 4.59
CA GLY A 115 -1.21 17.69 5.51
C GLY A 115 -1.65 16.47 6.33
N SER A 116 -2.68 16.64 7.18
CA SER A 116 -3.34 15.54 7.90
C SER A 116 -4.76 15.27 7.40
N GLU A 117 -5.13 13.99 7.25
CA GLU A 117 -6.46 13.56 6.82
C GLU A 117 -6.82 12.16 7.36
N ASP A 118 -8.08 11.72 7.19
CA ASP A 118 -8.54 10.37 7.56
C ASP A 118 -7.68 9.24 6.96
N VAL A 119 -7.31 8.25 7.79
CA VAL A 119 -6.48 7.10 7.41
C VAL A 119 -7.05 5.74 7.84
N TYR A 120 -6.81 4.73 6.99
CA TYR A 120 -7.30 3.35 7.03
C TYR A 120 -6.30 2.25 6.61
N ASP A 121 -6.57 0.98 6.92
CA ASP A 121 -5.65 -0.16 6.71
C ASP A 121 -6.36 -1.52 6.50
N ILE A 122 -5.77 -2.47 5.76
CA ILE A 122 -6.36 -3.77 5.40
C ILE A 122 -5.37 -4.95 5.44
N GLY A 123 -5.77 -6.15 5.00
CA GLY A 123 -4.88 -7.33 4.99
C GLY A 123 -5.57 -8.61 4.53
N VAL A 124 -4.79 -9.68 4.41
CA VAL A 124 -5.25 -10.99 3.89
C VAL A 124 -4.65 -12.18 4.64
N GLU A 125 -5.45 -13.21 4.93
CA GLU A 125 -5.14 -14.14 6.04
C GLU A 125 -4.01 -15.14 5.77
N SER A 126 -3.78 -15.55 4.52
CA SER A 126 -2.63 -16.40 4.12
C SER A 126 -1.34 -15.59 3.94
N ASP A 127 -1.45 -14.39 3.36
CA ASP A 127 -0.35 -13.71 2.66
C ASP A 127 0.02 -12.32 3.19
N HIS A 128 -0.89 -11.68 3.94
CA HIS A 128 -0.71 -10.45 4.74
C HIS A 128 -0.03 -9.26 4.04
N ASN A 129 -0.37 -9.05 2.76
CA ASN A 129 0.03 -7.90 1.94
C ASN A 129 -1.12 -7.50 0.98
N PHE A 130 -1.23 -6.22 0.62
CA PHE A 130 -2.28 -5.72 -0.27
C PHE A 130 -1.74 -4.65 -1.25
N ALA A 131 -2.05 -4.79 -2.54
CA ALA A 131 -1.65 -3.84 -3.58
C ALA A 131 -2.60 -2.64 -3.70
N LEU A 132 -2.01 -1.45 -3.83
CA LEU A 132 -2.71 -0.20 -4.16
C LEU A 132 -2.75 0.04 -5.68
N SER A 133 -3.70 0.85 -6.15
CA SER A 133 -3.62 1.46 -7.48
C SER A 133 -2.32 2.27 -7.63
N ASP A 134 -1.81 2.35 -8.85
CA ASP A 134 -0.40 2.66 -9.15
C ASP A 134 0.65 1.57 -8.80
N GLY A 135 0.21 0.40 -8.33
CA GLY A 135 0.93 -0.87 -8.44
C GLY A 135 1.86 -1.27 -7.29
N PHE A 136 1.75 -0.63 -6.11
CA PHE A 136 2.66 -0.79 -4.97
C PHE A 136 2.08 -1.43 -3.70
N ILE A 137 2.86 -2.20 -2.93
CA ILE A 137 2.32 -3.19 -1.97
C ILE A 137 2.54 -2.86 -0.48
N ALA A 138 1.45 -2.46 0.19
CA ALA A 138 1.31 -2.27 1.63
C ALA A 138 1.10 -3.61 2.38
N SER A 139 1.22 -3.65 3.72
CA SER A 139 1.30 -4.95 4.44
C SER A 139 1.04 -4.94 5.96
N ASN A 140 1.00 -6.17 6.52
CA ASN A 140 1.10 -6.51 7.95
C ASN A 140 -0.05 -6.00 8.84
N SER A 1 -2.32 -3.22 13.00
CA SER A 1 -1.85 -1.97 12.36
C SER A 1 -0.92 -1.20 13.29
N GLY A 2 0.20 -0.70 12.77
CA GLY A 2 1.12 0.26 13.42
C GLY A 2 1.22 1.63 12.70
N GLY A 3 0.77 1.68 11.44
CA GLY A 3 0.61 2.88 10.61
C GLY A 3 -0.44 2.66 9.51
N ALA A 4 -0.95 3.72 8.90
CA ALA A 4 -2.14 3.68 8.01
C ALA A 4 -1.88 4.29 6.61
N LEU A 5 -2.76 3.97 5.66
CA LEU A 5 -2.82 4.55 4.31
C LEU A 5 -3.85 5.70 4.27
N SER A 6 -3.84 6.52 3.23
CA SER A 6 -4.84 7.58 3.02
C SER A 6 -6.24 7.02 2.71
N TYR A 7 -7.31 7.65 3.21
CA TYR A 7 -8.70 7.33 2.88
C TYR A 7 -9.09 7.25 1.40
N ASP A 8 -8.45 8.09 0.58
CA ASP A 8 -8.69 8.14 -0.87
C ASP A 8 -7.82 7.12 -1.65
N THR A 9 -6.94 6.38 -0.97
CA THR A 9 -6.11 5.31 -1.59
C THR A 9 -6.91 4.21 -2.28
N GLU A 10 -6.55 3.89 -3.53
CA GLU A 10 -7.32 3.03 -4.41
C GLU A 10 -6.66 1.65 -4.55
N ILE A 11 -7.33 0.60 -4.07
CA ILE A 11 -6.92 -0.81 -4.14
C ILE A 11 -6.96 -1.31 -5.59
N LEU A 12 -6.09 -2.25 -5.96
CA LEU A 12 -6.13 -2.98 -7.24
C LEU A 12 -6.83 -4.34 -7.04
N THR A 13 -7.98 -4.57 -7.68
CA THR A 13 -8.87 -5.72 -7.38
C THR A 13 -9.59 -6.22 -8.63
N THR A 14 -9.72 -7.55 -8.76
CA THR A 14 -10.42 -8.16 -9.91
C THR A 14 -11.95 -7.99 -9.94
N GLU A 15 -12.57 -7.56 -8.83
CA GLU A 15 -14.03 -7.33 -8.77
C GLU A 15 -14.49 -6.07 -9.52
N TYR A 16 -13.62 -5.07 -9.67
CA TYR A 16 -13.90 -3.76 -10.29
C TYR A 16 -12.74 -3.11 -11.07
N GLY A 17 -11.55 -3.71 -11.00
CA GLY A 17 -10.27 -3.04 -11.22
C GLY A 17 -9.88 -2.17 -10.02
N LEU A 18 -10.77 -1.24 -9.64
CA LEU A 18 -10.52 -0.16 -8.68
C LEU A 18 -11.57 -0.16 -7.56
N LEU A 19 -11.13 0.04 -6.30
CA LEU A 19 -11.99 0.35 -5.15
C LEU A 19 -11.24 1.25 -4.16
N PRO A 20 -11.88 2.25 -3.52
CA PRO A 20 -11.24 3.07 -2.50
C PRO A 20 -11.22 2.36 -1.14
N ILE A 21 -10.10 2.45 -0.41
CA ILE A 21 -9.84 1.72 0.84
C ILE A 21 -10.89 2.03 1.93
N GLY A 22 -11.43 3.26 1.95
CA GLY A 22 -12.47 3.68 2.89
C GLY A 22 -13.79 2.90 2.74
N ASP A 23 -14.31 2.75 1.52
CA ASP A 23 -15.52 1.95 1.26
C ASP A 23 -15.46 0.50 1.75
N ILE A 24 -14.27 -0.11 1.66
CA ILE A 24 -14.02 -1.49 2.10
C ILE A 24 -14.07 -1.63 3.63
N VAL A 25 -13.43 -0.74 4.39
CA VAL A 25 -13.43 -0.74 5.87
C VAL A 25 -14.78 -0.26 6.44
N GLU A 26 -15.46 0.65 5.75
CA GLU A 26 -16.85 1.03 6.04
C GLU A 26 -17.85 -0.11 5.81
N SER A 27 -17.55 -1.07 4.92
CA SER A 27 -18.36 -2.28 4.68
C SER A 27 -17.97 -3.47 5.57
N GLU A 28 -16.68 -3.63 5.87
CA GLU A 28 -16.02 -4.86 6.36
C GLU A 28 -16.03 -6.01 5.31
N THR A 29 -15.98 -5.66 4.02
CA THR A 29 -15.97 -6.61 2.90
C THR A 29 -14.60 -7.22 2.57
N GLU A 30 -14.60 -8.46 2.10
CA GLU A 30 -13.41 -9.26 1.78
C GLU A 30 -13.07 -9.28 0.28
N CYS A 31 -13.26 -8.16 -0.43
CA CYS A 31 -13.01 -8.06 -1.87
C CYS A 31 -11.57 -8.44 -2.30
N THR A 32 -11.48 -9.22 -3.37
CA THR A 32 -10.27 -9.88 -3.89
C THR A 32 -9.25 -8.93 -4.53
N VAL A 33 -8.21 -8.56 -3.78
CA VAL A 33 -7.10 -7.66 -4.16
C VAL A 33 -5.88 -8.49 -4.58
N TYR A 34 -4.97 -7.91 -5.35
CA TYR A 34 -3.70 -8.55 -5.74
C TYR A 34 -2.61 -8.61 -4.66
N SER A 35 -1.94 -9.77 -4.50
CA SER A 35 -0.90 -10.02 -3.48
C SER A 35 0.13 -11.06 -3.95
N VAL A 36 1.41 -10.91 -3.61
CA VAL A 36 2.41 -11.99 -3.79
C VAL A 36 2.37 -13.01 -2.65
N ASP A 37 2.75 -14.24 -2.98
CA ASP A 37 2.96 -15.37 -2.08
C ASP A 37 4.38 -15.39 -1.45
N SER A 38 4.68 -16.35 -0.57
CA SER A 38 6.05 -16.75 -0.21
C SER A 38 6.96 -17.02 -1.42
N ASP A 39 6.40 -17.55 -2.51
CA ASP A 39 7.08 -17.76 -3.79
C ASP A 39 7.43 -16.46 -4.56
N GLY A 40 6.97 -15.29 -4.10
CA GLY A 40 7.12 -13.99 -4.79
C GLY A 40 6.29 -13.87 -6.08
N SER A 41 5.61 -14.94 -6.48
CA SER A 41 4.61 -14.99 -7.54
C SER A 41 3.29 -14.35 -7.10
N THR A 42 2.62 -13.64 -8.01
CA THR A 42 1.36 -12.92 -7.77
C THR A 42 0.07 -13.75 -7.90
N TYR A 43 -0.90 -13.49 -7.04
CA TYR A 43 -2.26 -14.07 -7.02
C TYR A 43 -3.27 -13.01 -6.54
N THR A 44 -4.55 -13.37 -6.43
CA THR A 44 -5.62 -12.51 -5.87
C THR A 44 -6.04 -13.09 -4.51
N GLN A 45 -6.48 -12.23 -3.59
CA GLN A 45 -6.66 -12.50 -2.16
C GLN A 45 -7.77 -11.61 -1.57
N GLY A 46 -8.82 -12.19 -0.99
CA GLY A 46 -9.83 -11.45 -0.23
C GLY A 46 -9.39 -11.09 1.20
N VAL A 47 -9.89 -9.95 1.68
CA VAL A 47 -9.54 -9.30 2.96
C VAL A 47 -9.90 -10.09 4.24
N ALA A 48 -9.04 -10.01 5.25
CA ALA A 48 -9.25 -10.58 6.59
C ALA A 48 -8.90 -9.63 7.76
N GLU A 49 -8.48 -8.39 7.49
CA GLU A 49 -8.25 -7.35 8.50
C GLU A 49 -8.67 -5.97 7.95
N TRP A 50 -9.32 -5.18 8.80
CA TRP A 50 -9.81 -3.83 8.50
C TRP A 50 -9.53 -2.89 9.68
N HIS A 51 -9.01 -1.69 9.41
CA HIS A 51 -8.62 -0.73 10.44
C HIS A 51 -8.82 0.72 9.96
N ASP A 52 -9.16 1.60 10.90
CA ASP A 52 -9.42 3.03 10.67
C ASP A 52 -8.82 3.82 11.85
N ARG A 53 -8.11 4.92 11.57
CA ARG A 53 -7.40 5.72 12.60
C ARG A 53 -7.84 7.19 12.70
N GLY A 54 -8.87 7.58 11.94
CA GLY A 54 -9.43 8.93 11.99
C GLY A 54 -8.66 9.82 11.04
N GLU A 55 -8.16 10.94 11.57
CA GLU A 55 -7.30 11.89 10.87
C GLU A 55 -5.84 11.76 11.35
N GLN A 56 -4.88 11.69 10.41
CA GLN A 56 -3.44 11.70 10.68
C GLN A 56 -2.67 12.45 9.58
N GLU A 57 -1.50 12.99 9.89
CA GLU A 57 -0.57 13.50 8.88
C GLU A 57 0.17 12.39 8.11
N VAL A 58 -0.30 12.14 6.89
CA VAL A 58 0.38 11.33 5.88
C VAL A 58 1.57 12.04 5.24
N PHE A 59 2.50 11.26 4.69
CA PHE A 59 3.47 11.69 3.69
C PHE A 59 3.14 11.21 2.27
N GLU A 60 3.47 12.04 1.28
CA GLU A 60 3.42 11.69 -0.15
C GLU A 60 4.83 11.34 -0.64
N TYR A 61 5.02 10.10 -1.08
CA TYR A 61 6.28 9.57 -1.60
C TYR A 61 6.29 9.61 -3.13
N CYS A 62 7.27 10.29 -3.71
CA CYS A 62 7.27 10.65 -5.12
C CYS A 62 8.28 9.80 -5.90
N LEU A 63 7.83 9.25 -7.03
CA LEU A 63 8.67 8.53 -7.99
C LEU A 63 9.19 9.49 -9.07
N GLU A 64 10.28 9.15 -9.77
CA GLU A 64 10.85 10.07 -10.77
C GLU A 64 9.92 10.29 -11.97
N ASP A 65 9.09 9.30 -12.30
CA ASP A 65 8.12 9.37 -13.39
C ASP A 65 6.91 10.26 -13.01
N GLY A 66 6.90 10.88 -11.81
CA GLY A 66 5.80 11.71 -11.29
C GLY A 66 4.72 10.93 -10.54
N SER A 67 4.71 9.60 -10.62
CA SER A 67 3.84 8.71 -9.84
C SER A 67 3.97 8.92 -8.33
N THR A 68 2.96 8.52 -7.56
CA THR A 68 2.87 8.79 -6.11
C THR A 68 2.39 7.65 -5.22
N ILE A 69 2.87 7.62 -3.98
CA ILE A 69 2.42 6.77 -2.87
C ILE A 69 2.00 7.69 -1.71
N ARG A 70 0.99 7.32 -0.91
CA ARG A 70 0.48 8.14 0.21
C ARG A 70 0.15 7.29 1.46
N ALA A 71 0.92 7.49 2.52
CA ALA A 71 0.87 6.67 3.74
C ALA A 71 1.41 7.45 4.96
N THR A 72 1.10 7.03 6.19
CA THR A 72 1.94 7.36 7.37
C THR A 72 3.29 6.65 7.36
N LYS A 73 4.35 7.26 7.94
CA LYS A 73 5.72 6.71 7.88
C LYS A 73 5.93 5.37 8.65
N ASP A 74 4.87 4.85 9.29
CA ASP A 74 4.87 3.62 10.08
C ASP A 74 4.25 2.35 9.46
N HIS A 75 3.60 2.44 8.29
CA HIS A 75 3.04 1.25 7.62
C HIS A 75 4.16 0.48 6.91
N LYS A 76 4.09 -0.85 6.94
CA LYS A 76 5.09 -1.72 6.31
C LYS A 76 4.83 -1.88 4.81
N PHE A 77 5.89 -2.21 4.09
CA PHE A 77 5.96 -2.45 2.65
C PHE A 77 7.03 -3.54 2.35
N MET A 78 7.28 -3.93 1.09
CA MET A 78 8.48 -4.72 0.78
C MET A 78 9.08 -4.48 -0.62
N THR A 79 10.34 -4.84 -0.74
CA THR A 79 11.17 -4.69 -1.94
C THR A 79 11.22 -5.90 -2.88
N THR A 80 11.74 -5.68 -4.09
CA THR A 80 12.06 -6.74 -5.07
C THR A 80 13.06 -7.80 -4.58
N ASP A 81 13.83 -7.51 -3.53
CA ASP A 81 14.68 -8.51 -2.85
C ASP A 81 13.88 -9.56 -2.05
N GLY A 82 12.63 -9.26 -1.71
CA GLY A 82 11.87 -9.95 -0.66
C GLY A 82 12.17 -9.41 0.74
N GLU A 83 12.56 -8.15 0.86
CA GLU A 83 12.85 -7.49 2.13
C GLU A 83 11.65 -6.66 2.62
N MET A 84 11.03 -7.05 3.74
CA MET A 84 9.92 -6.30 4.36
C MET A 84 10.45 -5.14 5.22
N LEU A 85 10.02 -3.90 4.93
CA LEU A 85 10.46 -2.67 5.61
C LEU A 85 9.39 -1.56 5.54
N PRO A 86 9.35 -0.61 6.49
CA PRO A 86 8.49 0.57 6.39
C PRO A 86 8.91 1.50 5.26
N ILE A 87 7.95 2.33 4.82
CA ILE A 87 8.14 3.28 3.72
C ILE A 87 9.28 4.28 4.00
N ASP A 88 9.49 4.62 5.27
CA ASP A 88 10.57 5.48 5.77
C ASP A 88 11.95 4.90 5.43
N GLU A 89 12.13 3.60 5.66
CA GLU A 89 13.36 2.86 5.37
C GLU A 89 13.60 2.67 3.87
N ILE A 90 12.57 2.29 3.11
CA ILE A 90 12.63 2.16 1.65
C ILE A 90 13.01 3.49 1.00
N PHE A 91 12.49 4.63 1.48
CA PHE A 91 12.96 5.93 1.00
C PHE A 91 14.42 6.27 1.31
N GLU A 92 14.81 6.23 2.60
CA GLU A 92 16.13 6.67 3.07
C GLU A 92 17.27 5.74 2.61
N SER A 93 17.00 4.45 2.44
CA SER A 93 17.89 3.48 1.75
C SER A 93 17.73 3.44 0.21
N GLU A 94 16.79 4.21 -0.35
CA GLU A 94 16.49 4.32 -1.79
C GLU A 94 16.22 2.95 -2.46
N LEU A 95 15.44 2.11 -1.78
CA LEU A 95 15.17 0.73 -2.19
C LEU A 95 14.12 0.63 -3.31
N ASP A 96 14.15 -0.49 -4.02
CA ASP A 96 13.18 -0.85 -5.06
C ASP A 96 11.92 -1.54 -4.54
N LEU A 97 10.77 -0.87 -4.53
CA LEU A 97 9.52 -1.51 -4.09
C LEU A 97 9.06 -2.61 -5.06
N MET A 98 8.36 -3.62 -4.53
CA MET A 98 7.80 -4.77 -5.28
C MET A 98 7.08 -4.37 -6.59
N ARG A 99 7.20 -5.24 -7.61
CA ARG A 99 6.52 -5.15 -8.90
C ARG A 99 5.22 -5.95 -8.98
N VAL A 100 4.20 -5.38 -9.62
CA VAL A 100 3.15 -6.08 -10.37
C VAL A 100 3.36 -5.80 -11.88
N ASP A 101 2.54 -6.37 -12.76
CA ASP A 101 2.69 -6.21 -14.22
C ASP A 101 2.69 -4.77 -14.75
N SER A 102 1.95 -3.86 -14.09
CA SER A 102 1.90 -2.42 -14.39
C SER A 102 3.05 -1.56 -13.83
N SER A 103 3.86 -2.10 -12.91
CA SER A 103 4.96 -1.38 -12.24
C SER A 103 6.17 -1.11 -13.16
N GLY A 104 7.07 -0.21 -12.72
CA GLY A 104 8.37 0.04 -13.37
C GLY A 104 9.17 1.18 -12.73
N ASP A 105 8.49 2.18 -12.17
CA ASP A 105 9.02 3.35 -11.47
C ASP A 105 9.49 3.14 -10.00
N THR A 106 9.93 1.92 -9.67
CA THR A 106 9.99 1.28 -8.32
C THR A 106 10.82 2.03 -7.27
N LYS A 107 11.80 2.84 -7.65
CA LYS A 107 12.80 3.45 -6.75
C LYS A 107 12.33 4.85 -6.31
N ILE A 108 11.98 5.04 -5.03
CA ILE A 108 11.42 6.33 -4.54
C ILE A 108 12.44 7.46 -4.62
N ALA A 109 12.07 8.56 -5.28
CA ALA A 109 12.93 9.73 -5.52
C ALA A 109 12.82 10.80 -4.41
N THR A 110 11.61 11.09 -3.89
CA THR A 110 11.38 12.07 -2.81
C THR A 110 10.30 11.72 -1.78
N ARG A 111 10.23 12.52 -0.71
CA ARG A 111 9.14 12.51 0.29
C ARG A 111 8.67 13.96 0.55
N GLU A 112 7.36 14.15 0.72
CA GLU A 112 6.71 15.45 0.88
C GLU A 112 5.55 15.37 1.89
N TYR A 113 5.52 16.25 2.90
CA TYR A 113 4.38 16.31 3.82
C TYR A 113 3.29 17.19 3.15
N THR A 114 2.05 16.96 3.56
CA THR A 114 0.84 17.38 2.83
C THR A 114 -0.35 17.87 3.67
N GLY A 115 -0.18 17.90 4.99
CA GLY A 115 -1.24 18.13 5.98
C GLY A 115 -1.75 16.85 6.64
N SER A 116 -2.71 17.00 7.56
CA SER A 116 -3.49 15.89 8.14
C SER A 116 -4.73 15.59 7.31
N GLU A 117 -5.06 14.30 7.17
CA GLU A 117 -6.22 13.81 6.42
C GLU A 117 -6.75 12.47 6.96
N ASP A 118 -7.93 12.07 6.51
CA ASP A 118 -8.57 10.78 6.85
C ASP A 118 -7.75 9.55 6.42
N VAL A 119 -7.67 8.51 7.26
CA VAL A 119 -6.74 7.37 7.10
C VAL A 119 -7.33 6.03 7.56
N TYR A 120 -6.89 4.96 6.88
CA TYR A 120 -7.36 3.57 6.95
C TYR A 120 -6.26 2.55 6.60
N ASP A 121 -6.35 1.29 7.01
CA ASP A 121 -5.52 0.24 6.40
C ASP A 121 -6.18 -1.16 6.43
N ILE A 122 -5.82 -2.02 5.48
CA ILE A 122 -6.36 -3.40 5.33
C ILE A 122 -5.27 -4.47 5.21
N GLY A 123 -5.61 -5.71 5.56
CA GLY A 123 -4.65 -6.81 5.58
C GLY A 123 -5.21 -8.23 5.53
N VAL A 124 -4.29 -9.19 5.64
CA VAL A 124 -4.56 -10.63 5.57
C VAL A 124 -3.52 -11.42 6.36
N GLU A 125 -3.96 -12.55 6.90
CA GLU A 125 -3.13 -13.49 7.67
C GLU A 125 -2.36 -14.45 6.76
N SER A 126 -2.93 -14.83 5.61
CA SER A 126 -2.32 -15.82 4.70
C SER A 126 -1.14 -15.25 3.91
N ASP A 127 -1.27 -14.00 3.43
CA ASP A 127 -0.32 -13.35 2.52
C ASP A 127 0.27 -11.99 2.94
N HIS A 128 -0.35 -11.33 3.92
CA HIS A 128 0.09 -10.09 4.58
C HIS A 128 0.55 -8.92 3.67
N ASN A 129 0.03 -8.79 2.44
CA ASN A 129 0.35 -7.67 1.53
C ASN A 129 -0.78 -7.38 0.54
N PHE A 130 -0.95 -6.11 0.14
CA PHE A 130 -1.96 -5.62 -0.80
C PHE A 130 -1.47 -4.61 -1.84
N ALA A 131 -1.86 -4.78 -3.10
CA ALA A 131 -1.55 -3.84 -4.19
C ALA A 131 -2.47 -2.62 -4.22
N LEU A 132 -1.86 -1.43 -4.34
CA LEU A 132 -2.50 -0.12 -4.40
C LEU A 132 -2.27 0.56 -5.78
N SER A 133 -2.67 1.83 -5.90
CA SER A 133 -2.44 2.70 -7.05
C SER A 133 -0.97 2.86 -7.47
N ASP A 134 -0.74 3.13 -8.76
CA ASP A 134 0.59 3.22 -9.39
C ASP A 134 1.49 1.96 -9.39
N GLY A 135 0.94 0.80 -9.01
CA GLY A 135 1.66 -0.47 -8.99
C GLY A 135 2.60 -0.61 -7.80
N PHE A 136 2.14 -0.24 -6.60
CA PHE A 136 2.89 -0.29 -5.33
C PHE A 136 2.24 -1.15 -4.22
N ILE A 137 3.03 -1.93 -3.46
CA ILE A 137 2.51 -3.01 -2.59
C ILE A 137 2.78 -2.77 -1.10
N ALA A 138 1.70 -2.46 -0.39
CA ALA A 138 1.67 -2.33 1.07
C ALA A 138 1.72 -3.69 1.77
N SER A 139 2.22 -3.73 3.01
CA SER A 139 2.46 -4.95 3.81
C SER A 139 2.00 -4.78 5.26
N ASN A 140 1.56 -5.84 5.92
CA ASN A 140 0.94 -5.77 7.26
C ASN A 140 1.93 -5.80 8.42
N SER A 1 -2.13 6.69 16.93
CA SER A 1 -0.73 6.27 16.69
C SER A 1 -0.68 4.92 15.99
N GLY A 2 0.39 4.64 15.26
CA GLY A 2 0.55 3.47 14.39
C GLY A 2 0.47 3.81 12.89
N GLY A 3 0.77 2.85 12.02
CA GLY A 3 0.80 3.03 10.58
C GLY A 3 -0.59 2.88 9.95
N ALA A 4 -0.82 3.63 8.89
CA ALA A 4 -2.00 3.55 8.04
C ALA A 4 -1.74 4.11 6.62
N LEU A 5 -2.66 3.86 5.70
CA LEU A 5 -2.69 4.39 4.34
C LEU A 5 -3.67 5.58 4.24
N SER A 6 -3.55 6.43 3.21
CA SER A 6 -4.46 7.56 3.01
C SER A 6 -5.88 7.10 2.63
N TYR A 7 -6.91 7.79 3.12
CA TYR A 7 -8.31 7.59 2.73
C TYR A 7 -8.61 7.64 1.21
N ASP A 8 -7.88 8.48 0.48
CA ASP A 8 -7.93 8.59 -0.98
C ASP A 8 -7.04 7.59 -1.76
N THR A 9 -6.45 6.60 -1.07
CA THR A 9 -5.70 5.49 -1.71
C THR A 9 -6.58 4.49 -2.47
N GLU A 10 -6.16 4.08 -3.66
CA GLU A 10 -6.87 3.09 -4.47
C GLU A 10 -6.19 1.71 -4.43
N ILE A 11 -6.98 0.66 -4.17
CA ILE A 11 -6.56 -0.75 -4.17
C ILE A 11 -6.52 -1.30 -5.60
N LEU A 12 -5.57 -2.19 -5.91
CA LEU A 12 -5.55 -2.95 -7.17
C LEU A 12 -6.33 -4.27 -7.02
N THR A 13 -7.42 -4.44 -7.76
CA THR A 13 -8.38 -5.55 -7.57
C THR A 13 -9.02 -5.98 -8.89
N THR A 14 -9.22 -7.29 -9.09
CA THR A 14 -9.93 -7.81 -10.28
C THR A 14 -11.46 -7.57 -10.29
N GLU A 15 -12.09 -7.39 -9.12
CA GLU A 15 -13.55 -7.26 -8.97
C GLU A 15 -14.12 -6.05 -9.74
N TYR A 16 -13.39 -4.92 -9.70
CA TYR A 16 -13.73 -3.65 -10.37
C TYR A 16 -12.59 -2.93 -11.11
N GLY A 17 -11.34 -3.39 -10.95
CA GLY A 17 -10.12 -2.62 -11.26
C GLY A 17 -9.83 -1.53 -10.23
N LEU A 18 -10.81 -0.67 -9.95
CA LEU A 18 -10.70 0.49 -9.06
C LEU A 18 -11.59 0.31 -7.82
N LEU A 19 -11.04 0.50 -6.61
CA LEU A 19 -11.78 0.65 -5.35
C LEU A 19 -10.94 1.49 -4.36
N PRO A 20 -11.49 2.53 -3.69
CA PRO A 20 -10.79 3.25 -2.65
C PRO A 20 -10.77 2.50 -1.32
N ILE A 21 -9.68 2.63 -0.56
CA ILE A 21 -9.42 1.87 0.67
C ILE A 21 -10.45 2.16 1.79
N GLY A 22 -10.97 3.38 1.90
CA GLY A 22 -11.99 3.73 2.88
C GLY A 22 -13.27 2.93 2.70
N ASP A 23 -13.78 2.86 1.47
CA ASP A 23 -15.01 2.16 1.10
C ASP A 23 -14.92 0.64 1.40
N ILE A 24 -13.72 0.05 1.37
CA ILE A 24 -13.48 -1.35 1.82
C ILE A 24 -13.80 -1.49 3.32
N VAL A 25 -13.21 -0.64 4.15
CA VAL A 25 -13.30 -0.68 5.62
C VAL A 25 -14.69 -0.26 6.13
N GLU A 26 -15.39 0.62 5.41
CA GLU A 26 -16.81 0.96 5.65
C GLU A 26 -17.76 -0.20 5.31
N SER A 27 -17.49 -0.94 4.23
CA SER A 27 -18.34 -2.04 3.74
C SER A 27 -18.03 -3.41 4.38
N GLU A 28 -16.88 -3.51 5.08
CA GLU A 28 -16.22 -4.75 5.51
C GLU A 28 -16.19 -5.85 4.43
N THR A 29 -15.94 -5.45 3.18
CA THR A 29 -15.97 -6.33 2.00
C THR A 29 -14.78 -7.29 1.90
N GLU A 30 -14.98 -8.45 1.26
CA GLU A 30 -13.94 -9.46 1.00
C GLU A 30 -13.44 -9.47 -0.46
N CYS A 31 -13.43 -8.31 -1.13
CA CYS A 31 -12.98 -8.20 -2.53
C CYS A 31 -11.52 -8.65 -2.75
N THR A 32 -11.27 -9.36 -3.84
CA THR A 32 -9.96 -9.91 -4.22
C THR A 32 -9.05 -8.75 -4.67
N VAL A 33 -8.13 -8.36 -3.78
CA VAL A 33 -6.97 -7.50 -4.06
C VAL A 33 -5.78 -8.39 -4.47
N TYR A 34 -4.79 -7.82 -5.16
CA TYR A 34 -3.53 -8.50 -5.47
C TYR A 34 -2.47 -8.56 -4.33
N SER A 35 -1.76 -9.69 -4.22
CA SER A 35 -0.79 -10.01 -3.15
C SER A 35 0.33 -10.92 -3.69
N VAL A 36 1.40 -11.15 -2.90
CA VAL A 36 2.40 -12.21 -3.15
C VAL A 36 2.51 -13.22 -2.00
N ASP A 37 2.85 -14.47 -2.33
CA ASP A 37 3.23 -15.52 -1.37
C ASP A 37 4.77 -15.52 -1.18
N SER A 38 5.32 -16.43 -0.36
CA SER A 38 6.74 -16.49 0.04
C SER A 38 7.74 -16.55 -1.13
N ASP A 39 7.39 -17.15 -2.27
CA ASP A 39 8.20 -17.11 -3.50
C ASP A 39 8.33 -15.71 -4.16
N GLY A 40 7.34 -14.83 -3.93
CA GLY A 40 7.12 -13.59 -4.66
C GLY A 40 6.26 -13.75 -5.92
N SER A 41 5.73 -14.96 -6.17
CA SER A 41 4.63 -15.20 -7.11
C SER A 41 3.35 -14.44 -6.71
N THR A 42 2.69 -13.82 -7.69
CA THR A 42 1.48 -12.98 -7.53
C THR A 42 0.14 -13.72 -7.56
N TYR A 43 -0.75 -13.41 -6.64
CA TYR A 43 -2.06 -14.02 -6.43
C TYR A 43 -3.13 -12.96 -6.12
N THR A 44 -4.40 -13.34 -6.22
CA THR A 44 -5.51 -12.55 -5.67
C THR A 44 -5.80 -13.04 -4.24
N GLN A 45 -6.39 -12.18 -3.42
CA GLN A 45 -6.67 -12.38 -2.01
C GLN A 45 -7.87 -11.54 -1.57
N GLY A 46 -8.97 -12.17 -1.18
CA GLY A 46 -10.12 -11.49 -0.57
C GLY A 46 -9.81 -11.00 0.85
N VAL A 47 -9.98 -9.70 1.09
CA VAL A 47 -9.64 -9.02 2.35
C VAL A 47 -10.22 -9.72 3.59
N ALA A 48 -9.40 -9.85 4.65
CA ALA A 48 -9.81 -10.51 5.91
C ALA A 48 -9.53 -9.67 7.18
N GLU A 49 -8.89 -8.50 7.06
CA GLU A 49 -8.60 -7.60 8.17
C GLU A 49 -8.87 -6.15 7.73
N TRP A 50 -9.53 -5.36 8.58
CA TRP A 50 -9.89 -3.96 8.33
C TRP A 50 -9.92 -3.10 9.60
N HIS A 51 -9.47 -1.86 9.50
CA HIS A 51 -9.48 -0.86 10.58
C HIS A 51 -9.34 0.58 10.04
N ASP A 52 -9.73 1.58 10.83
CA ASP A 52 -9.57 3.00 10.51
C ASP A 52 -8.97 3.74 11.73
N ARG A 53 -7.92 4.51 11.47
CA ARG A 53 -6.87 4.88 12.44
C ARG A 53 -6.98 6.30 13.00
N GLY A 54 -8.09 6.99 12.74
CA GLY A 54 -8.40 8.30 13.32
C GLY A 54 -7.95 9.46 12.41
N GLU A 55 -6.98 10.24 12.88
CA GLU A 55 -6.41 11.39 12.19
C GLU A 55 -4.91 11.49 12.46
N GLN A 56 -4.09 11.32 11.43
CA GLN A 56 -2.62 11.21 11.53
C GLN A 56 -1.94 11.90 10.34
N GLU A 57 -0.68 12.32 10.50
CA GLU A 57 0.13 12.98 9.47
C GLU A 57 0.37 12.06 8.26
N VAL A 58 -0.20 12.42 7.10
CA VAL A 58 -0.01 11.72 5.82
C VAL A 58 1.12 12.34 5.02
N PHE A 59 1.98 11.49 4.44
CA PHE A 59 3.01 11.83 3.48
C PHE A 59 2.62 11.60 2.02
N GLU A 60 2.99 12.52 1.14
CA GLU A 60 2.93 12.38 -0.32
C GLU A 60 4.33 12.07 -0.87
N TYR A 61 4.46 10.98 -1.63
CA TYR A 61 5.74 10.47 -2.16
C TYR A 61 5.66 10.47 -3.70
N CYS A 62 6.68 10.97 -4.38
CA CYS A 62 6.69 11.15 -5.83
C CYS A 62 7.62 10.14 -6.53
N LEU A 63 7.26 9.71 -7.75
CA LEU A 63 8.07 8.87 -8.64
C LEU A 63 8.67 9.69 -9.80
N GLU A 64 9.50 9.08 -10.65
CA GLU A 64 10.21 9.80 -11.73
C GLU A 64 9.25 10.41 -12.77
N ASP A 65 8.20 9.67 -13.14
CA ASP A 65 7.19 10.09 -14.14
C ASP A 65 6.20 11.13 -13.57
N GLY A 66 6.31 11.51 -12.29
CA GLY A 66 5.35 12.37 -11.60
C GLY A 66 4.13 11.65 -11.00
N SER A 67 4.09 10.31 -11.04
CA SER A 67 3.15 9.49 -10.24
C SER A 67 3.32 9.71 -8.73
N THR A 68 2.28 9.41 -7.94
CA THR A 68 2.22 9.66 -6.48
C THR A 68 1.75 8.51 -5.60
N ILE A 69 2.29 8.42 -4.37
CA ILE A 69 1.84 7.59 -3.26
C ILE A 69 1.37 8.51 -2.11
N ARG A 70 0.37 8.10 -1.33
CA ARG A 70 -0.20 8.86 -0.20
C ARG A 70 -0.44 7.94 1.03
N ALA A 71 0.39 8.08 2.06
CA ALA A 71 0.31 7.24 3.27
C ALA A 71 1.08 7.80 4.48
N THR A 72 0.83 7.28 5.69
CA THR A 72 1.75 7.49 6.83
C THR A 72 3.15 6.91 6.58
N LYS A 73 4.17 7.42 7.29
CA LYS A 73 5.53 6.85 7.26
C LYS A 73 5.76 5.72 8.29
N ASP A 74 4.76 5.46 9.15
CA ASP A 74 4.75 4.42 10.19
C ASP A 74 4.31 3.00 9.75
N HIS A 75 4.00 2.78 8.45
CA HIS A 75 3.48 1.52 7.93
C HIS A 75 4.53 0.76 7.09
N LYS A 76 4.48 -0.57 7.19
CA LYS A 76 5.43 -1.49 6.55
C LYS A 76 5.01 -1.93 5.14
N PHE A 77 6.00 -2.37 4.40
CA PHE A 77 6.01 -2.71 2.97
C PHE A 77 6.99 -3.86 2.67
N MET A 78 7.10 -4.34 1.42
CA MET A 78 8.25 -5.18 1.03
C MET A 78 8.72 -4.98 -0.41
N THR A 79 9.99 -5.32 -0.63
CA THR A 79 10.70 -5.23 -1.92
C THR A 79 10.55 -6.47 -2.81
N THR A 80 10.94 -6.34 -4.09
CA THR A 80 11.01 -7.47 -5.04
C THR A 80 12.10 -8.52 -4.69
N ASP A 81 13.06 -8.18 -3.81
CA ASP A 81 13.93 -9.14 -3.10
C ASP A 81 13.25 -9.99 -2.01
N GLY A 82 12.17 -9.47 -1.41
CA GLY A 82 11.45 -10.10 -0.30
C GLY A 82 11.91 -9.60 1.08
N GLU A 83 12.36 -8.36 1.18
CA GLU A 83 12.71 -7.71 2.45
C GLU A 83 11.53 -6.89 3.00
N MET A 84 11.08 -7.15 4.23
CA MET A 84 9.97 -6.42 4.87
C MET A 84 10.47 -5.20 5.68
N LEU A 85 10.12 -3.98 5.26
CA LEU A 85 10.62 -2.70 5.81
C LEU A 85 9.61 -1.54 5.65
N PRO A 86 9.71 -0.46 6.44
CA PRO A 86 8.87 0.73 6.30
C PRO A 86 9.20 1.56 5.05
N ILE A 87 8.17 2.24 4.53
CA ILE A 87 8.23 3.07 3.32
C ILE A 87 9.29 4.18 3.42
N ASP A 88 9.58 4.66 4.63
CA ASP A 88 10.60 5.66 4.91
C ASP A 88 12.03 5.16 4.65
N GLU A 89 12.36 3.95 5.12
CA GLU A 89 13.65 3.30 4.80
C GLU A 89 13.73 2.93 3.32
N ILE A 90 12.63 2.46 2.73
CA ILE A 90 12.58 2.13 1.29
C ILE A 90 12.85 3.38 0.44
N PHE A 91 12.37 4.56 0.86
CA PHE A 91 12.79 5.84 0.31
C PHE A 91 14.28 6.18 0.47
N GLU A 92 14.77 6.22 1.72
CA GLU A 92 16.13 6.67 2.06
C GLU A 92 17.24 5.76 1.51
N SER A 93 17.02 4.44 1.56
CA SER A 93 17.97 3.42 1.11
C SER A 93 17.78 2.97 -0.35
N GLU A 94 16.79 3.55 -1.05
CA GLU A 94 16.51 3.40 -2.48
C GLU A 94 16.13 1.97 -2.89
N LEU A 95 15.31 1.31 -2.08
CA LEU A 95 14.95 -0.10 -2.24
C LEU A 95 13.89 -0.29 -3.34
N ASP A 96 14.00 -1.36 -4.13
CA ASP A 96 13.08 -1.63 -5.25
C ASP A 96 11.80 -2.41 -4.91
N LEU A 97 10.64 -1.81 -5.17
CA LEU A 97 9.35 -2.46 -4.96
C LEU A 97 9.01 -3.56 -6.00
N MET A 98 7.98 -4.33 -5.66
CA MET A 98 7.40 -5.49 -6.35
C MET A 98 7.02 -5.20 -7.81
N ARG A 99 6.99 -6.24 -8.66
CA ARG A 99 6.53 -6.13 -10.07
C ARG A 99 5.01 -5.91 -10.16
N VAL A 100 4.57 -4.79 -10.76
CA VAL A 100 3.15 -4.38 -10.93
C VAL A 100 2.82 -3.75 -12.28
N ASP A 101 1.64 -4.07 -12.82
CA ASP A 101 1.05 -3.51 -14.04
C ASP A 101 0.39 -2.12 -13.80
N SER A 102 1.21 -1.11 -13.52
CA SER A 102 0.77 0.30 -13.42
C SER A 102 1.89 1.30 -13.77
N SER A 103 1.52 2.56 -13.97
CA SER A 103 2.42 3.72 -14.01
C SER A 103 3.28 3.89 -12.73
N GLY A 104 4.37 4.65 -12.83
CA GLY A 104 5.43 4.80 -11.82
C GLY A 104 6.67 3.95 -12.11
N ASP A 105 7.57 3.89 -11.14
CA ASP A 105 8.80 3.09 -11.14
C ASP A 105 9.11 2.75 -9.66
N THR A 106 10.02 1.80 -9.47
CA THR A 106 10.27 1.15 -8.16
C THR A 106 10.99 2.02 -7.14
N LYS A 107 11.57 3.16 -7.51
CA LYS A 107 12.29 4.07 -6.60
C LYS A 107 11.46 5.31 -6.26
N ILE A 108 11.17 5.52 -4.99
CA ILE A 108 10.62 6.80 -4.52
C ILE A 108 11.68 7.90 -4.71
N ALA A 109 11.32 8.97 -5.43
CA ALA A 109 12.21 10.05 -5.78
C ALA A 109 12.36 11.06 -4.62
N THR A 110 11.25 11.43 -3.97
CA THR A 110 11.17 12.50 -2.96
C THR A 110 9.87 12.29 -2.18
N ARG A 111 9.78 12.88 -0.97
CA ARG A 111 8.57 12.86 -0.13
C ARG A 111 8.37 14.12 0.73
N GLU A 112 7.12 14.40 1.12
CA GLU A 112 6.72 15.58 1.89
C GLU A 112 5.43 15.31 2.69
N TYR A 113 5.19 16.00 3.81
CA TYR A 113 3.89 15.92 4.50
C TYR A 113 2.77 16.75 3.86
N THR A 114 1.55 16.22 3.80
CA THR A 114 0.36 16.87 3.23
C THR A 114 -0.69 17.35 4.25
N GLY A 115 -0.46 17.08 5.53
CA GLY A 115 -1.36 17.40 6.65
C GLY A 115 -1.81 16.15 7.42
N SER A 116 -2.54 16.36 8.51
CA SER A 116 -3.22 15.28 9.24
C SER A 116 -4.63 15.05 8.70
N GLU A 117 -4.99 13.80 8.40
CA GLU A 117 -6.19 13.43 7.62
C GLU A 117 -6.81 12.10 8.09
N ASP A 118 -8.01 11.77 7.58
CA ASP A 118 -8.58 10.42 7.65
C ASP A 118 -7.66 9.33 7.09
N VAL A 119 -7.56 8.18 7.76
CA VAL A 119 -6.49 7.19 7.53
C VAL A 119 -7.03 5.78 7.79
N TYR A 120 -6.64 4.84 6.93
CA TYR A 120 -7.23 3.52 6.79
C TYR A 120 -6.27 2.33 6.65
N ASP A 121 -6.65 1.13 7.09
CA ASP A 121 -5.74 -0.02 7.18
C ASP A 121 -6.36 -1.42 6.96
N ILE A 122 -5.94 -2.12 5.90
CA ILE A 122 -6.45 -3.46 5.51
C ILE A 122 -5.35 -4.50 5.33
N GLY A 123 -5.66 -5.76 5.61
CA GLY A 123 -4.72 -6.88 5.54
C GLY A 123 -5.38 -8.27 5.53
N VAL A 124 -4.59 -9.27 5.94
CA VAL A 124 -4.94 -10.70 5.98
C VAL A 124 -4.47 -11.43 7.24
N GLU A 125 -5.31 -12.32 7.75
CA GLU A 125 -4.91 -13.34 8.75
C GLU A 125 -3.92 -14.38 8.18
N SER A 126 -3.83 -14.48 6.86
CA SER A 126 -2.86 -15.28 6.11
C SER A 126 -1.65 -14.42 5.67
N ASP A 127 -1.39 -14.32 4.37
CA ASP A 127 -0.23 -13.76 3.67
C ASP A 127 0.11 -12.26 3.82
N HIS A 128 -0.73 -11.51 4.54
CA HIS A 128 -0.46 -10.19 5.14
C HIS A 128 0.10 -9.06 4.24
N ASN A 129 -0.18 -9.04 2.93
CA ASN A 129 0.23 -7.94 2.04
C ASN A 129 -0.81 -7.61 0.95
N PHE A 130 -0.93 -6.33 0.57
CA PHE A 130 -1.87 -5.80 -0.43
C PHE A 130 -1.31 -4.79 -1.44
N ALA A 131 -1.64 -4.94 -2.72
CA ALA A 131 -1.20 -4.04 -3.79
C ALA A 131 -2.09 -2.79 -3.93
N LEU A 132 -1.44 -1.63 -4.02
CA LEU A 132 -2.05 -0.32 -4.22
C LEU A 132 -1.73 0.24 -5.62
N SER A 133 -2.60 1.11 -6.16
CA SER A 133 -2.44 1.68 -7.50
C SER A 133 -1.14 2.50 -7.62
N ASP A 134 -0.51 2.50 -8.79
CA ASP A 134 0.89 2.93 -8.98
C ASP A 134 2.00 2.10 -8.31
N GLY A 135 1.68 0.87 -7.91
CA GLY A 135 2.65 -0.24 -7.89
C GLY A 135 3.33 -0.54 -6.56
N PHE A 136 2.78 -0.06 -5.43
CA PHE A 136 3.30 -0.28 -4.07
C PHE A 136 2.53 -1.30 -3.22
N ILE A 137 3.21 -2.32 -2.67
CA ILE A 137 2.59 -3.40 -1.88
C ILE A 137 2.76 -3.16 -0.39
N ALA A 138 1.68 -2.75 0.28
CA ALA A 138 1.63 -2.57 1.72
C ALA A 138 1.69 -3.92 2.47
N SER A 139 2.20 -3.90 3.71
CA SER A 139 2.46 -5.10 4.51
C SER A 139 2.20 -4.87 5.99
N ASN A 140 1.87 -5.94 6.73
CA ASN A 140 1.70 -5.99 8.19
C ASN A 140 0.59 -5.06 8.72
N SER A 1 0.82 7.18 15.62
CA SER A 1 1.39 6.12 16.46
C SER A 1 1.84 4.94 15.60
N GLY A 2 0.89 4.09 15.20
CA GLY A 2 1.07 3.00 14.24
C GLY A 2 0.75 3.41 12.80
N GLY A 3 1.13 2.57 11.83
CA GLY A 3 1.05 2.86 10.42
C GLY A 3 -0.34 2.69 9.84
N ALA A 4 -0.70 3.60 8.96
CA ALA A 4 -1.90 3.53 8.14
C ALA A 4 -1.68 4.18 6.75
N LEU A 5 -2.53 3.80 5.79
CA LEU A 5 -2.62 4.35 4.44
C LEU A 5 -3.68 5.47 4.40
N SER A 6 -3.63 6.37 3.42
CA SER A 6 -4.63 7.45 3.27
C SER A 6 -6.00 6.92 2.84
N TYR A 7 -7.09 7.52 3.33
CA TYR A 7 -8.48 7.24 2.91
C TYR A 7 -8.79 7.33 1.41
N ASP A 8 -8.02 8.18 0.71
CA ASP A 8 -8.01 8.32 -0.76
C ASP A 8 -7.19 7.26 -1.54
N THR A 9 -6.48 6.36 -0.87
CA THR A 9 -5.63 5.34 -1.54
C THR A 9 -6.38 4.23 -2.28
N GLU A 10 -6.06 3.95 -3.54
CA GLU A 10 -6.74 2.92 -4.35
C GLU A 10 -5.99 1.57 -4.32
N ILE A 11 -6.71 0.44 -4.16
CA ILE A 11 -6.16 -0.92 -4.29
C ILE A 11 -6.37 -1.47 -5.70
N LEU A 12 -5.42 -2.26 -6.20
CA LEU A 12 -5.58 -3.06 -7.42
C LEU A 12 -6.41 -4.33 -7.14
N THR A 13 -7.48 -4.56 -7.88
CA THR A 13 -8.45 -5.65 -7.59
C THR A 13 -9.14 -6.13 -8.87
N THR A 14 -9.30 -7.44 -8.99
CA THR A 14 -10.06 -8.07 -10.11
C THR A 14 -11.58 -7.91 -10.06
N GLU A 15 -12.12 -7.47 -8.91
CA GLU A 15 -13.56 -7.21 -8.73
C GLU A 15 -14.06 -5.93 -9.42
N TYR A 16 -13.18 -4.94 -9.62
CA TYR A 16 -13.53 -3.61 -10.14
C TYR A 16 -12.46 -2.89 -10.98
N GLY A 17 -11.19 -3.27 -10.82
CA GLY A 17 -10.02 -2.44 -11.16
C GLY A 17 -9.79 -1.29 -10.18
N LEU A 18 -10.86 -0.61 -9.75
CA LEU A 18 -10.84 0.59 -8.90
C LEU A 18 -11.59 0.35 -7.57
N LEU A 19 -10.91 0.51 -6.43
CA LEU A 19 -11.53 0.61 -5.09
C LEU A 19 -10.65 1.48 -4.17
N PRO A 20 -11.16 2.58 -3.60
CA PRO A 20 -10.48 3.29 -2.52
C PRO A 20 -10.58 2.51 -1.20
N ILE A 21 -9.51 2.55 -0.40
CA ILE A 21 -9.35 1.78 0.84
C ILE A 21 -10.41 2.13 1.90
N GLY A 22 -10.90 3.39 1.90
CA GLY A 22 -12.01 3.81 2.74
C GLY A 22 -13.32 3.09 2.38
N ASP A 23 -13.70 3.05 1.10
CA ASP A 23 -14.87 2.27 0.64
C ASP A 23 -14.85 0.77 0.93
N ILE A 24 -13.64 0.20 1.08
CA ILE A 24 -13.45 -1.20 1.50
C ILE A 24 -13.74 -1.40 2.99
N VAL A 25 -13.15 -0.56 3.86
CA VAL A 25 -13.26 -0.70 5.33
C VAL A 25 -14.60 -0.16 5.85
N GLU A 26 -15.07 0.98 5.35
CA GLU A 26 -16.34 1.59 5.79
C GLU A 26 -17.56 0.70 5.46
N SER A 27 -17.47 -0.14 4.43
CA SER A 27 -18.52 -1.05 3.98
C SER A 27 -18.21 -2.53 4.26
N GLU A 28 -17.07 -2.83 4.91
CA GLU A 28 -16.58 -4.17 5.29
C GLU A 28 -16.68 -5.21 4.15
N THR A 29 -16.23 -4.85 2.95
CA THR A 29 -16.25 -5.72 1.76
C THR A 29 -15.15 -6.79 1.71
N GLU A 30 -15.44 -8.00 1.23
CA GLU A 30 -14.46 -9.09 1.07
C GLU A 30 -13.86 -9.19 -0.35
N CYS A 31 -13.81 -8.07 -1.09
CA CYS A 31 -13.36 -8.04 -2.49
C CYS A 31 -11.95 -8.60 -2.73
N THR A 32 -11.82 -9.41 -3.78
CA THR A 32 -10.56 -9.94 -4.31
C THR A 32 -9.53 -8.95 -4.83
N VAL A 33 -8.59 -8.56 -3.95
CA VAL A 33 -7.45 -7.70 -4.25
C VAL A 33 -6.29 -8.57 -4.76
N TYR A 34 -5.33 -7.95 -5.46
CA TYR A 34 -4.05 -8.56 -5.83
C TYR A 34 -2.99 -8.63 -4.73
N SER A 35 -2.27 -9.75 -4.64
CA SER A 35 -1.18 -10.00 -3.69
C SER A 35 -0.10 -10.90 -4.27
N VAL A 36 0.96 -11.13 -3.50
CA VAL A 36 2.16 -11.86 -3.94
C VAL A 36 2.75 -12.71 -2.80
N ASP A 37 3.62 -13.64 -3.19
CA ASP A 37 4.60 -14.30 -2.31
C ASP A 37 5.87 -13.43 -2.32
N SER A 38 6.84 -13.69 -1.43
CA SER A 38 8.13 -12.96 -1.42
C SER A 38 9.03 -13.19 -2.65
N ASP A 39 8.59 -14.07 -3.56
CA ASP A 39 9.12 -14.31 -4.90
C ASP A 39 8.56 -13.29 -5.92
N GLY A 40 7.60 -12.44 -5.54
CA GLY A 40 6.88 -11.49 -6.41
C GLY A 40 5.98 -12.13 -7.47
N SER A 41 5.66 -13.42 -7.32
CA SER A 41 4.69 -14.14 -8.16
C SER A 41 3.26 -13.79 -7.75
N THR A 42 2.43 -13.40 -8.71
CA THR A 42 1.11 -12.77 -8.47
C THR A 42 -0.08 -13.71 -8.21
N TYR A 43 -0.96 -13.32 -7.28
CA TYR A 43 -2.15 -14.03 -6.84
C TYR A 43 -3.31 -13.08 -6.51
N THR A 44 -4.49 -13.61 -6.16
CA THR A 44 -5.69 -12.81 -5.87
C THR A 44 -6.37 -13.43 -4.64
N GLN A 45 -6.74 -12.57 -3.67
CA GLN A 45 -7.26 -12.95 -2.35
C GLN A 45 -8.28 -11.90 -1.87
N GLY A 46 -9.37 -12.31 -1.25
CA GLY A 46 -10.34 -11.41 -0.63
C GLY A 46 -9.87 -10.83 0.71
N VAL A 47 -10.22 -9.57 0.94
CA VAL A 47 -9.93 -8.86 2.21
C VAL A 47 -10.64 -9.50 3.40
N ALA A 48 -9.91 -9.73 4.50
CA ALA A 48 -10.46 -10.32 5.73
C ALA A 48 -10.15 -9.52 7.02
N GLU A 49 -9.12 -8.67 7.03
CA GLU A 49 -8.73 -7.83 8.17
C GLU A 49 -8.88 -6.35 7.82
N TRP A 50 -9.32 -5.53 8.76
CA TRP A 50 -9.61 -4.11 8.58
C TRP A 50 -9.32 -3.26 9.83
N HIS A 51 -8.80 -2.05 9.64
CA HIS A 51 -8.37 -1.15 10.72
C HIS A 51 -8.51 0.33 10.31
N ASP A 52 -8.74 1.20 11.29
CA ASP A 52 -9.02 2.62 11.12
C ASP A 52 -8.38 3.39 12.29
N ARG A 53 -7.63 4.46 11.97
CA ARG A 53 -6.69 5.13 12.91
C ARG A 53 -6.95 6.62 13.16
N GLY A 54 -8.03 7.17 12.61
CA GLY A 54 -8.53 8.51 12.94
C GLY A 54 -7.90 9.64 12.13
N GLU A 55 -6.95 10.37 12.71
CA GLU A 55 -6.24 11.48 12.09
C GLU A 55 -4.74 11.43 12.47
N GLN A 56 -3.86 11.27 11.48
CA GLN A 56 -2.39 11.17 11.64
C GLN A 56 -1.65 11.91 10.51
N GLU A 57 -0.40 12.32 10.73
CA GLU A 57 0.43 12.98 9.70
C GLU A 57 0.71 12.05 8.51
N VAL A 58 0.56 12.57 7.28
CA VAL A 58 0.67 11.81 6.01
C VAL A 58 1.69 12.47 5.05
N PHE A 59 2.51 11.63 4.42
CA PHE A 59 3.36 11.94 3.27
C PHE A 59 2.81 11.54 1.90
N GLU A 60 3.14 12.30 0.85
CA GLU A 60 3.04 11.88 -0.54
C GLU A 60 4.41 11.48 -1.10
N TYR A 61 4.62 10.17 -1.31
CA TYR A 61 5.81 9.59 -1.92
C TYR A 61 5.75 9.62 -3.44
N CYS A 62 6.75 10.23 -4.07
CA CYS A 62 6.79 10.47 -5.51
C CYS A 62 7.80 9.52 -6.17
N LEU A 63 7.42 8.91 -7.29
CA LEU A 63 8.21 7.87 -7.96
C LEU A 63 9.17 8.40 -9.01
N GLU A 64 10.10 7.54 -9.41
CA GLU A 64 10.99 7.76 -10.55
C GLU A 64 10.20 8.13 -11.82
N ASP A 65 9.08 7.43 -12.06
CA ASP A 65 8.21 7.63 -13.20
C ASP A 65 7.24 8.82 -13.11
N GLY A 66 7.21 9.52 -11.96
CA GLY A 66 6.31 10.63 -11.66
C GLY A 66 4.95 10.26 -11.04
N SER A 67 4.68 8.96 -10.80
CA SER A 67 3.50 8.49 -10.06
C SER A 67 3.57 8.87 -8.57
N THR A 68 2.47 8.66 -7.81
CA THR A 68 2.36 9.04 -6.38
C THR A 68 1.69 8.04 -5.44
N ILE A 69 2.25 7.87 -4.24
CA ILE A 69 1.73 7.05 -3.12
C ILE A 69 1.40 7.97 -1.93
N ARG A 70 0.27 7.78 -1.24
CA ARG A 70 -0.13 8.59 -0.06
C ARG A 70 -0.31 7.76 1.22
N ALA A 71 0.58 7.94 2.19
CA ALA A 71 0.62 7.11 3.41
C ALA A 71 1.30 7.81 4.61
N THR A 72 0.96 7.36 5.81
CA THR A 72 1.79 7.60 7.01
C THR A 72 3.14 6.86 6.92
N LYS A 73 4.22 7.46 7.43
CA LYS A 73 5.56 6.88 7.31
C LYS A 73 5.85 5.73 8.30
N ASP A 74 4.94 5.50 9.25
CA ASP A 74 4.88 4.35 10.15
C ASP A 74 4.35 3.03 9.56
N HIS A 75 3.81 3.01 8.33
CA HIS A 75 3.28 1.77 7.72
C HIS A 75 4.39 0.99 7.01
N LYS A 76 4.33 -0.33 7.13
CA LYS A 76 5.34 -1.26 6.59
C LYS A 76 4.91 -2.02 5.33
N PHE A 77 5.95 -2.45 4.64
CA PHE A 77 6.02 -2.77 3.22
C PHE A 77 7.11 -3.83 2.95
N MET A 78 7.28 -4.34 1.72
CA MET A 78 8.51 -5.10 1.40
C MET A 78 9.00 -4.93 -0.04
N THR A 79 10.32 -5.06 -0.17
CA THR A 79 11.08 -4.89 -1.42
C THR A 79 11.10 -6.13 -2.31
N THR A 80 11.52 -5.92 -3.56
CA THR A 80 11.79 -7.00 -4.53
C THR A 80 12.86 -8.00 -4.08
N ASP A 81 13.76 -7.61 -3.17
CA ASP A 81 14.64 -8.57 -2.49
C ASP A 81 13.93 -9.58 -1.57
N GLY A 82 12.76 -9.23 -1.03
CA GLY A 82 12.16 -9.89 0.13
C GLY A 82 12.72 -9.35 1.45
N GLU A 83 12.66 -8.02 1.64
CA GLU A 83 13.03 -7.33 2.88
C GLU A 83 11.85 -6.50 3.41
N MET A 84 11.40 -6.76 4.65
CA MET A 84 10.20 -6.16 5.25
C MET A 84 10.54 -4.89 6.05
N LEU A 85 10.16 -3.71 5.55
CA LEU A 85 10.58 -2.41 6.08
C LEU A 85 9.48 -1.32 5.94
N PRO A 86 9.52 -0.27 6.79
CA PRO A 86 8.67 0.90 6.63
C PRO A 86 8.98 1.73 5.39
N ILE A 87 7.94 2.37 4.85
CA ILE A 87 8.01 3.26 3.68
C ILE A 87 9.02 4.41 3.88
N ASP A 88 9.25 4.83 5.12
CA ASP A 88 10.28 5.81 5.46
C ASP A 88 11.71 5.34 5.16
N GLU A 89 12.09 4.12 5.57
CA GLU A 89 13.43 3.58 5.28
C GLU A 89 13.58 3.26 3.79
N ILE A 90 12.51 2.77 3.13
CA ILE A 90 12.50 2.56 1.68
C ILE A 90 12.71 3.90 0.95
N PHE A 91 12.22 5.02 1.50
CA PHE A 91 12.57 6.38 1.09
C PHE A 91 14.02 6.85 1.37
N GLU A 92 14.46 6.78 2.63
CA GLU A 92 15.79 7.27 3.06
C GLU A 92 16.97 6.44 2.54
N SER A 93 16.76 5.15 2.29
CA SER A 93 17.75 4.22 1.73
C SER A 93 17.52 3.91 0.24
N GLU A 94 16.47 4.47 -0.36
CA GLU A 94 16.15 4.40 -1.80
C GLU A 94 16.00 2.97 -2.34
N LEU A 95 15.20 2.17 -1.66
CA LEU A 95 15.01 0.75 -1.98
C LEU A 95 13.95 0.55 -3.09
N ASP A 96 14.07 -0.51 -3.87
CA ASP A 96 13.10 -0.87 -4.91
C ASP A 96 11.99 -1.74 -4.29
N LEU A 97 10.72 -1.39 -4.50
CA LEU A 97 9.60 -2.21 -4.01
C LEU A 97 9.42 -3.51 -4.80
N MET A 98 8.66 -4.44 -4.21
CA MET A 98 8.31 -5.73 -4.82
C MET A 98 7.59 -5.60 -6.17
N ARG A 99 7.92 -6.48 -7.12
CA ARG A 99 7.39 -6.48 -8.49
C ARG A 99 5.93 -6.95 -8.53
N VAL A 100 5.16 -6.42 -9.48
CA VAL A 100 3.78 -6.84 -9.81
C VAL A 100 3.49 -6.76 -11.30
N ASP A 101 2.46 -7.47 -11.81
CA ASP A 101 2.06 -7.46 -13.23
C ASP A 101 1.39 -6.14 -13.68
N SER A 102 2.13 -5.04 -13.63
CA SER A 102 1.78 -3.68 -14.06
C SER A 102 3.05 -2.84 -14.24
N SER A 103 3.06 -1.94 -15.22
CA SER A 103 4.25 -1.12 -15.51
C SER A 103 4.54 -0.02 -14.48
N GLY A 104 5.81 0.15 -14.12
CA GLY A 104 6.29 1.19 -13.21
C GLY A 104 7.81 1.11 -12.97
N ASP A 105 8.45 2.26 -12.73
CA ASP A 105 9.90 2.34 -12.43
C ASP A 105 10.35 1.80 -11.05
N THR A 106 9.38 1.35 -10.23
CA THR A 106 9.53 0.53 -9.00
C THR A 106 10.20 1.15 -7.77
N LYS A 107 10.57 2.42 -7.85
CA LYS A 107 11.56 3.06 -6.97
C LYS A 107 11.13 4.47 -6.56
N ILE A 108 11.09 4.69 -5.24
CA ILE A 108 10.70 5.98 -4.63
C ILE A 108 11.82 7.01 -4.80
N ALA A 109 11.48 8.18 -5.33
CA ALA A 109 12.43 9.18 -5.78
C ALA A 109 12.56 10.41 -4.85
N THR A 110 11.44 10.86 -4.28
CA THR A 110 11.32 12.07 -3.42
C THR A 110 9.99 11.93 -2.65
N ARG A 111 9.69 12.85 -1.71
CA ARG A 111 8.38 12.98 -1.05
C ARG A 111 8.02 14.44 -0.71
N GLU A 112 6.73 14.70 -0.49
CA GLU A 112 6.20 15.97 0.07
C GLU A 112 5.33 15.65 1.31
N TYR A 113 5.45 16.42 2.39
CA TYR A 113 4.47 16.34 3.48
C TYR A 113 3.12 17.01 3.14
N THR A 114 2.02 16.31 3.41
CA THR A 114 0.69 16.64 2.86
C THR A 114 -0.42 17.03 3.85
N GLY A 115 -0.10 17.08 5.13
CA GLY A 115 -1.05 17.40 6.21
C GLY A 115 -1.31 16.23 7.16
N SER A 116 -2.49 16.24 7.78
CA SER A 116 -3.03 15.13 8.59
C SER A 116 -4.48 14.84 8.17
N GLU A 117 -4.87 13.57 8.06
CA GLU A 117 -6.16 13.21 7.44
C GLU A 117 -6.69 11.82 7.85
N ASP A 118 -7.85 11.44 7.30
CA ASP A 118 -8.47 10.12 7.45
C ASP A 118 -7.56 8.97 6.99
N VAL A 119 -7.40 7.94 7.82
CA VAL A 119 -6.35 6.92 7.66
C VAL A 119 -6.86 5.51 8.02
N TYR A 120 -6.45 4.53 7.22
CA TYR A 120 -6.97 3.16 7.15
C TYR A 120 -5.95 2.04 6.88
N ASP A 121 -6.25 0.79 7.22
CA ASP A 121 -5.39 -0.39 6.96
C ASP A 121 -6.12 -1.72 6.72
N ILE A 122 -5.65 -2.57 5.79
CA ILE A 122 -6.27 -3.87 5.45
C ILE A 122 -5.29 -5.05 5.36
N GLY A 123 -5.78 -6.27 5.62
CA GLY A 123 -5.01 -7.52 5.59
C GLY A 123 -5.84 -8.81 5.41
N VAL A 124 -5.22 -9.96 5.71
CA VAL A 124 -5.76 -11.33 5.54
C VAL A 124 -5.37 -12.30 6.66
N GLU A 125 -6.16 -13.36 6.84
CA GLU A 125 -5.76 -14.58 7.59
C GLU A 125 -4.58 -15.36 6.97
N SER A 126 -4.28 -15.14 5.69
CA SER A 126 -3.20 -15.80 4.91
C SER A 126 -2.09 -14.84 4.48
N ASP A 127 -2.22 -14.22 3.30
CA ASP A 127 -1.19 -13.35 2.69
C ASP A 127 -0.82 -12.06 3.43
N HIS A 128 -1.80 -11.34 3.94
CA HIS A 128 -1.66 -10.05 4.65
C HIS A 128 -0.84 -8.96 3.90
N ASN A 129 -0.72 -9.04 2.58
CA ASN A 129 -0.14 -7.99 1.73
C ASN A 129 -1.07 -7.68 0.55
N PHE A 130 -1.20 -6.40 0.14
CA PHE A 130 -2.07 -5.97 -0.98
C PHE A 130 -1.36 -4.93 -1.87
N ALA A 131 -1.54 -5.02 -3.18
CA ALA A 131 -0.96 -4.10 -4.17
C ALA A 131 -1.77 -2.80 -4.31
N LEU A 132 -1.14 -1.65 -4.04
CA LEU A 132 -1.76 -0.32 -4.16
C LEU A 132 -1.55 0.30 -5.56
N SER A 133 -2.56 0.95 -6.11
CA SER A 133 -2.54 1.64 -7.41
C SER A 133 -1.65 2.89 -7.36
N ASP A 134 -0.91 3.17 -8.45
CA ASP A 134 0.18 4.16 -8.52
C ASP A 134 1.42 3.98 -7.63
N GLY A 135 1.40 2.93 -6.80
CA GLY A 135 2.51 2.47 -6.00
C GLY A 135 2.71 0.95 -6.08
N PHE A 136 3.16 0.34 -4.99
CA PHE A 136 3.45 -1.09 -4.88
C PHE A 136 2.86 -1.81 -3.63
N ILE A 137 3.55 -2.78 -3.01
CA ILE A 137 2.90 -3.75 -2.11
C ILE A 137 3.03 -3.40 -0.63
N ALA A 138 1.90 -3.00 -0.05
CA ALA A 138 1.71 -2.75 1.38
C ALA A 138 1.47 -4.05 2.17
N SER A 139 1.87 -4.10 3.45
CA SER A 139 1.78 -5.30 4.31
C SER A 139 1.41 -5.00 5.77
N ASN A 140 1.43 -6.04 6.64
CA ASN A 140 1.04 -5.96 8.05
C ASN A 140 1.65 -4.79 8.82
#